data_8HHB
#
_entry.id   8HHB
#
loop_
_entity.id
_entity.type
_entity.pdbx_description
1 polymer 'ATP synthase subunit alpha'
2 polymer 'ATP synthase subunit beta'
3 polymer 'ATP synthase gamma chain'
4 non-polymer "ADENOSINE-5'-TRIPHOSPHATE"
5 non-polymer 'MAGNESIUM ION'
6 non-polymer 'PHOSPHATE ION'
7 non-polymer "ADENOSINE-5'-DIPHOSPHATE"
#
loop_
_entity_poly.entity_id
_entity_poly.type
_entity_poly.pdbx_seq_one_letter_code
_entity_poly.pdbx_strand_id
1 'polypeptide(L)'
;SIRAEEISALIKQQIENYESQIQVSDVGTVIQVGDGIARAHGLDNVMSGELVEFANGVMGMALNLEENNVGIVILGPYTG
IKEGDEVRRTGRIMEVPVGEALIGRVVNPLGQPVDGLGPVETTETRPIESPAPGVMDRRSVHEPLQTGIKAIDALVPIGR
GQRELIIGDRQTGKTSVAIDTIINQKDQNMISIYVAIGQKESTVRTVVETLRKHGALDYTIVVTASASQPAPLLFLAPYA
GVAMGEYFMYKGKHVLVVYDDLSKQAAAYRELSLLLRRPPGREAYPGDIFYLHSRLLERAAKLSDAKGGGSLTALPFVET
QAGDISAYIPTNVISITDGQIFLQSDLFFSGVRPAINAGLSVSRVGGAAQIKAMKKVAGTLRLDLAAYRELEAFAQFGSD
LDKATQAKLARGARTVEVLKQDLHQPIPVEKQVLIIYALTRGFLDDIPVEDVRRFEKEFYLFLDQNGQHLLEHIRTTKDL
PNEDDLNKAIEAFKKTFVVSQ
;
A,B,C
2 'polypeptide(L)'
;MHHHHHHHHHHMTRGRVIQVMGPVVDVKFENGHLPAIYNALKIQHKARNENEVDIDLTLEVALHLGDDTVRTIAMASTDG
LIRGMEVIDTGAPISVPVGEVTLGRVFNVLGEPIDLEGDIPADARRDPIHRPAPKFEELATEVEILETGIKVVDLLAPYI
KGGKIGLFGGAGVGKTVLIQELIHNIAQEHGGISVFAGVGERTREGNDLYHEMKDSGVISKTAMVFGQMNEPPGARMRVA
LTGLTMAEYFRDEQGQDVLLFIDNIFRFTQAGSEVSALLGRMPSAVGYQPTLATEMGQLQERITSTAKGSITSIQAIYVP
ADDYTDPAPATTFSHLDATTNLERKLAEMGIYPAVDPLASTSRALAPEIVGEEHYQVARKVQQTLQRYKELQDIIAILGM
DELSDEDKLVVHRARRIQFFLSQNFHVAEQFTGQPGSYVPVKETVRGFKEILEGKYDHLPEDAFRLVGRIEEVVEKAKAM
GVEV
;
D,E,F
3 'polypeptide(L)'
;ASLRDIKTRINATKKTSQITKAMEMVSTSKLNRAEQNAKSFVPYMEKIQEVVANVALGAGGASHPMLVSRPVKKTGYLVI
TSDRGLAGAYNSNVLRLVYQTIQKRHASPDEYAIIVIGRVGLSFFRKRNMPVILDITRLPDQPSFADIKEIARKTVGLFA
DGTFDELYMYYNHYVSAIQQEVTERKLLPLTDLAENKQRTVYEFEPSQEEILDVLLPQYAESLIYGALLDAKASEHAARM
TAMKNATDNANELIRTLTLSYNRARQAAITQEITEIVAGANALQ
;
G
#
loop_
_chem_comp.id
_chem_comp.type
_chem_comp.name
_chem_comp.formula
ADP non-polymer ADENOSINE-5'-DIPHOSPHATE 'C10 H15 N5 O10 P2'
ATP non-polymer ADENOSINE-5'-TRIPHOSPHATE 'C10 H16 N5 O13 P3'
MG non-polymer 'MAGNESIUM ION' 'Mg 2'
PO4 non-polymer 'PHOSPHATE ION' 'O4 P -3'
#
# COMPACT_ATOMS: atom_id res chain seq x y z
N GLN A 23 -58.37 -4.30 -8.41
CA GLN A 23 -57.59 -3.37 -7.59
C GLN A 23 -56.10 -3.66 -7.71
N VAL A 24 -55.27 -2.64 -7.47
CA VAL A 24 -53.83 -2.80 -7.51
C VAL A 24 -53.24 -2.19 -6.25
N SER A 25 -54.10 -1.74 -5.35
CA SER A 25 -53.64 -1.10 -4.12
C SER A 25 -53.01 -2.11 -3.16
N ASP A 26 -53.51 -3.35 -3.13
CA ASP A 26 -53.03 -4.34 -2.17
C ASP A 26 -52.43 -5.56 -2.83
N VAL A 27 -52.28 -5.56 -4.15
CA VAL A 27 -51.58 -6.62 -4.87
C VAL A 27 -50.65 -5.97 -5.88
N GLY A 28 -49.68 -6.75 -6.35
CA GLY A 28 -48.74 -6.25 -7.33
C GLY A 28 -48.17 -7.38 -8.16
N THR A 29 -47.64 -7.03 -9.32
CA THR A 29 -47.07 -7.98 -10.25
C THR A 29 -45.58 -7.71 -10.42
N VAL A 30 -44.79 -8.78 -10.37
CA VAL A 30 -43.35 -8.65 -10.50
C VAL A 30 -42.99 -8.33 -11.94
N ILE A 31 -42.01 -7.44 -12.13
CA ILE A 31 -41.57 -7.04 -13.46
C ILE A 31 -40.08 -7.26 -13.68
N GLN A 32 -39.33 -7.68 -12.67
CA GLN A 32 -37.88 -7.79 -12.82
C GLN A 32 -37.34 -8.60 -11.64
N VAL A 33 -36.66 -9.70 -11.94
CA VAL A 33 -36.12 -10.58 -10.91
C VAL A 33 -34.65 -10.86 -11.23
N GLY A 34 -33.83 -10.91 -10.19
CA GLY A 34 -32.45 -11.31 -10.39
C GLY A 34 -31.61 -11.20 -9.13
N ASP A 35 -30.79 -12.21 -8.87
CA ASP A 35 -29.84 -12.24 -7.76
C ASP A 35 -30.51 -12.02 -6.41
N GLY A 36 -31.78 -12.41 -6.27
CA GLY A 36 -32.50 -12.25 -5.03
C GLY A 36 -33.18 -10.91 -4.85
N ILE A 37 -33.19 -10.07 -5.87
CA ILE A 37 -33.86 -8.77 -5.80
C ILE A 37 -34.95 -8.73 -6.86
N ALA A 38 -36.10 -8.16 -6.48
CA ALA A 38 -37.23 -8.10 -7.37
C ALA A 38 -37.77 -6.68 -7.45
N ARG A 39 -38.36 -6.34 -8.59
CA ARG A 39 -39.10 -5.12 -8.78
C ARG A 39 -40.52 -5.47 -9.18
N ALA A 40 -41.50 -4.87 -8.51
CA ALA A 40 -42.89 -5.18 -8.77
C ALA A 40 -43.67 -3.89 -9.00
N HIS A 41 -44.60 -3.95 -9.94
CA HIS A 41 -45.52 -2.84 -10.17
C HIS A 41 -46.74 -2.97 -9.27
N GLY A 42 -47.23 -1.84 -8.80
CA GLY A 42 -48.41 -1.84 -7.95
C GLY A 42 -48.11 -1.60 -6.49
N LEU A 43 -48.90 -2.22 -5.61
CA LEU A 43 -48.72 -2.08 -4.16
C LEU A 43 -48.73 -0.61 -3.75
N ASP A 44 -49.85 0.06 -3.99
CA ASP A 44 -49.93 1.49 -3.73
C ASP A 44 -49.83 1.80 -2.23
N ASN A 45 -50.42 0.95 -1.39
CA ASN A 45 -50.51 1.25 0.03
C ASN A 45 -49.44 0.55 0.87
N VAL A 46 -48.43 -0.06 0.25
CA VAL A 46 -47.46 -0.82 1.03
C VAL A 46 -46.63 0.11 1.90
N MET A 47 -46.27 -0.37 3.08
CA MET A 47 -45.46 0.42 4.01
C MET A 47 -43.99 0.10 3.80
N SER A 48 -43.13 1.10 4.00
CA SER A 48 -41.70 0.87 3.90
C SER A 48 -41.22 -0.02 5.04
N GLY A 49 -40.44 -1.04 4.72
CA GLY A 49 -40.04 -2.02 5.70
C GLY A 49 -41.03 -3.13 5.94
N GLU A 50 -42.03 -3.29 5.07
CA GLU A 50 -43.06 -4.29 5.27
C GLU A 50 -42.62 -5.65 4.73
N LEU A 51 -43.29 -6.70 5.20
CA LEU A 51 -43.11 -8.03 4.65
C LEU A 51 -44.18 -8.31 3.61
N VAL A 52 -43.75 -8.81 2.45
CA VAL A 52 -44.65 -9.15 1.36
C VAL A 52 -44.42 -10.59 0.96
N GLU A 53 -45.46 -11.20 0.39
CA GLU A 53 -45.44 -12.62 0.07
C GLU A 53 -45.69 -12.81 -1.42
N PHE A 54 -44.89 -13.67 -2.04
CA PHE A 54 -45.02 -13.98 -3.45
C PHE A 54 -46.05 -15.08 -3.66
N ALA A 55 -46.14 -15.54 -4.91
CA ALA A 55 -47.11 -16.58 -5.24
C ALA A 55 -46.78 -17.90 -4.57
N ASN A 56 -45.54 -18.37 -4.73
CA ASN A 56 -45.17 -19.70 -4.27
C ASN A 56 -45.07 -19.81 -2.76
N GLY A 57 -45.06 -18.69 -2.04
CA GLY A 57 -44.99 -18.70 -0.59
C GLY A 57 -43.72 -18.16 0.01
N VAL A 58 -42.78 -17.71 -0.82
CA VAL A 58 -41.55 -17.11 -0.29
C VAL A 58 -41.84 -15.70 0.20
N MET A 59 -41.40 -15.41 1.42
CA MET A 59 -41.60 -14.10 2.01
C MET A 59 -40.54 -13.12 1.55
N GLY A 60 -40.96 -11.87 1.33
CA GLY A 60 -40.04 -10.84 0.89
C GLY A 60 -40.26 -9.56 1.68
N MET A 61 -39.31 -8.64 1.53
CA MET A 61 -39.32 -7.35 2.22
C MET A 61 -39.52 -6.23 1.22
N ALA A 62 -40.33 -5.25 1.59
CA ALA A 62 -40.49 -4.04 0.79
C ALA A 62 -39.43 -3.03 1.25
N LEU A 63 -38.36 -2.91 0.49
CA LEU A 63 -37.23 -2.09 0.90
C LEU A 63 -37.25 -0.70 0.28
N ASN A 64 -37.41 -0.61 -1.04
CA ASN A 64 -37.38 0.66 -1.75
C ASN A 64 -38.73 0.93 -2.38
N LEU A 65 -39.24 2.14 -2.16
CA LEU A 65 -40.49 2.58 -2.76
C LEU A 65 -40.17 3.70 -3.74
N GLU A 66 -40.11 3.36 -5.03
CA GLU A 66 -39.90 4.36 -6.06
C GLU A 66 -41.25 4.94 -6.50
N GLU A 67 -41.18 5.87 -7.45
CA GLU A 67 -42.39 6.58 -7.86
C GLU A 67 -43.40 5.66 -8.54
N ASN A 68 -42.91 4.67 -9.30
CA ASN A 68 -43.80 3.79 -10.06
C ASN A 68 -43.61 2.31 -9.76
N ASN A 69 -42.63 1.93 -8.95
CA ASN A 69 -42.36 0.54 -8.69
C ASN A 69 -41.86 0.36 -7.26
N VAL A 70 -41.90 -0.88 -6.79
CA VAL A 70 -41.53 -1.23 -5.42
C VAL A 70 -40.38 -2.23 -5.47
N GLY A 71 -39.30 -1.94 -4.74
CA GLY A 71 -38.18 -2.84 -4.66
C GLY A 71 -38.35 -3.86 -3.56
N ILE A 72 -38.22 -5.14 -3.89
CA ILE A 72 -38.45 -6.24 -2.95
C ILE A 72 -37.17 -7.03 -2.79
N VAL A 73 -36.77 -7.26 -1.54
CA VAL A 73 -35.66 -8.14 -1.22
C VAL A 73 -36.22 -9.50 -0.84
N ILE A 74 -35.78 -10.54 -1.54
CA ILE A 74 -36.33 -11.88 -1.37
C ILE A 74 -35.58 -12.59 -0.26
N LEU A 75 -36.33 -13.19 0.67
CA LEU A 75 -35.77 -13.85 1.84
C LEU A 75 -35.82 -15.37 1.71
N GLY A 76 -35.54 -15.91 0.54
CA GLY A 76 -35.57 -17.34 0.35
C GLY A 76 -35.11 -17.78 -1.04
N PRO A 77 -35.56 -18.94 -1.47
CA PRO A 77 -35.12 -19.48 -2.76
C PRO A 77 -35.71 -18.75 -3.96
N TYR A 78 -35.08 -17.66 -4.36
CA TYR A 78 -35.60 -16.86 -5.46
C TYR A 78 -35.56 -17.59 -6.80
N THR A 79 -35.11 -18.85 -6.82
CA THR A 79 -35.01 -19.58 -8.08
C THR A 79 -36.37 -19.91 -8.68
N GLY A 80 -37.44 -19.82 -7.90
CA GLY A 80 -38.76 -20.13 -8.39
C GLY A 80 -39.65 -18.95 -8.70
N ILE A 81 -39.10 -17.74 -8.79
CA ILE A 81 -39.87 -16.53 -8.99
C ILE A 81 -39.68 -16.04 -10.41
N LYS A 82 -40.79 -15.81 -11.12
CA LYS A 82 -40.76 -15.36 -12.50
C LYS A 82 -41.40 -13.98 -12.60
N GLU A 83 -41.13 -13.30 -13.70
CA GLU A 83 -41.84 -12.06 -13.99
C GLU A 83 -43.31 -12.34 -14.27
N GLY A 84 -44.17 -11.54 -13.65
CA GLY A 84 -45.60 -11.64 -13.88
C GLY A 84 -46.40 -12.27 -12.77
N ASP A 85 -45.77 -13.01 -11.86
CA ASP A 85 -46.53 -13.61 -10.76
C ASP A 85 -46.88 -12.54 -9.73
N GLU A 86 -47.96 -12.79 -9.00
CA GLU A 86 -48.54 -11.77 -8.13
C GLU A 86 -47.88 -11.76 -6.76
N VAL A 87 -47.77 -10.56 -6.19
CA VAL A 87 -47.28 -10.34 -4.84
C VAL A 87 -48.45 -9.87 -4.00
N ARG A 88 -48.59 -10.43 -2.81
CA ARG A 88 -49.70 -10.10 -1.92
C ARG A 88 -49.17 -9.41 -0.68
N ARG A 89 -49.83 -8.33 -0.29
CA ARG A 89 -49.44 -7.56 0.88
C ARG A 89 -49.89 -8.26 2.16
N THR A 90 -49.06 -8.16 3.20
CA THR A 90 -49.35 -8.81 4.46
C THR A 90 -49.80 -7.85 5.56
N GLY A 91 -49.31 -6.62 5.56
CA GLY A 91 -49.72 -5.63 6.53
C GLY A 91 -48.90 -5.58 7.80
N ARG A 92 -47.75 -6.25 7.85
CA ARG A 92 -46.94 -6.33 9.06
C ARG A 92 -45.54 -5.84 8.77
N ILE A 93 -45.03 -4.93 9.60
CA ILE A 93 -43.62 -4.59 9.54
C ILE A 93 -42.79 -5.81 9.88
N MET A 94 -41.64 -5.94 9.21
CA MET A 94 -40.78 -7.10 9.38
C MET A 94 -40.51 -7.38 10.85
N GLU A 95 -40.90 -8.56 11.30
CA GLU A 95 -40.91 -8.90 12.71
C GLU A 95 -40.61 -10.39 12.87
N VAL A 96 -40.34 -10.79 14.11
CA VAL A 96 -40.08 -12.19 14.43
C VAL A 96 -40.95 -12.59 15.61
N PRO A 97 -41.36 -13.86 15.69
CA PRO A 97 -42.10 -14.31 16.87
C PRO A 97 -41.20 -14.41 18.09
N VAL A 98 -41.78 -14.19 19.27
CA VAL A 98 -41.06 -14.31 20.53
C VAL A 98 -41.95 -15.05 21.52
N GLY A 99 -41.37 -15.36 22.67
CA GLY A 99 -42.06 -16.09 23.72
C GLY A 99 -41.18 -17.16 24.33
N GLU A 100 -41.79 -17.90 25.27
CA GLU A 100 -41.08 -19.00 25.92
C GLU A 100 -41.14 -20.28 25.11
N ALA A 101 -42.00 -20.34 24.08
CA ALA A 101 -42.06 -21.53 23.24
C ALA A 101 -40.79 -21.73 22.44
N LEU A 102 -40.03 -20.65 22.20
CA LEU A 102 -38.79 -20.76 21.44
C LEU A 102 -37.69 -21.45 22.23
N ILE A 103 -37.86 -21.59 23.54
CA ILE A 103 -36.82 -22.19 24.38
C ILE A 103 -36.63 -23.64 23.99
N GLY A 104 -35.39 -24.01 23.65
CA GLY A 104 -35.08 -25.37 23.31
C GLY A 104 -35.27 -25.76 21.87
N ARG A 105 -35.53 -24.81 20.98
CA ARG A 105 -35.74 -25.11 19.58
C ARG A 105 -34.81 -24.25 18.71
N VAL A 106 -34.38 -24.83 17.59
CA VAL A 106 -33.55 -24.13 16.62
C VAL A 106 -34.47 -23.64 15.50
N VAL A 107 -34.27 -22.40 15.07
CA VAL A 107 -35.22 -21.72 14.20
C VAL A 107 -34.45 -20.77 13.28
N ASN A 108 -34.94 -20.64 12.04
CA ASN A 108 -34.33 -19.75 11.07
C ASN A 108 -34.73 -18.30 11.37
N PRO A 109 -34.03 -17.32 10.78
CA PRO A 109 -34.28 -15.92 11.16
C PRO A 109 -35.72 -15.46 11.01
N LEU A 110 -36.49 -16.08 10.11
CA LEU A 110 -37.88 -15.67 9.91
C LEU A 110 -38.83 -16.20 10.98
N GLY A 111 -38.38 -17.12 11.82
CA GLY A 111 -39.24 -17.75 12.79
C GLY A 111 -39.78 -19.11 12.42
N GLN A 112 -39.31 -19.68 11.32
CA GLN A 112 -39.75 -21.00 10.89
C GLN A 112 -38.84 -22.07 11.50
N PRO A 113 -39.38 -23.06 12.20
CA PRO A 113 -38.52 -24.10 12.77
C PRO A 113 -37.84 -24.92 11.69
N VAL A 114 -36.62 -25.35 11.98
CA VAL A 114 -35.80 -26.11 11.03
C VAL A 114 -35.45 -27.51 11.53
N ASP A 115 -35.74 -27.81 12.79
CA ASP A 115 -35.43 -29.13 13.32
C ASP A 115 -36.60 -30.11 13.19
N GLY A 116 -37.76 -29.63 12.80
CA GLY A 116 -38.96 -30.47 12.80
C GLY A 116 -39.66 -30.41 14.15
N LEU A 117 -39.96 -31.56 14.73
CA LEU A 117 -40.52 -31.66 16.07
C LEU A 117 -41.83 -30.89 16.20
N GLY A 118 -42.45 -30.54 15.07
CA GLY A 118 -43.67 -29.79 15.06
C GLY A 118 -43.45 -28.30 14.96
N PRO A 119 -44.53 -27.54 14.78
CA PRO A 119 -44.41 -26.09 14.67
C PRO A 119 -44.15 -25.45 16.03
N VAL A 120 -43.83 -24.17 15.99
CA VAL A 120 -43.68 -23.37 17.20
C VAL A 120 -45.02 -22.72 17.51
N GLU A 121 -45.41 -22.75 18.79
CA GLU A 121 -46.74 -22.34 19.21
C GLU A 121 -46.75 -21.04 19.99
N THR A 122 -45.94 -20.08 19.57
CA THR A 122 -45.97 -18.77 20.19
C THR A 122 -47.17 -17.97 19.69
N THR A 123 -47.52 -16.92 20.45
CA THR A 123 -48.65 -16.07 20.12
C THR A 123 -48.33 -14.59 20.34
N GLU A 124 -47.07 -14.21 20.19
CA GLU A 124 -46.68 -12.80 20.29
C GLU A 124 -45.52 -12.56 19.34
N THR A 125 -45.44 -11.34 18.81
CA THR A 125 -44.40 -10.99 17.86
C THR A 125 -43.80 -9.63 18.23
N ARG A 126 -42.54 -9.45 17.81
CA ARG A 126 -41.79 -8.22 18.09
C ARG A 126 -41.06 -7.80 16.83
N PRO A 127 -41.03 -6.51 16.50
CA PRO A 127 -40.36 -6.08 15.27
C PRO A 127 -38.85 -6.25 15.36
N ILE A 128 -38.22 -6.38 14.18
CA ILE A 128 -36.77 -6.50 14.13
C ILE A 128 -36.10 -5.17 14.44
N GLU A 129 -36.38 -4.14 13.64
CA GLU A 129 -35.87 -2.82 13.95
C GLU A 129 -36.60 -2.27 15.17
N SER A 130 -35.83 -1.74 16.12
CA SER A 130 -36.40 -1.23 17.35
C SER A 130 -35.46 -0.17 17.91
N PRO A 131 -36.01 0.87 18.52
CA PRO A 131 -35.15 1.87 19.17
C PRO A 131 -34.40 1.28 20.35
N ALA A 132 -33.13 1.67 20.47
CA ALA A 132 -32.32 1.22 21.59
C ALA A 132 -32.76 1.90 22.88
N PRO A 133 -32.42 1.33 24.03
CA PRO A 133 -32.74 1.99 25.31
C PRO A 133 -32.10 3.36 25.40
N GLY A 134 -32.81 4.29 26.02
CA GLY A 134 -32.36 5.66 26.08
C GLY A 134 -31.15 5.83 26.97
N VAL A 135 -30.56 7.03 26.91
CA VAL A 135 -29.40 7.33 27.74
C VAL A 135 -29.78 7.38 29.21
N MET A 136 -30.97 7.86 29.52
CA MET A 136 -31.46 7.92 30.90
C MET A 136 -32.01 6.59 31.40
N ASP A 137 -32.09 5.58 30.55
CA ASP A 137 -32.72 4.33 30.94
C ASP A 137 -31.74 3.27 31.38
N ARG A 138 -30.44 3.55 31.35
CA ARG A 138 -29.43 2.55 31.63
C ARG A 138 -28.96 2.64 33.08
N ARG A 139 -27.95 1.84 33.40
CA ARG A 139 -27.47 1.68 34.76
C ARG A 139 -26.04 1.18 34.72
N SER A 140 -25.34 1.34 35.84
CA SER A 140 -23.98 0.84 35.94
C SER A 140 -23.99 -0.69 36.07
N VAL A 141 -23.01 -1.33 35.44
CA VAL A 141 -22.90 -2.78 35.50
C VAL A 141 -22.38 -3.19 36.85
N HIS A 142 -23.11 -4.07 37.53
CA HIS A 142 -22.73 -4.43 38.90
C HIS A 142 -22.89 -5.91 39.22
N GLU A 143 -23.15 -6.78 38.25
CA GLU A 143 -23.34 -8.20 38.52
C GLU A 143 -22.43 -9.00 37.61
N PRO A 144 -21.72 -9.99 38.15
CA PRO A 144 -20.78 -10.75 37.33
C PRO A 144 -21.48 -11.76 36.44
N LEU A 145 -20.85 -12.05 35.32
CA LEU A 145 -21.26 -13.12 34.41
C LEU A 145 -20.13 -14.13 34.38
N GLN A 146 -20.26 -15.19 35.17
CA GLN A 146 -19.21 -16.18 35.27
C GLN A 146 -19.23 -17.10 34.06
N THR A 147 -18.13 -17.13 33.32
CA THR A 147 -18.05 -17.91 32.10
C THR A 147 -17.57 -19.34 32.34
N GLY A 148 -17.14 -19.66 33.55
CA GLY A 148 -16.63 -20.99 33.82
C GLY A 148 -15.23 -21.24 33.32
N ILE A 149 -14.57 -20.22 32.76
CA ILE A 149 -13.20 -20.33 32.27
C ILE A 149 -12.32 -19.55 33.23
N LYS A 150 -11.25 -20.19 33.69
CA LYS A 150 -10.40 -19.59 34.72
C LYS A 150 -9.79 -18.28 34.24
N ALA A 151 -9.25 -18.28 33.03
CA ALA A 151 -8.58 -17.09 32.52
C ALA A 151 -9.55 -15.93 32.37
N ILE A 152 -10.74 -16.17 31.84
CA ILE A 152 -11.71 -15.09 31.66
C ILE A 152 -12.19 -14.56 33.02
N ASP A 153 -12.54 -15.47 33.93
CA ASP A 153 -13.03 -15.01 35.22
C ASP A 153 -11.93 -14.40 36.09
N ALA A 154 -10.67 -14.59 35.72
CA ALA A 154 -9.57 -13.98 36.48
C ALA A 154 -9.13 -12.64 35.91
N LEU A 155 -8.78 -12.63 34.63
CA LEU A 155 -8.06 -11.50 34.05
C LEU A 155 -8.95 -10.58 33.24
N VAL A 156 -10.03 -11.08 32.66
CA VAL A 156 -10.94 -10.24 31.88
C VAL A 156 -12.37 -10.43 32.39
N PRO A 157 -12.72 -9.82 33.51
CA PRO A 157 -14.06 -10.02 34.07
C PRO A 157 -15.14 -9.53 33.11
N ILE A 158 -16.25 -10.26 33.08
CA ILE A 158 -17.42 -9.91 32.26
C ILE A 158 -18.62 -9.74 33.18
N GLY A 159 -19.30 -8.61 33.06
CA GLY A 159 -20.48 -8.31 33.83
C GLY A 159 -21.71 -8.30 32.94
N ARG A 160 -22.87 -8.51 33.54
CA ARG A 160 -24.12 -8.54 32.78
C ARG A 160 -24.40 -7.14 32.23
N GLY A 161 -24.76 -7.09 30.95
CA GLY A 161 -24.92 -5.84 30.24
C GLY A 161 -23.70 -5.42 29.45
N GLN A 162 -22.54 -5.96 29.77
CA GLN A 162 -21.32 -5.68 29.02
C GLN A 162 -21.34 -6.44 27.69
N ARG A 163 -20.82 -5.80 26.65
CA ARG A 163 -20.68 -6.41 25.34
C ARG A 163 -19.20 -6.64 25.07
N GLU A 164 -18.74 -7.87 25.29
CA GLU A 164 -17.32 -8.21 25.23
C GLU A 164 -17.04 -8.89 23.90
N LEU A 165 -16.10 -8.34 23.13
CA LEU A 165 -15.75 -8.90 21.84
C LEU A 165 -14.79 -10.05 22.02
N ILE A 166 -15.08 -11.17 21.38
CA ILE A 166 -14.18 -12.33 21.35
C ILE A 166 -13.63 -12.43 19.93
N ILE A 167 -12.32 -12.24 19.79
CA ILE A 167 -11.69 -12.09 18.49
C ILE A 167 -10.49 -13.02 18.42
N GLY A 168 -10.18 -13.47 17.21
CA GLY A 168 -9.05 -14.35 17.00
C GLY A 168 -9.07 -14.91 15.59
N ASP A 169 -8.13 -15.81 15.34
CA ASP A 169 -8.09 -16.48 14.06
C ASP A 169 -9.03 -17.67 14.05
N ARG A 170 -9.05 -18.37 12.92
CA ARG A 170 -9.80 -19.62 12.82
C ARG A 170 -9.16 -20.68 13.69
N GLN A 171 -9.98 -21.64 14.12
CA GLN A 171 -9.50 -22.82 14.85
C GLN A 171 -8.69 -22.40 16.07
N THR A 172 -9.27 -21.52 16.87
CA THR A 172 -8.65 -21.06 18.11
C THR A 172 -9.54 -21.25 19.33
N GLY A 173 -10.74 -21.81 19.16
CA GLY A 173 -11.59 -22.14 20.29
C GLY A 173 -12.68 -21.14 20.60
N LYS A 174 -13.00 -20.23 19.69
CA LYS A 174 -14.05 -19.25 19.96
C LYS A 174 -15.40 -19.92 20.17
N THR A 175 -15.73 -20.87 19.31
CA THR A 175 -16.99 -21.60 19.45
C THR A 175 -17.01 -22.41 20.74
N SER A 176 -15.87 -23.01 21.11
CA SER A 176 -15.82 -23.75 22.36
C SER A 176 -16.01 -22.83 23.55
N VAL A 177 -15.44 -21.63 23.51
CA VAL A 177 -15.63 -20.67 24.59
C VAL A 177 -17.11 -20.30 24.70
N ALA A 178 -17.75 -20.04 23.56
CA ALA A 178 -19.17 -19.71 23.58
C ALA A 178 -19.99 -20.85 24.18
N ILE A 179 -19.71 -22.09 23.76
CA ILE A 179 -20.49 -23.22 24.23
C ILE A 179 -20.27 -23.43 25.73
N ASP A 180 -19.04 -23.30 26.20
CA ASP A 180 -18.78 -23.45 27.63
C ASP A 180 -19.49 -22.37 28.44
N THR A 181 -19.46 -21.13 27.95
CA THR A 181 -20.16 -20.05 28.65
C THR A 181 -21.66 -20.34 28.72
N ILE A 182 -22.23 -20.84 27.62
CA ILE A 182 -23.66 -21.16 27.61
C ILE A 182 -23.95 -22.29 28.57
N ILE A 183 -23.07 -23.29 28.65
CA ILE A 183 -23.27 -24.41 29.56
C ILE A 183 -23.25 -23.94 31.01
N ASN A 184 -22.32 -23.04 31.34
CA ASN A 184 -22.15 -22.64 32.73
C ASN A 184 -23.38 -21.95 33.33
N GLN A 185 -24.29 -21.46 32.48
CA GLN A 185 -25.47 -20.75 32.98
C GLN A 185 -26.54 -21.68 33.54
N LYS A 186 -26.19 -22.93 33.84
CA LYS A 186 -27.19 -23.94 34.17
C LYS A 186 -28.01 -23.56 35.40
N ASP A 187 -27.35 -23.15 36.47
CA ASP A 187 -28.04 -22.82 37.71
C ASP A 187 -28.40 -21.35 37.83
N GLN A 188 -27.74 -20.47 37.09
CA GLN A 188 -28.10 -19.06 37.10
C GLN A 188 -29.42 -18.85 36.37
N ASN A 189 -30.17 -17.85 36.82
CA ASN A 189 -31.43 -17.51 36.15
C ASN A 189 -31.14 -16.70 34.89
N MET A 190 -30.70 -17.41 33.86
CA MET A 190 -30.23 -16.78 32.63
C MET A 190 -30.77 -17.56 31.44
N ILE A 191 -31.00 -16.83 30.34
CA ILE A 191 -31.41 -17.40 29.07
C ILE A 191 -30.34 -17.06 28.04
N SER A 192 -29.86 -18.07 27.33
CA SER A 192 -28.78 -17.91 26.37
C SER A 192 -29.31 -18.13 24.96
N ILE A 193 -28.84 -17.30 24.02
CA ILE A 193 -29.26 -17.38 22.62
C ILE A 193 -28.01 -17.48 21.76
N TYR A 194 -27.93 -18.53 20.96
CA TYR A 194 -26.78 -18.79 20.10
C TYR A 194 -27.19 -18.56 18.66
N VAL A 195 -26.47 -17.66 17.98
CA VAL A 195 -26.78 -17.28 16.60
C VAL A 195 -25.61 -17.72 15.74
N ALA A 196 -25.89 -18.56 14.75
CA ALA A 196 -24.86 -19.05 13.84
C ALA A 196 -25.05 -18.40 12.47
N ILE A 197 -24.02 -17.69 12.01
CA ILE A 197 -24.08 -16.93 10.77
C ILE A 197 -23.00 -17.44 9.85
N GLY A 198 -23.40 -18.07 8.74
CA GLY A 198 -22.46 -18.53 7.75
C GLY A 198 -21.70 -19.78 8.12
N GLN A 199 -22.08 -20.46 9.20
CA GLN A 199 -21.37 -21.64 9.62
C GLN A 199 -21.85 -22.87 8.85
N LYS A 200 -21.05 -23.93 8.90
CA LYS A 200 -21.47 -25.18 8.30
C LYS A 200 -22.64 -25.77 9.08
N GLU A 201 -23.64 -26.26 8.34
CA GLU A 201 -24.81 -26.83 9.00
C GLU A 201 -24.45 -28.06 9.81
N SER A 202 -23.44 -28.81 9.36
CA SER A 202 -22.94 -29.92 10.18
C SER A 202 -22.35 -29.42 11.49
N THR A 203 -21.62 -28.30 11.46
CA THR A 203 -21.09 -27.72 12.68
C THR A 203 -22.22 -27.30 13.63
N VAL A 204 -23.26 -26.67 13.09
CA VAL A 204 -24.37 -26.26 13.93
C VAL A 204 -25.09 -27.48 14.51
N ARG A 205 -25.23 -28.53 13.70
CA ARG A 205 -25.85 -29.76 14.18
C ARG A 205 -25.05 -30.37 15.32
N THR A 206 -23.72 -30.41 15.18
CA THR A 206 -22.89 -30.96 16.25
C THR A 206 -22.99 -30.11 17.51
N VAL A 207 -23.03 -28.79 17.36
CA VAL A 207 -23.18 -27.90 18.50
C VAL A 207 -24.48 -28.19 19.23
N VAL A 208 -25.58 -28.33 18.47
CA VAL A 208 -26.88 -28.61 19.08
C VAL A 208 -26.86 -29.96 19.78
N GLU A 209 -26.19 -30.95 19.19
CA GLU A 209 -26.12 -32.27 19.82
C GLU A 209 -25.38 -32.21 21.15
N THR A 210 -24.25 -31.49 21.19
CA THR A 210 -23.52 -31.39 22.47
C THR A 210 -24.33 -30.61 23.49
N LEU A 211 -25.04 -29.56 23.06
CA LEU A 211 -25.89 -28.82 24.00
C LEU A 211 -26.98 -29.71 24.57
N ARG A 212 -27.60 -30.53 23.72
CA ARG A 212 -28.62 -31.46 24.22
C ARG A 212 -28.00 -32.46 25.18
N LYS A 213 -26.80 -32.95 24.86
CA LYS A 213 -26.13 -33.92 25.73
C LYS A 213 -25.88 -33.33 27.11
N HIS A 214 -25.45 -32.08 27.17
CA HIS A 214 -25.19 -31.43 28.45
C HIS A 214 -26.43 -30.82 29.08
N GLY A 215 -27.57 -30.83 28.39
CA GLY A 215 -28.80 -30.36 28.95
C GLY A 215 -29.04 -28.87 28.85
N ALA A 216 -28.16 -28.14 28.15
CA ALA A 216 -28.28 -26.69 28.07
C ALA A 216 -29.47 -26.24 27.22
N LEU A 217 -30.07 -27.14 26.45
CA LEU A 217 -31.21 -26.75 25.63
C LEU A 217 -32.46 -26.48 26.44
N ASP A 218 -32.45 -26.75 27.75
CA ASP A 218 -33.61 -26.41 28.56
C ASP A 218 -33.80 -24.91 28.72
N TYR A 219 -32.80 -24.09 28.37
CA TYR A 219 -32.93 -22.65 28.50
C TYR A 219 -32.30 -21.89 27.33
N THR A 220 -32.15 -22.51 26.16
CA THR A 220 -31.37 -21.95 25.08
C THR A 220 -32.18 -21.91 23.79
N ILE A 221 -32.05 -20.81 23.05
CA ILE A 221 -32.64 -20.65 21.73
C ILE A 221 -31.52 -20.57 20.71
N VAL A 222 -31.59 -21.39 19.67
CA VAL A 222 -30.58 -21.42 18.63
C VAL A 222 -31.19 -20.87 17.35
N VAL A 223 -30.53 -19.87 16.76
CA VAL A 223 -30.93 -19.30 15.49
C VAL A 223 -29.82 -19.57 14.49
N THR A 224 -30.19 -20.07 13.32
CA THR A 224 -29.21 -20.55 12.34
C THR A 224 -29.42 -19.88 11.00
N ALA A 225 -28.30 -19.58 10.33
CA ALA A 225 -28.30 -19.07 8.96
C ALA A 225 -27.04 -19.62 8.28
N SER A 226 -27.21 -20.64 7.45
CA SER A 226 -26.08 -21.35 6.88
C SER A 226 -25.44 -20.56 5.75
N ALA A 227 -24.41 -21.15 5.16
CA ALA A 227 -23.72 -20.53 4.04
C ALA A 227 -24.47 -20.69 2.73
N SER A 228 -25.41 -21.62 2.64
CA SER A 228 -26.16 -21.83 1.41
C SER A 228 -27.32 -20.87 1.26
N GLN A 229 -27.70 -20.16 2.32
CA GLN A 229 -28.85 -19.29 2.28
C GLN A 229 -28.56 -18.03 1.47
N PRO A 230 -29.59 -17.35 0.99
CA PRO A 230 -29.39 -16.05 0.35
C PRO A 230 -28.88 -15.03 1.36
N ALA A 231 -28.15 -14.04 0.86
CA ALA A 231 -27.46 -13.02 1.66
C ALA A 231 -28.35 -12.29 2.67
N PRO A 232 -29.57 -11.89 2.33
CA PRO A 232 -30.38 -11.16 3.31
C PRO A 232 -30.66 -11.93 4.59
N LEU A 233 -30.80 -13.24 4.54
CA LEU A 233 -31.03 -13.98 5.78
C LEU A 233 -29.82 -13.90 6.70
N LEU A 234 -28.61 -14.03 6.14
CA LEU A 234 -27.41 -13.83 6.93
C LEU A 234 -27.35 -12.42 7.47
N PHE A 235 -27.80 -11.45 6.67
CA PHE A 235 -27.78 -10.06 7.10
C PHE A 235 -28.76 -9.82 8.25
N LEU A 236 -29.85 -10.58 8.29
CA LEU A 236 -30.90 -10.31 9.28
C LEU A 236 -30.75 -11.14 10.55
N ALA A 237 -30.10 -12.30 10.49
CA ALA A 237 -30.14 -13.24 11.62
C ALA A 237 -29.76 -12.63 12.96
N PRO A 238 -28.67 -11.89 13.11
CA PRO A 238 -28.36 -11.33 14.45
C PRO A 238 -29.43 -10.39 14.96
N TYR A 239 -30.06 -9.62 14.07
CA TYR A 239 -31.15 -8.76 14.50
C TYR A 239 -32.35 -9.56 14.98
N ALA A 240 -32.66 -10.68 14.32
CA ALA A 240 -33.72 -11.55 14.80
C ALA A 240 -33.38 -12.10 16.19
N GLY A 241 -32.14 -12.51 16.40
CA GLY A 241 -31.75 -12.97 17.72
C GLY A 241 -31.92 -11.91 18.79
N VAL A 242 -31.50 -10.68 18.47
CA VAL A 242 -31.62 -9.58 19.43
C VAL A 242 -33.09 -9.30 19.73
N ALA A 243 -33.94 -9.39 18.70
CA ALA A 243 -35.36 -9.18 18.93
C ALA A 243 -35.92 -10.25 19.85
N MET A 244 -35.52 -11.51 19.66
CA MET A 244 -35.95 -12.55 20.58
C MET A 244 -35.46 -12.30 22.00
N GLY A 245 -34.28 -11.71 22.15
CA GLY A 245 -33.76 -11.42 23.47
C GLY A 245 -34.41 -10.26 24.19
N GLU A 246 -34.85 -9.25 23.43
CA GLU A 246 -35.43 -8.05 24.05
C GLU A 246 -36.73 -8.38 24.76
N TYR A 247 -37.44 -9.40 24.28
CA TYR A 247 -38.69 -9.81 24.91
C TYR A 247 -38.44 -10.25 26.36
N PHE A 248 -37.32 -10.92 26.60
CA PHE A 248 -36.97 -11.30 27.96
C PHE A 248 -36.25 -10.18 28.70
N MET A 249 -35.56 -9.28 27.98
CA MET A 249 -35.13 -8.02 28.59
C MET A 249 -36.28 -7.35 29.33
N TYR A 250 -37.31 -6.94 28.60
CA TYR A 250 -38.28 -6.01 29.14
C TYR A 250 -39.24 -6.67 30.13
N LYS A 251 -39.15 -7.98 30.31
CA LYS A 251 -39.88 -8.66 31.37
C LYS A 251 -39.09 -8.73 32.67
N GLY A 252 -37.84 -8.26 32.68
CA GLY A 252 -37.04 -8.24 33.89
C GLY A 252 -36.03 -9.35 34.04
N LYS A 253 -35.81 -10.15 33.00
CA LYS A 253 -34.87 -11.27 33.09
C LYS A 253 -33.53 -10.91 32.45
N HIS A 254 -32.58 -11.83 32.61
CA HIS A 254 -31.22 -11.64 32.14
C HIS A 254 -30.94 -12.59 30.97
N VAL A 255 -30.36 -12.05 29.90
CA VAL A 255 -30.19 -12.78 28.65
C VAL A 255 -28.73 -12.70 28.20
N LEU A 256 -28.28 -13.73 27.50
CA LEU A 256 -26.96 -13.78 26.88
C LEU A 256 -27.12 -14.11 25.40
N VAL A 257 -26.47 -13.33 24.54
CA VAL A 257 -26.60 -13.48 23.09
C VAL A 257 -25.21 -13.63 22.48
N VAL A 258 -25.05 -14.61 21.59
CA VAL A 258 -23.79 -14.88 20.92
C VAL A 258 -24.02 -14.79 19.42
N TYR A 259 -23.23 -13.94 18.76
CA TYR A 259 -23.22 -13.84 17.30
C TYR A 259 -21.97 -14.54 16.80
N ASP A 260 -22.13 -15.51 15.91
CA ASP A 260 -21.03 -16.42 15.66
C ASP A 260 -19.97 -15.85 14.73
N ASP A 261 -20.33 -14.97 13.77
CA ASP A 261 -19.29 -14.30 13.01
C ASP A 261 -19.83 -13.02 12.40
N LEU A 262 -19.54 -11.89 13.04
CA LEU A 262 -19.91 -10.61 12.45
C LEU A 262 -19.12 -10.33 11.19
N SER A 263 -17.96 -10.93 11.00
CA SER A 263 -17.26 -10.76 9.73
C SER A 263 -18.08 -11.32 8.58
N LYS A 264 -18.68 -12.50 8.77
CA LYS A 264 -19.54 -13.05 7.73
C LYS A 264 -20.85 -12.28 7.62
N GLN A 265 -21.36 -11.76 8.73
CA GLN A 265 -22.54 -10.89 8.62
C GLN A 265 -22.23 -9.66 7.77
N ALA A 266 -21.06 -9.05 7.99
CA ALA A 266 -20.67 -7.87 7.23
C ALA A 266 -20.43 -8.20 5.77
N ALA A 267 -19.86 -9.37 5.50
CA ALA A 267 -19.67 -9.79 4.11
C ALA A 267 -21.01 -9.95 3.40
N ALA A 268 -21.99 -10.55 4.08
CA ALA A 268 -23.32 -10.66 3.49
C ALA A 268 -23.94 -9.29 3.23
N TYR A 269 -23.79 -8.37 4.18
CA TYR A 269 -24.34 -7.04 3.96
C TYR A 269 -23.65 -6.34 2.79
N ARG A 270 -22.34 -6.53 2.65
CA ARG A 270 -21.62 -5.96 1.51
C ARG A 270 -22.14 -6.52 0.20
N GLU A 271 -22.38 -7.84 0.17
CA GLU A 271 -22.94 -8.45 -1.03
C GLU A 271 -24.30 -7.85 -1.38
N LEU A 272 -25.17 -7.70 -0.38
CA LEU A 272 -26.49 -7.14 -0.65
C LEU A 272 -26.39 -5.71 -1.15
N SER A 273 -25.57 -4.89 -0.50
CA SER A 273 -25.44 -3.50 -0.91
C SER A 273 -24.86 -3.37 -2.32
N LEU A 274 -23.86 -4.19 -2.65
CA LEU A 274 -23.31 -4.15 -3.99
C LEU A 274 -24.36 -4.56 -5.03
N LEU A 275 -25.15 -5.59 -4.72
CA LEU A 275 -26.22 -5.98 -5.63
C LEU A 275 -27.28 -4.90 -5.75
N LEU A 276 -27.38 -4.00 -4.76
CA LEU A 276 -28.27 -2.86 -4.87
C LEU A 276 -27.63 -1.66 -5.55
N ARG A 277 -26.40 -1.81 -6.06
CA ARG A 277 -25.68 -0.76 -6.78
C ARG A 277 -25.39 0.47 -5.92
N ARG A 278 -25.18 0.28 -4.63
CA ARG A 278 -24.68 1.36 -3.79
C ARG A 278 -23.16 1.36 -3.81
N PRO A 279 -22.52 2.46 -4.15
CA PRO A 279 -21.08 2.46 -4.41
C PRO A 279 -20.28 2.04 -3.18
N PRO A 280 -19.13 1.40 -3.37
CA PRO A 280 -18.32 0.97 -2.23
C PRO A 280 -17.74 2.15 -1.47
N GLY A 281 -17.40 1.90 -0.21
CA GLY A 281 -16.76 2.89 0.62
C GLY A 281 -15.33 2.54 0.93
N ARG A 282 -14.88 2.83 2.15
CA ARG A 282 -13.50 2.55 2.53
C ARG A 282 -13.23 1.05 2.54
N GLU A 283 -12.14 0.66 1.90
CA GLU A 283 -11.70 -0.74 1.84
C GLU A 283 -12.81 -1.66 1.33
N ALA A 284 -13.56 -1.17 0.34
CA ALA A 284 -14.53 -1.94 -0.42
C ALA A 284 -15.76 -2.34 0.39
N TYR A 285 -15.78 -2.01 1.67
CA TYR A 285 -17.00 -2.19 2.44
C TYR A 285 -17.89 -0.96 2.31
N PRO A 286 -19.20 -1.12 2.41
CA PRO A 286 -20.09 0.03 2.26
C PRO A 286 -19.85 1.07 3.34
N GLY A 287 -20.42 2.26 3.12
CA GLY A 287 -20.20 3.36 4.05
C GLY A 287 -20.89 3.18 5.37
N ASP A 288 -21.98 2.42 5.41
CA ASP A 288 -22.76 2.22 6.62
C ASP A 288 -22.44 0.90 7.32
N ILE A 289 -21.31 0.29 6.99
CA ILE A 289 -20.91 -0.95 7.66
C ILE A 289 -20.65 -0.70 9.13
N PHE A 290 -20.27 0.53 9.50
CA PHE A 290 -20.16 0.88 10.91
C PHE A 290 -21.55 0.99 11.54
N TYR A 291 -22.48 1.63 10.84
CA TYR A 291 -23.83 1.78 11.34
C TYR A 291 -24.49 0.43 11.61
N LEU A 292 -24.19 -0.56 10.77
CA LEU A 292 -24.78 -1.89 10.95
C LEU A 292 -24.41 -2.47 12.32
N HIS A 293 -23.11 -2.54 12.60
CA HIS A 293 -22.67 -3.11 13.87
C HIS A 293 -23.06 -2.23 15.05
N SER A 294 -23.05 -0.91 14.86
CA SER A 294 -23.45 -0.03 15.96
C SER A 294 -24.91 -0.27 16.34
N ARG A 295 -25.80 -0.33 15.35
CA ARG A 295 -27.19 -0.61 15.63
C ARG A 295 -27.34 -1.95 16.32
N LEU A 296 -26.62 -2.96 15.84
CA LEU A 296 -26.74 -4.28 16.42
C LEU A 296 -26.33 -4.28 17.89
N LEU A 297 -25.21 -3.62 18.21
CA LEU A 297 -24.62 -3.78 19.53
C LEU A 297 -25.03 -2.71 20.53
N GLU A 298 -25.77 -1.68 20.11
CA GLU A 298 -26.30 -0.75 21.10
C GLU A 298 -27.56 -1.24 21.77
N ARG A 299 -28.12 -2.37 21.33
CA ARG A 299 -29.32 -2.90 21.95
C ARG A 299 -29.03 -3.82 23.12
N ALA A 300 -27.76 -4.04 23.46
CA ALA A 300 -27.43 -4.76 24.68
C ALA A 300 -27.16 -3.77 25.80
N ALA A 301 -27.90 -3.90 26.90
CA ALA A 301 -27.83 -2.89 27.95
C ALA A 301 -28.23 -3.49 29.28
N LYS A 302 -27.88 -2.77 30.34
CA LYS A 302 -28.32 -3.06 31.70
C LYS A 302 -29.35 -2.00 32.10
N LEU A 303 -30.61 -2.40 32.13
CA LEU A 303 -31.69 -1.44 32.31
C LEU A 303 -31.74 -0.94 33.75
N SER A 304 -32.27 0.27 33.91
CA SER A 304 -32.45 0.84 35.23
C SER A 304 -33.71 0.28 35.88
N ASP A 305 -33.88 0.60 37.17
CA ASP A 305 -34.99 0.04 37.93
C ASP A 305 -36.34 0.51 37.40
N ALA A 306 -36.42 1.76 36.93
CA ALA A 306 -37.69 2.25 36.38
C ALA A 306 -38.10 1.47 35.14
N LYS A 307 -37.16 0.79 34.48
CA LYS A 307 -37.45 -0.01 33.30
C LYS A 307 -37.41 -1.51 33.59
N GLY A 308 -37.30 -1.90 34.86
CA GLY A 308 -37.15 -3.29 35.20
C GLY A 308 -35.69 -3.68 35.27
N GLY A 309 -35.37 -4.73 36.03
CA GLY A 309 -33.98 -5.08 36.24
C GLY A 309 -33.39 -5.92 35.14
N GLY A 310 -34.11 -6.08 34.04
CA GLY A 310 -33.64 -6.92 32.96
C GLY A 310 -32.37 -6.38 32.32
N SER A 311 -31.66 -7.29 31.65
CA SER A 311 -30.42 -6.94 30.97
C SER A 311 -30.10 -8.00 29.95
N LEU A 312 -29.34 -7.61 28.93
CA LEU A 312 -28.84 -8.50 27.90
C LEU A 312 -27.38 -8.20 27.65
N THR A 313 -26.56 -9.23 27.62
CA THR A 313 -25.15 -9.12 27.33
C THR A 313 -24.84 -9.81 26.01
N ALA A 314 -23.92 -9.24 25.25
CA ALA A 314 -23.64 -9.69 23.89
C ALA A 314 -22.18 -10.10 23.78
N LEU A 315 -21.93 -11.18 23.04
CA LEU A 315 -20.58 -11.67 22.83
C LEU A 315 -20.32 -11.79 21.32
N PRO A 316 -20.03 -10.68 20.65
CA PRO A 316 -19.75 -10.75 19.21
C PRO A 316 -18.47 -11.50 18.91
N PHE A 317 -18.44 -12.16 17.76
CA PHE A 317 -17.26 -12.89 17.29
C PHE A 317 -16.75 -12.26 16.01
N VAL A 318 -15.42 -12.15 15.90
CA VAL A 318 -14.77 -11.69 14.68
C VAL A 318 -13.58 -12.58 14.40
N GLU A 319 -13.42 -12.96 13.13
CA GLU A 319 -12.32 -13.80 12.69
C GLU A 319 -11.31 -12.96 11.94
N THR A 320 -10.05 -13.00 12.37
CA THR A 320 -9.00 -12.24 11.74
C THR A 320 -8.24 -13.11 10.73
N GLN A 321 -7.29 -12.48 10.04
CA GLN A 321 -6.39 -13.15 9.11
C GLN A 321 -4.99 -13.10 9.68
N ALA A 322 -4.48 -14.26 10.12
CA ALA A 322 -3.15 -14.37 10.73
C ALA A 322 -3.00 -13.46 11.95
N GLY A 323 -4.09 -13.29 12.70
CA GLY A 323 -4.04 -12.50 13.91
C GLY A 323 -3.89 -11.02 13.71
N ASP A 324 -4.33 -10.49 12.57
CA ASP A 324 -4.20 -9.07 12.27
C ASP A 324 -5.40 -8.32 12.85
N ILE A 325 -5.17 -7.62 13.96
CA ILE A 325 -6.25 -6.89 14.60
C ILE A 325 -6.34 -5.44 14.15
N SER A 326 -5.58 -5.06 13.12
CA SER A 326 -5.67 -3.70 12.59
C SER A 326 -6.60 -3.59 11.39
N ALA A 327 -7.27 -4.67 11.01
CA ALA A 327 -8.16 -4.63 9.86
C ALA A 327 -9.41 -3.82 10.17
N TYR A 328 -10.16 -3.51 9.10
CA TYR A 328 -11.25 -2.55 9.18
C TYR A 328 -12.36 -3.03 10.13
N ILE A 329 -12.84 -4.26 9.92
CA ILE A 329 -13.90 -4.79 10.79
C ILE A 329 -13.44 -4.95 12.22
N PRO A 330 -12.25 -5.51 12.51
CA PRO A 330 -11.80 -5.54 13.91
C PRO A 330 -11.72 -4.16 14.55
N THR A 331 -11.22 -3.16 13.83
CA THR A 331 -11.17 -1.82 14.42
C THR A 331 -12.57 -1.30 14.70
N ASN A 332 -13.52 -1.53 13.79
CA ASN A 332 -14.88 -1.06 14.01
C ASN A 332 -15.47 -1.70 15.27
N VAL A 333 -15.34 -3.03 15.39
CA VAL A 333 -15.96 -3.71 16.52
C VAL A 333 -15.27 -3.31 17.83
N ILE A 334 -13.95 -3.10 17.79
CA ILE A 334 -13.23 -2.65 18.99
C ILE A 334 -13.71 -1.27 19.40
N SER A 335 -13.91 -0.38 18.43
CA SER A 335 -14.43 0.94 18.75
C SER A 335 -15.84 0.87 19.30
N ILE A 336 -16.61 -0.14 18.90
CA ILE A 336 -17.99 -0.25 19.38
C ILE A 336 -18.10 -0.88 20.77
N THR A 337 -17.30 -1.90 21.07
CA THR A 337 -17.49 -2.71 22.26
C THR A 337 -16.73 -2.16 23.46
N ASP A 338 -16.92 -2.82 24.60
CA ASP A 338 -16.32 -2.44 25.88
C ASP A 338 -14.98 -3.10 26.14
N GLY A 339 -14.56 -4.03 25.29
CA GLY A 339 -13.31 -4.72 25.52
C GLY A 339 -13.13 -5.81 24.49
N GLN A 340 -12.06 -6.59 24.66
CA GLN A 340 -11.77 -7.66 23.72
C GLN A 340 -11.13 -8.82 24.46
N ILE A 341 -11.25 -10.00 23.87
CA ILE A 341 -10.53 -11.19 24.30
C ILE A 341 -9.80 -11.72 23.08
N PHE A 342 -8.49 -11.91 23.19
CA PHE A 342 -7.66 -12.26 22.06
C PHE A 342 -7.14 -13.69 22.24
N LEU A 343 -7.40 -14.53 21.25
CA LEU A 343 -6.90 -15.90 21.24
C LEU A 343 -5.81 -16.03 20.18
N GLN A 344 -4.73 -16.71 20.51
CA GLN A 344 -3.56 -16.80 19.65
C GLN A 344 -3.41 -18.19 19.07
N SER A 345 -3.18 -18.26 17.77
CA SER A 345 -3.05 -19.54 17.08
C SER A 345 -1.83 -20.32 17.57
N ASP A 346 -0.71 -19.63 17.79
CA ASP A 346 0.49 -20.33 18.25
C ASP A 346 0.34 -20.83 19.69
N LEU A 347 -0.37 -20.07 20.54
CA LEU A 347 -0.66 -20.57 21.88
C LEU A 347 -1.60 -21.77 21.83
N PHE A 348 -2.55 -21.77 20.89
CA PHE A 348 -3.39 -22.94 20.69
C PHE A 348 -2.56 -24.14 20.25
N PHE A 349 -1.61 -23.90 19.34
CA PHE A 349 -0.79 -24.98 18.80
C PHE A 349 0.16 -25.54 19.86
N SER A 350 0.60 -24.68 20.79
CA SER A 350 1.57 -25.06 21.80
C SER A 350 0.96 -25.80 22.99
N GLY A 351 -0.28 -26.28 22.87
CA GLY A 351 -0.91 -27.03 23.93
C GLY A 351 -1.75 -26.22 24.90
N VAL A 352 -1.65 -24.90 24.88
CA VAL A 352 -2.51 -24.05 25.69
C VAL A 352 -3.84 -23.91 24.95
N ARG A 353 -4.79 -24.80 25.26
CA ARG A 353 -6.00 -24.87 24.46
C ARG A 353 -7.01 -23.75 24.73
N PRO A 354 -7.20 -23.25 25.96
CA PRO A 354 -7.96 -22.01 26.13
C PRO A 354 -7.34 -20.83 25.38
N ALA A 355 -6.02 -20.79 25.26
CA ALA A 355 -5.33 -19.94 24.28
C ALA A 355 -5.59 -18.45 24.48
N ILE A 356 -6.02 -18.06 25.68
CA ILE A 356 -6.36 -16.66 25.92
C ILE A 356 -5.07 -15.87 26.16
N ASN A 357 -4.86 -14.85 25.34
CA ASN A 357 -3.72 -13.95 25.51
C ASN A 357 -4.15 -12.81 26.43
N ALA A 358 -3.55 -12.75 27.61
CA ALA A 358 -3.91 -11.72 28.58
C ALA A 358 -3.27 -10.37 28.30
N GLY A 359 -2.25 -10.32 27.46
CA GLY A 359 -1.57 -9.07 27.17
C GLY A 359 -2.43 -8.08 26.42
N LEU A 360 -3.21 -8.59 25.47
CA LEU A 360 -4.06 -7.73 24.64
C LEU A 360 -5.52 -7.75 25.04
N SER A 361 -5.91 -8.68 25.91
CA SER A 361 -7.29 -8.74 26.37
C SER A 361 -7.52 -7.74 27.50
N VAL A 362 -8.70 -7.11 27.50
CA VAL A 362 -9.03 -6.13 28.50
C VAL A 362 -10.55 -5.99 28.54
N SER A 363 -11.07 -5.66 29.73
CA SER A 363 -12.49 -5.35 29.88
C SER A 363 -12.60 -4.09 30.72
N ARG A 364 -13.03 -3.00 30.09
CA ARG A 364 -13.16 -1.72 30.77
C ARG A 364 -14.34 -1.70 31.74
N VAL A 365 -15.46 -2.31 31.35
CA VAL A 365 -16.61 -2.42 32.23
C VAL A 365 -16.31 -3.28 33.44
N GLY A 366 -15.59 -4.38 33.26
CA GLY A 366 -15.29 -5.29 34.34
C GLY A 366 -14.38 -4.66 35.38
N GLY A 367 -14.19 -5.41 36.47
CA GLY A 367 -13.49 -4.88 37.62
C GLY A 367 -14.48 -4.44 38.67
N ALA A 368 -15.57 -3.81 38.23
CA ALA A 368 -16.68 -3.55 39.13
C ALA A 368 -17.52 -4.79 39.37
N ALA A 369 -17.66 -5.64 38.33
CA ALA A 369 -18.50 -6.83 38.44
C ALA A 369 -17.81 -7.99 39.14
N GLN A 370 -16.47 -7.96 39.22
CA GLN A 370 -15.74 -9.07 39.81
C GLN A 370 -16.03 -9.15 41.30
N ILE A 371 -16.25 -10.37 41.80
CA ILE A 371 -16.58 -10.54 43.21
C ILE A 371 -15.36 -10.24 44.07
N LYS A 372 -15.60 -10.01 45.37
CA LYS A 372 -14.54 -9.59 46.28
C LYS A 372 -13.44 -10.64 46.40
N ALA A 373 -13.83 -11.90 46.58
CA ALA A 373 -12.85 -12.95 46.82
C ALA A 373 -11.93 -13.14 45.63
N MET A 374 -12.49 -13.16 44.42
CA MET A 374 -11.66 -13.36 43.24
C MET A 374 -10.89 -12.09 42.90
N LYS A 375 -11.45 -10.94 43.25
CA LYS A 375 -10.77 -9.67 43.10
C LYS A 375 -9.51 -9.63 43.95
N LYS A 376 -9.56 -10.25 45.13
CA LYS A 376 -8.43 -10.22 46.04
C LYS A 376 -7.21 -10.96 45.50
N VAL A 377 -7.36 -11.76 44.44
CA VAL A 377 -6.28 -12.64 44.00
C VAL A 377 -5.94 -12.39 42.54
N ALA A 378 -6.89 -11.85 41.78
CA ALA A 378 -6.64 -11.61 40.36
C ALA A 378 -5.48 -10.65 40.13
N GLY A 379 -5.39 -9.60 40.96
CA GLY A 379 -4.30 -8.66 40.81
C GLY A 379 -2.94 -9.29 40.98
N THR A 380 -2.80 -10.15 42.00
CA THR A 380 -1.54 -10.87 42.19
C THR A 380 -1.25 -11.80 41.01
N LEU A 381 -2.28 -12.46 40.49
CA LEU A 381 -2.07 -13.35 39.34
C LEU A 381 -1.58 -12.59 38.11
N ARG A 382 -2.12 -11.39 37.88
CA ARG A 382 -1.81 -10.64 36.68
C ARG A 382 -0.31 -10.37 36.54
N LEU A 383 0.32 -9.92 37.63
CA LEU A 383 1.73 -9.54 37.57
C LEU A 383 2.62 -10.76 37.31
N ASP A 384 2.33 -11.88 37.96
CA ASP A 384 3.10 -13.09 37.72
C ASP A 384 3.00 -13.51 36.26
N LEU A 385 1.78 -13.51 35.71
CA LEU A 385 1.62 -13.93 34.32
C LEU A 385 2.36 -12.99 33.38
N ALA A 386 2.27 -11.67 33.62
CA ALA A 386 2.97 -10.72 32.78
C ALA A 386 4.48 -10.90 32.87
N ALA A 387 5.01 -11.10 34.07
CA ALA A 387 6.46 -11.29 34.23
C ALA A 387 6.93 -12.54 33.49
N TYR A 388 6.18 -13.64 33.62
CA TYR A 388 6.56 -14.86 32.90
C TYR A 388 6.51 -14.66 31.39
N ARG A 389 5.46 -14.00 30.89
CA ARG A 389 5.36 -13.78 29.46
C ARG A 389 6.47 -12.86 28.98
N GLU A 390 6.98 -11.99 29.86
CA GLU A 390 8.10 -11.15 29.50
C GLU A 390 9.41 -11.94 29.45
N LEU A 391 9.60 -12.84 30.40
CA LEU A 391 10.86 -13.56 30.54
C LEU A 391 10.85 -14.93 29.90
N GLU A 392 9.86 -15.24 29.05
CA GLU A 392 9.84 -16.52 28.37
C GLU A 392 11.04 -16.70 27.46
N ALA A 393 11.62 -15.58 26.99
CA ALA A 393 12.67 -15.65 25.98
C ALA A 393 13.94 -16.29 26.53
N PHE A 394 14.32 -15.95 27.76
CA PHE A 394 15.60 -16.34 28.31
C PHE A 394 15.52 -17.69 29.03
N ALA A 395 14.61 -18.57 28.61
CA ALA A 395 14.34 -19.79 29.38
C ALA A 395 15.48 -20.79 29.29
N GLN A 396 16.21 -20.82 28.17
CA GLN A 396 17.15 -21.91 27.95
C GLN A 396 18.26 -21.94 29.00
N PHE A 397 18.81 -20.77 29.35
CA PHE A 397 19.97 -20.69 30.26
C PHE A 397 19.70 -19.65 31.34
N GLY A 398 19.06 -20.07 32.42
CA GLY A 398 18.75 -19.20 33.54
C GLY A 398 19.61 -19.53 34.75
N SER A 399 20.31 -18.52 35.25
CA SER A 399 21.26 -18.71 36.34
C SER A 399 21.19 -17.64 37.41
N ASP A 400 20.43 -16.56 37.21
CA ASP A 400 20.45 -15.40 38.10
C ASP A 400 19.45 -15.59 39.25
N LEU A 401 19.55 -16.74 39.91
CA LEU A 401 18.77 -17.07 41.10
C LEU A 401 17.29 -16.94 40.76
N ASP A 402 16.48 -16.26 41.58
CA ASP A 402 15.05 -16.17 41.31
C ASP A 402 14.76 -15.39 40.04
N LYS A 403 15.55 -14.36 39.75
CA LYS A 403 15.30 -13.53 38.58
C LYS A 403 15.33 -14.36 37.29
N ALA A 404 16.01 -15.49 37.30
CA ALA A 404 16.10 -16.33 36.11
C ALA A 404 15.42 -17.67 36.25
N THR A 405 15.21 -18.19 37.47
CA THR A 405 14.67 -19.53 37.63
C THR A 405 13.53 -19.67 38.63
N GLN A 406 13.43 -18.82 39.65
CA GLN A 406 12.51 -19.05 40.75
C GLN A 406 11.56 -17.87 40.90
N ALA A 407 10.26 -18.18 41.02
CA ALA A 407 9.23 -17.18 41.32
C ALA A 407 9.15 -16.10 40.24
N LYS A 408 9.98 -16.23 39.21
CA LYS A 408 9.90 -15.41 38.01
C LYS A 408 9.79 -16.25 36.75
N LEU A 409 10.21 -17.50 36.79
CA LEU A 409 9.97 -18.47 35.74
C LEU A 409 9.14 -19.65 36.22
N ALA A 410 9.46 -20.20 37.40
CA ALA A 410 8.70 -21.33 37.92
C ALA A 410 7.27 -20.93 38.27
N ARG A 411 7.10 -19.79 38.93
CA ARG A 411 5.76 -19.33 39.26
C ARG A 411 4.94 -19.11 38.02
N GLY A 412 5.54 -18.51 36.99
CA GLY A 412 4.82 -18.30 35.75
C GLY A 412 4.48 -19.60 35.05
N ALA A 413 5.40 -20.57 35.08
CA ALA A 413 5.13 -21.86 34.47
C ALA A 413 3.94 -22.54 35.14
N ARG A 414 3.92 -22.51 36.48
CA ARG A 414 2.80 -23.11 37.19
C ARG A 414 1.51 -22.34 36.95
N THR A 415 1.59 -21.02 36.78
CA THR A 415 0.41 -20.24 36.43
C THR A 415 -0.15 -20.67 35.09
N VAL A 416 0.72 -20.78 34.08
CA VAL A 416 0.28 -21.22 32.76
C VAL A 416 -0.32 -22.62 32.84
N GLU A 417 0.27 -23.48 33.66
CA GLU A 417 -0.28 -24.83 33.81
C GLU A 417 -1.65 -24.82 34.46
N VAL A 418 -1.88 -23.98 35.46
CA VAL A 418 -3.21 -23.96 36.08
C VAL A 418 -4.22 -23.22 35.23
N LEU A 419 -3.80 -22.42 34.27
CA LEU A 419 -4.76 -21.76 33.40
C LEU A 419 -5.25 -22.66 32.27
N LYS A 420 -4.64 -23.82 32.07
CA LYS A 420 -5.15 -24.76 31.08
C LYS A 420 -6.46 -25.38 31.56
N GLN A 421 -7.35 -25.66 30.62
CA GLN A 421 -8.68 -26.14 30.97
C GLN A 421 -9.15 -27.14 29.92
N ASP A 422 -9.86 -28.17 30.39
CA ASP A 422 -10.35 -29.21 29.50
C ASP A 422 -11.61 -28.74 28.78
N LEU A 423 -11.91 -29.41 27.66
CA LEU A 423 -13.00 -28.97 26.81
C LEU A 423 -14.35 -29.29 27.44
N HIS A 424 -15.28 -28.34 27.37
CA HIS A 424 -16.66 -28.50 27.78
C HIS A 424 -16.83 -28.88 29.25
N GLN A 425 -16.00 -28.33 30.13
CA GLN A 425 -16.10 -28.59 31.58
C GLN A 425 -15.83 -27.29 32.34
N PRO A 426 -16.85 -26.46 32.54
CA PRO A 426 -16.68 -25.28 33.38
C PRO A 426 -16.62 -25.65 34.85
N ILE A 427 -16.04 -24.74 35.64
CA ILE A 427 -15.87 -24.97 37.07
C ILE A 427 -16.41 -23.78 37.85
N PRO A 428 -16.89 -23.97 39.08
CA PRO A 428 -17.53 -22.86 39.80
C PRO A 428 -16.54 -21.80 40.24
N VAL A 429 -17.08 -20.61 40.54
CA VAL A 429 -16.26 -19.47 40.89
C VAL A 429 -15.53 -19.72 42.21
N GLU A 430 -16.18 -20.38 43.16
CA GLU A 430 -15.51 -20.65 44.44
C GLU A 430 -14.30 -21.56 44.23
N LYS A 431 -14.43 -22.59 43.40
CA LYS A 431 -13.29 -23.45 43.12
C LYS A 431 -12.21 -22.72 42.35
N GLN A 432 -12.58 -21.82 41.44
CA GLN A 432 -11.58 -20.99 40.79
C GLN A 432 -10.81 -20.16 41.80
N VAL A 433 -11.54 -19.55 42.75
CA VAL A 433 -10.90 -18.73 43.77
C VAL A 433 -9.93 -19.57 44.59
N LEU A 434 -10.37 -20.77 45.00
CA LEU A 434 -9.51 -21.67 45.76
C LEU A 434 -8.23 -21.97 45.00
N ILE A 435 -8.34 -22.38 43.73
CA ILE A 435 -7.15 -22.83 43.02
C ILE A 435 -6.21 -21.66 42.74
N ILE A 436 -6.76 -20.49 42.40
CA ILE A 436 -5.89 -19.34 42.15
C ILE A 436 -5.23 -18.87 43.43
N TYR A 437 -5.95 -18.90 44.55
CA TYR A 437 -5.34 -18.57 45.84
C TYR A 437 -4.20 -19.54 46.15
N ALA A 438 -4.42 -20.83 45.91
CA ALA A 438 -3.38 -21.81 46.15
C ALA A 438 -2.16 -21.52 45.31
N LEU A 439 -2.34 -21.20 44.03
CA LEU A 439 -1.21 -20.89 43.18
C LEU A 439 -0.47 -19.65 43.66
N THR A 440 -1.20 -18.61 44.05
CA THR A 440 -0.57 -17.35 44.40
C THR A 440 0.06 -17.35 45.79
N ARG A 441 -0.35 -18.26 46.66
CA ARG A 441 0.19 -18.32 48.01
C ARG A 441 1.40 -19.23 48.14
N GLY A 442 1.92 -19.75 47.03
CA GLY A 442 3.12 -20.55 47.07
C GLY A 442 2.95 -21.96 47.57
N PHE A 443 1.71 -22.42 47.76
CA PHE A 443 1.49 -23.78 48.22
C PHE A 443 1.76 -24.82 47.14
N LEU A 444 1.97 -24.40 45.89
CA LEU A 444 2.30 -25.30 44.80
C LEU A 444 3.76 -25.27 44.41
N ASP A 445 4.62 -24.67 45.23
CA ASP A 445 6.02 -24.50 44.85
C ASP A 445 6.74 -25.83 44.67
N ASP A 446 6.40 -26.84 45.46
CA ASP A 446 7.12 -28.11 45.41
C ASP A 446 6.60 -29.07 44.35
N ILE A 447 5.38 -28.88 43.89
CA ILE A 447 4.79 -29.82 42.92
C ILE A 447 5.50 -29.67 41.59
N PRO A 448 5.87 -30.77 40.93
CA PRO A 448 6.46 -30.65 39.59
C PRO A 448 5.45 -30.12 38.59
N VAL A 449 5.98 -29.50 37.53
CA VAL A 449 5.13 -28.82 36.55
C VAL A 449 4.20 -29.81 35.86
N GLU A 450 4.66 -31.04 35.66
CA GLU A 450 3.83 -32.02 34.96
C GLU A 450 2.74 -32.63 35.84
N ASP A 451 2.74 -32.34 37.14
CA ASP A 451 1.73 -32.88 38.04
C ASP A 451 0.75 -31.84 38.56
N VAL A 452 0.85 -30.59 38.12
CA VAL A 452 -0.02 -29.54 38.65
C VAL A 452 -1.47 -29.77 38.23
N ARG A 453 -1.67 -30.25 37.01
CA ARG A 453 -3.03 -30.51 36.54
C ARG A 453 -3.70 -31.59 37.37
N ARG A 454 -2.99 -32.69 37.64
CA ARG A 454 -3.55 -33.72 38.50
C ARG A 454 -3.73 -33.20 39.91
N PHE A 455 -2.83 -32.32 40.36
CA PHE A 455 -3.00 -31.70 41.67
C PHE A 455 -4.33 -30.97 41.75
N GLU A 456 -4.62 -30.16 40.74
CA GLU A 456 -5.88 -29.40 40.72
C GLU A 456 -7.07 -30.35 40.67
N LYS A 457 -6.98 -31.41 39.84
CA LYS A 457 -8.08 -32.34 39.73
C LYS A 457 -8.37 -33.05 41.05
N GLU A 458 -7.32 -33.44 41.77
CA GLU A 458 -7.52 -34.07 43.08
C GLU A 458 -8.00 -33.04 44.10
N PHE A 459 -7.54 -31.80 43.97
CA PHE A 459 -7.89 -30.77 44.94
C PHE A 459 -9.37 -30.43 44.87
N TYR A 460 -9.95 -30.46 43.66
CA TYR A 460 -11.39 -30.23 43.55
C TYR A 460 -12.17 -31.29 44.32
N LEU A 461 -11.78 -32.55 44.17
CA LEU A 461 -12.46 -33.63 44.90
C LEU A 461 -12.25 -33.48 46.40
N PHE A 462 -11.05 -33.11 46.82
CA PHE A 462 -10.81 -32.91 48.25
C PHE A 462 -11.68 -31.78 48.78
N LEU A 463 -11.86 -30.72 47.99
CA LEU A 463 -12.77 -29.66 48.40
C LEU A 463 -14.19 -30.17 48.55
N ASP A 464 -14.70 -30.89 47.54
CA ASP A 464 -16.04 -31.47 47.67
C ASP A 464 -16.16 -32.38 48.88
N GLN A 465 -15.07 -33.02 49.30
CA GLN A 465 -15.15 -33.97 50.40
C GLN A 465 -15.02 -33.32 51.77
N ASN A 466 -14.26 -32.23 51.89
CA ASN A 466 -14.00 -31.64 53.20
C ASN A 466 -14.32 -30.16 53.33
N GLY A 467 -14.06 -29.35 52.32
CA GLY A 467 -14.20 -27.92 52.47
C GLY A 467 -15.58 -27.37 52.24
N GLN A 468 -16.62 -28.08 52.67
CA GLN A 468 -17.98 -27.58 52.49
C GLN A 468 -18.16 -26.27 53.23
N HIS A 469 -17.56 -26.13 54.41
CA HIS A 469 -17.66 -24.88 55.15
C HIS A 469 -17.07 -23.72 54.36
N LEU A 470 -15.88 -23.89 53.80
CA LEU A 470 -15.27 -22.81 53.03
C LEU A 470 -16.08 -22.51 51.78
N LEU A 471 -16.52 -23.54 51.07
CA LEU A 471 -17.25 -23.33 49.82
C LEU A 471 -18.57 -22.63 50.08
N GLU A 472 -19.29 -23.04 51.11
CA GLU A 472 -20.54 -22.35 51.47
C GLU A 472 -20.27 -20.94 51.95
N HIS A 473 -19.18 -20.73 52.69
CA HIS A 473 -18.83 -19.40 53.14
C HIS A 473 -18.62 -18.46 51.97
N ILE A 474 -17.89 -18.92 50.96
CA ILE A 474 -17.67 -18.10 49.77
C ILE A 474 -18.98 -17.91 49.02
N ARG A 475 -19.71 -19.00 48.80
CA ARG A 475 -20.94 -18.95 48.00
C ARG A 475 -21.98 -18.05 48.65
N THR A 476 -21.88 -17.82 49.95
CA THR A 476 -22.82 -16.93 50.62
C THR A 476 -22.32 -15.49 50.72
N THR A 477 -21.13 -15.29 51.28
CA THR A 477 -20.68 -13.95 51.61
C THR A 477 -19.89 -13.28 50.49
N LYS A 478 -19.51 -14.01 49.44
CA LYS A 478 -18.69 -13.51 48.35
C LYS A 478 -17.34 -12.98 48.81
N ASP A 479 -16.83 -13.48 49.94
CA ASP A 479 -15.54 -13.07 50.47
C ASP A 479 -14.71 -14.31 50.79
N LEU A 480 -13.39 -14.09 50.90
CA LEU A 480 -12.49 -15.18 51.23
C LEU A 480 -12.72 -15.66 52.67
N PRO A 481 -12.44 -16.93 52.95
CA PRO A 481 -12.59 -17.44 54.31
C PRO A 481 -11.36 -17.10 55.16
N ASN A 482 -11.35 -17.67 56.37
CA ASN A 482 -10.25 -17.44 57.29
C ASN A 482 -8.94 -17.95 56.70
N GLU A 483 -7.89 -17.12 56.81
CA GLU A 483 -6.62 -17.44 56.20
C GLU A 483 -6.01 -18.71 56.80
N ASP A 484 -5.96 -18.79 58.13
CA ASP A 484 -5.35 -19.94 58.77
C ASP A 484 -6.14 -21.21 58.51
N ASP A 485 -7.47 -21.12 58.55
CA ASP A 485 -8.31 -22.28 58.25
C ASP A 485 -8.05 -22.79 56.84
N LEU A 486 -7.99 -21.85 55.88
CA LEU A 486 -7.78 -22.24 54.49
C LEU A 486 -6.41 -22.87 54.30
N ASN A 487 -5.39 -22.29 54.95
CA ASN A 487 -4.04 -22.83 54.83
C ASN A 487 -3.93 -24.21 55.45
N LYS A 488 -4.58 -24.43 56.60
CA LYS A 488 -4.52 -25.76 57.20
C LYS A 488 -5.29 -26.77 56.36
N ALA A 489 -6.37 -26.35 55.70
CA ALA A 489 -7.09 -27.26 54.83
C ALA A 489 -6.22 -27.68 53.64
N ILE A 490 -5.53 -26.73 53.01
CA ILE A 490 -4.70 -27.09 51.87
C ILE A 490 -3.50 -27.92 52.32
N GLU A 491 -2.98 -27.66 53.53
CA GLU A 491 -1.88 -28.46 54.04
C GLU A 491 -2.34 -29.89 54.32
N ALA A 492 -3.54 -30.06 54.85
CA ALA A 492 -4.10 -31.39 55.05
C ALA A 492 -4.23 -32.11 53.71
N PHE A 493 -4.66 -31.40 52.68
CA PHE A 493 -4.73 -32.02 51.35
C PHE A 493 -3.34 -32.42 50.86
N LYS A 494 -2.35 -31.55 51.04
CA LYS A 494 -1.00 -31.85 50.58
C LYS A 494 -0.43 -33.05 51.29
N LYS A 495 -0.83 -33.27 52.54
CA LYS A 495 -0.42 -34.48 53.24
C LYS A 495 -0.91 -35.73 52.51
N THR A 496 -2.12 -35.71 51.98
CA THR A 496 -2.67 -36.86 51.29
C THR A 496 -2.25 -36.95 49.83
N PHE A 497 -1.77 -35.87 49.24
CA PHE A 497 -1.30 -35.92 47.87
C PHE A 497 0.02 -36.67 47.77
N VAL A 498 0.22 -37.35 46.64
CA VAL A 498 1.44 -38.10 46.36
C VAL A 498 2.01 -37.60 45.04
N VAL A 499 3.31 -37.32 45.00
CA VAL A 499 3.96 -36.80 43.82
C VAL A 499 4.32 -37.94 42.89
N SER A 500 4.13 -37.75 41.59
CA SER A 500 4.55 -38.73 40.60
C SER A 500 5.82 -38.25 39.88
N GLN B 23 -40.69 35.03 -24.66
CA GLN B 23 -39.65 35.89 -24.11
C GLN B 23 -38.77 35.11 -23.14
N VAL B 24 -37.83 34.36 -23.69
CA VAL B 24 -36.90 33.58 -22.88
C VAL B 24 -35.48 33.82 -23.36
N SER B 25 -35.30 34.86 -24.20
CA SER B 25 -33.97 35.14 -24.74
C SER B 25 -33.01 35.57 -23.65
N ASP B 26 -33.40 36.53 -22.82
CA ASP B 26 -32.56 37.04 -21.75
C ASP B 26 -33.20 36.88 -20.38
N VAL B 27 -34.16 35.97 -20.24
CA VAL B 27 -34.76 35.66 -18.95
C VAL B 27 -34.77 34.14 -18.80
N GLY B 28 -34.43 33.67 -17.60
CA GLY B 28 -34.36 32.25 -17.36
C GLY B 28 -35.26 31.79 -16.23
N THR B 29 -35.13 30.52 -15.84
CA THR B 29 -35.91 29.96 -14.76
C THR B 29 -35.16 28.76 -14.20
N VAL B 30 -34.98 28.76 -12.88
CA VAL B 30 -34.21 27.70 -12.24
C VAL B 30 -35.01 26.40 -12.26
N ILE B 31 -34.36 25.30 -12.58
CA ILE B 31 -35.01 23.99 -12.53
C ILE B 31 -34.53 23.17 -11.34
N GLN B 32 -33.22 23.19 -11.05
CA GLN B 32 -32.65 22.42 -9.96
C GLN B 32 -31.72 23.31 -9.14
N VAL B 33 -31.68 23.05 -7.84
CA VAL B 33 -30.75 23.72 -6.94
C VAL B 33 -30.14 22.68 -6.02
N GLY B 34 -28.84 22.80 -5.76
CA GLY B 34 -28.21 21.90 -4.82
C GLY B 34 -26.70 22.05 -4.69
N ASP B 35 -26.22 22.05 -3.45
CA ASP B 35 -24.80 22.09 -3.12
C ASP B 35 -24.06 23.25 -3.78
N GLY B 36 -24.78 24.28 -4.20
CA GLY B 36 -24.14 25.45 -4.78
C GLY B 36 -24.18 25.53 -6.30
N ILE B 37 -24.79 24.57 -6.97
CA ILE B 37 -24.89 24.58 -8.43
C ILE B 37 -26.35 24.44 -8.82
N ALA B 38 -26.75 25.16 -9.86
CA ALA B 38 -28.12 25.20 -10.30
C ALA B 38 -28.19 25.04 -11.81
N ARG B 39 -29.36 24.63 -12.29
CA ARG B 39 -29.60 24.38 -13.69
C ARG B 39 -30.85 25.12 -14.11
N ALA B 40 -30.75 25.90 -15.19
CA ALA B 40 -31.79 26.86 -15.55
C ALA B 40 -32.30 26.61 -16.95
N HIS B 41 -33.54 27.02 -17.19
CA HIS B 41 -34.20 26.89 -18.47
C HIS B 41 -34.27 28.25 -19.16
N GLY B 42 -34.05 28.24 -20.48
CA GLY B 42 -34.07 29.47 -21.24
C GLY B 42 -32.68 30.03 -21.47
N LEU B 43 -32.57 31.36 -21.43
CA LEU B 43 -31.29 32.05 -21.67
C LEU B 43 -30.69 31.61 -23.01
N ASP B 44 -31.43 31.86 -24.08
CA ASP B 44 -30.98 31.41 -25.39
C ASP B 44 -29.73 32.14 -25.85
N ASN B 45 -29.58 33.41 -25.50
CA ASN B 45 -28.49 34.23 -26.00
C ASN B 45 -27.35 34.40 -25.00
N VAL B 46 -27.38 33.69 -23.87
CA VAL B 46 -26.29 33.81 -22.92
C VAL B 46 -25.03 33.20 -23.51
N MET B 47 -23.90 33.81 -23.19
CA MET B 47 -22.60 33.31 -23.62
C MET B 47 -21.91 32.56 -22.49
N SER B 48 -21.01 31.65 -22.87
CA SER B 48 -20.28 30.87 -21.88
C SER B 48 -19.43 31.79 -21.01
N GLY B 49 -19.47 31.55 -19.71
CA GLY B 49 -18.73 32.38 -18.78
C GLY B 49 -19.37 33.70 -18.41
N GLU B 50 -20.61 33.93 -18.83
CA GLU B 50 -21.28 35.19 -18.53
C GLU B 50 -21.77 35.21 -17.09
N LEU B 51 -21.83 36.40 -16.51
CA LEU B 51 -22.52 36.59 -15.24
C LEU B 51 -24.02 36.47 -15.42
N VAL B 52 -24.67 35.85 -14.45
CA VAL B 52 -26.13 35.83 -14.37
C VAL B 52 -26.51 36.21 -12.95
N GLU B 53 -27.62 36.93 -12.83
CA GLU B 53 -28.08 37.43 -11.54
C GLU B 53 -29.41 36.79 -11.20
N PHE B 54 -29.49 36.21 -10.01
CA PHE B 54 -30.75 35.61 -9.56
C PHE B 54 -31.70 36.69 -9.08
N ALA B 55 -32.88 36.26 -8.62
CA ALA B 55 -33.89 37.20 -8.14
C ALA B 55 -33.43 37.93 -6.90
N ASN B 56 -32.77 37.24 -5.96
CA ASN B 56 -32.39 37.86 -4.70
C ASN B 56 -31.16 38.74 -4.82
N GLY B 57 -30.40 38.64 -5.89
CA GLY B 57 -29.20 39.44 -6.07
C GLY B 57 -27.90 38.67 -6.04
N VAL B 58 -27.93 37.36 -5.80
CA VAL B 58 -26.70 36.58 -5.81
C VAL B 58 -26.27 36.32 -7.24
N MET B 59 -25.00 36.58 -7.53
CA MET B 59 -24.47 36.41 -8.87
C MET B 59 -24.24 34.94 -9.18
N GLY B 60 -24.11 34.65 -10.47
CA GLY B 60 -23.86 33.29 -10.91
C GLY B 60 -23.08 33.27 -12.21
N MET B 61 -22.44 32.13 -12.46
CA MET B 61 -21.61 31.93 -13.63
C MET B 61 -22.20 30.85 -14.50
N ALA B 62 -22.32 31.11 -15.80
CA ALA B 62 -22.85 30.12 -16.74
C ALA B 62 -21.69 29.32 -17.32
N LEU B 63 -21.67 28.02 -17.05
CA LEU B 63 -20.59 27.16 -17.51
C LEU B 63 -20.97 26.31 -18.72
N ASN B 64 -22.00 25.49 -18.57
CA ASN B 64 -22.32 24.47 -19.57
C ASN B 64 -23.56 24.89 -20.34
N LEU B 65 -23.37 25.32 -21.58
CA LEU B 65 -24.48 25.69 -22.45
C LEU B 65 -24.92 24.44 -23.20
N GLU B 66 -25.72 23.62 -22.54
CA GLU B 66 -26.25 22.42 -23.19
C GLU B 66 -27.47 22.78 -24.04
N GLU B 67 -28.00 21.77 -24.72
CA GLU B 67 -29.05 22.00 -25.71
C GLU B 67 -30.32 22.54 -25.08
N ASN B 68 -30.68 22.06 -23.89
CA ASN B 68 -31.95 22.41 -23.29
C ASN B 68 -31.86 23.26 -22.04
N ASN B 69 -30.69 23.31 -21.37
CA ASN B 69 -30.59 24.03 -20.12
C ASN B 69 -29.16 24.51 -19.92
N VAL B 70 -28.98 25.41 -18.97
CA VAL B 70 -27.70 26.05 -18.70
C VAL B 70 -27.23 25.64 -17.31
N GLY B 71 -25.99 25.20 -17.22
CA GLY B 71 -25.39 24.91 -15.92
C GLY B 71 -24.86 26.18 -15.31
N ILE B 72 -25.32 26.49 -14.10
CA ILE B 72 -25.00 27.75 -13.43
C ILE B 72 -24.30 27.46 -12.12
N VAL B 73 -23.15 28.11 -11.91
CA VAL B 73 -22.40 28.02 -10.67
C VAL B 73 -22.73 29.24 -9.82
N ILE B 74 -23.19 29.00 -8.60
CA ILE B 74 -23.65 30.06 -7.72
C ILE B 74 -22.46 30.58 -6.91
N LEU B 75 -22.34 31.91 -6.83
CA LEU B 75 -21.22 32.55 -6.17
C LEU B 75 -21.62 33.13 -4.82
N GLY B 76 -22.48 32.45 -4.07
CA GLY B 76 -22.88 32.92 -2.77
C GLY B 76 -23.79 31.96 -2.04
N PRO B 77 -24.49 32.45 -1.02
CA PRO B 77 -25.42 31.59 -0.28
C PRO B 77 -26.57 31.12 -1.13
N TYR B 78 -26.63 29.81 -1.39
CA TYR B 78 -27.66 29.26 -2.26
C TYR B 78 -28.95 28.92 -1.52
N THR B 79 -29.02 29.14 -0.21
CA THR B 79 -30.22 28.79 0.54
C THR B 79 -31.42 29.60 0.09
N GLY B 80 -31.22 30.87 -0.23
CA GLY B 80 -32.31 31.72 -0.65
C GLY B 80 -32.78 31.52 -2.07
N ILE B 81 -32.19 30.57 -2.79
CA ILE B 81 -32.57 30.27 -4.16
C ILE B 81 -33.43 29.02 -4.16
N LYS B 82 -34.59 29.10 -4.81
CA LYS B 82 -35.51 27.99 -4.89
C LYS B 82 -35.87 27.75 -6.34
N GLU B 83 -36.35 26.54 -6.63
CA GLU B 83 -36.83 26.21 -7.96
C GLU B 83 -37.96 27.16 -8.35
N GLY B 84 -37.91 27.64 -9.59
CA GLY B 84 -38.89 28.59 -10.08
C GLY B 84 -38.44 30.03 -10.11
N ASP B 85 -37.34 30.36 -9.43
CA ASP B 85 -36.84 31.73 -9.48
C ASP B 85 -36.32 32.06 -10.87
N GLU B 86 -36.61 33.27 -11.33
CA GLU B 86 -36.14 33.68 -12.65
C GLU B 86 -34.69 34.11 -12.58
N VAL B 87 -33.97 33.88 -13.68
CA VAL B 87 -32.58 34.28 -13.81
C VAL B 87 -32.46 35.16 -15.04
N ARG B 88 -31.73 36.26 -14.91
CA ARG B 88 -31.63 37.22 -15.99
C ARG B 88 -30.18 37.48 -16.32
N ARG B 89 -29.94 37.79 -17.60
CA ARG B 89 -28.59 38.04 -18.08
C ARG B 89 -28.05 39.36 -17.51
N THR B 90 -26.74 39.49 -17.57
CA THR B 90 -26.08 40.73 -17.25
C THR B 90 -25.26 41.30 -18.41
N GLY B 91 -24.93 40.49 -19.40
CA GLY B 91 -24.18 40.96 -20.56
C GLY B 91 -22.70 41.11 -20.36
N ARG B 92 -22.17 40.67 -19.22
CA ARG B 92 -20.76 40.84 -18.90
C ARG B 92 -20.13 39.48 -18.63
N ILE B 93 -18.98 39.22 -19.27
CA ILE B 93 -18.19 38.07 -18.87
C ILE B 93 -17.67 38.31 -17.46
N MET B 94 -17.51 37.22 -16.70
CA MET B 94 -17.16 37.29 -15.28
C MET B 94 -16.05 38.29 -15.03
N GLU B 95 -16.37 39.32 -14.24
CA GLU B 95 -15.50 40.49 -14.09
C GLU B 95 -15.43 40.88 -12.63
N VAL B 96 -14.35 41.57 -12.28
CA VAL B 96 -14.18 42.11 -10.94
C VAL B 96 -13.74 43.56 -11.02
N PRO B 97 -14.21 44.43 -10.14
CA PRO B 97 -13.76 45.84 -10.19
C PRO B 97 -12.32 45.98 -9.76
N VAL B 98 -11.67 47.00 -10.32
CA VAL B 98 -10.26 47.29 -10.05
C VAL B 98 -10.09 48.78 -9.83
N GLY B 99 -8.89 49.17 -9.41
CA GLY B 99 -8.58 50.57 -9.22
C GLY B 99 -7.76 50.85 -7.99
N GLU B 100 -7.23 52.07 -7.90
CA GLU B 100 -6.43 52.45 -6.73
C GLU B 100 -7.28 52.56 -5.49
N ALA B 101 -8.58 52.85 -5.64
CA ALA B 101 -9.45 53.01 -4.49
C ALA B 101 -9.59 51.73 -3.69
N LEU B 102 -9.22 50.59 -4.27
CA LEU B 102 -9.30 49.32 -3.58
C LEU B 102 -8.13 49.11 -2.61
N ILE B 103 -7.13 49.99 -2.63
CA ILE B 103 -5.94 49.81 -1.80
C ILE B 103 -6.27 50.10 -0.36
N GLY B 104 -5.86 49.21 0.54
CA GLY B 104 -6.13 49.35 1.95
C GLY B 104 -7.44 48.75 2.40
N ARG B 105 -8.22 48.18 1.49
CA ARG B 105 -9.51 47.61 1.81
C ARG B 105 -9.42 46.10 1.95
N VAL B 106 -10.45 45.51 2.55
CA VAL B 106 -10.61 44.06 2.63
C VAL B 106 -11.88 43.70 1.88
N VAL B 107 -11.76 42.86 0.85
CA VAL B 107 -12.86 42.54 -0.03
C VAL B 107 -12.96 41.03 -0.23
N ASN B 108 -14.13 40.60 -0.67
CA ASN B 108 -14.38 39.21 -1.05
C ASN B 108 -13.97 39.03 -2.51
N PRO B 109 -13.94 37.80 -3.01
CA PRO B 109 -13.49 37.59 -4.40
C PRO B 109 -14.35 38.30 -5.44
N LEU B 110 -15.55 38.73 -5.11
CA LEU B 110 -16.36 39.52 -6.05
C LEU B 110 -16.10 41.01 -5.94
N GLY B 111 -15.18 41.42 -5.07
CA GLY B 111 -14.88 42.84 -4.93
C GLY B 111 -15.81 43.61 -4.03
N GLN B 112 -16.61 42.93 -3.22
CA GLN B 112 -17.50 43.66 -2.33
C GLN B 112 -16.80 43.91 -0.99
N PRO B 113 -16.88 45.13 -0.47
CA PRO B 113 -16.15 45.45 0.76
C PRO B 113 -16.72 44.70 1.96
N VAL B 114 -15.84 44.05 2.71
CA VAL B 114 -16.25 43.29 3.89
C VAL B 114 -15.73 43.92 5.18
N ASP B 115 -14.76 44.84 5.11
CA ASP B 115 -14.26 45.48 6.31
C ASP B 115 -15.28 46.39 6.99
N GLY B 116 -16.37 46.73 6.31
CA GLY B 116 -17.41 47.54 6.90
C GLY B 116 -17.15 49.02 6.92
N LEU B 117 -16.21 49.52 6.12
CA LEU B 117 -15.89 50.94 6.08
C LEU B 117 -16.65 51.70 5.01
N GLY B 118 -17.52 51.05 4.25
CA GLY B 118 -18.29 51.73 3.24
C GLY B 118 -18.00 51.21 1.84
N PRO B 119 -18.63 51.82 0.84
CA PRO B 119 -18.44 51.37 -0.54
C PRO B 119 -17.08 51.77 -1.09
N VAL B 120 -16.76 51.20 -2.24
CA VAL B 120 -15.47 51.41 -2.90
C VAL B 120 -15.73 52.15 -4.21
N GLU B 121 -15.14 53.32 -4.37
CA GLU B 121 -15.39 54.16 -5.53
C GLU B 121 -14.55 53.77 -6.75
N THR B 122 -14.60 52.50 -7.16
CA THR B 122 -13.92 52.09 -8.37
C THR B 122 -14.79 52.39 -9.59
N THR B 123 -14.15 52.40 -10.76
CA THR B 123 -14.86 52.71 -12.00
C THR B 123 -14.40 51.85 -13.17
N GLU B 124 -13.49 50.91 -12.95
CA GLU B 124 -12.97 50.08 -14.03
C GLU B 124 -13.07 48.61 -13.62
N THR B 125 -13.22 47.75 -14.63
CA THR B 125 -13.31 46.31 -14.40
C THR B 125 -12.41 45.57 -15.37
N ARG B 126 -11.99 44.40 -14.96
CA ARG B 126 -11.18 43.50 -15.77
C ARG B 126 -11.82 42.11 -15.76
N PRO B 127 -11.66 41.35 -16.83
CA PRO B 127 -12.18 39.98 -16.84
C PRO B 127 -11.42 39.08 -15.88
N ILE B 128 -12.16 38.12 -15.31
CA ILE B 128 -11.52 37.12 -14.45
C ILE B 128 -10.58 36.26 -15.26
N GLU B 129 -10.98 35.84 -16.46
CA GLU B 129 -10.14 35.04 -17.34
C GLU B 129 -9.54 35.94 -18.41
N SER B 130 -8.21 35.93 -18.51
CA SER B 130 -7.49 36.78 -19.43
C SER B 130 -6.26 36.03 -19.92
N PRO B 131 -5.82 36.24 -21.15
CA PRO B 131 -4.62 35.56 -21.64
C PRO B 131 -3.34 36.10 -21.01
N ALA B 132 -2.38 35.21 -20.83
CA ALA B 132 -1.09 35.61 -20.30
C ALA B 132 -0.25 36.30 -21.37
N PRO B 133 0.74 37.10 -20.98
CA PRO B 133 1.64 37.69 -21.98
C PRO B 133 2.43 36.63 -22.71
N GLY B 134 2.71 36.90 -23.98
CA GLY B 134 3.34 35.92 -24.85
C GLY B 134 4.85 35.87 -24.71
N VAL B 135 5.47 35.13 -25.63
CA VAL B 135 6.93 34.97 -25.61
C VAL B 135 7.61 36.31 -25.85
N MET B 136 7.11 37.08 -26.81
CA MET B 136 7.73 38.35 -27.16
C MET B 136 7.36 39.48 -26.21
N ASP B 137 6.47 39.23 -25.26
CA ASP B 137 6.07 40.27 -24.31
C ASP B 137 6.97 40.33 -23.09
N ARG B 138 7.68 39.24 -22.78
CA ARG B 138 8.41 39.16 -21.53
C ARG B 138 9.88 39.53 -21.72
N ARG B 139 10.52 39.86 -20.61
CA ARG B 139 11.93 40.21 -20.57
C ARG B 139 12.57 39.43 -19.42
N SER B 140 13.86 39.14 -19.55
CA SER B 140 14.54 38.31 -18.56
C SER B 140 14.51 38.96 -17.18
N VAL B 141 14.28 38.14 -16.16
CA VAL B 141 14.22 38.64 -14.79
C VAL B 141 15.60 39.12 -14.36
N HIS B 142 15.70 40.38 -13.94
CA HIS B 142 16.98 40.95 -13.61
C HIS B 142 16.97 41.84 -12.37
N GLU B 143 15.85 41.93 -11.65
CA GLU B 143 15.85 42.79 -10.47
C GLU B 143 15.71 41.98 -9.20
N PRO B 144 16.32 42.42 -8.11
CA PRO B 144 16.18 41.68 -6.85
C PRO B 144 14.92 42.08 -6.10
N LEU B 145 14.29 41.10 -5.47
CA LEU B 145 13.19 41.32 -4.54
C LEU B 145 13.70 41.05 -3.14
N GLN B 146 13.74 42.08 -2.31
CA GLN B 146 14.33 41.99 -0.98
C GLN B 146 13.27 41.53 0.02
N THR B 147 13.56 40.43 0.71
CA THR B 147 12.66 39.93 1.73
C THR B 147 13.15 40.19 3.15
N GLY B 148 14.46 40.30 3.33
CA GLY B 148 15.02 40.49 4.65
C GLY B 148 15.26 39.22 5.44
N ILE B 149 15.00 38.05 4.86
CA ILE B 149 15.26 36.78 5.51
C ILE B 149 16.57 36.24 4.96
N LYS B 150 17.50 35.89 5.87
CA LYS B 150 18.85 35.54 5.46
C LYS B 150 18.84 34.33 4.52
N ALA B 151 18.13 33.27 4.88
CA ALA B 151 18.19 32.05 4.09
C ALA B 151 17.65 32.27 2.68
N ILE B 152 16.47 32.88 2.58
CA ILE B 152 15.89 33.16 1.27
C ILE B 152 16.85 34.03 0.46
N ASP B 153 17.18 35.22 0.97
CA ASP B 153 17.98 36.16 0.20
C ASP B 153 19.39 35.63 -0.05
N ALA B 154 19.79 34.57 0.66
CA ALA B 154 21.14 34.05 0.53
C ALA B 154 21.22 32.93 -0.49
N LEU B 155 20.48 31.84 -0.26
CA LEU B 155 20.61 30.69 -1.15
C LEU B 155 19.37 30.36 -1.96
N VAL B 156 18.25 31.06 -1.77
CA VAL B 156 17.11 30.91 -2.68
C VAL B 156 16.65 32.30 -3.08
N PRO B 157 17.39 32.99 -3.95
CA PRO B 157 17.02 34.36 -4.29
C PRO B 157 15.71 34.42 -5.06
N ILE B 158 14.99 35.52 -4.86
CA ILE B 158 13.73 35.79 -5.54
C ILE B 158 13.87 37.08 -6.33
N GLY B 159 13.49 37.04 -7.60
CA GLY B 159 13.55 38.23 -8.44
C GLY B 159 12.17 38.73 -8.82
N ARG B 160 12.09 39.96 -9.31
CA ARG B 160 10.81 40.51 -9.73
C ARG B 160 10.35 39.83 -11.02
N GLY B 161 9.11 39.35 -11.03
CA GLY B 161 8.62 38.54 -12.11
C GLY B 161 8.81 37.05 -11.92
N GLN B 162 9.43 36.63 -10.82
CA GLN B 162 9.59 35.22 -10.52
C GLN B 162 8.35 34.68 -9.83
N ARG B 163 8.15 33.38 -9.96
CA ARG B 163 7.14 32.66 -9.17
C ARG B 163 7.85 31.66 -8.28
N GLU B 164 7.51 31.64 -7.00
CA GLU B 164 8.27 30.90 -6.01
C GLU B 164 7.33 30.43 -4.92
N LEU B 165 7.08 29.13 -4.84
CA LEU B 165 6.16 28.63 -3.82
C LEU B 165 6.89 28.34 -2.53
N ILE B 166 6.15 28.43 -1.42
CA ILE B 166 6.62 28.04 -0.11
C ILE B 166 5.82 26.81 0.30
N ILE B 167 6.52 25.70 0.51
CA ILE B 167 5.88 24.40 0.69
C ILE B 167 6.34 23.81 2.02
N GLY B 168 5.38 23.36 2.82
CA GLY B 168 5.68 22.80 4.12
C GLY B 168 4.43 22.37 4.82
N ASP B 169 4.62 21.71 5.96
CA ASP B 169 3.49 21.22 6.74
C ASP B 169 2.77 22.37 7.43
N ARG B 170 1.75 22.04 8.20
CA ARG B 170 1.02 23.04 8.95
C ARG B 170 1.83 23.50 10.15
N GLN B 171 1.60 24.76 10.55
CA GLN B 171 2.31 25.39 11.66
C GLN B 171 3.82 25.33 11.42
N THR B 172 4.25 26.01 10.36
CA THR B 172 5.65 25.98 9.96
C THR B 172 6.11 27.39 9.56
N GLY B 173 5.23 28.38 9.75
CA GLY B 173 5.60 29.76 9.54
C GLY B 173 5.52 30.26 8.11
N LYS B 174 4.73 29.61 7.25
CA LYS B 174 4.56 30.11 5.88
C LYS B 174 3.93 31.50 5.90
N THR B 175 2.89 31.67 6.71
CA THR B 175 2.23 32.97 6.80
C THR B 175 3.19 34.03 7.33
N SER B 176 4.01 33.66 8.32
CA SER B 176 4.98 34.60 8.85
C SER B 176 6.00 35.01 7.80
N VAL B 177 6.47 34.04 7.00
CA VAL B 177 7.41 34.36 5.93
C VAL B 177 6.79 35.34 4.95
N ALA B 178 5.55 35.06 4.54
CA ALA B 178 4.88 35.94 3.58
C ALA B 178 4.66 37.34 4.14
N ILE B 179 4.25 37.43 5.41
CA ILE B 179 3.97 38.74 6.00
C ILE B 179 5.26 39.53 6.16
N ASP B 180 6.35 38.86 6.55
CA ASP B 180 7.64 39.54 6.59
C ASP B 180 8.04 40.06 5.22
N THR B 181 7.83 39.24 4.19
CA THR B 181 8.15 39.66 2.84
C THR B 181 7.35 40.90 2.44
N ILE B 182 6.05 40.90 2.76
CA ILE B 182 5.21 42.03 2.40
C ILE B 182 5.64 43.28 3.15
N ILE B 183 5.96 43.14 4.44
CA ILE B 183 6.33 44.30 5.25
C ILE B 183 7.65 44.89 4.78
N ASN B 184 8.62 44.03 4.41
CA ASN B 184 9.92 44.52 4.01
C ASN B 184 9.87 45.37 2.74
N GLN B 185 8.78 45.28 1.97
CA GLN B 185 8.62 46.14 0.79
C GLN B 185 8.16 47.54 1.14
N LYS B 186 8.23 47.93 2.42
CA LYS B 186 7.72 49.23 2.83
C LYS B 186 8.42 50.39 2.13
N ASP B 187 9.74 50.33 2.02
CA ASP B 187 10.48 51.43 1.41
C ASP B 187 10.33 51.47 -0.10
N GLN B 188 10.34 50.31 -0.76
CA GLN B 188 10.31 50.26 -2.21
C GLN B 188 8.93 50.65 -2.72
N ASN B 189 8.88 51.06 -3.99
CA ASN B 189 7.63 51.42 -4.65
C ASN B 189 7.02 50.15 -5.25
N MET B 190 6.28 49.44 -4.41
CA MET B 190 5.67 48.17 -4.81
C MET B 190 4.28 48.06 -4.20
N ILE B 191 3.39 47.37 -4.89
CA ILE B 191 2.04 47.08 -4.42
C ILE B 191 2.01 45.64 -3.93
N SER B 192 1.19 45.38 -2.91
CA SER B 192 1.09 44.04 -2.34
C SER B 192 -0.36 43.63 -2.25
N ILE B 193 -0.63 42.37 -2.58
CA ILE B 193 -1.96 41.79 -2.49
C ILE B 193 -1.86 40.48 -1.74
N TYR B 194 -2.70 40.32 -0.71
CA TYR B 194 -2.74 39.10 0.08
C TYR B 194 -4.07 38.42 -0.17
N VAL B 195 -4.03 37.17 -0.62
CA VAL B 195 -5.23 36.41 -0.96
C VAL B 195 -5.25 35.20 -0.04
N ALA B 196 -6.22 35.14 0.86
CA ALA B 196 -6.38 34.01 1.76
C ALA B 196 -7.54 33.15 1.27
N ILE B 197 -7.26 31.87 1.02
CA ILE B 197 -8.25 30.93 0.53
C ILE B 197 -8.45 29.86 1.58
N GLY B 198 -9.69 29.77 2.09
CA GLY B 198 -10.00 28.72 3.05
C GLY B 198 -9.45 28.94 4.44
N GLN B 199 -8.92 30.12 4.72
CA GLN B 199 -8.37 30.40 6.03
C GLN B 199 -9.49 30.68 7.03
N LYS B 200 -9.12 30.72 8.31
CA LYS B 200 -10.06 31.09 9.35
C LYS B 200 -10.21 32.61 9.41
N GLU B 201 -11.44 33.07 9.63
CA GLU B 201 -11.70 34.50 9.71
C GLU B 201 -10.87 35.17 10.79
N SER B 202 -10.75 34.52 11.95
CA SER B 202 -9.95 35.08 13.03
C SER B 202 -8.50 35.23 12.62
N THR B 203 -7.96 34.23 11.93
CA THR B 203 -6.58 34.32 11.44
C THR B 203 -6.42 35.46 10.46
N VAL B 204 -7.37 35.62 9.54
CA VAL B 204 -7.29 36.73 8.60
C VAL B 204 -7.33 38.07 9.35
N ARG B 205 -8.18 38.16 10.36
CA ARG B 205 -8.28 39.39 11.14
C ARG B 205 -6.97 39.72 11.85
N THR B 206 -6.36 38.72 12.50
CA THR B 206 -5.11 38.97 13.20
C THR B 206 -4.00 39.34 12.23
N VAL B 207 -3.94 38.67 11.08
CA VAL B 207 -2.94 38.99 10.07
C VAL B 207 -3.11 40.43 9.61
N VAL B 208 -4.37 40.83 9.35
CA VAL B 208 -4.64 42.18 8.89
C VAL B 208 -4.26 43.20 9.96
N GLU B 209 -4.47 42.84 11.23
CA GLU B 209 -4.16 43.79 12.29
C GLU B 209 -2.65 43.97 12.45
N THR B 210 -1.87 42.88 12.39
CA THR B 210 -0.43 43.04 12.42
C THR B 210 0.06 43.81 11.20
N LEU B 211 -0.58 43.56 10.05
CA LEU B 211 -0.24 44.27 8.82
C LEU B 211 -0.50 45.77 8.95
N ARG B 212 -1.60 46.14 9.61
CA ARG B 212 -1.86 47.55 9.92
C ARG B 212 -0.81 48.10 10.87
N LYS B 213 -0.46 47.32 11.91
CA LYS B 213 0.46 47.79 12.92
C LYS B 213 1.82 48.12 12.33
N HIS B 214 2.31 47.28 11.43
CA HIS B 214 3.56 47.57 10.74
C HIS B 214 3.39 48.51 9.56
N GLY B 215 2.26 49.22 9.48
CA GLY B 215 2.06 50.22 8.46
C GLY B 215 1.91 49.70 7.05
N ALA B 216 1.61 48.40 6.87
CA ALA B 216 1.58 47.83 5.53
C ALA B 216 0.25 48.02 4.84
N LEU B 217 -0.79 48.47 5.55
CA LEU B 217 -2.08 48.69 4.90
C LEU B 217 -2.05 49.88 3.96
N ASP B 218 -1.01 50.70 4.01
CA ASP B 218 -0.90 51.83 3.10
C ASP B 218 -0.86 51.40 1.64
N TYR B 219 -0.38 50.17 1.37
CA TYR B 219 -0.21 49.72 -0.01
C TYR B 219 -0.61 48.27 -0.21
N THR B 220 -1.48 47.71 0.62
CA THR B 220 -1.83 46.31 0.56
C THR B 220 -3.32 46.13 0.35
N ILE B 221 -3.68 45.23 -0.56
CA ILE B 221 -5.06 44.83 -0.80
C ILE B 221 -5.24 43.42 -0.27
N VAL B 222 -6.30 43.19 0.49
CA VAL B 222 -6.59 41.88 1.07
C VAL B 222 -7.86 41.35 0.44
N VAL B 223 -7.77 40.16 -0.17
CA VAL B 223 -8.91 39.45 -0.72
C VAL B 223 -9.05 38.14 0.04
N THR B 224 -10.19 37.95 0.69
CA THR B 224 -10.37 36.82 1.59
C THR B 224 -11.63 36.04 1.24
N ALA B 225 -11.54 34.72 1.40
CA ALA B 225 -12.68 33.81 1.25
C ALA B 225 -12.53 32.75 2.34
N SER B 226 -13.23 32.94 3.46
CA SER B 226 -13.05 32.09 4.62
C SER B 226 -13.53 30.67 4.33
N ALA B 227 -13.27 29.77 5.28
CA ALA B 227 -13.60 28.37 5.11
C ALA B 227 -15.10 28.12 5.11
N SER B 228 -15.89 29.04 5.65
CA SER B 228 -17.34 28.85 5.67
C SER B 228 -18.00 29.23 4.35
N GLN B 229 -17.27 29.85 3.43
CA GLN B 229 -17.86 30.26 2.17
C GLN B 229 -18.04 29.06 1.25
N PRO B 230 -18.95 29.15 0.28
CA PRO B 230 -19.16 28.04 -0.65
C PRO B 230 -17.96 27.79 -1.53
N ALA B 231 -17.89 26.59 -2.07
CA ALA B 231 -16.75 26.16 -2.88
C ALA B 231 -16.44 27.04 -4.08
N PRO B 232 -17.40 27.57 -4.83
CA PRO B 232 -17.03 28.44 -5.96
C PRO B 232 -16.19 29.64 -5.59
N LEU B 233 -16.45 30.27 -4.44
CA LEU B 233 -15.63 31.41 -4.05
C LEU B 233 -14.19 31.01 -3.76
N LEU B 234 -13.99 29.87 -3.10
CA LEU B 234 -12.64 29.36 -2.91
C LEU B 234 -11.98 29.08 -4.26
N PHE B 235 -12.75 28.53 -5.19
CA PHE B 235 -12.24 28.28 -6.53
C PHE B 235 -11.86 29.57 -7.24
N LEU B 236 -12.54 30.68 -6.91
CA LEU B 236 -12.44 31.88 -7.73
C LEU B 236 -11.44 32.91 -7.18
N ALA B 237 -11.19 32.92 -5.88
CA ALA B 237 -10.43 34.01 -5.27
C ALA B 237 -9.09 34.32 -5.93
N PRO B 238 -8.21 33.36 -6.22
CA PRO B 238 -6.91 33.71 -6.82
C PRO B 238 -7.04 34.45 -8.14
N TYR B 239 -8.05 34.14 -8.94
CA TYR B 239 -8.23 34.85 -10.20
C TYR B 239 -8.54 36.32 -9.96
N ALA B 240 -9.40 36.63 -8.98
CA ALA B 240 -9.66 38.01 -8.64
C ALA B 240 -8.39 38.71 -8.18
N GLY B 241 -7.60 38.02 -7.35
CA GLY B 241 -6.34 38.62 -6.88
C GLY B 241 -5.40 38.94 -8.03
N VAL B 242 -5.21 37.99 -8.94
CA VAL B 242 -4.27 38.22 -10.03
C VAL B 242 -4.81 39.25 -11.00
N ALA B 243 -6.13 39.36 -11.16
CA ALA B 243 -6.68 40.41 -12.02
C ALA B 243 -6.42 41.79 -11.43
N MET B 244 -6.65 41.93 -10.13
CA MET B 244 -6.36 43.20 -9.48
C MET B 244 -4.87 43.53 -9.58
N GLY B 245 -4.01 42.52 -9.52
CA GLY B 245 -2.59 42.77 -9.75
C GLY B 245 -2.28 43.18 -11.17
N GLU B 246 -2.95 42.54 -12.13
CA GLU B 246 -2.73 42.86 -13.55
C GLU B 246 -3.05 44.30 -13.85
N TYR B 247 -4.12 44.81 -13.23
CA TYR B 247 -4.49 46.20 -13.48
C TYR B 247 -3.32 47.14 -13.25
N PHE B 248 -2.59 46.94 -12.15
CA PHE B 248 -1.43 47.77 -11.88
C PHE B 248 -0.24 47.38 -12.74
N MET B 249 -0.06 46.08 -13.00
CA MET B 249 1.11 45.64 -13.75
C MET B 249 1.14 46.25 -15.15
N TYR B 250 0.00 46.22 -15.85
CA TYR B 250 -0.01 46.72 -17.22
C TYR B 250 0.13 48.23 -17.29
N LYS B 251 0.02 48.94 -16.16
CA LYS B 251 0.31 50.36 -16.12
C LYS B 251 1.78 50.67 -15.93
N GLY B 252 2.59 49.69 -15.54
CA GLY B 252 4.01 49.91 -15.34
C GLY B 252 4.49 49.86 -13.91
N LYS B 253 3.65 49.43 -12.97
CA LYS B 253 4.06 49.34 -11.58
C LYS B 253 4.52 47.92 -11.25
N HIS B 254 4.96 47.73 -10.02
CA HIS B 254 5.45 46.44 -9.55
C HIS B 254 4.51 45.89 -8.47
N VAL B 255 4.10 44.64 -8.65
CA VAL B 255 3.04 44.04 -7.85
C VAL B 255 3.53 42.73 -7.25
N LEU B 256 3.20 42.50 -5.98
CA LEU B 256 3.46 41.25 -5.30
C LEU B 256 2.14 40.63 -4.89
N VAL B 257 1.93 39.36 -5.23
CA VAL B 257 0.69 38.65 -4.97
C VAL B 257 1.00 37.39 -4.17
N VAL B 258 0.22 37.13 -3.13
CA VAL B 258 0.39 35.95 -2.28
C VAL B 258 -0.90 35.16 -2.28
N TYR B 259 -0.82 33.89 -2.65
CA TYR B 259 -1.95 32.97 -2.59
C TYR B 259 -1.71 32.05 -1.40
N ASP B 260 -2.68 31.98 -0.50
CA ASP B 260 -2.42 31.36 0.80
C ASP B 260 -2.59 29.85 0.80
N ASP B 261 -3.53 29.29 0.04
CA ASP B 261 -3.58 27.83 -0.08
C ASP B 261 -4.09 27.38 -1.44
N LEU B 262 -3.15 27.15 -2.36
CA LEU B 262 -3.52 26.52 -3.63
C LEU B 262 -4.01 25.11 -3.41
N SER B 263 -3.56 24.45 -2.34
CA SER B 263 -4.10 23.15 -2.00
C SER B 263 -5.58 23.23 -1.65
N LYS B 264 -5.99 24.26 -0.91
CA LYS B 264 -7.41 24.42 -0.61
C LYS B 264 -8.20 24.84 -1.83
N GLN B 265 -7.62 25.65 -2.71
CA GLN B 265 -8.29 25.93 -3.98
C GLN B 265 -8.51 24.64 -4.76
N ALA B 266 -7.50 23.77 -4.79
CA ALA B 266 -7.62 22.50 -5.51
C ALA B 266 -8.68 21.61 -4.89
N ALA B 267 -8.75 21.57 -3.56
CA ALA B 267 -9.78 20.77 -2.90
C ALA B 267 -11.17 21.30 -3.24
N ALA B 268 -11.34 22.62 -3.26
CA ALA B 268 -12.62 23.19 -3.64
C ALA B 268 -12.99 22.86 -5.08
N TYR B 269 -12.01 22.92 -5.99
CA TYR B 269 -12.30 22.60 -7.38
C TYR B 269 -12.64 21.13 -7.55
N ARG B 270 -11.97 20.26 -6.80
CA ARG B 270 -12.31 18.84 -6.81
C ARG B 270 -13.74 18.63 -6.33
N GLU B 271 -14.11 19.35 -5.27
CA GLU B 271 -15.49 19.33 -4.79
C GLU B 271 -16.46 19.73 -5.88
N LEU B 272 -16.18 20.83 -6.57
CA LEU B 272 -17.09 21.31 -7.60
C LEU B 272 -17.18 20.35 -8.77
N SER B 273 -16.06 19.76 -9.19
CA SER B 273 -16.07 18.80 -10.28
C SER B 273 -16.87 17.56 -9.91
N LEU B 274 -16.72 17.08 -8.67
CA LEU B 274 -17.50 15.93 -8.24
C LEU B 274 -18.98 16.25 -8.19
N LEU B 275 -19.35 17.46 -7.74
CA LEU B 275 -20.75 17.86 -7.75
C LEU B 275 -21.27 17.98 -9.17
N LEU B 276 -20.41 18.27 -10.14
CA LEU B 276 -20.82 18.26 -11.54
C LEU B 276 -20.76 16.87 -12.17
N ARG B 277 -20.35 15.86 -11.41
CA ARG B 277 -20.33 14.46 -11.85
C ARG B 277 -19.29 14.20 -12.93
N ARG B 278 -18.23 14.98 -12.96
CA ARG B 278 -17.11 14.67 -13.84
C ARG B 278 -16.27 13.55 -13.24
N PRO B 279 -15.96 12.50 -13.98
CA PRO B 279 -15.19 11.38 -13.42
C PRO B 279 -13.82 11.83 -12.97
N PRO B 280 -13.33 11.28 -11.87
CA PRO B 280 -12.04 11.72 -11.32
C PRO B 280 -10.86 10.92 -11.87
N GLY B 281 -9.67 11.36 -11.49
CA GLY B 281 -8.44 10.69 -11.83
C GLY B 281 -7.63 10.29 -10.60
N ARG B 282 -6.31 10.47 -10.66
CA ARG B 282 -5.47 10.15 -9.52
C ARG B 282 -5.83 11.01 -8.32
N GLU B 283 -5.91 10.36 -7.15
CA GLU B 283 -6.29 11.01 -5.89
C GLU B 283 -7.64 11.71 -6.02
N ALA B 284 -8.50 11.17 -6.89
CA ALA B 284 -9.86 11.67 -7.12
C ALA B 284 -9.89 13.09 -7.67
N TYR B 285 -8.74 13.66 -8.03
CA TYR B 285 -8.74 14.99 -8.63
C TYR B 285 -9.18 14.93 -10.08
N PRO B 286 -9.83 15.97 -10.58
CA PRO B 286 -10.23 15.98 -11.99
C PRO B 286 -9.01 16.08 -12.90
N GLY B 287 -9.23 15.72 -14.16
CA GLY B 287 -8.14 15.65 -15.11
C GLY B 287 -7.51 17.00 -15.44
N ASP B 288 -8.19 18.09 -15.10
CA ASP B 288 -7.72 19.44 -15.42
C ASP B 288 -7.16 20.18 -14.22
N ILE B 289 -6.75 19.47 -13.17
CA ILE B 289 -6.22 20.14 -11.99
C ILE B 289 -4.91 20.83 -12.30
N PHE B 290 -4.10 20.25 -13.19
CA PHE B 290 -2.88 20.94 -13.60
C PHE B 290 -3.18 22.21 -14.36
N TYR B 291 -4.14 22.15 -15.30
CA TYR B 291 -4.51 23.33 -16.05
C TYR B 291 -5.03 24.42 -15.15
N LEU B 292 -5.78 24.05 -14.10
CA LEU B 292 -6.33 25.02 -13.17
C LEU B 292 -5.23 25.90 -12.57
N HIS B 293 -4.13 25.30 -12.14
CA HIS B 293 -3.06 26.07 -11.52
C HIS B 293 -2.15 26.73 -12.54
N SER B 294 -1.93 26.08 -13.69
CA SER B 294 -1.03 26.66 -14.68
C SER B 294 -1.62 27.92 -15.27
N ARG B 295 -2.92 27.90 -15.60
CA ARG B 295 -3.56 29.07 -16.17
C ARG B 295 -3.45 30.27 -15.24
N LEU B 296 -3.38 30.01 -13.93
CA LEU B 296 -3.26 31.09 -12.96
C LEU B 296 -1.83 31.58 -12.83
N LEU B 297 -0.90 30.65 -12.59
CA LEU B 297 0.47 31.05 -12.27
C LEU B 297 1.19 31.60 -13.49
N GLU B 298 0.84 31.14 -14.70
CA GLU B 298 1.52 31.61 -15.89
C GLU B 298 1.26 33.08 -16.17
N ARG B 299 0.30 33.69 -15.49
CA ARG B 299 -0.02 35.10 -15.72
C ARG B 299 1.04 36.03 -15.17
N ALA B 300 1.77 35.62 -14.12
CA ALA B 300 2.83 36.45 -13.58
C ALA B 300 4.05 36.44 -14.49
N ALA B 301 4.61 37.61 -14.72
CA ALA B 301 5.71 37.74 -15.67
C ALA B 301 6.48 39.01 -15.37
N LYS B 302 7.57 39.21 -16.12
CA LYS B 302 8.30 40.46 -16.16
C LYS B 302 8.18 41.04 -17.56
N LEU B 303 7.44 42.13 -17.69
CA LEU B 303 7.17 42.69 -19.01
C LEU B 303 8.39 43.42 -19.56
N SER B 304 8.40 43.60 -20.87
CA SER B 304 9.50 44.25 -21.55
C SER B 304 9.30 45.77 -21.61
N ASP B 305 10.29 46.45 -22.18
CA ASP B 305 10.22 47.90 -22.28
C ASP B 305 9.09 48.35 -23.20
N ALA B 306 8.88 47.62 -24.30
CA ALA B 306 7.80 47.97 -25.20
C ALA B 306 6.43 47.80 -24.55
N LYS B 307 6.32 46.92 -23.55
CA LYS B 307 5.07 46.73 -22.83
C LYS B 307 4.96 47.63 -21.61
N GLY B 308 6.06 48.23 -21.17
CA GLY B 308 6.03 49.14 -20.05
C GLY B 308 6.89 48.76 -18.88
N GLY B 309 7.46 47.56 -18.87
CA GLY B 309 8.39 47.16 -17.83
C GLY B 309 7.78 46.77 -16.51
N GLY B 310 6.46 46.65 -16.42
CA GLY B 310 5.84 46.19 -15.20
C GLY B 310 6.20 44.75 -14.89
N SER B 311 5.93 44.36 -13.64
CA SER B 311 6.27 43.02 -13.21
C SER B 311 5.35 42.61 -12.08
N LEU B 312 5.03 41.32 -12.04
CA LEU B 312 4.15 40.77 -11.03
C LEU B 312 4.82 39.52 -10.46
N THR B 313 4.88 39.43 -9.13
CA THR B 313 5.55 38.33 -8.45
C THR B 313 4.53 37.53 -7.66
N ALA B 314 4.61 36.20 -7.79
CA ALA B 314 3.68 35.30 -7.13
C ALA B 314 4.41 34.42 -6.13
N LEU B 315 3.84 34.28 -4.94
CA LEU B 315 4.37 33.42 -3.89
C LEU B 315 3.26 32.49 -3.41
N PRO B 316 2.92 31.47 -4.20
CA PRO B 316 1.87 30.54 -3.79
C PRO B 316 2.30 29.67 -2.63
N PHE B 317 1.33 29.17 -1.88
CA PHE B 317 1.59 28.24 -0.81
C PHE B 317 0.99 26.88 -1.12
N VAL B 318 1.69 25.82 -0.72
CA VAL B 318 1.20 24.46 -0.83
C VAL B 318 1.44 23.77 0.50
N GLU B 319 0.40 23.12 1.03
CA GLU B 319 0.52 22.40 2.28
C GLU B 319 0.69 20.92 2.00
N THR B 320 1.71 20.32 2.60
CA THR B 320 1.98 18.90 2.43
C THR B 320 1.60 18.13 3.70
N GLN B 321 1.54 16.81 3.56
CA GLN B 321 1.26 15.92 4.67
C GLN B 321 2.49 15.07 4.95
N ALA B 322 3.00 15.16 6.18
CA ALA B 322 4.16 14.38 6.62
C ALA B 322 5.38 14.63 5.75
N GLY B 323 5.46 15.82 5.16
CA GLY B 323 6.58 16.16 4.31
C GLY B 323 6.69 15.39 3.03
N ASP B 324 5.61 14.75 2.58
CA ASP B 324 5.63 13.97 1.34
C ASP B 324 5.63 14.90 0.14
N ILE B 325 6.82 15.22 -0.39
CA ILE B 325 6.94 16.11 -1.52
C ILE B 325 6.56 15.42 -2.83
N SER B 326 6.26 14.13 -2.79
CA SER B 326 5.92 13.36 -3.98
C SER B 326 4.43 13.34 -4.28
N ALA B 327 3.63 14.09 -3.52
CA ALA B 327 2.19 14.07 -3.72
C ALA B 327 1.81 14.79 -5.02
N TYR B 328 0.58 14.49 -5.48
CA TYR B 328 0.15 14.96 -6.79
C TYR B 328 0.14 16.49 -6.87
N ILE B 329 -0.53 17.14 -5.92
CA ILE B 329 -0.61 18.60 -5.96
C ILE B 329 0.76 19.26 -5.76
N PRO B 330 1.58 18.87 -4.79
CA PRO B 330 2.92 19.47 -4.70
C PRO B 330 3.74 19.30 -5.97
N THR B 331 3.70 18.11 -6.59
CA THR B 331 4.45 17.94 -7.83
C THR B 331 3.90 18.83 -8.94
N ASN B 332 2.58 18.95 -9.05
CA ASN B 332 2.00 19.78 -10.08
C ASN B 332 2.41 21.24 -9.90
N VAL B 333 2.40 21.72 -8.66
CA VAL B 333 2.77 23.12 -8.44
C VAL B 333 4.26 23.31 -8.68
N ILE B 334 5.09 22.35 -8.28
CA ILE B 334 6.53 22.47 -8.50
C ILE B 334 6.83 22.53 -9.99
N SER B 335 6.09 21.77 -10.79
CA SER B 335 6.33 21.74 -12.22
C SER B 335 6.00 23.06 -12.92
N ILE B 336 5.34 23.99 -12.24
CA ILE B 336 4.93 25.25 -12.85
C ILE B 336 5.85 26.40 -12.45
N THR B 337 6.04 26.60 -11.15
CA THR B 337 6.74 27.78 -10.66
C THR B 337 8.22 27.72 -11.00
N ASP B 338 8.94 28.76 -10.57
CA ASP B 338 10.36 28.91 -10.86
C ASP B 338 11.26 28.54 -9.68
N GLY B 339 10.78 27.72 -8.77
CA GLY B 339 11.59 27.30 -7.65
C GLY B 339 10.75 27.22 -6.38
N GLN B 340 11.24 26.43 -5.44
CA GLN B 340 10.49 26.17 -4.21
C GLN B 340 11.37 26.41 -3.00
N ILE B 341 10.72 26.77 -1.90
CA ILE B 341 11.35 26.86 -0.59
C ILE B 341 10.68 25.82 0.30
N PHE B 342 11.42 24.80 0.70
CA PHE B 342 10.86 23.69 1.47
C PHE B 342 11.14 23.92 2.94
N LEU B 343 10.08 24.22 3.70
CA LEU B 343 10.16 24.39 5.14
C LEU B 343 9.90 23.04 5.80
N GLN B 344 10.90 22.51 6.49
CA GLN B 344 10.83 21.18 7.07
C GLN B 344 10.37 21.28 8.51
N SER B 345 9.38 20.47 8.87
CA SER B 345 8.89 20.47 10.25
C SER B 345 9.92 19.93 11.21
N ASP B 346 10.71 18.93 10.78
CA ASP B 346 11.77 18.39 11.60
C ASP B 346 12.81 19.46 11.95
N LEU B 347 13.13 20.34 11.01
CA LEU B 347 14.01 21.47 11.28
C LEU B 347 13.32 22.59 12.04
N PHE B 348 12.01 22.76 11.85
CA PHE B 348 11.25 23.73 12.64
C PHE B 348 11.30 23.36 14.11
N PHE B 349 11.16 22.08 14.41
CA PHE B 349 11.43 21.61 15.76
C PHE B 349 12.93 21.67 16.04
N SER B 350 13.29 21.55 17.31
CA SER B 350 14.67 21.60 17.81
C SER B 350 15.28 22.99 17.71
N GLY B 351 14.49 24.03 17.50
CA GLY B 351 14.99 25.39 17.62
C GLY B 351 15.66 25.95 16.39
N VAL B 352 15.78 25.19 15.31
CA VAL B 352 16.32 25.74 14.07
C VAL B 352 15.21 26.54 13.42
N ARG B 353 15.19 27.84 13.69
CA ARG B 353 14.02 28.66 13.42
C ARG B 353 13.60 28.75 11.96
N PRO B 354 14.49 28.99 10.99
CA PRO B 354 14.00 29.11 9.60
C PRO B 354 13.50 27.80 9.01
N ALA B 355 14.12 26.68 9.35
CA ALA B 355 13.75 25.35 8.85
C ALA B 355 13.87 25.24 7.33
N ILE B 356 14.83 25.94 6.74
CA ILE B 356 15.04 25.84 5.30
C ILE B 356 15.75 24.53 4.98
N ASN B 357 15.18 23.77 4.05
CA ASN B 357 15.81 22.55 3.57
C ASN B 357 16.59 22.88 2.31
N ALA B 358 17.92 22.92 2.41
CA ALA B 358 18.73 23.38 1.29
C ALA B 358 18.73 22.39 0.14
N GLY B 359 18.60 21.10 0.43
CA GLY B 359 18.58 20.11 -0.63
C GLY B 359 17.36 20.20 -1.52
N LEU B 360 16.20 20.48 -0.94
CA LEU B 360 14.96 20.52 -1.69
C LEU B 360 14.64 21.90 -2.27
N SER B 361 15.13 22.97 -1.65
CA SER B 361 14.91 24.31 -2.16
C SER B 361 15.81 24.57 -3.37
N VAL B 362 15.29 25.36 -4.31
CA VAL B 362 16.01 25.65 -5.54
C VAL B 362 15.42 26.92 -6.14
N SER B 363 16.26 27.67 -6.86
CA SER B 363 15.82 28.86 -7.59
C SER B 363 16.33 28.76 -9.02
N ARG B 364 15.42 28.88 -9.97
CA ARG B 364 15.74 28.73 -11.39
C ARG B 364 16.05 30.07 -12.06
N VAL B 365 16.02 31.15 -11.32
CA VAL B 365 16.50 32.45 -11.79
C VAL B 365 17.68 32.92 -10.94
N GLY B 366 18.42 31.97 -10.37
CA GLY B 366 19.46 32.29 -9.41
C GLY B 366 20.57 33.14 -9.98
N GLY B 367 21.21 33.92 -9.11
CA GLY B 367 22.31 34.77 -9.54
C GLY B 367 21.85 36.03 -10.22
N ALA B 368 21.06 35.89 -11.30
CA ALA B 368 20.50 37.05 -11.96
C ALA B 368 19.58 37.83 -11.03
N ALA B 369 18.98 37.16 -10.05
CA ALA B 369 18.10 37.81 -9.10
C ALA B 369 18.86 38.42 -7.93
N GLN B 370 20.18 38.28 -7.87
CA GLN B 370 20.99 38.78 -6.77
C GLN B 370 21.86 39.93 -7.26
N ILE B 371 22.24 40.79 -6.32
CA ILE B 371 23.23 41.81 -6.62
C ILE B 371 24.58 41.14 -6.90
N LYS B 372 25.48 41.88 -7.54
CA LYS B 372 26.75 41.30 -7.95
C LYS B 372 27.57 40.84 -6.75
N ALA B 373 27.42 41.51 -5.60
CA ALA B 373 28.15 41.12 -4.41
C ALA B 373 27.72 39.74 -3.92
N MET B 374 26.41 39.55 -3.75
CA MET B 374 25.92 38.27 -3.24
C MET B 374 26.20 37.15 -4.23
N LYS B 375 26.06 37.44 -5.53
CA LYS B 375 26.41 36.44 -6.54
C LYS B 375 27.86 36.03 -6.43
N LYS B 376 28.72 36.95 -6.00
CA LYS B 376 30.15 36.66 -5.84
C LYS B 376 30.48 36.02 -4.52
N VAL B 377 29.58 36.07 -3.53
CA VAL B 377 29.90 35.55 -2.21
C VAL B 377 29.22 34.21 -1.94
N ALA B 378 27.93 34.11 -2.21
CA ALA B 378 27.14 32.94 -1.82
C ALA B 378 26.69 32.08 -2.98
N GLY B 379 27.56 31.86 -3.98
CA GLY B 379 27.15 31.09 -5.15
C GLY B 379 26.87 29.63 -4.85
N THR B 380 27.73 28.99 -4.05
CA THR B 380 27.70 27.54 -3.92
C THR B 380 27.19 27.04 -2.58
N LEU B 381 26.56 27.90 -1.76
CA LEU B 381 26.13 27.49 -0.43
C LEU B 381 25.10 26.38 -0.49
N ARG B 382 24.18 26.43 -1.45
CA ARG B 382 23.15 25.41 -1.54
C ARG B 382 23.75 24.05 -1.79
N LEU B 383 24.69 23.95 -2.72
CA LEU B 383 25.35 22.68 -2.98
C LEU B 383 26.25 22.26 -1.83
N ASP B 384 26.87 23.22 -1.13
CA ASP B 384 27.65 22.87 0.05
C ASP B 384 26.79 22.20 1.10
N LEU B 385 25.62 22.76 1.37
CA LEU B 385 24.71 22.16 2.35
C LEU B 385 24.15 20.84 1.84
N ALA B 386 23.89 20.73 0.54
CA ALA B 386 23.40 19.47 -0.01
C ALA B 386 24.42 18.36 0.20
N ALA B 387 25.69 18.63 -0.06
CA ALA B 387 26.73 17.64 0.18
C ALA B 387 26.89 17.37 1.68
N TYR B 388 26.77 18.42 2.48
CA TYR B 388 26.95 18.29 3.92
C TYR B 388 25.93 17.34 4.52
N ARG B 389 24.67 17.44 4.10
CA ARG B 389 23.65 16.55 4.67
C ARG B 389 23.97 15.09 4.40
N GLU B 390 24.36 14.75 3.17
CA GLU B 390 24.68 13.37 2.85
C GLU B 390 25.90 12.90 3.61
N LEU B 391 26.93 13.75 3.70
CA LEU B 391 28.13 13.35 4.44
C LEU B 391 27.83 13.13 5.92
N GLU B 392 27.02 14.01 6.51
CA GLU B 392 26.63 13.84 7.91
C GLU B 392 25.87 12.54 8.11
N ALA B 393 24.94 12.24 7.21
CA ALA B 393 24.19 10.99 7.33
C ALA B 393 25.11 9.78 7.21
N PHE B 394 26.04 9.82 6.26
CA PHE B 394 26.90 8.66 6.02
C PHE B 394 27.93 8.48 7.13
N ALA B 395 28.30 9.56 7.81
CA ALA B 395 29.33 9.45 8.85
C ALA B 395 28.84 8.63 10.04
N GLN B 396 27.53 8.47 10.19
CA GLN B 396 26.98 7.85 11.39
C GLN B 396 27.30 6.36 11.49
N PHE B 397 27.55 5.68 10.37
CA PHE B 397 27.74 4.25 10.39
C PHE B 397 29.19 3.83 10.62
N GLY B 398 30.14 4.77 10.59
CA GLY B 398 31.54 4.42 10.73
C GLY B 398 32.42 5.56 11.18
N SER B 399 33.60 5.69 10.58
CA SER B 399 34.55 6.73 10.94
C SER B 399 34.76 7.66 9.76
N ASP B 400 35.45 8.76 10.01
CA ASP B 400 35.68 9.80 9.01
C ASP B 400 37.17 10.15 8.92
N LEU B 401 37.56 10.64 7.75
CA LEU B 401 38.92 11.11 7.52
C LEU B 401 39.07 12.53 8.07
N ASP B 402 40.30 13.03 8.08
CA ASP B 402 40.58 14.40 8.49
C ASP B 402 39.81 15.42 7.65
N LYS B 403 39.93 15.31 6.32
CA LYS B 403 39.23 16.25 5.44
C LYS B 403 37.73 16.09 5.56
N ALA B 404 37.24 14.86 5.74
CA ALA B 404 35.80 14.66 5.94
C ALA B 404 35.33 15.34 7.21
N THR B 405 36.07 15.20 8.31
CA THR B 405 35.69 15.85 9.55
C THR B 405 35.78 17.37 9.43
N GLN B 406 36.72 17.88 8.65
CA GLN B 406 36.78 19.32 8.43
C GLN B 406 35.56 19.80 7.65
N ALA B 407 35.23 19.14 6.54
CA ALA B 407 34.05 19.53 5.76
C ALA B 407 32.79 19.43 6.61
N LYS B 408 32.72 18.40 7.47
CA LYS B 408 31.60 18.28 8.39
C LYS B 408 31.56 19.46 9.37
N LEU B 409 32.52 19.52 10.28
CA LEU B 409 32.45 20.46 11.40
C LEU B 409 32.66 21.90 10.96
N ALA B 410 33.81 22.18 10.33
CA ALA B 410 34.21 23.55 10.13
C ALA B 410 33.24 24.29 9.23
N ARG B 411 32.49 23.56 8.41
CA ARG B 411 31.62 24.24 7.46
C ARG B 411 30.14 23.90 7.60
N GLY B 412 29.75 22.63 7.66
CA GLY B 412 28.34 22.32 7.61
C GLY B 412 27.57 22.89 8.78
N ALA B 413 28.08 22.68 10.00
CA ALA B 413 27.38 23.19 11.18
C ALA B 413 27.28 24.71 11.16
N ARG B 414 28.39 25.38 10.83
CA ARG B 414 28.38 26.83 10.81
C ARG B 414 27.40 27.38 9.76
N THR B 415 27.41 26.80 8.56
CA THR B 415 26.46 27.24 7.54
C THR B 415 25.02 26.96 7.97
N VAL B 416 24.78 25.85 8.65
CA VAL B 416 23.43 25.56 9.13
C VAL B 416 22.99 26.60 10.14
N GLU B 417 23.88 27.00 11.03
CA GLU B 417 23.45 27.76 12.20
C GLU B 417 23.45 29.27 11.94
N VAL B 418 24.37 29.77 11.11
CA VAL B 418 24.42 31.21 10.90
C VAL B 418 23.19 31.73 10.17
N LEU B 419 22.54 30.88 9.38
CA LEU B 419 21.35 31.29 8.63
C LEU B 419 20.13 31.46 9.53
N LYS B 420 20.21 31.08 10.79
CA LYS B 420 19.06 31.18 11.69
C LYS B 420 18.68 32.63 11.92
N GLN B 421 17.40 32.85 12.20
CA GLN B 421 16.87 34.20 12.26
C GLN B 421 15.63 34.18 13.14
N ASP B 422 15.20 35.37 13.57
CA ASP B 422 14.02 35.52 14.40
C ASP B 422 12.87 36.12 13.61
N LEU B 423 11.67 36.00 14.17
CA LEU B 423 10.50 36.59 13.54
C LEU B 423 10.55 38.11 13.58
N HIS B 424 10.09 38.75 12.50
CA HIS B 424 10.08 40.20 12.38
C HIS B 424 11.45 40.80 12.67
N GLN B 425 12.47 40.23 12.02
CA GLN B 425 13.85 40.65 12.20
C GLN B 425 14.49 40.87 10.83
N PRO B 426 14.09 41.92 10.13
CA PRO B 426 14.66 42.18 8.79
C PRO B 426 16.15 42.46 8.87
N ILE B 427 16.88 42.00 7.86
CA ILE B 427 18.31 42.19 7.74
C ILE B 427 18.60 42.72 6.33
N PRO B 428 19.17 43.92 6.19
CA PRO B 428 19.48 44.42 4.86
C PRO B 428 20.51 43.55 4.14
N VAL B 429 20.47 43.63 2.81
CA VAL B 429 21.32 42.77 1.98
C VAL B 429 22.80 43.11 2.18
N GLU B 430 23.13 44.39 2.37
CA GLU B 430 24.51 44.75 2.61
C GLU B 430 25.01 44.16 3.92
N LYS B 431 24.14 44.08 4.93
CA LYS B 431 24.55 43.45 6.18
C LYS B 431 24.62 41.94 6.04
N GLN B 432 23.79 41.35 5.19
CA GLN B 432 23.85 39.90 4.97
C GLN B 432 25.16 39.50 4.31
N VAL B 433 25.50 40.17 3.19
CA VAL B 433 26.64 39.75 2.40
C VAL B 433 27.91 39.75 3.23
N LEU B 434 27.99 40.62 4.25
CA LEU B 434 29.15 40.61 5.13
C LEU B 434 29.28 39.30 5.88
N ILE B 435 28.20 38.82 6.49
CA ILE B 435 28.31 37.59 7.28
C ILE B 435 28.52 36.38 6.38
N ILE B 436 27.84 36.33 5.23
CA ILE B 436 28.09 35.21 4.33
C ILE B 436 29.52 35.26 3.78
N TYR B 437 30.07 36.46 3.54
CA TYR B 437 31.47 36.56 3.12
C TYR B 437 32.39 36.03 4.21
N ALA B 438 32.16 36.46 5.45
CA ALA B 438 33.02 36.01 6.55
C ALA B 438 32.94 34.50 6.72
N LEU B 439 31.77 33.92 6.45
CA LEU B 439 31.66 32.46 6.49
C LEU B 439 32.40 31.81 5.33
N THR B 440 32.19 32.31 4.11
CA THR B 440 32.72 31.67 2.92
C THR B 440 34.23 31.72 2.87
N ARG B 441 34.83 32.78 3.43
CA ARG B 441 36.28 32.90 3.42
C ARG B 441 36.94 32.23 4.62
N GLY B 442 36.17 31.54 5.46
CA GLY B 442 36.73 30.76 6.54
C GLY B 442 37.07 31.53 7.79
N PHE B 443 36.67 32.79 7.89
CA PHE B 443 37.01 33.59 9.06
C PHE B 443 36.28 33.17 10.32
N LEU B 444 35.27 32.30 10.20
CA LEU B 444 34.58 31.75 11.36
C LEU B 444 35.05 30.36 11.73
N ASP B 445 36.15 29.88 11.12
CA ASP B 445 36.58 28.51 11.33
C ASP B 445 36.98 28.23 12.78
N ASP B 446 37.72 29.14 13.42
CA ASP B 446 38.22 28.87 14.76
C ASP B 446 37.20 29.21 15.84
N ILE B 447 36.24 30.09 15.53
CA ILE B 447 35.20 30.40 16.52
C ILE B 447 34.36 29.15 16.79
N PRO B 448 34.08 28.81 18.05
CA PRO B 448 33.24 27.65 18.32
C PRO B 448 31.85 27.84 17.74
N VAL B 449 31.26 26.72 17.31
CA VAL B 449 29.99 26.78 16.58
C VAL B 449 28.87 27.31 17.48
N GLU B 450 28.97 27.07 18.79
CA GLU B 450 27.96 27.57 19.71
C GLU B 450 28.01 29.08 19.86
N ASP B 451 29.06 29.74 19.35
CA ASP B 451 29.24 31.17 19.55
C ASP B 451 28.88 32.00 18.34
N VAL B 452 28.53 31.39 17.20
CA VAL B 452 28.45 32.15 15.95
C VAL B 452 27.27 33.11 15.92
N ARG B 453 26.18 32.83 16.63
CA ARG B 453 25.05 33.75 16.59
C ARG B 453 25.35 35.03 17.38
N ARG B 454 25.94 34.88 18.56
CA ARG B 454 26.42 36.06 19.27
C ARG B 454 27.52 36.75 18.47
N PHE B 455 28.33 35.97 17.76
CA PHE B 455 29.32 36.54 16.84
C PHE B 455 28.66 37.43 15.82
N GLU B 456 27.57 36.95 15.21
CA GLU B 456 26.87 37.72 14.19
C GLU B 456 26.26 38.98 14.77
N LYS B 457 25.64 38.86 15.95
CA LYS B 457 25.01 40.04 16.56
C LYS B 457 26.05 41.09 16.91
N GLU B 458 27.16 40.67 17.54
CA GLU B 458 28.19 41.63 17.88
C GLU B 458 28.85 42.20 16.64
N PHE B 459 28.99 41.39 15.59
CA PHE B 459 29.53 41.89 14.33
C PHE B 459 28.63 42.96 13.73
N TYR B 460 27.32 42.75 13.77
CA TYR B 460 26.39 43.73 13.25
C TYR B 460 26.41 45.02 14.07
N LEU B 461 26.52 44.91 15.39
CA LEU B 461 26.68 46.11 16.21
C LEU B 461 27.99 46.82 15.88
N PHE B 462 29.05 46.05 15.62
CA PHE B 462 30.36 46.63 15.31
C PHE B 462 30.33 47.39 13.99
N LEU B 463 29.64 46.84 12.98
CA LEU B 463 29.71 47.40 11.64
C LEU B 463 29.14 48.82 11.60
N ASP B 464 27.99 49.05 12.23
CA ASP B 464 27.42 50.39 12.20
C ASP B 464 28.34 51.42 12.83
N GLN B 465 29.31 50.98 13.63
CA GLN B 465 30.30 51.90 14.18
C GLN B 465 31.50 52.07 13.24
N ASN B 466 32.04 50.96 12.74
CA ASN B 466 33.36 50.99 12.13
C ASN B 466 33.44 50.46 10.70
N GLY B 467 32.32 50.39 9.98
CA GLY B 467 32.37 49.95 8.60
C GLY B 467 31.34 50.66 7.73
N GLN B 468 30.95 51.87 8.14
CA GLN B 468 29.92 52.58 7.41
C GLN B 468 30.34 52.91 5.98
N HIS B 469 31.63 53.16 5.76
CA HIS B 469 32.09 53.40 4.39
C HIS B 469 31.95 52.16 3.53
N LEU B 470 32.29 50.99 4.07
CA LEU B 470 32.06 49.75 3.32
C LEU B 470 30.59 49.55 3.04
N LEU B 471 29.74 49.82 4.03
CA LEU B 471 28.30 49.62 3.85
C LEU B 471 27.75 50.54 2.76
N GLU B 472 28.16 51.81 2.76
CA GLU B 472 27.65 52.74 1.75
C GLU B 472 28.22 52.41 0.37
N HIS B 473 29.48 51.96 0.32
CA HIS B 473 30.05 51.53 -0.96
C HIS B 473 29.25 50.37 -1.53
N ILE B 474 28.89 49.40 -0.70
CA ILE B 474 28.07 48.29 -1.18
C ILE B 474 26.69 48.79 -1.60
N ARG B 475 26.11 49.72 -0.82
CA ARG B 475 24.80 50.26 -1.16
C ARG B 475 24.81 50.91 -2.54
N THR B 476 25.86 51.67 -2.86
CA THR B 476 25.89 52.43 -4.10
C THR B 476 26.50 51.67 -5.27
N THR B 477 27.19 50.55 -5.03
CA THR B 477 27.85 49.84 -6.11
C THR B 477 27.33 48.43 -6.35
N LYS B 478 26.57 47.86 -5.42
CA LYS B 478 26.07 46.49 -5.51
C LYS B 478 27.20 45.48 -5.66
N ASP B 479 28.40 45.82 -5.18
CA ASP B 479 29.58 44.98 -5.31
C ASP B 479 30.41 45.10 -4.04
N LEU B 480 31.30 44.13 -3.85
CA LEU B 480 32.17 44.13 -2.67
C LEU B 480 33.05 45.37 -2.68
N PRO B 481 33.10 46.10 -1.57
CA PRO B 481 33.81 47.38 -1.56
C PRO B 481 35.34 47.33 -1.56
N ASN B 482 35.95 46.59 -0.63
CA ASN B 482 37.40 46.62 -0.47
C ASN B 482 37.81 45.32 0.22
N GLU B 483 38.51 44.45 -0.50
CA GLU B 483 38.90 43.16 0.08
C GLU B 483 39.88 43.35 1.24
N ASP B 484 40.91 44.16 1.03
CA ASP B 484 41.93 44.33 2.06
C ASP B 484 41.37 45.04 3.28
N ASP B 485 40.63 46.13 3.07
CA ASP B 485 40.00 46.84 4.18
C ASP B 485 38.98 45.97 4.90
N LEU B 486 38.24 45.13 4.16
CA LEU B 486 37.28 44.24 4.78
C LEU B 486 37.97 43.17 5.63
N ASN B 487 39.07 42.60 5.14
CA ASN B 487 39.84 41.68 5.97
C ASN B 487 40.34 42.39 7.22
N LYS B 488 40.88 43.60 7.06
CA LYS B 488 41.33 44.38 8.20
C LYS B 488 40.21 44.53 9.22
N ALA B 489 39.01 44.85 8.75
CA ALA B 489 37.86 44.97 9.65
C ALA B 489 37.54 43.63 10.31
N ILE B 490 37.73 42.52 9.60
CA ILE B 490 37.39 41.22 10.16
C ILE B 490 38.30 40.88 11.33
N GLU B 491 39.62 41.03 11.17
CA GLU B 491 40.46 40.82 12.35
C GLU B 491 40.27 41.92 13.39
N ALA B 492 39.86 43.13 12.96
CA ALA B 492 39.57 44.18 13.92
C ALA B 492 38.43 43.78 14.86
N PHE B 493 37.40 43.11 14.31
CA PHE B 493 36.32 42.62 15.16
C PHE B 493 36.76 41.39 15.95
N LYS B 494 37.52 40.49 15.31
CA LYS B 494 37.84 39.23 15.96
C LYS B 494 38.76 39.43 17.17
N LYS B 495 39.68 40.39 17.09
CA LYS B 495 40.57 40.63 18.22
C LYS B 495 39.81 41.08 19.46
N THR B 496 38.63 41.66 19.28
CA THR B 496 37.82 42.12 20.40
C THR B 496 36.70 41.17 20.78
N PHE B 497 36.32 40.24 19.90
CA PHE B 497 35.24 39.32 20.19
C PHE B 497 35.64 38.37 21.31
N VAL B 498 34.78 38.27 22.33
CA VAL B 498 35.02 37.34 23.42
C VAL B 498 34.49 35.96 23.05
N VAL B 499 35.22 34.93 23.46
CA VAL B 499 34.83 33.56 23.15
C VAL B 499 34.00 33.01 24.30
N SER B 500 33.20 31.98 24.01
CA SER B 500 32.28 31.32 24.95
C SER B 500 31.19 32.28 25.44
N GLN C 23 -25.71 -7.44 -58.60
CA GLN C 23 -25.26 -7.85 -57.28
C GLN C 23 -26.26 -7.45 -56.21
N VAL C 24 -26.54 -8.39 -55.29
CA VAL C 24 -27.46 -8.14 -54.18
C VAL C 24 -26.67 -8.19 -52.88
N SER C 25 -26.95 -7.24 -51.99
CA SER C 25 -26.26 -7.18 -50.71
C SER C 25 -27.18 -6.56 -49.67
N ASP C 26 -27.25 -7.21 -48.51
CA ASP C 26 -27.94 -6.61 -47.38
C ASP C 26 -27.10 -5.47 -46.83
N VAL C 27 -27.66 -4.26 -46.88
CA VAL C 27 -26.89 -3.05 -46.59
C VAL C 27 -27.32 -2.48 -45.25
N GLY C 28 -26.59 -1.46 -44.82
CA GLY C 28 -26.89 -0.75 -43.60
C GLY C 28 -26.45 0.70 -43.70
N THR C 29 -26.67 1.44 -42.62
CA THR C 29 -26.34 2.85 -42.56
C THR C 29 -25.52 3.13 -41.32
N VAL C 30 -24.49 3.96 -41.45
CA VAL C 30 -23.66 4.33 -40.32
C VAL C 30 -24.42 5.32 -39.44
N ILE C 31 -24.27 5.19 -38.14
CA ILE C 31 -24.88 6.15 -37.21
C ILE C 31 -23.82 6.99 -36.51
N GLN C 32 -22.70 6.39 -36.12
CA GLN C 32 -21.65 7.10 -35.40
C GLN C 32 -20.30 6.67 -35.92
N VAL C 33 -19.38 7.63 -36.04
CA VAL C 33 -18.01 7.37 -36.45
C VAL C 33 -17.09 8.07 -35.46
N GLY C 34 -16.04 7.37 -35.04
CA GLY C 34 -15.05 7.99 -34.17
C GLY C 34 -14.27 6.99 -33.35
N ASP C 35 -12.99 7.29 -33.13
CA ASP C 35 -12.12 6.48 -32.28
C ASP C 35 -11.96 5.06 -32.82
N GLY C 36 -12.10 4.89 -34.13
CA GLY C 36 -11.98 3.58 -34.72
C GLY C 36 -13.19 2.68 -34.57
N ILE C 37 -14.29 3.19 -34.04
CA ILE C 37 -15.52 2.42 -33.85
C ILE C 37 -16.61 3.04 -34.70
N ALA C 38 -17.42 2.19 -35.32
CA ALA C 38 -18.58 2.63 -36.07
C ALA C 38 -19.84 1.94 -35.56
N ARG C 39 -20.90 2.71 -35.44
CA ARG C 39 -22.23 2.19 -35.12
C ARG C 39 -23.04 2.19 -36.41
N ALA C 40 -23.67 1.05 -36.71
CA ALA C 40 -24.36 0.89 -37.99
C ALA C 40 -25.82 0.53 -37.76
N HIS C 41 -26.69 1.14 -38.55
CA HIS C 41 -28.10 0.78 -38.56
C HIS C 41 -28.35 -0.32 -39.58
N GLY C 42 -29.39 -1.11 -39.33
CA GLY C 42 -29.74 -2.18 -40.25
C GLY C 42 -28.89 -3.42 -40.03
N LEU C 43 -28.48 -4.08 -41.12
CA LEU C 43 -27.73 -5.32 -41.06
C LEU C 43 -28.46 -6.38 -40.24
N ASP C 44 -29.63 -6.79 -40.75
CA ASP C 44 -30.46 -7.73 -40.02
C ASP C 44 -29.77 -9.08 -39.84
N ASN C 45 -29.14 -9.58 -40.89
CA ASN C 45 -28.66 -10.96 -40.90
C ASN C 45 -27.15 -11.09 -40.69
N VAL C 46 -26.47 -10.03 -40.27
CA VAL C 46 -25.03 -10.13 -40.06
C VAL C 46 -24.76 -11.09 -38.91
N MET C 47 -23.79 -11.99 -39.11
CA MET C 47 -23.38 -12.90 -38.06
C MET C 47 -22.49 -12.20 -37.04
N SER C 48 -22.39 -12.78 -35.85
CA SER C 48 -21.42 -12.31 -34.88
C SER C 48 -20.01 -12.65 -35.35
N GLY C 49 -19.20 -11.62 -35.56
CA GLY C 49 -17.86 -11.82 -36.07
C GLY C 49 -17.73 -11.75 -37.58
N GLU C 50 -18.83 -11.50 -38.29
CA GLU C 50 -18.79 -11.39 -39.74
C GLU C 50 -18.02 -10.15 -40.18
N LEU C 51 -17.32 -10.26 -41.31
CA LEU C 51 -16.61 -9.12 -41.85
C LEU C 51 -17.56 -8.23 -42.64
N VAL C 52 -17.28 -6.93 -42.58
CA VAL C 52 -18.10 -5.91 -43.22
C VAL C 52 -17.16 -4.96 -43.94
N GLU C 53 -17.63 -4.45 -45.09
CA GLU C 53 -16.85 -3.50 -45.86
C GLU C 53 -17.64 -2.21 -46.05
N PHE C 54 -16.94 -1.08 -45.93
CA PHE C 54 -17.54 0.22 -46.11
C PHE C 54 -17.49 0.64 -47.58
N ALA C 55 -17.96 1.86 -47.85
CA ALA C 55 -17.90 2.38 -49.21
C ALA C 55 -16.47 2.60 -49.66
N ASN C 56 -15.61 3.11 -48.75
CA ASN C 56 -14.21 3.35 -49.09
C ASN C 56 -13.48 2.08 -49.49
N GLY C 57 -13.98 0.92 -49.06
CA GLY C 57 -13.30 -0.34 -49.28
C GLY C 57 -12.66 -0.93 -48.04
N VAL C 58 -12.51 -0.16 -46.96
CA VAL C 58 -11.88 -0.67 -45.77
C VAL C 58 -12.80 -1.68 -45.09
N MET C 59 -12.22 -2.64 -44.40
CA MET C 59 -12.95 -3.73 -43.80
C MET C 59 -13.36 -3.39 -42.36
N GLY C 60 -14.25 -4.23 -41.81
CA GLY C 60 -14.65 -4.09 -40.43
C GLY C 60 -15.19 -5.40 -39.89
N MET C 61 -15.21 -5.49 -38.56
CA MET C 61 -15.66 -6.69 -37.88
C MET C 61 -16.85 -6.34 -36.99
N ALA C 62 -17.89 -7.16 -37.06
CA ALA C 62 -19.07 -6.94 -36.24
C ALA C 62 -18.90 -7.70 -34.93
N LEU C 63 -18.87 -6.96 -33.82
CA LEU C 63 -18.74 -7.56 -32.49
C LEU C 63 -19.96 -7.36 -31.62
N ASN C 64 -20.48 -6.13 -31.55
CA ASN C 64 -21.65 -5.82 -30.74
C ASN C 64 -22.88 -5.94 -31.64
N LEU C 65 -23.72 -6.93 -31.35
CA LEU C 65 -24.98 -7.11 -32.06
C LEU C 65 -26.09 -6.63 -31.15
N GLU C 66 -26.31 -5.32 -31.13
CA GLU C 66 -27.25 -4.72 -30.18
C GLU C 66 -28.67 -4.77 -30.73
N GLU C 67 -29.61 -4.30 -29.90
CA GLU C 67 -31.03 -4.46 -30.20
C GLU C 67 -31.43 -3.73 -31.46
N ASN C 68 -30.92 -2.52 -31.68
CA ASN C 68 -31.32 -1.73 -32.84
C ASN C 68 -30.15 -1.20 -33.66
N ASN C 69 -28.91 -1.58 -33.33
CA ASN C 69 -27.75 -1.14 -34.09
C ASN C 69 -26.66 -2.18 -33.92
N VAL C 70 -25.64 -2.08 -34.78
CA VAL C 70 -24.52 -3.00 -34.79
C VAL C 70 -23.24 -2.22 -34.52
N GLY C 71 -22.43 -2.71 -33.60
CA GLY C 71 -21.13 -2.11 -33.34
C GLY C 71 -20.06 -2.73 -34.20
N ILE C 72 -19.34 -1.91 -34.97
CA ILE C 72 -18.33 -2.39 -35.92
C ILE C 72 -16.98 -1.84 -35.50
N VAL C 73 -15.98 -2.71 -35.46
CA VAL C 73 -14.60 -2.32 -35.22
C VAL C 73 -13.90 -2.22 -36.57
N ILE C 74 -13.27 -1.07 -36.83
CA ILE C 74 -12.76 -0.74 -38.16
C ILE C 74 -11.34 -1.27 -38.30
N LEU C 75 -11.09 -2.03 -39.36
CA LEU C 75 -9.77 -2.56 -39.68
C LEU C 75 -9.00 -1.68 -40.64
N GLY C 76 -8.81 -0.40 -40.32
CA GLY C 76 -8.06 0.48 -41.20
C GLY C 76 -8.23 1.94 -40.84
N PRO C 77 -7.68 2.83 -41.68
CA PRO C 77 -7.85 4.27 -41.45
C PRO C 77 -9.31 4.67 -41.64
N TYR C 78 -9.90 5.26 -40.60
CA TYR C 78 -11.32 5.57 -40.60
C TYR C 78 -11.63 7.02 -40.94
N THR C 79 -10.62 7.82 -41.30
CA THR C 79 -10.88 9.22 -41.61
C THR C 79 -11.75 9.38 -42.86
N GLY C 80 -11.74 8.41 -43.76
CA GLY C 80 -12.57 8.48 -44.95
C GLY C 80 -13.99 7.99 -44.76
N ILE C 81 -14.34 7.57 -43.55
CA ILE C 81 -15.67 7.06 -43.24
C ILE C 81 -16.46 8.17 -42.57
N LYS C 82 -17.64 8.47 -43.10
CA LYS C 82 -18.47 9.56 -42.60
C LYS C 82 -19.89 9.07 -42.38
N GLU C 83 -20.61 9.79 -41.51
CA GLU C 83 -22.01 9.50 -41.27
C GLU C 83 -22.81 9.55 -42.56
N GLY C 84 -23.70 8.57 -42.73
CA GLY C 84 -24.51 8.47 -43.92
C GLY C 84 -23.97 7.56 -45.00
N ASP C 85 -22.77 7.03 -44.84
CA ASP C 85 -22.24 6.05 -45.79
C ASP C 85 -22.98 4.74 -45.67
N GLU C 86 -22.92 3.95 -46.73
CA GLU C 86 -23.55 2.64 -46.72
C GLU C 86 -22.60 1.59 -46.18
N VAL C 87 -23.18 0.53 -45.62
CA VAL C 87 -22.45 -0.56 -44.99
C VAL C 87 -22.99 -1.87 -45.54
N ARG C 88 -22.12 -2.65 -46.19
CA ARG C 88 -22.53 -3.86 -46.88
C ARG C 88 -21.89 -5.08 -46.25
N ARG C 89 -22.67 -6.16 -46.19
CA ARG C 89 -22.22 -7.42 -45.63
C ARG C 89 -21.24 -8.11 -46.56
N THR C 90 -20.57 -9.12 -46.02
CA THR C 90 -19.74 -10.02 -46.81
C THR C 90 -20.05 -11.49 -46.61
N GLY C 91 -20.53 -11.89 -45.43
CA GLY C 91 -20.85 -13.27 -45.16
C GLY C 91 -19.67 -14.15 -44.79
N ARG C 92 -18.48 -13.59 -44.66
CA ARG C 92 -17.27 -14.36 -44.45
C ARG C 92 -16.63 -14.02 -43.10
N ILE C 93 -16.15 -15.05 -42.41
CA ILE C 93 -15.22 -14.86 -41.32
C ILE C 93 -13.81 -14.76 -41.88
N MET C 94 -12.98 -13.93 -41.25
CA MET C 94 -11.71 -13.57 -41.85
C MET C 94 -10.76 -14.75 -41.80
N GLU C 95 -10.17 -15.09 -42.94
CA GLU C 95 -9.27 -16.21 -43.09
C GLU C 95 -7.89 -15.69 -43.46
N VAL C 96 -6.86 -16.30 -42.90
CA VAL C 96 -5.50 -15.83 -43.11
C VAL C 96 -4.81 -16.78 -44.09
N PRO C 97 -4.05 -16.26 -45.06
CA PRO C 97 -3.35 -17.15 -45.99
C PRO C 97 -2.28 -17.97 -45.27
N VAL C 98 -2.12 -19.22 -45.71
CA VAL C 98 -1.10 -20.11 -45.17
C VAL C 98 -0.42 -20.83 -46.32
N GLY C 99 0.75 -21.37 -46.05
CA GLY C 99 1.49 -22.12 -47.05
C GLY C 99 2.98 -22.08 -46.77
N GLU C 100 3.73 -22.71 -47.67
CA GLU C 100 5.18 -22.72 -47.57
C GLU C 100 5.77 -21.35 -47.87
N ALA C 101 5.12 -20.60 -48.77
CA ALA C 101 5.71 -19.37 -49.28
C ALA C 101 5.86 -18.30 -48.21
N LEU C 102 5.22 -18.47 -47.06
CA LEU C 102 5.32 -17.49 -46.00
C LEU C 102 6.69 -17.50 -45.34
N ILE C 103 7.47 -18.57 -45.54
CA ILE C 103 8.75 -18.69 -44.86
C ILE C 103 9.74 -17.67 -45.40
N GLY C 104 10.34 -16.90 -44.51
CA GLY C 104 11.27 -15.86 -44.89
C GLY C 104 10.66 -14.51 -45.12
N ARG C 105 9.34 -14.40 -45.06
CA ARG C 105 8.66 -13.13 -45.30
C ARG C 105 8.27 -12.47 -43.98
N VAL C 106 7.99 -11.18 -44.06
CA VAL C 106 7.41 -10.42 -42.95
C VAL C 106 6.03 -9.96 -43.41
N VAL C 107 5.01 -10.34 -42.66
CA VAL C 107 3.63 -10.22 -43.14
C VAL C 107 2.80 -9.42 -42.16
N ASN C 108 1.75 -8.80 -42.69
CA ASN C 108 0.74 -8.12 -41.91
C ASN C 108 -0.10 -9.14 -41.17
N PRO C 109 -0.82 -8.74 -40.12
CA PRO C 109 -1.79 -9.65 -39.51
C PRO C 109 -2.85 -10.14 -40.47
N LEU C 110 -3.14 -9.40 -41.54
CA LEU C 110 -4.08 -9.85 -42.55
C LEU C 110 -3.43 -10.71 -43.63
N GLY C 111 -2.10 -10.85 -43.60
CA GLY C 111 -1.41 -11.71 -44.54
C GLY C 111 -0.65 -11.01 -45.64
N GLN C 112 -0.83 -9.71 -45.82
CA GLN C 112 -0.07 -9.02 -46.85
C GLN C 112 1.37 -8.83 -46.42
N PRO C 113 2.31 -8.89 -47.36
CA PRO C 113 3.71 -8.63 -47.03
C PRO C 113 3.97 -7.14 -46.88
N VAL C 114 4.80 -6.80 -45.90
CA VAL C 114 5.18 -5.40 -45.65
C VAL C 114 6.63 -5.13 -45.99
N ASP C 115 7.45 -6.15 -46.21
CA ASP C 115 8.87 -5.94 -46.48
C ASP C 115 9.17 -5.72 -47.94
N GLY C 116 8.19 -5.81 -48.82
CA GLY C 116 8.44 -5.68 -50.25
C GLY C 116 8.73 -7.03 -50.87
N LEU C 117 9.74 -7.07 -51.74
CA LEU C 117 10.21 -8.30 -52.37
C LEU C 117 9.15 -8.97 -53.24
N GLY C 118 7.98 -8.34 -53.37
CA GLY C 118 6.92 -8.86 -54.18
C GLY C 118 5.87 -9.61 -53.39
N PRO C 119 4.83 -10.09 -54.07
CA PRO C 119 3.72 -10.75 -53.39
C PRO C 119 4.10 -12.08 -52.77
N VAL C 120 3.13 -12.73 -52.13
CA VAL C 120 3.30 -14.06 -51.54
C VAL C 120 2.34 -14.99 -52.25
N GLU C 121 2.87 -16.09 -52.80
CA GLU C 121 2.07 -17.01 -53.60
C GLU C 121 1.56 -18.19 -52.79
N THR C 122 0.85 -17.90 -51.69
CA THR C 122 0.17 -18.95 -50.95
C THR C 122 -1.10 -19.36 -51.70
N THR C 123 -1.56 -20.58 -51.45
CA THR C 123 -2.73 -21.10 -52.15
C THR C 123 -3.83 -21.58 -51.20
N GLU C 124 -3.60 -21.58 -49.89
CA GLU C 124 -4.57 -22.10 -48.94
C GLU C 124 -4.74 -21.10 -47.80
N THR C 125 -5.92 -21.11 -47.20
CA THR C 125 -6.22 -20.26 -46.07
C THR C 125 -6.86 -21.09 -44.97
N ARG C 126 -6.74 -20.61 -43.73
CA ARG C 126 -7.36 -21.25 -42.58
C ARG C 126 -8.20 -20.25 -41.82
N PRO C 127 -9.31 -20.69 -41.22
CA PRO C 127 -10.08 -19.80 -40.35
C PRO C 127 -9.24 -19.38 -39.17
N ILE C 128 -9.35 -18.10 -38.80
CA ILE C 128 -8.55 -17.62 -37.67
C ILE C 128 -9.09 -18.18 -36.36
N GLU C 129 -10.39 -18.41 -36.28
CA GLU C 129 -11.02 -19.02 -35.12
C GLU C 129 -11.34 -20.48 -35.45
N SER C 130 -10.50 -21.39 -34.95
CA SER C 130 -10.67 -22.80 -35.24
C SER C 130 -10.53 -23.56 -33.94
N PRO C 131 -11.20 -24.71 -33.82
CA PRO C 131 -11.13 -25.47 -32.56
C PRO C 131 -9.73 -25.96 -32.27
N ALA C 132 -9.39 -25.98 -30.97
CA ALA C 132 -8.16 -26.61 -30.54
C ALA C 132 -8.30 -28.12 -30.59
N PRO C 133 -7.19 -28.84 -30.66
CA PRO C 133 -7.27 -30.31 -30.66
C PRO C 133 -7.94 -30.81 -29.39
N GLY C 134 -8.72 -31.87 -29.54
CA GLY C 134 -9.44 -32.41 -28.41
C GLY C 134 -8.55 -33.14 -27.43
N VAL C 135 -9.15 -33.58 -26.33
CA VAL C 135 -8.38 -34.28 -25.30
C VAL C 135 -7.92 -35.64 -25.80
N MET C 136 -8.64 -36.23 -26.75
CA MET C 136 -8.26 -37.53 -27.29
C MET C 136 -7.24 -37.43 -28.40
N ASP C 137 -6.93 -36.22 -28.88
CA ASP C 137 -5.97 -36.05 -29.96
C ASP C 137 -4.55 -35.85 -29.47
N ARG C 138 -4.35 -35.63 -28.18
CA ARG C 138 -3.06 -35.22 -27.68
C ARG C 138 -2.21 -36.43 -27.27
N ARG C 139 -0.92 -36.18 -27.12
CA ARG C 139 0.03 -37.13 -26.57
C ARG C 139 0.89 -36.42 -25.53
N SER C 140 1.35 -37.17 -24.53
CA SER C 140 2.22 -36.59 -23.52
C SER C 140 3.50 -36.08 -24.15
N VAL C 141 4.00 -34.96 -23.63
CA VAL C 141 5.19 -34.33 -24.18
C VAL C 141 6.43 -35.09 -23.72
N HIS C 142 7.27 -35.50 -24.67
CA HIS C 142 8.39 -36.37 -24.32
C HIS C 142 9.69 -36.06 -25.05
N GLU C 143 9.76 -35.00 -25.86
CA GLU C 143 10.99 -34.73 -26.60
C GLU C 143 11.42 -33.29 -26.37
N PRO C 144 12.73 -33.03 -26.36
CA PRO C 144 13.23 -31.76 -25.84
C PRO C 144 13.17 -30.63 -26.86
N LEU C 145 13.05 -29.41 -26.33
CA LEU C 145 13.18 -28.19 -27.11
C LEU C 145 14.48 -27.52 -26.69
N GLN C 146 15.55 -27.76 -27.42
CA GLN C 146 16.86 -27.27 -27.03
C GLN C 146 16.94 -25.76 -27.25
N THR C 147 16.86 -25.00 -26.16
CA THR C 147 16.91 -23.54 -26.27
C THR C 147 18.34 -23.04 -26.43
N GLY C 148 19.32 -23.80 -25.97
CA GLY C 148 20.70 -23.36 -26.03
C GLY C 148 21.13 -22.47 -24.89
N ILE C 149 20.22 -22.09 -24.01
CA ILE C 149 20.54 -21.35 -22.80
C ILE C 149 20.79 -22.37 -21.71
N LYS C 150 21.96 -22.30 -21.07
CA LYS C 150 22.35 -23.32 -20.12
C LYS C 150 21.38 -23.38 -18.94
N ALA C 151 21.03 -22.22 -18.39
CA ALA C 151 20.15 -22.19 -17.24
C ALA C 151 18.78 -22.78 -17.58
N ILE C 152 18.22 -22.40 -18.73
CA ILE C 152 16.90 -22.90 -19.12
C ILE C 152 16.95 -24.40 -19.39
N ASP C 153 17.94 -24.84 -20.18
CA ASP C 153 18.00 -26.24 -20.55
C ASP C 153 18.31 -27.13 -19.36
N ALA C 154 18.94 -26.58 -18.31
CA ALA C 154 19.32 -27.41 -17.17
C ALA C 154 18.25 -27.40 -16.09
N LEU C 155 17.73 -26.22 -15.74
CA LEU C 155 16.86 -26.07 -14.59
C LEU C 155 15.39 -25.90 -14.94
N VAL C 156 15.07 -25.32 -16.08
CA VAL C 156 13.68 -25.07 -16.46
C VAL C 156 13.46 -25.66 -17.85
N PRO C 157 13.43 -26.98 -17.98
CA PRO C 157 13.36 -27.59 -19.31
C PRO C 157 12.05 -27.28 -20.02
N ILE C 158 12.13 -27.20 -21.34
CA ILE C 158 10.98 -26.97 -22.19
C ILE C 158 10.86 -28.15 -23.14
N GLY C 159 9.68 -28.78 -23.16
CA GLY C 159 9.41 -29.83 -24.11
C GLY C 159 8.62 -29.32 -25.30
N ARG C 160 8.62 -30.10 -26.37
CA ARG C 160 7.88 -29.72 -27.56
C ARG C 160 6.39 -29.91 -27.33
N GLY C 161 5.63 -28.82 -27.46
CA GLY C 161 4.23 -28.81 -27.12
C GLY C 161 3.92 -28.17 -25.78
N GLN C 162 4.90 -28.02 -24.91
CA GLN C 162 4.71 -27.28 -23.68
C GLN C 162 4.53 -25.80 -23.97
N ARG C 163 3.73 -25.15 -23.15
CA ARG C 163 3.50 -23.71 -23.25
C ARG C 163 4.22 -23.03 -22.10
N GLU C 164 5.30 -22.31 -22.40
CA GLU C 164 6.17 -21.71 -21.39
C GLU C 164 6.00 -20.20 -21.40
N LEU C 165 5.76 -19.62 -20.23
CA LEU C 165 5.66 -18.17 -20.10
C LEU C 165 7.02 -17.60 -19.72
N ILE C 166 7.39 -16.50 -20.38
CA ILE C 166 8.58 -15.73 -20.01
C ILE C 166 8.11 -14.36 -19.55
N ILE C 167 8.37 -14.03 -18.29
CA ILE C 167 7.80 -12.84 -17.67
C ILE C 167 8.89 -12.10 -16.91
N GLY C 168 8.91 -10.78 -17.04
CA GLY C 168 9.86 -9.95 -16.33
C GLY C 168 9.62 -8.49 -16.65
N ASP C 169 10.41 -7.65 -16.00
CA ASP C 169 10.32 -6.21 -16.25
C ASP C 169 10.97 -5.86 -17.58
N ARG C 170 10.84 -4.60 -17.96
CA ARG C 170 11.43 -4.13 -19.20
C ARG C 170 12.95 -4.15 -19.12
N GLN C 171 13.58 -4.47 -20.25
CA GLN C 171 15.04 -4.52 -20.36
C GLN C 171 15.64 -5.52 -19.37
N THR C 172 15.26 -6.79 -19.53
CA THR C 172 15.89 -7.87 -18.80
C THR C 172 16.23 -9.06 -19.69
N GLY C 173 16.18 -8.89 -21.00
CA GLY C 173 16.59 -9.93 -21.92
C GLY C 173 15.49 -10.84 -22.42
N LYS C 174 14.22 -10.45 -22.26
CA LYS C 174 13.13 -11.29 -22.74
C LYS C 174 13.21 -11.50 -24.25
N THR C 175 13.52 -10.43 -24.99
CA THR C 175 13.65 -10.56 -26.44
C THR C 175 14.86 -11.40 -26.80
N SER C 176 15.97 -11.21 -26.09
CA SER C 176 17.19 -11.93 -26.41
C SER C 176 17.03 -13.43 -26.21
N VAL C 177 16.32 -13.83 -25.16
CA VAL C 177 16.11 -15.26 -24.91
C VAL C 177 15.36 -15.89 -26.09
N ALA C 178 14.30 -15.24 -26.54
CA ALA C 178 13.53 -15.77 -27.67
C ALA C 178 14.37 -15.80 -28.94
N ILE C 179 15.16 -14.76 -29.19
CA ILE C 179 15.94 -14.72 -30.42
C ILE C 179 17.00 -15.80 -30.41
N ASP C 180 17.65 -16.02 -29.28
CA ASP C 180 18.63 -17.10 -29.18
C ASP C 180 17.97 -18.46 -29.36
N THR C 181 16.79 -18.66 -28.77
CA THR C 181 16.08 -19.92 -28.97
C THR C 181 15.75 -20.15 -30.44
N ILE C 182 15.29 -19.10 -31.13
CA ILE C 182 14.96 -19.23 -32.54
C ILE C 182 16.20 -19.55 -33.36
N ILE C 183 17.31 -18.87 -33.05
CA ILE C 183 18.55 -19.08 -33.80
C ILE C 183 19.06 -20.50 -33.61
N ASN C 184 18.91 -21.03 -32.39
CA ASN C 184 19.44 -22.37 -32.11
C ASN C 184 18.70 -23.48 -32.83
N GLN C 185 17.56 -23.19 -33.46
CA GLN C 185 16.80 -24.21 -34.17
C GLN C 185 17.30 -24.45 -35.59
N LYS C 186 18.48 -23.94 -35.95
CA LYS C 186 18.93 -24.02 -37.32
C LYS C 186 19.16 -25.47 -37.77
N ASP C 187 19.70 -26.31 -36.90
CA ASP C 187 20.01 -27.68 -37.25
C ASP C 187 18.91 -28.66 -36.83
N GLN C 188 17.81 -28.17 -36.28
CA GLN C 188 16.75 -29.03 -35.80
C GLN C 188 15.51 -28.85 -36.67
N ASN C 189 14.65 -29.86 -36.66
CA ASN C 189 13.52 -29.91 -37.58
C ASN C 189 12.36 -29.06 -37.08
N MET C 190 12.55 -27.75 -37.06
CA MET C 190 11.53 -26.85 -36.51
C MET C 190 11.31 -25.66 -37.43
N ILE C 191 10.06 -25.22 -37.48
CA ILE C 191 9.69 -23.96 -38.11
C ILE C 191 9.41 -22.96 -37.00
N SER C 192 9.84 -21.71 -37.20
CA SER C 192 9.69 -20.69 -36.18
C SER C 192 8.76 -19.59 -36.66
N ILE C 193 7.97 -19.06 -35.74
CA ILE C 193 7.10 -17.92 -36.01
C ILE C 193 7.34 -16.89 -34.92
N TYR C 194 7.66 -15.67 -35.30
CA TYR C 194 7.88 -14.58 -34.38
C TYR C 194 6.77 -13.55 -34.58
N VAL C 195 6.01 -13.30 -33.53
CA VAL C 195 4.85 -12.40 -33.59
C VAL C 195 5.19 -11.16 -32.77
N ALA C 196 5.45 -10.05 -33.46
CA ALA C 196 5.76 -8.79 -32.78
C ALA C 196 4.49 -7.98 -32.64
N ILE C 197 4.12 -7.64 -31.42
CA ILE C 197 2.87 -6.93 -31.13
C ILE C 197 3.22 -5.61 -30.47
N GLY C 198 2.73 -4.51 -31.05
CA GLY C 198 2.92 -3.20 -30.46
C GLY C 198 4.35 -2.73 -30.41
N GLN C 199 5.25 -3.39 -31.13
CA GLN C 199 6.64 -2.99 -31.15
C GLN C 199 6.87 -1.89 -32.20
N LYS C 200 7.87 -1.07 -31.96
CA LYS C 200 8.23 -0.04 -32.92
C LYS C 200 8.81 -0.69 -34.18
N GLU C 201 8.44 -0.13 -35.33
CA GLU C 201 8.85 -0.71 -36.61
C GLU C 201 10.36 -0.81 -36.72
N SER C 202 11.09 0.15 -36.16
CA SER C 202 12.54 0.06 -36.17
C SER C 202 13.03 -1.16 -35.39
N THR C 203 12.42 -1.42 -34.23
CA THR C 203 12.81 -2.60 -33.46
C THR C 203 12.50 -3.89 -34.20
N VAL C 204 11.32 -3.96 -34.83
CA VAL C 204 10.98 -5.16 -35.59
C VAL C 204 11.95 -5.35 -36.75
N ARG C 205 12.31 -4.27 -37.43
CA ARG C 205 13.27 -4.37 -38.52
C ARG C 205 14.63 -4.81 -38.01
N THR C 206 15.05 -4.30 -36.86
CA THR C 206 16.33 -4.72 -36.30
C THR C 206 16.32 -6.21 -35.99
N VAL C 207 15.23 -6.72 -35.43
CA VAL C 207 15.13 -8.15 -35.16
C VAL C 207 15.20 -8.94 -36.47
N VAL C 208 14.53 -8.44 -37.51
CA VAL C 208 14.55 -9.13 -38.79
C VAL C 208 15.97 -9.19 -39.35
N GLU C 209 16.71 -8.08 -39.26
CA GLU C 209 18.08 -8.08 -39.77
C GLU C 209 18.98 -8.98 -38.93
N THR C 210 18.76 -9.06 -37.62
CA THR C 210 19.53 -9.98 -36.79
C THR C 210 19.29 -11.42 -37.22
N LEU C 211 18.03 -11.78 -37.44
CA LEU C 211 17.71 -13.13 -37.88
C LEU C 211 18.33 -13.41 -39.25
N ARG C 212 18.28 -12.43 -40.16
CA ARG C 212 18.90 -12.61 -41.46
C ARG C 212 20.40 -12.81 -41.34
N LYS C 213 21.06 -12.05 -40.46
CA LYS C 213 22.49 -12.19 -40.29
C LYS C 213 22.86 -13.56 -39.75
N HIS C 214 22.14 -14.04 -38.74
CA HIS C 214 22.48 -15.32 -38.13
C HIS C 214 21.91 -16.50 -38.91
N GLY C 215 21.11 -16.26 -39.94
CA GLY C 215 20.67 -17.34 -40.80
C GLY C 215 19.37 -18.00 -40.39
N ALA C 216 18.51 -17.30 -39.65
CA ALA C 216 17.27 -17.90 -39.18
C ALA C 216 16.09 -17.65 -40.13
N LEU C 217 16.26 -16.86 -41.19
CA LEU C 217 15.15 -16.60 -42.09
C LEU C 217 14.85 -17.76 -43.03
N ASP C 218 15.70 -18.78 -43.08
CA ASP C 218 15.39 -19.95 -43.89
C ASP C 218 14.19 -20.72 -43.36
N TYR C 219 13.83 -20.52 -42.09
CA TYR C 219 12.73 -21.27 -41.52
C TYR C 219 11.85 -20.45 -40.59
N THR C 220 11.83 -19.13 -40.70
CA THR C 220 11.10 -18.27 -39.79
C THR C 220 10.08 -17.43 -40.56
N ILE C 221 8.94 -17.17 -39.93
CA ILE C 221 7.94 -16.24 -40.43
C ILE C 221 7.73 -15.16 -39.38
N VAL C 222 7.82 -13.90 -39.80
CA VAL C 222 7.67 -12.76 -38.90
C VAL C 222 6.31 -12.13 -39.15
N VAL C 223 5.54 -11.93 -38.09
CA VAL C 223 4.24 -11.27 -38.14
C VAL C 223 4.33 -10.00 -37.31
N THR C 224 4.07 -8.86 -37.94
CA THR C 224 4.29 -7.57 -37.30
C THR C 224 2.99 -6.78 -37.22
N ALA C 225 2.72 -6.22 -36.05
CA ALA C 225 1.58 -5.32 -35.81
C ALA C 225 2.12 -4.16 -35.00
N SER C 226 2.55 -3.11 -35.69
CA SER C 226 3.23 -2.00 -35.04
C SER C 226 2.27 -1.20 -34.17
N ALA C 227 2.83 -0.25 -33.42
CA ALA C 227 2.03 0.55 -32.50
C ALA C 227 1.05 1.44 -33.23
N SER C 228 1.44 2.00 -34.37
CA SER C 228 0.59 2.94 -35.09
C SER C 228 -0.59 2.27 -35.79
N GLN C 229 -0.60 0.95 -35.89
CA GLN C 229 -1.71 0.26 -36.53
C GLN C 229 -2.97 0.36 -35.68
N PRO C 230 -4.15 0.26 -36.28
CA PRO C 230 -5.38 0.28 -35.49
C PRO C 230 -5.42 -0.89 -34.52
N ALA C 231 -6.09 -0.67 -33.39
CA ALA C 231 -6.14 -1.60 -32.26
C ALA C 231 -6.58 -3.02 -32.64
N PRO C 232 -7.59 -3.20 -33.49
CA PRO C 232 -7.97 -4.57 -33.86
C PRO C 232 -6.87 -5.38 -34.52
N LEU C 233 -5.94 -4.75 -35.24
CA LEU C 233 -4.83 -5.53 -35.78
C LEU C 233 -3.93 -6.08 -34.67
N LEU C 234 -3.63 -5.25 -33.66
CA LEU C 234 -2.92 -5.76 -32.50
C LEU C 234 -3.70 -6.87 -31.82
N PHE C 235 -5.02 -6.72 -31.77
CA PHE C 235 -5.88 -7.74 -31.17
C PHE C 235 -5.79 -9.07 -31.92
N LEU C 236 -5.76 -9.01 -33.25
CA LEU C 236 -5.88 -10.22 -34.05
C LEU C 236 -4.55 -10.87 -34.38
N ALA C 237 -3.44 -10.16 -34.23
CA ALA C 237 -2.14 -10.70 -34.65
C ALA C 237 -1.79 -12.06 -34.05
N PRO C 238 -1.93 -12.30 -32.74
CA PRO C 238 -1.56 -13.63 -32.22
C PRO C 238 -2.35 -14.76 -32.84
N TYR C 239 -3.64 -14.53 -33.11
CA TYR C 239 -4.45 -15.58 -33.73
C TYR C 239 -4.03 -15.82 -35.17
N ALA C 240 -3.65 -14.77 -35.91
CA ALA C 240 -3.10 -14.99 -37.24
C ALA C 240 -1.83 -15.83 -37.17
N GLY C 241 -0.97 -15.54 -36.19
CA GLY C 241 0.24 -16.33 -36.05
C GLY C 241 -0.04 -17.78 -35.76
N VAL C 242 -0.94 -18.05 -34.82
CA VAL C 242 -1.22 -19.43 -34.45
C VAL C 242 -1.95 -20.16 -35.58
N ALA C 243 -2.76 -19.43 -36.34
CA ALA C 243 -3.42 -20.05 -37.50
C ALA C 243 -2.39 -20.43 -38.56
N MET C 244 -1.37 -19.61 -38.76
CA MET C 244 -0.28 -19.99 -39.64
C MET C 244 0.45 -21.21 -39.09
N GLY C 245 0.62 -21.27 -37.77
CA GLY C 245 1.34 -22.40 -37.18
C GLY C 245 0.59 -23.71 -37.31
N GLU C 246 -0.73 -23.68 -37.19
CA GLU C 246 -1.49 -24.93 -37.19
C GLU C 246 -1.41 -25.65 -38.53
N TYR C 247 -1.22 -24.91 -39.62
CA TYR C 247 -1.10 -25.54 -40.93
C TYR C 247 0.11 -26.48 -40.96
N PHE C 248 1.22 -26.05 -40.37
CA PHE C 248 2.38 -26.93 -40.24
C PHE C 248 2.21 -27.93 -39.11
N MET C 249 1.37 -27.61 -38.12
CA MET C 249 1.03 -28.61 -37.11
C MET C 249 0.46 -29.86 -37.77
N TYR C 250 -0.52 -29.68 -38.66
CA TYR C 250 -1.27 -30.81 -39.16
C TYR C 250 -0.56 -31.54 -40.29
N LYS C 251 0.57 -31.03 -40.77
CA LYS C 251 1.38 -31.76 -41.73
C LYS C 251 2.36 -32.71 -41.06
N GLY C 252 2.43 -32.71 -39.73
CA GLY C 252 3.40 -33.53 -39.04
C GLY C 252 4.71 -32.83 -38.72
N LYS C 253 4.81 -31.53 -38.96
CA LYS C 253 6.01 -30.80 -38.64
C LYS C 253 5.93 -30.24 -37.22
N HIS C 254 6.99 -29.56 -36.79
CA HIS C 254 7.08 -28.97 -35.47
C HIS C 254 7.27 -27.47 -35.60
N VAL C 255 6.50 -26.71 -34.83
CA VAL C 255 6.44 -25.26 -34.96
C VAL C 255 6.69 -24.62 -33.60
N LEU C 256 7.48 -23.54 -33.59
CA LEU C 256 7.69 -22.72 -32.40
C LEU C 256 7.09 -21.35 -32.66
N VAL C 257 6.19 -20.92 -31.78
CA VAL C 257 5.47 -19.66 -31.92
C VAL C 257 5.75 -18.80 -30.70
N VAL C 258 6.17 -17.56 -30.93
CA VAL C 258 6.50 -16.62 -29.87
C VAL C 258 5.58 -15.43 -29.99
N TYR C 259 4.83 -15.12 -28.93
CA TYR C 259 4.00 -13.93 -28.87
C TYR C 259 4.76 -12.89 -28.05
N ASP C 260 5.05 -11.75 -28.65
CA ASP C 260 5.95 -10.81 -28.01
C ASP C 260 5.31 -10.04 -26.86
N ASP C 261 4.07 -9.57 -27.01
CA ASP C 261 3.44 -8.80 -25.92
C ASP C 261 1.96 -9.17 -25.81
N LEU C 262 1.68 -10.19 -25.01
CA LEU C 262 0.30 -10.43 -24.63
C LEU C 262 -0.26 -9.31 -23.78
N SER C 263 0.60 -8.60 -23.04
CA SER C 263 0.14 -7.44 -22.29
C SER C 263 -0.36 -6.35 -23.23
N LYS C 264 0.38 -6.09 -24.32
CA LYS C 264 -0.07 -5.08 -25.26
C LYS C 264 -1.30 -5.53 -26.03
N GLN C 265 -1.39 -6.82 -26.35
CA GLN C 265 -2.62 -7.31 -26.97
C GLN C 265 -3.81 -7.11 -26.04
N ALA C 266 -3.63 -7.40 -24.75
CA ALA C 266 -4.71 -7.19 -23.79
C ALA C 266 -5.07 -5.73 -23.66
N ALA C 267 -4.08 -4.84 -23.72
CA ALA C 267 -4.37 -3.41 -23.68
C ALA C 267 -5.21 -2.99 -24.88
N ALA C 268 -4.86 -3.49 -26.06
CA ALA C 268 -5.63 -3.16 -27.26
C ALA C 268 -7.07 -3.66 -27.14
N TYR C 269 -7.25 -4.90 -26.66
CA TYR C 269 -8.60 -5.41 -26.52
C TYR C 269 -9.39 -4.64 -25.48
N ARG C 270 -8.74 -4.21 -24.40
CA ARG C 270 -9.41 -3.40 -23.40
C ARG C 270 -9.87 -2.08 -24.00
N GLU C 271 -9.02 -1.45 -24.80
CA GLU C 271 -9.40 -0.22 -25.48
C GLU C 271 -10.63 -0.44 -26.36
N LEU C 272 -10.61 -1.50 -27.15
CA LEU C 272 -11.76 -1.77 -28.02
C LEU C 272 -13.03 -2.01 -27.21
N SER C 273 -12.92 -2.78 -26.14
CA SER C 273 -14.10 -3.06 -25.32
C SER C 273 -14.67 -1.79 -24.72
N LEU C 274 -13.82 -0.93 -24.17
CA LEU C 274 -14.31 0.29 -23.53
C LEU C 274 -14.87 1.26 -24.56
N LEU C 275 -14.33 1.25 -25.78
CA LEU C 275 -14.94 2.07 -26.83
C LEU C 275 -16.28 1.52 -27.27
N LEU C 276 -16.46 0.20 -27.21
CA LEU C 276 -17.76 -0.41 -27.52
C LEU C 276 -18.72 -0.35 -26.34
N ARG C 277 -18.30 0.21 -25.21
CA ARG C 277 -19.15 0.41 -24.04
C ARG C 277 -19.63 -0.92 -23.46
N ARG C 278 -18.69 -1.80 -23.17
CA ARG C 278 -18.98 -3.00 -22.40
C ARG C 278 -18.52 -2.82 -20.96
N PRO C 279 -19.22 -3.41 -20.00
CA PRO C 279 -18.86 -3.21 -18.60
C PRO C 279 -17.49 -3.78 -18.28
N PRO C 280 -16.66 -3.04 -17.57
CA PRO C 280 -15.31 -3.52 -17.23
C PRO C 280 -15.24 -4.19 -15.87
N GLY C 281 -14.22 -5.02 -15.71
CA GLY C 281 -13.92 -5.66 -14.45
C GLY C 281 -12.89 -4.89 -13.66
N ARG C 282 -12.06 -5.63 -12.92
CA ARG C 282 -10.97 -5.01 -12.20
C ARG C 282 -9.91 -4.49 -13.16
N GLU C 283 -9.29 -3.36 -12.79
CA GLU C 283 -8.31 -2.67 -13.61
C GLU C 283 -8.89 -2.32 -14.98
N ALA C 284 -10.20 -2.13 -15.05
CA ALA C 284 -10.93 -1.69 -16.24
C ALA C 284 -10.89 -2.70 -17.38
N TYR C 285 -10.30 -3.87 -17.17
CA TYR C 285 -10.28 -4.88 -18.23
C TYR C 285 -11.66 -5.51 -18.38
N PRO C 286 -12.03 -5.89 -19.60
CA PRO C 286 -13.28 -6.63 -19.79
C PRO C 286 -13.18 -8.03 -19.19
N GLY C 287 -14.34 -8.61 -18.90
CA GLY C 287 -14.39 -9.88 -18.20
C GLY C 287 -13.95 -11.07 -19.02
N ASP C 288 -13.88 -10.94 -20.33
CA ASP C 288 -13.56 -12.05 -21.21
C ASP C 288 -12.12 -12.05 -21.70
N ILE C 289 -11.24 -11.28 -21.08
CA ILE C 289 -9.84 -11.28 -21.48
C ILE C 289 -9.19 -12.63 -21.18
N PHE C 290 -9.61 -13.26 -20.08
CA PHE C 290 -9.09 -14.59 -19.77
C PHE C 290 -9.57 -15.61 -20.80
N TYR C 291 -10.82 -15.50 -21.23
CA TYR C 291 -11.31 -16.35 -22.30
C TYR C 291 -10.49 -16.15 -23.56
N LEU C 292 -10.20 -14.90 -23.90
CA LEU C 292 -9.38 -14.58 -25.06
C LEU C 292 -8.02 -15.28 -24.98
N HIS C 293 -7.31 -15.08 -23.88
CA HIS C 293 -5.95 -15.61 -23.78
C HIS C 293 -5.93 -17.13 -23.69
N SER C 294 -6.88 -17.72 -22.96
CA SER C 294 -6.94 -19.18 -22.87
C SER C 294 -7.24 -19.78 -24.23
N ARG C 295 -8.20 -19.19 -24.95
CA ARG C 295 -8.51 -19.67 -26.29
C ARG C 295 -7.32 -19.57 -27.22
N LEU C 296 -6.52 -18.51 -27.07
CA LEU C 296 -5.31 -18.40 -27.88
C LEU C 296 -4.29 -19.48 -27.51
N LEU C 297 -3.99 -19.61 -26.22
CA LEU C 297 -2.83 -20.41 -25.82
C LEU C 297 -3.12 -21.90 -25.89
N GLU C 298 -4.33 -22.33 -25.54
CA GLU C 298 -4.60 -23.76 -25.50
C GLU C 298 -4.62 -24.41 -26.88
N ARG C 299 -4.27 -23.69 -27.93
CA ARG C 299 -4.16 -24.30 -29.26
C ARG C 299 -2.80 -24.91 -29.51
N ALA C 300 -1.84 -24.72 -28.59
CA ALA C 300 -0.57 -25.39 -28.69
C ALA C 300 -0.64 -26.78 -28.08
N ALA C 301 -0.23 -27.78 -28.85
CA ALA C 301 -0.40 -29.16 -28.40
C ALA C 301 0.58 -30.06 -29.11
N LYS C 302 0.76 -31.25 -28.54
CA LYS C 302 1.53 -32.33 -29.16
C LYS C 302 0.55 -33.39 -29.64
N LEU C 303 0.40 -33.50 -30.96
CA LEU C 303 -0.62 -34.38 -31.51
C LEU C 303 -0.23 -35.83 -31.35
N SER C 304 -1.25 -36.69 -31.31
CA SER C 304 -1.01 -38.13 -31.19
C SER C 304 -0.48 -38.71 -32.49
N ASP C 305 -0.01 -39.95 -32.41
CA ASP C 305 0.56 -40.60 -33.59
C ASP C 305 -0.49 -40.78 -34.69
N ALA C 306 -1.75 -40.98 -34.32
CA ALA C 306 -2.80 -41.12 -35.32
C ALA C 306 -3.03 -39.81 -36.07
N LYS C 307 -2.61 -38.69 -35.49
CA LYS C 307 -2.81 -37.37 -36.09
C LYS C 307 -1.58 -36.85 -36.81
N GLY C 308 -0.53 -37.65 -36.94
CA GLY C 308 0.67 -37.25 -37.65
C GLY C 308 1.85 -36.92 -36.77
N GLY C 309 1.66 -36.68 -35.48
CA GLY C 309 2.77 -36.46 -34.58
C GLY C 309 3.33 -35.05 -34.57
N GLY C 310 2.71 -34.10 -35.25
CA GLY C 310 3.20 -32.73 -35.24
C GLY C 310 2.96 -32.06 -33.89
N SER C 311 3.57 -30.90 -33.72
CA SER C 311 3.49 -30.21 -32.45
C SER C 311 3.70 -28.72 -32.64
N LEU C 312 3.23 -27.95 -31.67
CA LEU C 312 3.44 -26.51 -31.61
C LEU C 312 3.69 -26.11 -30.17
N THR C 313 4.84 -25.49 -29.92
CA THR C 313 5.16 -24.97 -28.60
C THR C 313 5.09 -23.46 -28.61
N ALA C 314 4.58 -22.88 -27.53
CA ALA C 314 4.31 -21.45 -27.46
C ALA C 314 5.14 -20.82 -26.36
N LEU C 315 5.63 -19.61 -26.62
CA LEU C 315 6.40 -18.85 -25.63
C LEU C 315 5.83 -17.45 -25.48
N PRO C 316 4.67 -17.29 -24.84
CA PRO C 316 4.13 -15.95 -24.64
C PRO C 316 4.98 -15.13 -23.70
N PHE C 317 4.99 -13.82 -23.91
CA PHE C 317 5.71 -12.88 -23.06
C PHE C 317 4.72 -12.00 -22.32
N VAL C 318 5.06 -11.65 -21.08
CA VAL C 318 4.27 -10.73 -20.29
C VAL C 318 5.22 -9.77 -19.59
N GLU C 319 4.93 -8.47 -19.69
CA GLU C 319 5.74 -7.45 -19.06
C GLU C 319 5.03 -6.91 -17.83
N THR C 320 5.73 -6.93 -16.70
CA THR C 320 5.19 -6.39 -15.46
C THR C 320 5.80 -5.03 -15.17
N GLN C 321 5.14 -4.30 -14.27
CA GLN C 321 5.61 -2.98 -13.84
C GLN C 321 6.16 -3.08 -12.42
N ALA C 322 7.47 -2.86 -12.29
CA ALA C 322 8.14 -2.88 -10.99
C ALA C 322 7.95 -4.22 -10.28
N GLY C 323 8.02 -5.30 -11.04
CA GLY C 323 7.99 -6.63 -10.46
C GLY C 323 6.69 -7.04 -9.81
N ASP C 324 5.56 -6.50 -10.24
CA ASP C 324 4.27 -6.86 -9.68
C ASP C 324 3.65 -8.03 -10.45
N ILE C 325 3.91 -9.26 -10.00
CA ILE C 325 3.35 -10.44 -10.67
C ILE C 325 1.98 -10.82 -10.16
N SER C 326 1.42 -10.07 -9.22
CA SER C 326 0.07 -10.34 -8.75
C SER C 326 -0.99 -9.58 -9.53
N ALA C 327 -0.60 -8.85 -10.57
CA ALA C 327 -1.56 -8.09 -11.36
C ALA C 327 -2.45 -9.02 -12.16
N TYR C 328 -3.46 -8.44 -12.80
CA TYR C 328 -4.54 -9.23 -13.36
C TYR C 328 -4.07 -10.04 -14.58
N ILE C 329 -3.46 -9.37 -15.55
CA ILE C 329 -2.95 -10.08 -16.72
C ILE C 329 -1.86 -11.09 -16.35
N PRO C 330 -0.85 -10.74 -15.53
CA PRO C 330 0.11 -11.77 -15.12
C PRO C 330 -0.53 -12.95 -14.42
N THR C 331 -1.51 -12.74 -13.54
CA THR C 331 -2.16 -13.88 -12.90
C THR C 331 -2.89 -14.75 -13.91
N ASN C 332 -3.61 -14.13 -14.84
CA ASN C 332 -4.32 -14.92 -15.84
C ASN C 332 -3.35 -15.75 -16.67
N VAL C 333 -2.26 -15.14 -17.12
CA VAL C 333 -1.32 -15.88 -17.98
C VAL C 333 -0.60 -16.96 -17.18
N ILE C 334 -0.27 -16.69 -15.92
CA ILE C 334 0.41 -17.68 -15.10
C ILE C 334 -0.48 -18.89 -14.84
N SER C 335 -1.77 -18.65 -14.57
CA SER C 335 -2.66 -19.76 -14.27
C SER C 335 -2.90 -20.67 -15.46
N ILE C 336 -2.50 -20.26 -16.67
CA ILE C 336 -2.75 -21.07 -17.86
C ILE C 336 -1.55 -21.92 -18.23
N THR C 337 -0.38 -21.30 -18.37
CA THR C 337 0.77 -21.97 -18.95
C THR C 337 1.32 -23.04 -18.01
N ASP C 338 2.03 -24.00 -18.59
CA ASP C 338 2.58 -25.11 -17.81
C ASP C 338 3.70 -24.66 -16.89
N GLY C 339 4.48 -23.66 -17.29
CA GLY C 339 5.54 -23.16 -16.44
C GLY C 339 5.79 -21.70 -16.73
N GLN C 340 6.65 -21.10 -15.90
CA GLN C 340 7.01 -19.69 -16.06
C GLN C 340 8.50 -19.52 -15.82
N ILE C 341 9.08 -18.50 -16.46
CA ILE C 341 10.46 -18.11 -16.25
C ILE C 341 10.48 -16.64 -15.86
N PHE C 342 11.13 -16.32 -14.74
CA PHE C 342 11.14 -14.96 -14.22
C PHE C 342 12.53 -14.35 -14.43
N LEU C 343 12.58 -13.21 -15.11
CA LEU C 343 13.81 -12.46 -15.29
C LEU C 343 13.79 -11.25 -14.37
N GLN C 344 14.89 -11.03 -13.67
CA GLN C 344 14.93 -10.02 -12.61
C GLN C 344 16.07 -9.04 -12.85
N SER C 345 15.75 -7.74 -12.69
CA SER C 345 16.74 -6.71 -12.91
C SER C 345 17.86 -6.75 -11.87
N ASP C 346 17.52 -7.09 -10.62
CA ASP C 346 18.56 -7.14 -9.58
C ASP C 346 19.58 -8.22 -9.89
N LEU C 347 19.14 -9.34 -10.48
CA LEU C 347 20.10 -10.32 -10.99
C LEU C 347 20.78 -9.80 -12.25
N PHE C 348 20.08 -8.99 -13.04
CA PHE C 348 20.65 -8.53 -14.31
C PHE C 348 21.87 -7.66 -14.07
N PHE C 349 21.79 -6.72 -13.14
CA PHE C 349 22.88 -5.77 -12.97
C PHE C 349 24.01 -6.31 -12.10
N SER C 350 23.76 -7.36 -11.33
CA SER C 350 24.84 -7.97 -10.56
C SER C 350 25.67 -8.93 -11.37
N GLY C 351 25.54 -8.91 -12.70
CA GLY C 351 26.34 -9.75 -13.57
C GLY C 351 25.68 -11.02 -14.03
N VAL C 352 24.60 -11.45 -13.37
CA VAL C 352 23.95 -12.70 -13.74
C VAL C 352 23.07 -12.48 -14.95
N ARG C 353 23.62 -12.72 -16.14
CA ARG C 353 22.84 -12.66 -17.36
C ARG C 353 23.01 -13.95 -18.13
N PRO C 354 21.91 -14.58 -18.57
CA PRO C 354 20.52 -14.11 -18.41
C PRO C 354 20.06 -14.18 -16.96
N ALA C 355 18.98 -13.49 -16.64
CA ALA C 355 18.58 -13.27 -15.25
C ALA C 355 17.53 -14.25 -14.76
N ILE C 356 17.57 -15.51 -15.20
CA ILE C 356 16.62 -16.49 -14.71
C ILE C 356 16.78 -16.64 -13.21
N ASN C 357 15.70 -16.43 -12.47
CA ASN C 357 15.66 -16.73 -11.04
C ASN C 357 15.23 -18.18 -10.90
N ALA C 358 16.19 -19.07 -10.67
CA ALA C 358 15.88 -20.50 -10.63
C ALA C 358 14.99 -20.86 -9.46
N GLY C 359 14.98 -20.05 -8.41
CA GLY C 359 14.15 -20.34 -7.25
C GLY C 359 12.68 -20.25 -7.57
N LEU C 360 12.28 -19.25 -8.36
CA LEU C 360 10.88 -19.02 -8.64
C LEU C 360 10.43 -19.68 -9.93
N SER C 361 11.35 -19.91 -10.87
CA SER C 361 10.98 -20.51 -12.14
C SER C 361 10.49 -21.93 -11.94
N VAL C 362 9.46 -22.31 -12.69
CA VAL C 362 8.81 -23.60 -12.53
C VAL C 362 8.58 -24.22 -13.91
N SER C 363 8.73 -25.53 -14.00
CA SER C 363 8.45 -26.27 -15.22
C SER C 363 7.78 -27.59 -14.83
N ARG C 364 6.50 -27.73 -15.14
CA ARG C 364 5.78 -28.94 -14.78
C ARG C 364 6.13 -30.11 -15.69
N VAL C 365 6.86 -29.86 -16.77
CA VAL C 365 7.19 -30.90 -17.74
C VAL C 365 8.68 -31.28 -17.64
N GLY C 366 9.32 -30.98 -16.52
CA GLY C 366 10.71 -31.32 -16.35
C GLY C 366 10.93 -32.82 -16.36
N GLY C 367 12.13 -33.25 -16.74
CA GLY C 367 12.44 -34.67 -16.76
C GLY C 367 11.97 -35.34 -18.02
N ALA C 368 10.67 -35.23 -18.31
CA ALA C 368 10.15 -35.79 -19.56
C ALA C 368 10.67 -35.02 -20.76
N ALA C 369 11.13 -33.79 -20.55
CA ALA C 369 11.63 -32.96 -21.63
C ALA C 369 13.15 -32.94 -21.71
N GLN C 370 13.84 -33.76 -20.94
CA GLN C 370 15.29 -33.76 -20.91
C GLN C 370 15.83 -35.11 -21.37
N ILE C 371 17.00 -35.09 -22.01
CA ILE C 371 17.66 -36.33 -22.36
C ILE C 371 18.27 -36.97 -21.10
N LYS C 372 18.61 -38.25 -21.22
CA LYS C 372 19.01 -39.02 -20.04
C LYS C 372 20.28 -38.47 -19.41
N ALA C 373 21.26 -38.10 -20.24
CA ALA C 373 22.50 -37.54 -19.71
C ALA C 373 22.23 -36.25 -18.94
N MET C 374 21.36 -35.40 -19.47
CA MET C 374 21.01 -34.16 -18.77
C MET C 374 20.28 -34.45 -17.46
N LYS C 375 19.39 -35.45 -17.47
CA LYS C 375 18.64 -35.80 -16.27
C LYS C 375 19.57 -36.32 -15.18
N LYS C 376 20.65 -37.00 -15.57
CA LYS C 376 21.56 -37.56 -14.58
C LYS C 376 22.15 -36.49 -13.69
N VAL C 377 22.47 -35.33 -14.25
CA VAL C 377 23.21 -34.31 -13.51
C VAL C 377 22.34 -33.13 -13.08
N ALA C 378 21.18 -32.93 -13.72
CA ALA C 378 20.37 -31.76 -13.39
C ALA C 378 19.84 -31.83 -11.98
N GLY C 379 19.52 -33.02 -11.48
CA GLY C 379 19.06 -33.13 -10.11
C GLY C 379 20.12 -32.71 -9.11
N THR C 380 21.36 -33.13 -9.33
CA THR C 380 22.45 -32.71 -8.46
C THR C 380 22.65 -31.21 -8.52
N LEU C 381 22.54 -30.64 -9.72
CA LEU C 381 22.65 -29.19 -9.84
C LEU C 381 21.54 -28.48 -9.07
N ARG C 382 20.31 -28.97 -9.16
CA ARG C 382 19.20 -28.39 -8.43
C ARG C 382 19.45 -28.44 -6.92
N LEU C 383 19.90 -29.60 -6.43
CA LEU C 383 20.16 -29.74 -5.00
C LEU C 383 21.23 -28.76 -4.53
N ASP C 384 22.33 -28.67 -5.29
CA ASP C 384 23.41 -27.77 -4.89
C ASP C 384 22.95 -26.33 -4.87
N LEU C 385 22.21 -25.91 -5.91
CA LEU C 385 21.76 -24.53 -5.99
C LEU C 385 20.76 -24.20 -4.89
N ALA C 386 19.87 -25.14 -4.57
CA ALA C 386 18.92 -24.91 -3.48
C ALA C 386 19.62 -24.76 -2.14
N ALA C 387 20.61 -25.62 -1.87
CA ALA C 387 21.35 -25.48 -0.63
C ALA C 387 22.08 -24.14 -0.57
N TYR C 388 22.67 -23.73 -1.69
CA TYR C 388 23.36 -22.44 -1.73
C TYR C 388 22.41 -21.30 -1.42
N ARG C 389 21.23 -21.30 -2.05
CA ARG C 389 20.32 -20.18 -1.86
C ARG C 389 19.74 -20.16 -0.46
N GLU C 390 19.53 -21.33 0.15
CA GLU C 390 19.10 -21.33 1.55
C GLU C 390 20.17 -20.76 2.46
N LEU C 391 21.43 -21.12 2.23
CA LEU C 391 22.49 -20.68 3.14
C LEU C 391 22.94 -19.25 2.86
N GLU C 392 22.57 -18.69 1.70
CA GLU C 392 23.06 -17.37 1.33
C GLU C 392 22.67 -16.29 2.34
N ALA C 393 21.57 -16.46 3.07
CA ALA C 393 21.15 -15.45 4.03
C ALA C 393 22.14 -15.30 5.18
N PHE C 394 23.04 -16.25 5.37
CA PHE C 394 24.02 -16.21 6.44
C PHE C 394 25.41 -15.80 5.96
N ALA C 395 25.62 -15.73 4.64
CA ALA C 395 26.91 -15.30 4.11
C ALA C 395 27.21 -13.85 4.44
N GLN C 396 26.22 -13.09 4.90
CA GLN C 396 26.43 -11.70 5.30
C GLN C 396 27.15 -11.59 6.64
N PHE C 397 27.24 -12.69 7.40
CA PHE C 397 27.80 -12.66 8.74
C PHE C 397 29.26 -13.07 8.79
N GLY C 398 30.03 -12.75 7.77
CA GLY C 398 31.47 -12.95 7.81
C GLY C 398 31.89 -14.21 7.06
N SER C 399 33.22 -14.37 7.00
CA SER C 399 33.82 -15.51 6.30
C SER C 399 34.10 -16.69 7.22
N ASP C 400 33.78 -16.58 8.50
CA ASP C 400 33.99 -17.68 9.45
C ASP C 400 32.64 -18.27 9.82
N LEU C 401 32.37 -19.49 9.34
CA LEU C 401 31.13 -20.19 9.62
C LEU C 401 31.46 -21.66 9.84
N ASP C 402 30.42 -22.49 9.93
CA ASP C 402 30.64 -23.92 10.06
C ASP C 402 31.37 -24.45 8.84
N LYS C 403 32.30 -25.40 9.06
CA LYS C 403 33.30 -25.72 8.05
C LYS C 403 32.67 -26.22 6.75
N ALA C 404 31.50 -26.84 6.81
CA ALA C 404 30.85 -27.28 5.58
C ALA C 404 30.18 -26.12 4.86
N THR C 405 29.78 -25.09 5.59
CA THR C 405 28.99 -24.02 5.00
C THR C 405 29.80 -23.22 3.99
N GLN C 406 31.06 -22.91 4.28
CA GLN C 406 31.83 -22.16 3.29
C GLN C 406 32.12 -22.99 2.05
N ALA C 407 32.30 -24.30 2.19
CA ALA C 407 32.43 -25.15 1.02
C ALA C 407 31.16 -25.13 0.18
N LYS C 408 30.00 -25.19 0.84
CA LYS C 408 28.73 -25.13 0.11
C LYS C 408 28.58 -23.78 -0.60
N LEU C 409 28.98 -22.70 0.07
CA LEU C 409 28.93 -21.38 -0.56
C LEU C 409 29.84 -21.32 -1.77
N ALA C 410 31.04 -21.90 -1.67
CA ALA C 410 31.96 -21.90 -2.81
C ALA C 410 31.38 -22.67 -3.98
N ARG C 411 30.78 -23.82 -3.70
CA ARG C 411 30.16 -24.59 -4.78
C ARG C 411 29.00 -23.83 -5.41
N GLY C 412 28.19 -23.17 -4.59
CA GLY C 412 27.08 -22.39 -5.14
C GLY C 412 27.56 -21.24 -6.00
N ALA C 413 28.63 -20.56 -5.56
CA ALA C 413 29.19 -19.48 -6.36
C ALA C 413 29.72 -20.00 -7.69
N ARG C 414 30.36 -21.17 -7.67
CA ARG C 414 30.85 -21.74 -8.92
C ARG C 414 29.69 -22.09 -9.86
N THR C 415 28.59 -22.61 -9.32
CA THR C 415 27.43 -22.88 -10.16
C THR C 415 26.89 -21.60 -10.77
N VAL C 416 26.82 -20.53 -9.96
CA VAL C 416 26.34 -19.25 -10.46
C VAL C 416 27.23 -18.74 -11.59
N GLU C 417 28.55 -18.91 -11.45
CA GLU C 417 29.46 -18.48 -12.52
C GLU C 417 29.33 -19.36 -13.76
N VAL C 418 29.05 -20.65 -13.58
CA VAL C 418 28.91 -21.54 -14.75
C VAL C 418 27.65 -21.18 -15.53
N LEU C 419 26.53 -20.95 -14.84
CA LEU C 419 25.26 -20.71 -15.51
C LEU C 419 25.25 -19.41 -16.31
N LYS C 420 26.23 -18.53 -16.12
CA LYS C 420 26.32 -17.29 -16.87
C LYS C 420 26.65 -17.58 -18.33
N GLN C 421 26.19 -16.70 -19.22
CA GLN C 421 26.38 -16.91 -20.65
C GLN C 421 26.26 -15.59 -21.40
N ASP C 422 27.02 -15.45 -22.47
CA ASP C 422 27.03 -14.23 -23.27
C ASP C 422 25.90 -14.22 -24.28
N LEU C 423 25.84 -13.14 -25.06
CA LEU C 423 24.73 -12.92 -25.97
C LEU C 423 24.98 -13.58 -27.32
N HIS C 424 23.92 -14.15 -27.89
CA HIS C 424 23.94 -14.83 -29.18
C HIS C 424 24.99 -15.93 -29.27
N GLN C 425 25.16 -16.69 -28.19
CA GLN C 425 26.12 -17.80 -28.14
C GLN C 425 25.44 -19.04 -27.58
N PRO C 426 24.58 -19.68 -28.37
CA PRO C 426 23.96 -20.93 -27.91
C PRO C 426 24.99 -22.05 -27.81
N ILE C 427 24.72 -22.98 -26.91
CA ILE C 427 25.65 -24.05 -26.57
C ILE C 427 24.98 -25.38 -26.86
N PRO C 428 25.62 -26.31 -27.57
CA PRO C 428 25.02 -27.63 -27.79
C PRO C 428 24.88 -28.40 -26.48
N VAL C 429 23.84 -29.25 -26.44
CA VAL C 429 23.52 -29.96 -25.21
C VAL C 429 24.63 -30.93 -24.83
N GLU C 430 25.33 -31.48 -25.82
CA GLU C 430 26.40 -32.43 -25.50
C GLU C 430 27.58 -31.74 -24.81
N LYS C 431 27.72 -30.43 -25.01
CA LYS C 431 28.73 -29.68 -24.27
C LYS C 431 28.18 -29.19 -22.95
N GLN C 432 26.90 -28.83 -22.90
CA GLN C 432 26.28 -28.41 -21.65
C GLN C 432 26.35 -29.52 -20.61
N VAL C 433 26.03 -30.75 -21.01
CA VAL C 433 26.04 -31.86 -20.06
C VAL C 433 27.45 -32.12 -19.56
N LEU C 434 28.45 -32.01 -20.42
CA LEU C 434 29.82 -32.26 -19.99
C LEU C 434 30.29 -31.20 -19.00
N ILE C 435 30.02 -29.92 -19.29
CA ILE C 435 30.49 -28.89 -18.38
C ILE C 435 29.74 -28.97 -17.05
N ILE C 436 28.46 -29.32 -17.08
CA ILE C 436 27.72 -29.44 -15.82
C ILE C 436 28.20 -30.66 -15.04
N TYR C 437 28.57 -31.74 -15.71
CA TYR C 437 29.18 -32.87 -15.03
C TYR C 437 30.48 -32.45 -14.35
N ALA C 438 31.34 -31.74 -15.08
CA ALA C 438 32.61 -31.30 -14.52
C ALA C 438 32.39 -30.41 -13.31
N LEU C 439 31.38 -29.53 -13.37
CA LEU C 439 31.04 -28.71 -12.22
C LEU C 439 30.59 -29.59 -11.05
N THR C 440 29.63 -30.48 -11.29
CA THR C 440 28.92 -31.12 -10.20
C THR C 440 29.77 -32.20 -9.52
N ARG C 441 30.76 -32.75 -10.22
CA ARG C 441 31.58 -33.79 -9.60
C ARG C 441 32.74 -33.23 -8.80
N GLY C 442 32.89 -31.91 -8.74
CA GLY C 442 33.97 -31.32 -7.98
C GLY C 442 35.26 -31.10 -8.74
N PHE C 443 35.32 -31.49 -10.01
CA PHE C 443 36.52 -31.23 -10.81
C PHE C 443 36.78 -29.74 -10.96
N LEU C 444 35.77 -28.90 -10.77
CA LEU C 444 35.93 -27.47 -10.86
C LEU C 444 36.24 -26.80 -9.53
N ASP C 445 36.24 -27.55 -8.43
CA ASP C 445 36.29 -26.94 -7.11
C ASP C 445 37.67 -26.40 -6.76
N ASP C 446 38.72 -26.85 -7.44
CA ASP C 446 40.04 -26.28 -7.20
C ASP C 446 40.29 -25.00 -7.99
N ILE C 447 39.44 -24.69 -8.96
CA ILE C 447 39.62 -23.50 -9.80
C ILE C 447 38.98 -22.30 -9.10
N PRO C 448 39.64 -21.14 -9.08
CA PRO C 448 39.01 -19.96 -8.45
C PRO C 448 37.80 -19.49 -9.22
N VAL C 449 36.98 -18.68 -8.56
CA VAL C 449 35.66 -18.32 -9.09
C VAL C 449 35.78 -17.52 -10.38
N GLU C 450 36.69 -16.54 -10.42
CA GLU C 450 36.77 -15.66 -11.58
C GLU C 450 37.38 -16.32 -12.80
N ASP C 451 37.94 -17.52 -12.65
CA ASP C 451 38.53 -18.23 -13.78
C ASP C 451 37.58 -19.23 -14.41
N VAL C 452 36.34 -19.32 -13.92
CA VAL C 452 35.42 -20.37 -14.38
C VAL C 452 35.02 -20.15 -15.83
N ARG C 453 34.77 -18.90 -16.22
CA ARG C 453 34.36 -18.62 -17.60
C ARG C 453 35.46 -19.01 -18.58
N ARG C 454 36.70 -18.62 -18.29
CA ARG C 454 37.81 -19.01 -19.14
C ARG C 454 37.99 -20.52 -19.13
N PHE C 455 37.75 -21.17 -17.99
CA PHE C 455 37.81 -22.62 -17.94
C PHE C 455 36.80 -23.24 -18.90
N GLU C 456 35.57 -22.72 -18.90
CA GLU C 456 34.54 -23.26 -19.78
C GLU C 456 34.92 -23.08 -21.25
N LYS C 457 35.42 -21.89 -21.60
CA LYS C 457 35.78 -21.65 -22.99
C LYS C 457 36.93 -22.56 -23.43
N GLU C 458 38.00 -22.61 -22.64
CA GLU C 458 39.12 -23.48 -22.97
C GLU C 458 38.71 -24.95 -22.98
N PHE C 459 37.74 -25.32 -22.15
CA PHE C 459 37.28 -26.70 -22.10
C PHE C 459 36.52 -27.06 -23.37
N TYR C 460 35.67 -26.16 -23.86
CA TYR C 460 35.02 -26.40 -25.15
C TYR C 460 36.04 -26.52 -26.26
N LEU C 461 37.05 -25.64 -26.27
CA LEU C 461 38.08 -25.73 -27.29
C LEU C 461 38.84 -27.05 -27.21
N PHE C 462 39.19 -27.48 -26.00
CA PHE C 462 39.90 -28.74 -25.82
C PHE C 462 39.05 -29.91 -26.30
N LEU C 463 37.76 -29.91 -25.95
CA LEU C 463 36.87 -30.97 -26.38
C LEU C 463 36.68 -31.01 -27.88
N ASP C 464 36.86 -29.87 -28.56
CA ASP C 464 36.78 -29.88 -30.02
C ASP C 464 37.86 -30.75 -30.64
N GLN C 465 39.07 -30.76 -30.07
CA GLN C 465 40.18 -31.53 -30.63
C GLN C 465 40.36 -32.90 -30.00
N ASN C 466 39.98 -33.06 -28.73
CA ASN C 466 40.18 -34.31 -28.02
C ASN C 466 38.87 -34.72 -27.35
N GLY C 467 38.71 -36.03 -27.17
CA GLY C 467 37.47 -36.52 -26.60
C GLY C 467 36.27 -36.35 -27.50
N GLN C 468 36.49 -36.24 -28.82
CA GLN C 468 35.37 -36.13 -29.75
C GLN C 468 34.48 -37.36 -29.68
N HIS C 469 35.05 -38.50 -29.31
CA HIS C 469 34.24 -39.71 -29.13
C HIS C 469 33.23 -39.55 -28.01
N LEU C 470 33.56 -38.78 -26.98
CA LEU C 470 32.57 -38.47 -25.94
C LEU C 470 31.38 -37.71 -26.52
N LEU C 471 31.67 -36.69 -27.32
CA LEU C 471 30.60 -35.91 -27.93
C LEU C 471 29.75 -36.78 -28.84
N GLU C 472 30.39 -37.63 -29.64
CA GLU C 472 29.63 -38.51 -30.54
C GLU C 472 28.78 -39.50 -29.76
N HIS C 473 29.34 -40.10 -28.71
CA HIS C 473 28.57 -41.05 -27.89
C HIS C 473 27.35 -40.37 -27.30
N ILE C 474 27.53 -39.22 -26.67
CA ILE C 474 26.39 -38.52 -26.08
C ILE C 474 25.39 -38.12 -27.14
N ARG C 475 25.88 -37.56 -28.25
CA ARG C 475 25.00 -37.03 -29.29
C ARG C 475 24.18 -38.13 -29.96
N THR C 476 24.71 -39.36 -30.01
CA THR C 476 24.02 -40.45 -30.69
C THR C 476 23.21 -41.34 -29.77
N THR C 477 23.57 -41.44 -28.49
CA THR C 477 22.90 -42.35 -27.58
C THR C 477 22.13 -41.66 -26.46
N LYS C 478 22.23 -40.34 -26.35
CA LYS C 478 21.55 -39.56 -25.32
C LYS C 478 21.90 -40.02 -23.91
N ASP C 479 23.14 -40.49 -23.71
CA ASP C 479 23.58 -40.96 -22.41
C ASP C 479 25.04 -40.61 -22.22
N LEU C 480 25.45 -40.54 -20.95
CA LEU C 480 26.83 -40.20 -20.62
C LEU C 480 27.77 -41.33 -21.05
N PRO C 481 29.02 -40.99 -21.41
CA PRO C 481 29.97 -42.02 -21.81
C PRO C 481 30.55 -42.76 -20.61
N ASN C 482 31.56 -43.59 -20.86
CA ASN C 482 32.20 -44.34 -19.79
C ASN C 482 32.70 -43.42 -18.69
N GLU C 483 32.43 -43.81 -17.44
CA GLU C 483 32.76 -42.95 -16.30
C GLU C 483 34.25 -42.71 -16.17
N ASP C 484 35.07 -43.75 -16.28
CA ASP C 484 36.52 -43.58 -16.12
C ASP C 484 37.10 -42.73 -17.23
N ASP C 485 36.64 -42.95 -18.47
CA ASP C 485 37.19 -42.21 -19.61
C ASP C 485 36.92 -40.72 -19.49
N LEU C 486 35.71 -40.36 -19.05
CA LEU C 486 35.37 -38.95 -18.86
C LEU C 486 36.26 -38.31 -17.80
N ASN C 487 36.47 -39.01 -16.69
CA ASN C 487 37.36 -38.49 -15.65
C ASN C 487 38.77 -38.31 -16.16
N LYS C 488 39.26 -39.28 -16.95
CA LYS C 488 40.59 -39.17 -17.50
C LYS C 488 40.71 -37.96 -18.42
N ALA C 489 39.69 -37.71 -19.25
CA ALA C 489 39.72 -36.53 -20.12
C ALA C 489 39.71 -35.25 -19.32
N ILE C 490 38.89 -35.19 -18.26
CA ILE C 490 38.87 -33.99 -17.43
C ILE C 490 40.23 -33.75 -16.79
N GLU C 491 40.87 -34.80 -16.30
CA GLU C 491 42.19 -34.65 -15.69
C GLU C 491 43.21 -34.19 -16.72
N ALA C 492 43.13 -34.73 -17.94
CA ALA C 492 44.06 -34.33 -19.00
C ALA C 492 43.92 -32.85 -19.30
N PHE C 493 42.69 -32.36 -19.40
CA PHE C 493 42.51 -30.93 -19.65
C PHE C 493 42.97 -30.09 -18.46
N LYS C 494 42.66 -30.54 -17.24
CA LYS C 494 43.05 -29.79 -16.06
C LYS C 494 44.55 -29.70 -15.92
N LYS C 495 45.29 -30.67 -16.47
CA LYS C 495 46.74 -30.55 -16.48
C LYS C 495 47.23 -29.38 -17.31
N THR C 496 46.64 -29.17 -18.49
CA THR C 496 47.09 -28.10 -19.38
C THR C 496 46.42 -26.76 -19.11
N PHE C 497 45.39 -26.72 -18.27
CA PHE C 497 44.82 -25.44 -17.89
C PHE C 497 45.78 -24.66 -17.02
N VAL C 498 45.71 -23.33 -17.11
CA VAL C 498 46.56 -22.43 -16.34
C VAL C 498 45.68 -21.49 -15.52
N VAL C 499 46.11 -21.18 -14.30
CA VAL C 499 45.30 -20.46 -13.33
C VAL C 499 45.94 -19.11 -13.02
N SER C 500 45.10 -18.09 -12.85
CA SER C 500 45.57 -16.76 -12.49
C SER C 500 45.38 -16.49 -11.00
N MET D 12 -47.03 -24.55 -26.47
CA MET D 12 -45.61 -24.45 -26.74
C MET D 12 -45.24 -23.05 -27.24
N THR D 13 -44.10 -22.54 -26.77
CA THR D 13 -43.63 -21.23 -27.18
C THR D 13 -42.13 -21.30 -27.46
N ARG D 14 -41.68 -20.41 -28.35
CA ARG D 14 -40.28 -20.29 -28.71
C ARG D 14 -39.85 -18.84 -28.59
N GLY D 15 -38.55 -18.63 -28.44
CA GLY D 15 -38.00 -17.31 -28.28
C GLY D 15 -37.19 -16.85 -29.50
N ARG D 16 -36.66 -15.63 -29.39
CA ARG D 16 -35.84 -15.03 -30.43
C ARG D 16 -34.64 -14.34 -29.81
N VAL D 17 -33.50 -14.40 -30.48
CA VAL D 17 -32.31 -13.72 -30.00
C VAL D 17 -32.41 -12.25 -30.32
N ILE D 18 -32.00 -11.41 -29.38
CA ILE D 18 -32.07 -9.96 -29.52
C ILE D 18 -30.70 -9.31 -29.50
N GLN D 19 -29.91 -9.55 -28.45
CA GLN D 19 -28.59 -8.96 -28.33
C GLN D 19 -27.55 -10.04 -28.14
N VAL D 20 -26.38 -9.81 -28.72
CA VAL D 20 -25.24 -10.71 -28.58
C VAL D 20 -24.03 -9.89 -28.15
N MET D 21 -23.52 -10.15 -26.95
CA MET D 21 -22.36 -9.47 -26.40
C MET D 21 -21.37 -10.53 -25.91
N GLY D 22 -20.53 -11.02 -26.82
CA GLY D 22 -19.63 -12.09 -26.49
C GLY D 22 -20.39 -13.31 -26.03
N PRO D 23 -20.00 -13.87 -24.87
CA PRO D 23 -20.73 -15.02 -24.33
C PRO D 23 -22.04 -14.65 -23.65
N VAL D 24 -22.55 -13.43 -23.83
CA VAL D 24 -23.78 -12.98 -23.21
C VAL D 24 -24.84 -12.79 -24.30
N VAL D 25 -25.99 -13.43 -24.14
CA VAL D 25 -27.04 -13.45 -25.15
C VAL D 25 -28.37 -13.07 -24.51
N ASP D 26 -29.13 -12.21 -25.19
CA ASP D 26 -30.47 -11.83 -24.76
C ASP D 26 -31.51 -12.48 -25.64
N VAL D 27 -32.52 -13.08 -25.03
CA VAL D 27 -33.58 -13.78 -25.73
C VAL D 27 -34.93 -13.23 -25.28
N LYS D 28 -35.83 -13.03 -26.24
CA LYS D 28 -37.16 -12.50 -25.98
C LYS D 28 -38.20 -13.57 -26.25
N PHE D 29 -39.03 -13.86 -25.26
CA PHE D 29 -40.09 -14.84 -25.37
C PHE D 29 -41.44 -14.13 -25.47
N GLU D 30 -42.46 -14.90 -25.85
CA GLU D 30 -43.82 -14.38 -25.85
C GLU D 30 -44.27 -14.12 -24.42
N ASN D 31 -45.18 -13.15 -24.27
CA ASN D 31 -45.61 -12.74 -22.94
C ASN D 31 -46.31 -13.88 -22.22
N GLY D 32 -45.95 -14.05 -20.94
CA GLY D 32 -46.58 -15.03 -20.09
C GLY D 32 -45.92 -16.40 -20.08
N HIS D 33 -45.00 -16.67 -20.99
CA HIS D 33 -44.34 -17.97 -21.08
C HIS D 33 -42.84 -17.86 -20.93
N LEU D 34 -42.39 -17.08 -19.96
CA LEU D 34 -40.97 -16.93 -19.70
C LEU D 34 -40.40 -18.20 -19.07
N PRO D 35 -39.14 -18.51 -19.36
CA PRO D 35 -38.50 -19.64 -18.68
C PRO D 35 -38.02 -19.25 -17.30
N ALA D 36 -38.00 -20.23 -16.40
CA ALA D 36 -37.54 -19.99 -15.05
C ALA D 36 -36.02 -19.80 -15.03
N ILE D 37 -35.54 -19.14 -13.97
CA ILE D 37 -34.10 -18.92 -13.83
C ILE D 37 -33.39 -20.27 -13.77
N TYR D 38 -32.18 -20.31 -14.34
CA TYR D 38 -31.32 -21.48 -14.41
C TYR D 38 -31.83 -22.55 -15.38
N ASN D 39 -32.87 -22.26 -16.15
CA ASN D 39 -33.27 -23.20 -17.18
C ASN D 39 -32.23 -23.22 -18.29
N ALA D 40 -32.23 -24.31 -19.05
CA ALA D 40 -31.33 -24.46 -20.19
C ALA D 40 -32.10 -24.26 -21.48
N LEU D 41 -31.57 -23.42 -22.37
CA LEU D 41 -32.18 -23.15 -23.66
C LEU D 41 -31.27 -23.67 -24.77
N LYS D 42 -31.88 -24.29 -25.78
CA LYS D 42 -31.14 -24.87 -26.89
C LYS D 42 -31.32 -24.01 -28.13
N ILE D 43 -30.25 -23.85 -28.90
CA ILE D 43 -30.31 -23.20 -30.20
C ILE D 43 -29.75 -24.17 -31.23
N GLN D 44 -30.60 -24.57 -32.16
CA GLN D 44 -30.21 -25.48 -33.23
C GLN D 44 -30.62 -24.86 -34.56
N HIS D 45 -29.64 -24.59 -35.42
CA HIS D 45 -29.86 -23.85 -36.63
C HIS D 45 -29.17 -24.55 -37.80
N LYS D 46 -29.82 -24.55 -38.94
CA LYS D 46 -29.27 -25.12 -40.17
C LYS D 46 -29.05 -24.01 -41.17
N ALA D 47 -27.90 -24.02 -41.83
CA ALA D 47 -27.55 -22.94 -42.75
C ALA D 47 -28.55 -22.87 -43.89
N ARG D 48 -29.33 -21.78 -43.92
CA ARG D 48 -30.28 -21.55 -45.00
C ARG D 48 -29.59 -21.20 -46.32
N ASN D 49 -28.34 -20.74 -46.25
CA ASN D 49 -27.60 -20.36 -47.44
C ASN D 49 -26.11 -20.35 -47.10
N GLU D 50 -25.31 -20.00 -48.10
CA GLU D 50 -23.86 -20.00 -47.95
C GLU D 50 -23.38 -18.92 -46.98
N ASN D 51 -24.24 -17.96 -46.65
CA ASN D 51 -23.88 -16.85 -45.78
C ASN D 51 -24.30 -17.10 -44.33
N GLU D 52 -24.50 -18.36 -43.98
CA GLU D 52 -24.86 -18.76 -42.63
C GLU D 52 -24.05 -19.99 -42.24
N VAL D 53 -23.96 -20.25 -40.95
CA VAL D 53 -23.23 -21.40 -40.44
C VAL D 53 -24.11 -22.17 -39.47
N ASP D 54 -23.99 -23.49 -39.51
CA ASP D 54 -24.76 -24.34 -38.61
C ASP D 54 -24.32 -24.12 -37.16
N ILE D 55 -25.30 -24.03 -36.27
CA ILE D 55 -25.05 -23.75 -34.86
C ILE D 55 -25.82 -24.75 -34.01
N ASP D 56 -25.15 -25.30 -33.00
CA ASP D 56 -25.80 -26.13 -31.99
C ASP D 56 -25.24 -25.70 -30.65
N LEU D 57 -26.01 -24.90 -29.92
CA LEU D 57 -25.53 -24.21 -28.73
C LEU D 57 -26.59 -24.29 -27.64
N THR D 58 -26.14 -24.17 -26.39
CA THR D 58 -27.03 -24.15 -25.24
C THR D 58 -26.71 -22.96 -24.36
N LEU D 59 -27.73 -22.44 -23.67
CA LEU D 59 -27.62 -21.25 -22.84
C LEU D 59 -28.21 -21.51 -21.47
N GLU D 60 -27.74 -20.77 -20.47
CA GLU D 60 -28.31 -20.82 -19.13
C GLU D 60 -28.90 -19.47 -18.77
N VAL D 61 -30.15 -19.46 -18.32
CA VAL D 61 -30.83 -18.23 -17.94
C VAL D 61 -30.17 -17.65 -16.69
N ALA D 62 -29.99 -16.33 -16.67
CA ALA D 62 -29.38 -15.65 -15.55
C ALA D 62 -30.27 -14.60 -14.89
N LEU D 63 -31.01 -13.81 -15.67
CA LEU D 63 -31.81 -12.73 -15.12
C LEU D 63 -33.11 -12.60 -15.90
N HIS D 64 -34.06 -11.89 -15.31
CA HIS D 64 -35.29 -11.49 -16.00
C HIS D 64 -35.29 -9.98 -16.17
N LEU D 65 -34.93 -9.53 -17.36
CA LEU D 65 -34.76 -8.09 -17.61
C LEU D 65 -36.09 -7.35 -17.67
N GLY D 66 -37.20 -8.05 -17.80
CA GLY D 66 -38.48 -7.43 -17.99
C GLY D 66 -38.80 -7.23 -19.46
N ASP D 67 -40.06 -6.89 -19.71
CA ASP D 67 -40.58 -6.70 -21.06
C ASP D 67 -40.35 -7.97 -21.89
N ASP D 68 -40.56 -9.12 -21.25
CA ASP D 68 -40.46 -10.44 -21.89
C ASP D 68 -39.06 -10.74 -22.40
N THR D 69 -38.03 -10.14 -21.82
CA THR D 69 -36.65 -10.33 -22.25
C THR D 69 -35.85 -10.99 -21.13
N VAL D 70 -34.92 -11.88 -21.51
CA VAL D 70 -34.16 -12.68 -20.57
C VAL D 70 -32.68 -12.56 -20.87
N ARG D 71 -31.87 -12.46 -19.83
CA ARG D 71 -30.42 -12.36 -19.94
C ARG D 71 -29.79 -13.70 -19.61
N THR D 72 -28.98 -14.22 -20.53
CA THR D 72 -28.45 -15.58 -20.40
C THR D 72 -26.94 -15.59 -20.65
N ILE D 73 -26.33 -16.74 -20.41
CA ILE D 73 -24.91 -16.97 -20.65
C ILE D 73 -24.76 -18.23 -21.51
N ALA D 74 -23.73 -18.27 -22.33
CA ALA D 74 -23.52 -19.39 -23.23
C ALA D 74 -22.54 -20.38 -22.65
N MET D 75 -22.72 -21.64 -22.97
CA MET D 75 -21.80 -22.71 -22.58
C MET D 75 -20.77 -23.02 -23.66
N ALA D 76 -20.81 -22.31 -24.79
CA ALA D 76 -19.83 -22.47 -25.84
C ALA D 76 -19.72 -21.15 -26.59
N SER D 77 -18.89 -21.14 -27.64
CA SER D 77 -18.67 -19.92 -28.40
C SER D 77 -19.95 -19.46 -29.07
N THR D 78 -20.17 -18.15 -29.07
CA THR D 78 -21.37 -17.55 -29.66
C THR D 78 -21.17 -17.07 -31.09
N ASP D 79 -20.02 -17.33 -31.69
CA ASP D 79 -19.75 -16.81 -33.02
C ASP D 79 -20.68 -17.44 -34.04
N GLY D 80 -21.20 -16.62 -34.94
CA GLY D 80 -22.12 -17.06 -35.96
C GLY D 80 -23.58 -16.85 -35.64
N LEU D 81 -23.91 -16.34 -34.46
CA LEU D 81 -25.29 -16.11 -34.09
C LEU D 81 -25.89 -14.97 -34.91
N ILE D 82 -27.17 -15.11 -35.24
CA ILE D 82 -27.91 -14.11 -35.99
C ILE D 82 -29.13 -13.71 -35.17
N ARG D 83 -29.40 -12.40 -35.12
CA ARG D 83 -30.56 -11.92 -34.37
C ARG D 83 -31.84 -12.46 -34.98
N GLY D 84 -32.78 -12.86 -34.12
CA GLY D 84 -34.01 -13.47 -34.55
C GLY D 84 -33.98 -14.97 -34.66
N MET D 85 -32.84 -15.60 -34.38
CA MET D 85 -32.73 -17.05 -34.48
C MET D 85 -33.56 -17.72 -33.39
N GLU D 86 -34.21 -18.82 -33.74
CA GLU D 86 -35.19 -19.45 -32.87
C GLU D 86 -34.51 -20.19 -31.71
N VAL D 87 -35.05 -20.00 -30.50
CA VAL D 87 -34.51 -20.58 -29.28
C VAL D 87 -35.60 -21.40 -28.61
N ILE D 88 -35.25 -22.58 -28.11
CA ILE D 88 -36.19 -23.51 -27.51
C ILE D 88 -35.94 -23.56 -26.02
N ASP D 89 -37.00 -23.43 -25.23
CA ASP D 89 -36.89 -23.58 -23.79
C ASP D 89 -37.14 -25.04 -23.41
N THR D 90 -36.11 -25.70 -22.88
CA THR D 90 -36.26 -27.09 -22.49
C THR D 90 -37.09 -27.27 -21.22
N GLY D 91 -37.30 -26.21 -20.45
CA GLY D 91 -38.17 -26.27 -19.30
C GLY D 91 -37.56 -26.82 -18.03
N ALA D 92 -36.29 -27.17 -18.04
CA ALA D 92 -35.63 -27.72 -16.87
C ALA D 92 -34.17 -27.28 -16.88
N PRO D 93 -33.52 -27.25 -15.72
CA PRO D 93 -32.10 -26.92 -15.69
C PRO D 93 -31.28 -27.96 -16.45
N ILE D 94 -29.97 -27.71 -16.53
CA ILE D 94 -29.08 -28.65 -17.19
C ILE D 94 -29.22 -30.01 -16.51
N SER D 95 -29.45 -31.04 -17.32
CA SER D 95 -29.61 -32.40 -16.81
C SER D 95 -28.51 -33.28 -17.39
N VAL D 96 -27.93 -34.11 -16.54
CA VAL D 96 -26.78 -34.93 -16.93
C VAL D 96 -27.12 -36.40 -16.72
N PRO D 97 -26.61 -37.31 -17.55
CA PRO D 97 -26.83 -38.73 -17.30
C PRO D 97 -26.15 -39.13 -16.01
N VAL D 98 -26.73 -40.11 -15.32
CA VAL D 98 -26.25 -40.49 -14.00
C VAL D 98 -26.60 -41.94 -13.74
N GLY D 99 -25.84 -42.57 -12.85
CA GLY D 99 -25.99 -43.98 -12.59
C GLY D 99 -24.73 -44.75 -12.91
N GLU D 100 -24.86 -46.08 -12.98
CA GLU D 100 -23.72 -46.92 -13.37
C GLU D 100 -23.24 -46.59 -14.77
N VAL D 101 -24.08 -45.94 -15.58
CA VAL D 101 -23.70 -45.60 -16.95
C VAL D 101 -22.49 -44.67 -16.95
N THR D 102 -22.40 -43.77 -15.98
CA THR D 102 -21.35 -42.77 -15.98
C THR D 102 -19.98 -43.33 -15.60
N LEU D 103 -19.92 -44.54 -15.03
CA LEU D 103 -18.64 -45.07 -14.60
C LEU D 103 -17.76 -45.40 -15.81
N GLY D 104 -16.50 -44.95 -15.73
CA GLY D 104 -15.54 -45.19 -16.79
C GLY D 104 -15.64 -44.24 -17.96
N ARG D 105 -16.49 -43.24 -17.90
CA ARG D 105 -16.70 -42.31 -19.00
C ARG D 105 -16.05 -40.97 -18.71
N VAL D 106 -16.04 -40.11 -19.73
CA VAL D 106 -15.60 -38.73 -19.61
C VAL D 106 -16.68 -37.84 -20.21
N PHE D 107 -17.09 -36.82 -19.47
CA PHE D 107 -18.17 -35.93 -19.85
C PHE D 107 -17.71 -34.48 -19.79
N ASN D 108 -18.39 -33.63 -20.56
CA ASN D 108 -18.19 -32.19 -20.45
C ASN D 108 -19.21 -31.61 -19.47
N VAL D 109 -19.31 -30.28 -19.46
CA VAL D 109 -20.21 -29.60 -18.54
C VAL D 109 -21.67 -29.94 -18.81
N LEU D 110 -22.01 -30.33 -20.04
CA LEU D 110 -23.38 -30.63 -20.41
C LEU D 110 -23.72 -32.11 -20.31
N GLY D 111 -22.78 -32.95 -19.91
CA GLY D 111 -23.01 -34.37 -19.84
C GLY D 111 -22.81 -35.12 -21.14
N GLU D 112 -22.45 -34.44 -22.21
CA GLU D 112 -22.19 -35.15 -23.45
C GLU D 112 -20.83 -35.85 -23.39
N PRO D 113 -20.77 -37.13 -23.76
CA PRO D 113 -19.48 -37.83 -23.75
C PRO D 113 -18.49 -37.18 -24.69
N ILE D 114 -17.22 -37.16 -24.28
CA ILE D 114 -16.14 -36.61 -25.08
C ILE D 114 -15.01 -37.61 -25.28
N ASP D 115 -15.15 -38.85 -24.81
CA ASP D 115 -14.11 -39.84 -24.96
C ASP D 115 -14.34 -40.76 -26.16
N LEU D 116 -15.39 -40.52 -26.95
CA LEU D 116 -15.64 -41.25 -28.19
C LEU D 116 -15.86 -42.74 -27.97
N GLU D 117 -16.56 -43.12 -26.90
CA GLU D 117 -16.94 -44.50 -26.66
C GLU D 117 -18.44 -44.73 -26.85
N GLY D 118 -19.10 -43.91 -27.65
CA GLY D 118 -20.52 -44.04 -27.86
C GLY D 118 -21.33 -43.11 -26.96
N ASP D 119 -22.52 -42.76 -27.45
CA ASP D 119 -23.37 -41.82 -26.74
C ASP D 119 -24.20 -42.52 -25.67
N ILE D 120 -24.66 -41.75 -24.70
CA ILE D 120 -25.54 -42.24 -23.63
C ILE D 120 -26.95 -42.34 -24.21
N PRO D 121 -27.68 -43.43 -23.96
CA PRO D 121 -29.02 -43.56 -24.54
C PRO D 121 -29.95 -42.45 -24.07
N ALA D 122 -30.87 -42.07 -24.95
CA ALA D 122 -31.74 -40.93 -24.69
C ALA D 122 -32.73 -41.19 -23.57
N ASP D 123 -32.95 -42.45 -23.19
CA ASP D 123 -33.89 -42.79 -22.12
C ASP D 123 -33.21 -42.95 -20.77
N ALA D 124 -31.93 -42.60 -20.64
CA ALA D 124 -31.26 -42.69 -19.36
C ALA D 124 -31.80 -41.66 -18.38
N ARG D 125 -31.85 -42.03 -17.11
CA ARG D 125 -32.28 -41.10 -16.08
C ARG D 125 -31.28 -39.96 -15.94
N ARG D 126 -31.78 -38.75 -15.76
CA ARG D 126 -30.94 -37.57 -15.65
C ARG D 126 -31.36 -36.75 -14.43
N ASP D 127 -30.38 -36.13 -13.78
CA ASP D 127 -30.62 -35.34 -12.59
C ASP D 127 -30.29 -33.88 -12.85
N PRO D 128 -31.04 -32.95 -12.28
CA PRO D 128 -30.78 -31.53 -12.52
C PRO D 128 -29.56 -31.04 -11.75
N ILE D 129 -28.84 -30.09 -12.36
CA ILE D 129 -27.63 -29.56 -11.76
C ILE D 129 -27.92 -28.75 -10.51
N HIS D 130 -29.02 -28.00 -10.50
CA HIS D 130 -29.33 -27.09 -9.40
C HIS D 130 -30.42 -27.69 -8.52
N ARG D 131 -30.16 -27.74 -7.22
CA ARG D 131 -31.10 -28.26 -6.26
C ARG D 131 -30.76 -27.69 -4.90
N PRO D 132 -31.74 -27.61 -3.98
CA PRO D 132 -31.43 -27.13 -2.64
C PRO D 132 -30.53 -28.09 -1.88
N ALA D 133 -29.84 -27.56 -0.88
CA ALA D 133 -28.97 -28.37 -0.04
C ALA D 133 -29.79 -29.26 0.89
N PRO D 134 -29.19 -30.33 1.41
CA PRO D 134 -29.91 -31.16 2.37
C PRO D 134 -30.29 -30.37 3.61
N LYS D 135 -31.41 -30.75 4.22
CA LYS D 135 -31.95 -29.99 5.34
C LYS D 135 -31.35 -30.46 6.66
N PHE D 136 -31.83 -29.85 7.74
CA PHE D 136 -31.21 -30.04 9.05
C PHE D 136 -31.48 -31.43 9.61
N GLU D 137 -32.67 -31.99 9.36
CA GLU D 137 -33.02 -33.28 9.97
C GLU D 137 -32.21 -34.43 9.37
N GLU D 138 -31.91 -34.38 8.08
CA GLU D 138 -31.31 -35.50 7.38
C GLU D 138 -29.80 -35.54 7.47
N LEU D 139 -29.19 -34.73 8.34
CA LEU D 139 -27.74 -34.73 8.48
C LEU D 139 -27.28 -35.74 9.52
N ALA D 140 -26.04 -36.20 9.35
CA ALA D 140 -25.37 -37.06 10.30
C ALA D 140 -24.00 -36.47 10.61
N THR D 141 -23.51 -36.71 11.83
CA THR D 141 -22.31 -36.02 12.28
C THR D 141 -21.28 -36.92 12.97
N GLU D 142 -21.28 -38.22 12.69
CA GLU D 142 -20.25 -39.09 13.26
C GLU D 142 -18.90 -38.83 12.61
N VAL D 143 -17.84 -39.16 13.33
CA VAL D 143 -16.47 -38.92 12.88
C VAL D 143 -15.77 -40.27 12.69
N GLU D 144 -15.24 -40.48 11.49
CA GLU D 144 -14.45 -41.67 11.18
C GLU D 144 -13.21 -41.25 10.41
N ILE D 145 -12.09 -41.91 10.70
CA ILE D 145 -10.85 -41.63 9.99
C ILE D 145 -10.83 -42.42 8.69
N LEU D 146 -10.49 -41.75 7.60
CA LEU D 146 -10.34 -42.38 6.29
C LEU D 146 -8.86 -42.59 6.03
N GLU D 147 -8.45 -43.84 5.90
CA GLU D 147 -7.04 -44.16 5.71
C GLU D 147 -6.65 -43.99 4.25
N THR D 148 -5.62 -43.18 4.02
CA THR D 148 -5.16 -42.88 2.66
C THR D 148 -3.86 -43.57 2.30
N GLY D 149 -3.14 -44.12 3.26
CA GLY D 149 -1.90 -44.82 2.98
C GLY D 149 -0.68 -43.94 2.80
N ILE D 150 -0.77 -42.66 3.17
CA ILE D 150 0.36 -41.75 3.08
C ILE D 150 0.80 -41.44 4.51
N LYS D 151 2.10 -41.55 4.76
CA LYS D 151 2.60 -41.45 6.13
C LYS D 151 2.31 -40.08 6.74
N VAL D 152 2.70 -39.01 6.04
CA VAL D 152 2.56 -37.68 6.61
C VAL D 152 1.09 -37.31 6.78
N VAL D 153 0.26 -37.62 5.78
CA VAL D 153 -1.16 -37.29 5.85
C VAL D 153 -1.84 -38.06 6.98
N ASP D 154 -1.54 -39.35 7.09
CA ASP D 154 -2.18 -40.16 8.12
C ASP D 154 -1.72 -39.77 9.51
N LEU D 155 -0.47 -39.38 9.67
CA LEU D 155 0.03 -39.08 11.01
C LEU D 155 -0.35 -37.68 11.47
N LEU D 156 -0.08 -36.67 10.64
CA LEU D 156 -0.20 -35.29 11.10
C LEU D 156 -1.58 -34.68 10.87
N ALA D 157 -2.20 -34.93 9.73
CA ALA D 157 -3.49 -34.33 9.39
C ALA D 157 -4.45 -35.42 8.91
N PRO D 158 -4.95 -36.24 9.83
CA PRO D 158 -5.84 -37.33 9.43
C PRO D 158 -7.13 -36.80 8.80
N TYR D 159 -7.67 -37.57 7.86
CA TYR D 159 -8.87 -37.19 7.13
C TYR D 159 -10.12 -37.79 7.76
N ILE D 160 -11.24 -37.09 7.62
CA ILE D 160 -12.51 -37.47 8.21
C ILE D 160 -13.43 -37.95 7.12
N LYS D 161 -14.05 -39.11 7.31
CA LYS D 161 -14.99 -39.63 6.33
C LYS D 161 -16.20 -38.73 6.24
N GLY D 162 -16.54 -38.32 5.02
CA GLY D 162 -17.61 -37.38 4.80
C GLY D 162 -17.23 -35.93 4.96
N GLY D 163 -15.97 -35.63 5.28
CA GLY D 163 -15.54 -34.25 5.44
C GLY D 163 -15.03 -33.64 4.15
N LYS D 164 -14.47 -32.45 4.28
CA LYS D 164 -13.94 -31.70 3.15
C LYS D 164 -12.47 -31.38 3.40
N ILE D 165 -11.63 -31.74 2.45
CA ILE D 165 -10.17 -31.63 2.58
C ILE D 165 -9.67 -30.67 1.52
N GLY D 166 -8.80 -29.74 1.92
CA GLY D 166 -8.21 -28.78 1.02
C GLY D 166 -6.70 -28.96 0.92
N LEU D 167 -6.17 -28.79 -0.29
CA LEU D 167 -4.74 -28.79 -0.53
C LEU D 167 -4.35 -27.41 -1.04
N PHE D 168 -3.40 -26.77 -0.36
CA PHE D 168 -3.00 -25.40 -0.66
C PHE D 168 -1.56 -25.39 -1.13
N GLY D 169 -1.25 -24.45 -2.02
CA GLY D 169 0.13 -24.30 -2.44
C GLY D 169 0.22 -23.46 -3.70
N GLY D 170 1.46 -23.14 -4.06
CA GLY D 170 1.75 -22.37 -5.25
C GLY D 170 1.75 -23.26 -6.48
N ALA D 171 2.57 -22.86 -7.45
CA ALA D 171 2.63 -23.57 -8.72
C ALA D 171 3.69 -24.66 -8.69
N GLY D 172 3.34 -25.84 -9.18
CA GLY D 172 4.30 -26.91 -9.36
C GLY D 172 4.69 -27.65 -8.09
N VAL D 173 3.98 -27.44 -6.99
CA VAL D 173 4.32 -28.14 -5.75
C VAL D 173 3.98 -29.62 -5.79
N GLY D 174 2.89 -30.00 -6.48
CA GLY D 174 2.55 -31.41 -6.56
C GLY D 174 1.13 -31.76 -6.15
N LYS D 175 0.23 -30.78 -6.21
CA LYS D 175 -1.16 -31.02 -5.82
C LYS D 175 -1.82 -32.05 -6.72
N THR D 176 -1.63 -31.92 -8.04
CA THR D 176 -2.24 -32.86 -8.97
C THR D 176 -1.69 -34.27 -8.78
N VAL D 177 -0.37 -34.39 -8.57
CA VAL D 177 0.23 -35.69 -8.35
C VAL D 177 -0.32 -36.31 -7.06
N LEU D 178 -0.46 -35.50 -6.02
CA LEU D 178 -1.01 -36.02 -4.77
C LEU D 178 -2.46 -36.47 -4.94
N ILE D 179 -3.25 -35.73 -5.72
CA ILE D 179 -4.63 -36.14 -5.97
C ILE D 179 -4.65 -37.48 -6.72
N GLN D 180 -3.80 -37.63 -7.72
CA GLN D 180 -3.76 -38.90 -8.44
C GLN D 180 -3.38 -40.04 -7.51
N GLU D 181 -2.39 -39.81 -6.63
CA GLU D 181 -1.99 -40.85 -5.69
C GLU D 181 -3.14 -41.21 -4.75
N LEU D 182 -3.87 -40.20 -4.26
CA LEU D 182 -5.01 -40.47 -3.39
C LEU D 182 -6.06 -41.30 -4.11
N ILE D 183 -6.39 -40.94 -5.34
CA ILE D 183 -7.36 -41.71 -6.11
C ILE D 183 -6.92 -43.15 -6.22
N HIS D 184 -5.66 -43.37 -6.60
CA HIS D 184 -5.16 -44.72 -6.81
C HIS D 184 -5.21 -45.53 -5.50
N ASN D 185 -4.67 -44.98 -4.42
CA ASN D 185 -4.58 -45.72 -3.18
C ASN D 185 -5.95 -46.06 -2.63
N ILE D 186 -6.86 -45.08 -2.63
CA ILE D 186 -8.19 -45.33 -2.07
C ILE D 186 -8.97 -46.30 -2.94
N ALA D 187 -8.85 -46.19 -4.26
CA ALA D 187 -9.51 -47.17 -5.13
C ALA D 187 -8.98 -48.58 -4.91
N GLN D 188 -7.67 -48.72 -4.69
CA GLN D 188 -7.11 -50.05 -4.49
C GLN D 188 -7.51 -50.65 -3.15
N GLU D 189 -7.44 -49.87 -2.07
CA GLU D 189 -7.63 -50.45 -0.75
C GLU D 189 -9.05 -50.30 -0.19
N HIS D 190 -9.95 -49.63 -0.89
CA HIS D 190 -11.33 -49.53 -0.44
C HIS D 190 -12.36 -49.88 -1.49
N GLY D 191 -12.07 -49.66 -2.76
CA GLY D 191 -12.99 -50.01 -3.83
C GLY D 191 -14.15 -49.06 -4.01
N GLY D 192 -14.15 -47.90 -3.35
CA GLY D 192 -15.27 -46.99 -3.46
C GLY D 192 -15.27 -46.23 -4.77
N ILE D 193 -16.45 -45.70 -5.10
CA ILE D 193 -16.61 -44.88 -6.29
C ILE D 193 -15.96 -43.52 -6.05
N SER D 194 -15.36 -42.97 -7.11
CA SER D 194 -14.80 -41.62 -7.06
C SER D 194 -15.18 -40.86 -8.31
N VAL D 195 -15.42 -39.57 -8.16
CA VAL D 195 -15.73 -38.67 -9.26
C VAL D 195 -14.70 -37.55 -9.27
N PHE D 196 -14.01 -37.38 -10.39
CA PHE D 196 -13.03 -36.33 -10.54
C PHE D 196 -13.64 -35.21 -11.36
N ALA D 197 -13.68 -34.01 -10.80
CA ALA D 197 -14.23 -32.83 -11.46
C ALA D 197 -13.09 -31.93 -11.87
N GLY D 198 -12.81 -31.89 -13.17
CA GLY D 198 -11.74 -31.05 -13.69
C GLY D 198 -12.17 -29.63 -13.97
N VAL D 199 -12.31 -28.82 -12.93
CA VAL D 199 -12.67 -27.42 -13.11
C VAL D 199 -11.45 -26.68 -13.65
N GLY D 200 -11.64 -25.99 -14.79
CA GLY D 200 -10.55 -25.25 -15.40
C GLY D 200 -9.39 -26.13 -15.79
N GLU D 201 -9.68 -27.27 -16.42
CA GLU D 201 -8.67 -28.27 -16.67
C GLU D 201 -7.77 -27.87 -17.83
N ARG D 202 -6.46 -27.96 -17.62
CA ARG D 202 -5.51 -27.90 -18.73
C ARG D 202 -5.65 -29.17 -19.55
N THR D 203 -5.73 -29.04 -20.87
CA THR D 203 -6.00 -30.20 -21.71
C THR D 203 -4.87 -31.21 -21.66
N ARG D 204 -3.62 -30.75 -21.59
CA ARG D 204 -2.50 -31.68 -21.48
C ARG D 204 -2.58 -32.50 -20.20
N GLU D 205 -2.86 -31.83 -19.08
CA GLU D 205 -2.98 -32.56 -17.82
C GLU D 205 -4.18 -33.48 -17.82
N GLY D 206 -5.28 -33.08 -18.46
CA GLY D 206 -6.42 -33.97 -18.56
C GLY D 206 -6.13 -35.23 -19.36
N ASN D 207 -5.43 -35.07 -20.48
CA ASN D 207 -5.04 -36.24 -21.26
C ASN D 207 -4.11 -37.15 -20.47
N ASP D 208 -3.15 -36.56 -19.76
CA ASP D 208 -2.25 -37.36 -18.92
C ASP D 208 -3.04 -38.13 -17.87
N LEU D 209 -3.99 -37.46 -17.21
CA LEU D 209 -4.79 -38.10 -16.18
C LEU D 209 -5.59 -39.26 -16.75
N TYR D 210 -6.25 -39.04 -17.89
CA TYR D 210 -7.06 -40.08 -18.47
C TYR D 210 -6.21 -41.29 -18.84
N HIS D 211 -5.04 -41.05 -19.46
CA HIS D 211 -4.23 -42.19 -19.88
C HIS D 211 -3.66 -42.94 -18.70
N GLU D 212 -3.24 -42.22 -17.66
CA GLU D 212 -2.72 -42.89 -16.48
C GLU D 212 -3.81 -43.73 -15.81
N MET D 213 -5.04 -43.19 -15.75
CA MET D 213 -6.15 -43.96 -15.19
C MET D 213 -6.45 -45.19 -16.02
N LYS D 214 -6.47 -45.06 -17.34
CA LYS D 214 -6.79 -46.21 -18.19
C LYS D 214 -5.72 -47.28 -18.08
N ASP D 215 -4.46 -46.87 -17.96
CA ASP D 215 -3.39 -47.86 -17.86
C ASP D 215 -3.34 -48.49 -16.47
N SER D 216 -3.72 -47.75 -15.43
CA SER D 216 -3.69 -48.30 -14.07
C SER D 216 -4.95 -49.08 -13.72
N GLY D 217 -6.01 -48.97 -14.52
CA GLY D 217 -7.21 -49.76 -14.27
C GLY D 217 -8.21 -49.12 -13.34
N VAL D 218 -7.92 -47.94 -12.79
CA VAL D 218 -8.85 -47.27 -11.89
C VAL D 218 -10.03 -46.71 -12.68
N ILE D 219 -9.95 -46.74 -14.00
CA ILE D 219 -10.99 -46.16 -14.86
C ILE D 219 -12.35 -46.79 -14.60
N SER D 220 -12.39 -48.07 -14.26
CA SER D 220 -13.66 -48.78 -14.19
C SER D 220 -14.58 -48.26 -13.10
N LYS D 221 -14.03 -47.61 -12.07
CA LYS D 221 -14.81 -47.12 -10.94
C LYS D 221 -14.72 -45.61 -10.78
N THR D 222 -14.59 -44.88 -11.88
CA THR D 222 -14.39 -43.44 -11.83
C THR D 222 -15.08 -42.77 -13.01
N ALA D 223 -15.74 -41.65 -12.75
CA ALA D 223 -16.33 -40.81 -13.77
C ALA D 223 -15.68 -39.44 -13.73
N MET D 224 -15.22 -38.95 -14.88
CA MET D 224 -14.52 -37.68 -14.97
C MET D 224 -15.33 -36.66 -15.73
N VAL D 225 -15.29 -35.42 -15.25
CA VAL D 225 -15.91 -34.28 -15.91
C VAL D 225 -14.84 -33.24 -16.17
N PHE D 226 -14.70 -32.83 -17.43
CA PHE D 226 -13.68 -31.85 -17.81
C PHE D 226 -14.34 -30.60 -18.35
N GLY D 227 -13.96 -29.46 -17.77
CA GLY D 227 -14.24 -28.18 -18.36
C GLY D 227 -12.93 -27.47 -18.60
N GLN D 228 -12.55 -27.31 -19.87
CA GLN D 228 -11.20 -26.88 -20.18
C GLN D 228 -11.08 -25.36 -20.14
N MET D 229 -9.85 -24.88 -20.24
CA MET D 229 -9.60 -23.44 -20.18
C MET D 229 -10.17 -22.71 -21.39
N ASN D 230 -10.26 -23.38 -22.53
CA ASN D 230 -10.72 -22.72 -23.74
C ASN D 230 -12.24 -22.66 -23.85
N GLU D 231 -12.96 -23.22 -22.91
CA GLU D 231 -14.40 -23.08 -22.86
C GLU D 231 -14.78 -21.78 -22.15
N PRO D 232 -15.96 -21.23 -22.43
CA PRO D 232 -16.32 -19.94 -21.85
C PRO D 232 -16.47 -20.02 -20.34
N PRO D 233 -16.35 -18.89 -19.64
CA PRO D 233 -16.48 -18.92 -18.18
C PRO D 233 -17.81 -19.46 -17.71
N GLY D 234 -18.89 -19.22 -18.45
CA GLY D 234 -20.17 -19.81 -18.09
C GLY D 234 -20.11 -21.32 -18.06
N ALA D 235 -19.36 -21.91 -18.98
CA ALA D 235 -19.19 -23.37 -18.99
C ALA D 235 -18.25 -23.81 -17.87
N ARG D 236 -17.17 -23.06 -17.64
CA ARG D 236 -16.22 -23.45 -16.60
C ARG D 236 -16.85 -23.37 -15.20
N MET D 237 -17.90 -22.57 -15.04
CA MET D 237 -18.43 -22.31 -13.71
C MET D 237 -19.37 -23.43 -13.24
N ARG D 238 -19.78 -24.33 -14.12
CA ARG D 238 -20.77 -25.35 -13.78
C ARG D 238 -20.19 -26.77 -13.67
N VAL D 239 -18.89 -26.94 -13.89
CA VAL D 239 -18.31 -28.28 -13.91
C VAL D 239 -18.36 -28.91 -12.53
N ALA D 240 -18.04 -28.12 -11.51
CA ALA D 240 -18.07 -28.64 -10.14
C ALA D 240 -19.48 -29.09 -9.77
N LEU D 241 -20.49 -28.30 -10.15
CA LEU D 241 -21.87 -28.68 -9.87
C LEU D 241 -22.26 -29.95 -10.63
N THR D 242 -21.78 -30.10 -11.87
CA THR D 242 -22.07 -31.31 -12.61
C THR D 242 -21.49 -32.55 -11.93
N GLY D 243 -20.22 -32.47 -11.52
CA GLY D 243 -19.62 -33.60 -10.84
C GLY D 243 -20.31 -33.91 -9.53
N LEU D 244 -20.67 -32.88 -8.78
CA LEU D 244 -21.36 -33.10 -7.51
C LEU D 244 -22.73 -33.72 -7.74
N THR D 245 -23.44 -33.31 -8.80
CA THR D 245 -24.71 -33.94 -9.13
C THR D 245 -24.53 -35.41 -9.46
N MET D 246 -23.47 -35.74 -10.19
CA MET D 246 -23.21 -37.14 -10.49
C MET D 246 -22.93 -37.95 -9.22
N ALA D 247 -22.21 -37.37 -8.26
CA ALA D 247 -21.87 -38.10 -7.05
C ALA D 247 -23.07 -38.21 -6.10
N GLU D 248 -23.98 -37.24 -6.14
CA GLU D 248 -25.11 -37.25 -5.22
C GLU D 248 -26.00 -38.46 -5.44
N TYR D 249 -26.12 -38.92 -6.69
CA TYR D 249 -26.89 -40.13 -6.96
C TYR D 249 -26.27 -41.32 -6.24
N PHE D 250 -24.96 -41.51 -6.38
CA PHE D 250 -24.31 -42.64 -5.73
C PHE D 250 -24.45 -42.56 -4.22
N ARG D 251 -24.47 -41.35 -3.67
CA ARG D 251 -24.64 -41.25 -2.22
C ARG D 251 -26.08 -41.48 -1.77
N ASP D 252 -27.07 -41.01 -2.52
CA ASP D 252 -28.43 -41.04 -2.03
C ASP D 252 -29.20 -42.28 -2.50
N GLU D 253 -29.23 -42.52 -3.81
CA GLU D 253 -29.95 -43.64 -4.38
C GLU D 253 -29.38 -44.99 -3.96
N GLN D 254 -28.06 -45.11 -3.86
CA GLN D 254 -27.43 -46.40 -3.59
C GLN D 254 -26.73 -46.46 -2.25
N GLY D 255 -26.58 -45.33 -1.55
CA GLY D 255 -26.02 -45.35 -0.22
C GLY D 255 -24.54 -45.68 -0.15
N GLN D 256 -23.81 -45.46 -1.22
CA GLN D 256 -22.38 -45.73 -1.21
C GLN D 256 -21.61 -44.61 -0.52
N ASP D 257 -20.32 -44.83 -0.32
CA ASP D 257 -19.40 -43.82 0.15
C ASP D 257 -18.50 -43.40 -1.00
N VAL D 258 -18.67 -42.18 -1.48
CA VAL D 258 -18.05 -41.71 -2.70
C VAL D 258 -17.08 -40.59 -2.37
N LEU D 259 -16.03 -40.47 -3.18
CA LEU D 259 -15.10 -39.37 -3.07
C LEU D 259 -15.31 -38.43 -4.24
N LEU D 260 -15.25 -37.13 -3.96
CA LEU D 260 -15.42 -36.11 -4.98
C LEU D 260 -14.12 -35.30 -5.06
N PHE D 261 -13.36 -35.50 -6.12
CA PHE D 261 -12.11 -34.79 -6.32
C PHE D 261 -12.34 -33.59 -7.23
N ILE D 262 -11.90 -32.43 -6.79
CA ILE D 262 -12.06 -31.19 -7.54
C ILE D 262 -10.68 -30.68 -7.92
N ASP D 263 -10.49 -30.40 -9.21
CA ASP D 263 -9.17 -30.07 -9.72
C ASP D 263 -8.62 -28.80 -9.11
N ASN D 264 -9.39 -27.71 -9.14
CA ASN D 264 -8.86 -26.45 -8.64
C ASN D 264 -10.03 -25.51 -8.35
N ILE D 265 -10.14 -25.08 -7.09
CA ILE D 265 -11.24 -24.19 -6.70
C ILE D 265 -10.95 -22.76 -7.14
N PHE D 266 -9.67 -22.40 -7.24
CA PHE D 266 -9.30 -21.05 -7.66
C PHE D 266 -9.91 -20.73 -9.01
N ARG D 267 -9.84 -21.68 -9.95
CA ARG D 267 -10.39 -21.44 -11.28
C ARG D 267 -11.91 -21.37 -11.24
N PHE D 268 -12.55 -22.11 -10.33
CA PHE D 268 -13.99 -22.00 -10.14
C PHE D 268 -14.38 -20.58 -9.73
N THR D 269 -13.68 -20.03 -8.73
CA THR D 269 -14.00 -18.68 -8.29
C THR D 269 -13.68 -17.66 -9.38
N GLN D 270 -12.59 -17.86 -10.12
CA GLN D 270 -12.26 -16.93 -11.21
C GLN D 270 -13.34 -16.93 -12.27
N ALA D 271 -13.83 -18.12 -12.65
CA ALA D 271 -14.90 -18.19 -13.65
C ALA D 271 -16.15 -17.50 -13.14
N GLY D 272 -16.49 -17.69 -11.86
CA GLY D 272 -17.63 -16.98 -11.30
C GLY D 272 -17.46 -15.48 -11.39
N SER D 273 -16.26 -14.98 -11.07
CA SER D 273 -16.02 -13.54 -11.15
C SER D 273 -16.15 -13.02 -12.57
N GLU D 274 -15.64 -13.77 -13.55
CA GLU D 274 -15.75 -13.35 -14.94
C GLU D 274 -17.21 -13.32 -15.39
N VAL D 275 -18.00 -14.32 -14.99
CA VAL D 275 -19.41 -14.31 -15.35
C VAL D 275 -20.11 -13.11 -14.75
N SER D 276 -19.81 -12.80 -13.48
CA SER D 276 -20.42 -11.64 -12.85
C SER D 276 -20.03 -10.36 -13.55
N ALA D 277 -18.75 -10.22 -13.92
CA ALA D 277 -18.31 -9.02 -14.64
C ALA D 277 -19.00 -8.90 -15.98
N LEU D 278 -19.19 -10.01 -16.68
CA LEU D 278 -19.92 -9.97 -17.94
C LEU D 278 -21.37 -9.53 -17.73
N LEU D 279 -22.02 -10.05 -16.68
CA LEU D 279 -23.39 -9.63 -16.39
C LEU D 279 -23.48 -8.19 -15.94
N GLY D 280 -22.41 -7.61 -15.40
CA GLY D 280 -22.40 -6.20 -15.09
C GLY D 280 -22.66 -5.85 -13.65
N ARG D 281 -22.15 -6.61 -12.69
CA ARG D 281 -22.32 -6.26 -11.30
C ARG D 281 -21.09 -5.53 -10.77
N MET D 282 -21.25 -4.90 -9.61
CA MET D 282 -20.15 -4.19 -8.98
C MET D 282 -19.14 -5.19 -8.44
N PRO D 283 -17.85 -5.00 -8.71
CA PRO D 283 -16.84 -5.92 -8.19
C PRO D 283 -16.64 -5.79 -6.70
N SER D 284 -16.09 -6.85 -6.11
CA SER D 284 -15.75 -6.90 -4.69
C SER D 284 -14.39 -6.23 -4.46
N ALA D 285 -13.79 -6.53 -3.31
CA ALA D 285 -12.60 -5.81 -2.86
C ALA D 285 -11.44 -5.87 -3.85
N VAL D 286 -11.10 -7.05 -4.34
CA VAL D 286 -9.97 -7.17 -5.25
C VAL D 286 -10.50 -7.54 -6.62
N GLY D 287 -11.77 -7.24 -6.87
CA GLY D 287 -12.37 -7.47 -8.16
C GLY D 287 -13.23 -8.71 -8.26
N TYR D 288 -13.43 -9.45 -7.18
CA TYR D 288 -14.25 -10.63 -7.24
C TYR D 288 -15.73 -10.25 -7.30
N GLN D 289 -16.58 -11.26 -7.48
CA GLN D 289 -18.00 -11.01 -7.57
C GLN D 289 -18.58 -10.74 -6.19
N PRO D 290 -19.66 -9.96 -6.10
CA PRO D 290 -20.32 -9.77 -4.81
C PRO D 290 -20.89 -11.05 -4.24
N THR D 291 -21.28 -12.00 -5.08
CA THR D 291 -21.93 -13.23 -4.64
C THR D 291 -20.96 -14.39 -4.48
N LEU D 292 -19.67 -14.11 -4.27
CA LEU D 292 -18.67 -15.16 -4.17
C LEU D 292 -18.95 -16.09 -2.99
N ALA D 293 -19.26 -15.50 -1.84
CA ALA D 293 -19.52 -16.30 -0.65
C ALA D 293 -20.73 -17.21 -0.86
N THR D 294 -21.79 -16.68 -1.45
CA THR D 294 -22.99 -17.48 -1.68
C THR D 294 -22.74 -18.59 -2.70
N GLU D 295 -21.96 -18.32 -3.75
CA GLU D 295 -21.66 -19.37 -4.71
C GLU D 295 -20.83 -20.48 -4.06
N MET D 296 -19.81 -20.11 -3.30
CA MET D 296 -19.00 -21.11 -2.62
C MET D 296 -19.83 -21.91 -1.63
N GLY D 297 -20.74 -21.24 -0.93
CA GLY D 297 -21.60 -21.95 0.00
C GLY D 297 -22.54 -22.92 -0.70
N GLN D 298 -23.14 -22.48 -1.80
CA GLN D 298 -24.05 -23.35 -2.53
C GLN D 298 -23.32 -24.53 -3.17
N LEU D 299 -22.01 -24.40 -3.39
CA LEU D 299 -21.26 -25.58 -3.83
C LEU D 299 -20.92 -26.49 -2.67
N GLN D 300 -20.33 -25.93 -1.60
CA GLN D 300 -19.76 -26.75 -0.54
C GLN D 300 -20.85 -27.41 0.32
N GLU D 301 -21.95 -26.71 0.58
CA GLU D 301 -22.93 -27.21 1.54
C GLU D 301 -23.64 -28.47 1.08
N ARG D 302 -23.56 -28.82 -0.20
CA ARG D 302 -24.19 -30.05 -0.66
C ARG D 302 -23.35 -31.27 -0.36
N ILE D 303 -22.08 -31.08 -0.02
CA ILE D 303 -21.18 -32.18 0.28
C ILE D 303 -21.22 -32.48 1.77
N THR D 304 -22.18 -33.28 2.21
CA THR D 304 -22.32 -33.61 3.62
C THR D 304 -22.70 -35.07 3.76
N SER D 305 -22.40 -35.62 4.94
CA SER D 305 -22.80 -36.98 5.27
C SER D 305 -24.26 -37.00 5.72
N THR D 306 -24.99 -37.99 5.25
CA THR D 306 -26.39 -38.16 5.62
C THR D 306 -26.57 -39.55 6.22
N ALA D 307 -27.82 -39.90 6.48
CA ALA D 307 -28.10 -41.24 7.01
C ALA D 307 -27.78 -42.32 6.00
N LYS D 308 -28.02 -42.07 4.72
CA LYS D 308 -27.82 -43.08 3.69
C LYS D 308 -26.36 -43.27 3.30
N GLY D 309 -25.56 -42.21 3.33
CA GLY D 309 -24.19 -42.33 2.87
C GLY D 309 -23.42 -41.05 3.17
N SER D 310 -22.31 -40.90 2.45
CA SER D 310 -21.42 -39.76 2.68
C SER D 310 -20.70 -39.42 1.39
N ILE D 311 -20.39 -38.13 1.23
CA ILE D 311 -19.54 -37.64 0.15
C ILE D 311 -18.37 -36.91 0.80
N THR D 312 -17.16 -37.40 0.55
CA THR D 312 -15.96 -36.74 1.04
C THR D 312 -15.16 -36.17 -0.13
N SER D 313 -14.63 -34.98 0.06
CA SER D 313 -14.07 -34.20 -1.04
C SER D 313 -12.65 -33.77 -0.74
N ILE D 314 -11.76 -34.00 -1.69
CA ILE D 314 -10.38 -33.52 -1.63
C ILE D 314 -10.21 -32.48 -2.73
N GLN D 315 -9.83 -31.26 -2.34
CA GLN D 315 -9.89 -30.11 -3.24
C GLN D 315 -8.54 -29.40 -3.25
N ALA D 316 -8.01 -29.16 -4.45
CA ALA D 316 -6.75 -28.43 -4.59
C ALA D 316 -7.02 -26.94 -4.71
N ILE D 317 -6.37 -26.15 -3.87
CA ILE D 317 -6.56 -24.70 -3.84
C ILE D 317 -5.25 -24.06 -4.26
N TYR D 318 -5.29 -23.27 -5.33
CA TYR D 318 -4.10 -22.54 -5.76
C TYR D 318 -4.03 -21.19 -5.07
N VAL D 319 -2.83 -20.84 -4.60
CA VAL D 319 -2.63 -19.59 -3.85
C VAL D 319 -1.81 -18.62 -4.69
N PRO D 320 -2.40 -17.52 -5.15
CA PRO D 320 -1.65 -16.59 -6.01
C PRO D 320 -0.54 -15.89 -5.25
N ALA D 321 0.69 -16.07 -5.73
CA ALA D 321 1.86 -15.34 -5.20
C ALA D 321 2.02 -15.52 -3.71
N ASP D 322 1.67 -16.70 -3.20
CA ASP D 322 1.79 -17.04 -1.78
C ASP D 322 1.01 -16.07 -0.89
N ASP D 323 -0.10 -15.52 -1.38
CA ASP D 323 -0.91 -14.59 -0.60
C ASP D 323 -2.14 -15.33 -0.10
N TYR D 324 -2.07 -15.76 1.17
CA TYR D 324 -3.18 -16.48 1.78
C TYR D 324 -4.35 -15.58 2.14
N THR D 325 -4.16 -14.26 2.11
CA THR D 325 -5.22 -13.31 2.39
C THR D 325 -6.15 -13.12 1.19
N ASP D 326 -5.81 -13.70 0.05
CA ASP D 326 -6.60 -13.53 -1.16
C ASP D 326 -8.03 -14.02 -0.92
N PRO D 327 -9.03 -13.35 -1.49
CA PRO D 327 -10.42 -13.71 -1.19
C PRO D 327 -10.78 -15.15 -1.49
N ALA D 328 -10.26 -15.76 -2.56
CA ALA D 328 -10.64 -17.15 -2.85
C ALA D 328 -10.15 -18.11 -1.77
N PRO D 329 -8.86 -18.15 -1.43
CA PRO D 329 -8.47 -19.01 -0.29
C PRO D 329 -9.15 -18.61 1.00
N ALA D 330 -9.33 -17.31 1.25
CA ALA D 330 -9.96 -16.88 2.49
C ALA D 330 -11.39 -17.39 2.61
N THR D 331 -12.14 -17.37 1.51
CA THR D 331 -13.52 -17.82 1.56
C THR D 331 -13.62 -19.33 1.52
N THR D 332 -12.60 -20.02 1.01
CA THR D 332 -12.70 -21.48 1.00
C THR D 332 -12.18 -22.08 2.30
N PHE D 333 -11.42 -21.32 3.09
CA PHE D 333 -10.91 -21.86 4.36
C PHE D 333 -12.03 -22.20 5.33
N SER D 334 -13.10 -21.39 5.36
CA SER D 334 -14.11 -21.53 6.39
C SER D 334 -14.95 -22.80 6.25
N HIS D 335 -14.82 -23.53 5.15
CA HIS D 335 -15.62 -24.73 4.92
C HIS D 335 -14.86 -26.03 5.20
N LEU D 336 -13.54 -25.97 5.39
CA LEU D 336 -12.70 -27.15 5.32
C LEU D 336 -12.46 -27.77 6.68
N ASP D 337 -12.40 -29.10 6.71
CA ASP D 337 -12.15 -29.84 7.94
C ASP D 337 -10.66 -30.11 8.16
N ALA D 338 -9.86 -30.12 7.09
CA ALA D 338 -8.44 -30.34 7.19
C ALA D 338 -7.74 -29.63 6.06
N THR D 339 -6.63 -28.96 6.38
CA THR D 339 -5.87 -28.20 5.40
C THR D 339 -4.45 -28.73 5.36
N THR D 340 -3.91 -28.91 4.17
CA THR D 340 -2.54 -29.34 3.94
C THR D 340 -1.82 -28.28 3.14
N ASN D 341 -0.67 -27.83 3.65
CA ASN D 341 0.09 -26.78 3.00
C ASN D 341 1.34 -27.38 2.36
N LEU D 342 1.57 -27.05 1.09
CA LEU D 342 2.71 -27.55 0.33
C LEU D 342 3.70 -26.42 0.12
N GLU D 343 4.99 -26.73 0.23
CA GLU D 343 6.03 -25.71 0.20
C GLU D 343 7.06 -26.06 -0.87
N ARG D 344 7.37 -25.09 -1.72
CA ARG D 344 8.35 -25.30 -2.78
C ARG D 344 9.74 -25.54 -2.21
N LYS D 345 10.05 -24.97 -1.05
CA LYS D 345 11.34 -25.23 -0.43
C LYS D 345 11.50 -26.70 -0.08
N LEU D 346 10.46 -27.32 0.47
CA LEU D 346 10.51 -28.76 0.70
C LEU D 346 10.54 -29.53 -0.61
N ALA D 347 9.81 -29.06 -1.62
CA ALA D 347 9.80 -29.74 -2.91
C ALA D 347 11.18 -29.76 -3.54
N GLU D 348 11.94 -28.67 -3.39
CA GLU D 348 13.26 -28.57 -4.03
C GLU D 348 14.25 -29.55 -3.41
N MET D 349 14.14 -29.78 -2.10
CA MET D 349 15.08 -30.67 -1.43
C MET D 349 14.79 -32.14 -1.69
N GLY D 350 13.69 -32.47 -2.35
CA GLY D 350 13.37 -33.86 -2.60
C GLY D 350 12.59 -34.53 -1.50
N ILE D 351 11.59 -33.85 -0.94
CA ILE D 351 10.84 -34.36 0.20
C ILE D 351 9.39 -34.52 -0.21
N TYR D 352 9.16 -34.95 -1.44
CA TYR D 352 7.81 -35.25 -1.90
C TYR D 352 7.14 -36.20 -0.92
N PRO D 353 5.88 -35.98 -0.53
CA PRO D 353 4.86 -35.05 -1.04
C PRO D 353 5.02 -33.57 -0.70
N ALA D 354 6.13 -33.17 -0.08
CA ALA D 354 6.43 -31.76 0.19
C ALA D 354 5.37 -31.12 1.09
N VAL D 355 4.73 -31.90 1.95
CA VAL D 355 3.76 -31.34 2.89
C VAL D 355 4.49 -30.60 3.99
N ASP D 356 4.03 -29.39 4.30
CA ASP D 356 4.57 -28.67 5.45
C ASP D 356 4.04 -29.32 6.71
N PRO D 357 4.92 -29.86 7.57
CA PRO D 357 4.45 -30.59 8.75
C PRO D 357 4.05 -29.72 9.91
N LEU D 358 4.18 -28.40 9.81
CA LEU D 358 3.86 -27.50 10.90
C LEU D 358 2.70 -26.57 10.61
N ALA D 359 2.33 -26.39 9.35
CA ALA D 359 1.16 -25.57 9.03
C ALA D 359 -0.09 -26.41 8.85
N SER D 360 0.06 -27.67 8.45
CA SER D 360 -1.07 -28.54 8.22
C SER D 360 -1.82 -28.82 9.52
N THR D 361 -3.15 -28.72 9.46
CA THR D 361 -3.97 -28.86 10.64
C THR D 361 -5.18 -29.72 10.29
N SER D 362 -5.75 -30.36 11.32
CA SER D 362 -6.95 -31.15 11.13
C SER D 362 -7.70 -31.25 12.46
N ARG D 363 -9.02 -31.19 12.41
CA ARG D 363 -9.84 -31.35 13.59
C ARG D 363 -9.90 -32.79 14.09
N ALA D 364 -9.39 -33.74 13.31
CA ALA D 364 -9.43 -35.14 13.72
C ALA D 364 -8.30 -35.52 14.66
N LEU D 365 -7.26 -34.68 14.78
CA LEU D 365 -6.12 -35.00 15.63
C LEU D 365 -6.47 -34.69 17.09
N ALA D 366 -7.30 -35.55 17.66
CA ALA D 366 -7.75 -35.44 19.03
C ALA D 366 -7.52 -36.76 19.73
N PRO D 367 -7.34 -36.76 21.05
CA PRO D 367 -6.99 -38.02 21.74
C PRO D 367 -7.99 -39.13 21.56
N GLU D 368 -9.29 -38.83 21.57
CA GLU D 368 -10.29 -39.90 21.48
C GLU D 368 -10.62 -40.29 20.05
N ILE D 369 -10.19 -39.49 19.07
CA ILE D 369 -10.51 -39.80 17.68
C ILE D 369 -9.45 -40.70 17.06
N VAL D 370 -8.18 -40.43 17.34
CA VAL D 370 -7.09 -41.20 16.77
C VAL D 370 -6.40 -42.10 17.79
N GLY D 371 -6.68 -41.95 19.06
CA GLY D 371 -6.05 -42.76 20.09
C GLY D 371 -4.95 -42.02 20.82
N GLU D 372 -4.75 -42.42 22.08
CA GLU D 372 -3.77 -41.74 22.92
C GLU D 372 -2.36 -41.90 22.37
N GLU D 373 -2.02 -43.12 21.92
CA GLU D 373 -0.68 -43.36 21.38
C GLU D 373 -0.44 -42.53 20.12
N HIS D 374 -1.41 -42.51 19.22
CA HIS D 374 -1.28 -41.72 17.99
C HIS D 374 -1.11 -40.25 18.31
N TYR D 375 -1.93 -39.72 19.22
CA TYR D 375 -1.82 -38.31 19.58
C TYR D 375 -0.47 -38.01 20.21
N GLN D 376 0.00 -38.88 21.10
CA GLN D 376 1.29 -38.69 21.74
C GLN D 376 2.40 -38.62 20.71
N VAL D 377 2.43 -39.59 19.79
CA VAL D 377 3.50 -39.64 18.80
C VAL D 377 3.45 -38.41 17.90
N ALA D 378 2.27 -38.04 17.44
CA ALA D 378 2.16 -36.89 16.55
C ALA D 378 2.58 -35.60 17.23
N ARG D 379 2.12 -35.39 18.47
CA ARG D 379 2.49 -34.19 19.20
C ARG D 379 3.99 -34.13 19.43
N LYS D 380 4.61 -35.26 19.76
CA LYS D 380 6.05 -35.27 20.00
C LYS D 380 6.82 -34.99 18.71
N VAL D 381 6.36 -35.53 17.58
CA VAL D 381 7.03 -35.27 16.30
C VAL D 381 6.95 -33.78 15.97
N GLN D 382 5.77 -33.19 16.14
CA GLN D 382 5.62 -31.77 15.87
C GLN D 382 6.51 -30.95 16.78
N GLN D 383 6.61 -31.34 18.05
CA GLN D 383 7.47 -30.61 18.98
C GLN D 383 8.93 -30.67 18.55
N THR D 384 9.40 -31.86 18.16
CA THR D 384 10.80 -31.97 17.76
C THR D 384 11.09 -31.16 16.51
N LEU D 385 10.19 -31.20 15.52
CA LEU D 385 10.41 -30.39 14.31
C LEU D 385 10.40 -28.91 14.63
N GLN D 386 9.45 -28.47 15.47
CA GLN D 386 9.38 -27.06 15.83
C GLN D 386 10.63 -26.61 16.56
N ARG D 387 11.14 -27.44 17.47
CA ARG D 387 12.39 -27.12 18.15
C ARG D 387 13.54 -27.03 17.16
N TYR D 388 13.60 -27.97 16.21
CA TYR D 388 14.67 -27.95 15.21
C TYR D 388 14.60 -26.69 14.36
N LYS D 389 13.39 -26.15 14.15
CA LYS D 389 13.26 -24.94 13.34
C LYS D 389 13.97 -23.74 13.97
N GLU D 390 14.24 -23.78 15.28
CA GLU D 390 14.86 -22.65 15.95
C GLU D 390 16.39 -22.68 15.88
N LEU D 391 16.98 -23.78 15.43
CA LEU D 391 18.43 -23.93 15.51
C LEU D 391 19.15 -23.85 14.18
N GLN D 392 18.44 -23.58 13.08
CA GLN D 392 19.10 -23.57 11.77
C GLN D 392 20.16 -22.49 11.70
N ASP D 393 19.81 -21.25 12.04
CA ASP D 393 20.76 -20.15 11.92
C ASP D 393 21.94 -20.34 12.86
N ILE D 394 21.68 -20.76 14.10
CA ILE D 394 22.76 -20.96 15.06
C ILE D 394 23.71 -22.04 14.57
N ILE D 395 23.16 -23.17 14.10
CA ILE D 395 23.99 -24.25 13.56
C ILE D 395 24.79 -23.78 12.36
N ALA D 396 24.18 -22.99 11.47
CA ALA D 396 24.88 -22.55 10.27
C ALA D 396 26.04 -21.62 10.63
N ILE D 397 25.82 -20.65 11.52
CA ILE D 397 26.86 -19.70 11.82
C ILE D 397 27.91 -20.31 12.75
N LEU D 398 27.51 -20.69 13.95
CA LEU D 398 28.42 -21.33 14.90
C LEU D 398 28.30 -22.84 14.71
N GLY D 399 29.44 -23.51 14.64
CA GLY D 399 29.45 -24.95 14.43
C GLY D 399 28.57 -25.67 15.42
N MET D 400 27.86 -26.70 14.97
CA MET D 400 26.92 -27.41 15.83
C MET D 400 27.60 -28.00 17.07
N ASP D 401 28.94 -27.99 17.12
CA ASP D 401 29.66 -28.49 18.28
C ASP D 401 29.43 -27.65 19.53
N GLU D 402 29.13 -26.36 19.40
CA GLU D 402 28.94 -25.54 20.58
C GLU D 402 27.58 -25.75 21.23
N LEU D 403 26.63 -26.36 20.53
CA LEU D 403 25.33 -26.66 21.10
C LEU D 403 25.47 -27.71 22.20
N SER D 404 24.50 -27.71 23.12
CA SER D 404 24.47 -28.69 24.18
C SER D 404 24.28 -30.09 23.60
N ASP D 405 24.62 -31.10 24.41
CA ASP D 405 24.58 -32.47 23.92
C ASP D 405 23.16 -32.91 23.58
N GLU D 406 22.18 -32.49 24.37
CA GLU D 406 20.80 -32.88 24.09
C GLU D 406 20.32 -32.29 22.76
N ASP D 407 20.66 -31.02 22.49
CA ASP D 407 20.20 -30.39 21.26
C ASP D 407 20.79 -31.06 20.03
N LYS D 408 22.04 -31.49 20.11
CA LYS D 408 22.64 -32.18 18.96
C LYS D 408 21.90 -33.48 18.67
N LEU D 409 21.51 -34.21 19.71
CA LEU D 409 20.73 -35.42 19.52
C LEU D 409 19.34 -35.11 18.98
N VAL D 410 18.75 -33.99 19.42
CA VAL D 410 17.45 -33.58 18.88
C VAL D 410 17.55 -33.31 17.38
N VAL D 411 18.61 -32.63 16.97
CA VAL D 411 18.82 -32.39 15.54
C VAL D 411 19.02 -33.71 14.80
N HIS D 412 19.81 -34.61 15.41
CA HIS D 412 20.05 -35.92 14.81
C HIS D 412 18.74 -36.65 14.55
N ARG D 413 17.78 -36.55 15.48
CA ARG D 413 16.49 -37.20 15.29
C ARG D 413 15.61 -36.44 14.30
N ALA D 414 15.67 -35.11 14.33
CA ALA D 414 14.80 -34.30 13.47
C ALA D 414 15.13 -34.52 12.00
N ARG D 415 16.41 -34.64 11.66
CA ARG D 415 16.79 -34.91 10.28
C ARG D 415 16.13 -36.20 9.78
N ARG D 416 16.21 -37.26 10.58
CA ARG D 416 15.63 -38.53 10.20
C ARG D 416 14.12 -38.46 10.12
N ILE D 417 13.48 -37.72 11.03
CA ILE D 417 12.03 -37.58 10.97
C ILE D 417 11.61 -36.89 9.68
N GLN D 418 12.29 -35.78 9.34
CA GLN D 418 11.98 -35.06 8.11
C GLN D 418 12.15 -35.96 6.89
N PHE D 419 13.24 -36.74 6.86
CA PHE D 419 13.44 -37.60 5.70
C PHE D 419 12.44 -38.75 5.66
N PHE D 420 11.99 -39.20 6.83
CA PHE D 420 11.02 -40.29 6.86
C PHE D 420 9.63 -39.84 6.45
N LEU D 421 9.30 -38.56 6.63
CA LEU D 421 7.98 -38.09 6.23
C LEU D 421 7.75 -38.21 4.73
N SER D 422 8.81 -38.22 3.93
CA SER D 422 8.67 -38.38 2.50
C SER D 422 8.32 -39.82 2.15
N GLN D 423 7.72 -40.01 0.98
CA GLN D 423 7.26 -41.34 0.59
C GLN D 423 7.27 -41.46 -0.93
N ASN D 424 7.55 -42.67 -1.42
CA ASN D 424 7.53 -42.95 -2.86
C ASN D 424 6.10 -43.29 -3.27
N PHE D 425 5.65 -42.69 -4.37
CA PHE D 425 4.28 -42.87 -4.82
C PHE D 425 4.21 -43.88 -5.97
N HIS D 426 3.04 -44.48 -6.13
CA HIS D 426 2.80 -45.33 -7.29
C HIS D 426 2.78 -44.50 -8.57
N VAL D 427 2.19 -43.30 -8.52
CA VAL D 427 2.11 -42.47 -9.71
C VAL D 427 3.46 -41.86 -10.07
N ALA D 428 4.41 -41.84 -9.14
CA ALA D 428 5.76 -41.37 -9.43
C ALA D 428 6.58 -42.41 -10.18
N GLU D 429 5.96 -43.53 -10.58
CA GLU D 429 6.65 -44.52 -11.38
C GLU D 429 7.21 -43.90 -12.66
N GLN D 430 6.40 -43.10 -13.34
CA GLN D 430 6.86 -42.43 -14.55
C GLN D 430 8.01 -41.47 -14.26
N PHE D 431 7.95 -40.77 -13.13
CA PHE D 431 8.96 -39.75 -12.83
C PHE D 431 10.29 -40.33 -12.39
N THR D 432 10.31 -41.48 -11.71
CA THR D 432 11.58 -41.98 -11.18
C THR D 432 11.94 -43.40 -11.61
N GLY D 433 10.99 -44.28 -11.86
CA GLY D 433 11.34 -45.66 -12.13
C GLY D 433 11.36 -46.56 -10.92
N GLN D 434 10.88 -46.09 -9.77
CA GLN D 434 10.78 -46.91 -8.57
C GLN D 434 9.32 -47.15 -8.22
N PRO D 435 8.94 -48.39 -7.92
CA PRO D 435 7.54 -48.67 -7.60
C PRO D 435 7.14 -48.05 -6.26
N GLY D 436 5.83 -47.81 -6.12
CA GLY D 436 5.30 -47.14 -4.95
C GLY D 436 5.07 -48.08 -3.79
N SER D 437 4.52 -47.51 -2.71
CA SER D 437 4.26 -48.26 -1.49
C SER D 437 3.02 -47.71 -0.79
N TYR D 438 2.38 -48.57 -0.01
CA TYR D 438 1.21 -48.22 0.80
C TYR D 438 1.52 -48.60 2.24
N VAL D 439 1.46 -47.61 3.12
CA VAL D 439 1.88 -47.78 4.52
C VAL D 439 0.65 -47.67 5.41
N PRO D 440 0.29 -48.71 6.15
CA PRO D 440 -0.83 -48.60 7.09
C PRO D 440 -0.51 -47.64 8.23
N VAL D 441 -1.58 -47.05 8.80
CA VAL D 441 -1.41 -46.02 9.82
C VAL D 441 -0.77 -46.60 11.08
N LYS D 442 -1.16 -47.82 11.45
CA LYS D 442 -0.56 -48.44 12.62
C LYS D 442 0.94 -48.63 12.43
N GLU D 443 1.34 -49.12 11.25
CA GLU D 443 2.75 -49.31 10.97
C GLU D 443 3.51 -47.99 10.96
N THR D 444 2.93 -46.94 10.39
CA THR D 444 3.65 -45.68 10.34
C THR D 444 3.78 -45.03 11.71
N VAL D 445 2.75 -45.15 12.56
CA VAL D 445 2.89 -44.58 13.90
C VAL D 445 3.90 -45.38 14.71
N ARG D 446 3.94 -46.70 14.55
CA ARG D 446 4.95 -47.49 15.23
C ARG D 446 6.35 -47.13 14.75
N GLY D 447 6.51 -46.90 13.44
CA GLY D 447 7.81 -46.52 12.92
C GLY D 447 8.28 -45.19 13.47
N PHE D 448 7.38 -44.20 13.52
CA PHE D 448 7.77 -42.91 14.07
C PHE D 448 8.07 -43.02 15.57
N LYS D 449 7.32 -43.85 16.29
CA LYS D 449 7.62 -44.05 17.70
C LYS D 449 9.00 -44.65 17.89
N GLU D 450 9.35 -45.64 17.06
CA GLU D 450 10.67 -46.25 17.15
C GLU D 450 11.77 -45.25 16.87
N ILE D 451 11.58 -44.42 15.83
CA ILE D 451 12.58 -43.41 15.51
C ILE D 451 12.73 -42.41 16.65
N LEU D 452 11.60 -41.99 17.24
CA LEU D 452 11.66 -41.03 18.34
C LEU D 452 12.38 -41.62 19.56
N GLU D 453 12.09 -42.88 19.89
CA GLU D 453 12.71 -43.49 21.05
C GLU D 453 14.11 -44.00 20.76
N GLY D 454 14.56 -43.93 19.50
CA GLY D 454 15.98 -44.01 19.20
C GLY D 454 16.52 -45.37 18.82
N LYS D 455 15.66 -46.33 18.54
CA LYS D 455 16.25 -47.60 18.12
C LYS D 455 16.70 -47.60 16.66
N TYR D 456 16.84 -46.44 16.03
CA TYR D 456 17.36 -46.32 14.68
C TYR D 456 18.29 -45.12 14.51
N ASP D 457 18.88 -44.62 15.59
CA ASP D 457 19.83 -43.50 15.47
C ASP D 457 21.15 -43.93 14.84
N HIS D 458 21.35 -45.23 14.62
CA HIS D 458 22.59 -45.75 14.08
C HIS D 458 22.60 -45.87 12.57
N LEU D 459 21.56 -45.37 11.89
CA LEU D 459 21.53 -45.52 10.44
C LEU D 459 21.81 -44.18 9.76
N PRO D 460 22.43 -44.20 8.58
CA PRO D 460 22.66 -42.95 7.85
C PRO D 460 21.36 -42.30 7.43
N GLU D 461 21.36 -40.97 7.40
CA GLU D 461 20.13 -40.24 7.11
C GLU D 461 19.66 -40.47 5.69
N ASP D 462 20.59 -40.73 4.76
CA ASP D 462 20.20 -40.94 3.37
C ASP D 462 19.34 -42.18 3.21
N ALA D 463 19.35 -43.07 4.20
CA ALA D 463 18.58 -44.30 4.10
C ALA D 463 17.08 -44.06 4.15
N PHE D 464 16.65 -43.03 4.87
CA PHE D 464 15.23 -42.82 5.13
C PHE D 464 14.50 -42.14 3.98
N ARG D 465 15.20 -41.66 2.97
CA ARG D 465 14.56 -40.86 1.93
C ARG D 465 13.76 -41.72 0.97
N LEU D 466 12.52 -41.29 0.71
CA LEU D 466 11.67 -41.85 -0.35
C LEU D 466 11.54 -43.37 -0.22
N VAL D 467 10.96 -43.80 0.90
CA VAL D 467 10.82 -45.22 1.20
C VAL D 467 9.57 -45.41 2.04
N GLY D 468 9.13 -46.65 2.17
CA GLY D 468 7.92 -46.96 2.91
C GLY D 468 8.13 -47.30 4.37
N ARG D 469 7.86 -48.55 4.73
CA ARG D 469 7.88 -48.97 6.12
C ARG D 469 9.30 -48.91 6.69
N ILE D 470 9.37 -48.92 8.03
CA ILE D 470 10.64 -48.74 8.72
C ILE D 470 11.61 -49.88 8.43
N GLU D 471 11.09 -51.08 8.15
CA GLU D 471 11.96 -52.20 7.81
C GLU D 471 12.69 -51.96 6.50
N GLU D 472 12.02 -51.35 5.52
CA GLU D 472 12.67 -51.02 4.27
C GLU D 472 13.78 -49.99 4.45
N VAL D 473 13.73 -49.16 5.49
CA VAL D 473 14.84 -48.26 5.77
C VAL D 473 16.08 -49.05 6.14
N VAL D 474 15.93 -50.03 7.03
CA VAL D 474 17.05 -50.88 7.40
C VAL D 474 17.55 -51.66 6.18
N GLU D 475 16.62 -52.10 5.34
CA GLU D 475 17.02 -52.84 4.14
C GLU D 475 17.84 -51.97 3.19
N LYS D 476 17.41 -50.72 2.97
CA LYS D 476 18.17 -49.82 2.11
C LYS D 476 19.53 -49.49 2.72
N ALA D 477 19.57 -49.29 4.04
CA ALA D 477 20.85 -49.02 4.70
C ALA D 477 21.80 -50.21 4.55
N LYS D 478 21.29 -51.42 4.70
CA LYS D 478 22.12 -52.60 4.48
C LYS D 478 22.58 -52.68 3.03
N ALA D 479 21.70 -52.31 2.10
CA ALA D 479 22.07 -52.33 0.69
C ALA D 479 23.21 -51.37 0.39
N MET D 480 23.15 -50.15 0.93
CA MET D 480 24.22 -49.19 0.69
C MET D 480 25.49 -49.57 1.44
N GLY D 481 25.39 -50.44 2.44
CA GLY D 481 26.55 -50.92 3.15
C GLY D 481 26.80 -50.33 4.51
N VAL D 482 25.79 -50.34 5.37
CA VAL D 482 25.98 -49.92 6.76
C VAL D 482 26.39 -51.15 7.57
N MET E 12 -51.30 27.02 1.04
CA MET E 12 -51.19 25.60 0.72
C MET E 12 -50.41 24.88 1.80
N THR E 13 -49.09 24.84 1.62
CA THR E 13 -48.17 24.25 2.59
C THR E 13 -48.54 22.78 2.85
N ARG E 14 -48.73 22.03 1.76
CA ARG E 14 -49.03 20.60 1.82
C ARG E 14 -48.20 19.87 0.79
N GLY E 15 -47.80 18.65 1.12
CA GLY E 15 -47.03 17.83 0.20
C GLY E 15 -47.37 16.37 0.38
N ARG E 16 -46.94 15.56 -0.59
CA ARG E 16 -47.18 14.12 -0.57
C ARG E 16 -45.86 13.40 -0.70
N VAL E 17 -45.71 12.30 0.05
CA VAL E 17 -44.54 11.44 -0.08
C VAL E 17 -44.67 10.64 -1.36
N ILE E 18 -43.61 10.61 -2.17
CA ILE E 18 -43.61 9.81 -3.38
C ILE E 18 -42.43 8.85 -3.48
N GLN E 19 -41.35 9.03 -2.73
CA GLN E 19 -40.26 8.07 -2.74
C GLN E 19 -39.72 7.91 -1.33
N VAL E 20 -39.47 6.66 -0.94
CA VAL E 20 -38.80 6.35 0.31
C VAL E 20 -37.64 5.40 -0.01
N MET E 21 -36.42 5.84 0.29
CA MET E 21 -35.23 5.03 0.03
C MET E 21 -34.36 5.13 1.28
N GLY E 22 -34.64 4.25 2.24
CA GLY E 22 -34.02 4.34 3.54
C GLY E 22 -34.36 5.67 4.20
N PRO E 23 -33.33 6.36 4.71
CA PRO E 23 -33.56 7.68 5.31
C PRO E 23 -34.03 8.75 4.33
N VAL E 24 -33.84 8.56 3.04
CA VAL E 24 -34.15 9.60 2.06
C VAL E 24 -35.63 9.55 1.72
N VAL E 25 -36.30 10.70 1.87
CA VAL E 25 -37.72 10.84 1.57
C VAL E 25 -37.89 11.96 0.55
N ASP E 26 -38.64 11.70 -0.51
CA ASP E 26 -38.96 12.69 -1.53
C ASP E 26 -40.40 13.17 -1.35
N VAL E 27 -40.59 14.48 -1.42
CA VAL E 27 -41.89 15.10 -1.22
C VAL E 27 -42.22 15.97 -2.43
N LYS E 28 -43.47 15.90 -2.86
CA LYS E 28 -43.95 16.70 -3.98
C LYS E 28 -44.93 17.75 -3.47
N PHE E 29 -44.62 19.01 -3.72
CA PHE E 29 -45.44 20.13 -3.27
C PHE E 29 -46.17 20.74 -4.45
N GLU E 30 -47.16 21.58 -4.14
CA GLU E 30 -47.86 22.31 -5.19
C GLU E 30 -46.93 23.30 -5.87
N ASN E 31 -47.30 23.73 -7.06
CA ASN E 31 -46.44 24.57 -7.87
C ASN E 31 -46.20 25.92 -7.20
N GLY E 32 -44.93 26.27 -7.02
CA GLY E 32 -44.55 27.56 -6.50
C GLY E 32 -44.52 27.68 -4.99
N HIS E 33 -44.85 26.63 -4.25
CA HIS E 33 -44.87 26.66 -2.79
C HIS E 33 -43.77 25.82 -2.16
N LEU E 34 -42.67 25.60 -2.87
CA LEU E 34 -41.62 24.74 -2.34
C LEU E 34 -40.96 25.38 -1.12
N PRO E 35 -40.64 24.62 -0.09
CA PRO E 35 -39.87 25.16 1.03
C PRO E 35 -38.43 25.41 0.62
N ALA E 36 -37.80 26.34 1.31
CA ALA E 36 -36.40 26.64 1.06
C ALA E 36 -35.51 25.51 1.59
N ILE E 37 -34.25 25.55 1.19
CA ILE E 37 -33.29 24.53 1.62
C ILE E 37 -33.12 24.61 3.13
N TYR E 38 -32.83 23.46 3.75
CA TYR E 38 -32.64 23.31 5.19
C TYR E 38 -33.90 23.59 5.99
N ASN E 39 -35.07 23.59 5.36
CA ASN E 39 -36.31 23.71 6.11
C ASN E 39 -36.61 22.40 6.84
N ALA E 40 -37.53 22.49 7.79
CA ALA E 40 -37.97 21.31 8.54
C ALA E 40 -39.40 20.97 8.17
N LEU E 41 -39.65 19.70 7.85
CA LEU E 41 -40.97 19.21 7.49
C LEU E 41 -41.44 18.22 8.54
N LYS E 42 -42.75 18.19 8.76
CA LYS E 42 -43.36 17.33 9.75
C LYS E 42 -44.34 16.37 9.07
N ILE E 43 -44.25 15.10 9.44
CA ILE E 43 -45.21 14.09 9.01
C ILE E 43 -45.91 13.56 10.25
N GLN E 44 -47.23 13.70 10.28
CA GLN E 44 -48.04 13.24 11.39
C GLN E 44 -49.19 12.41 10.83
N HIS E 45 -49.46 11.28 11.46
CA HIS E 45 -50.42 10.33 10.89
C HIS E 45 -50.98 9.44 11.98
N LYS E 46 -52.26 9.12 11.87
CA LYS E 46 -52.92 8.17 12.75
C LYS E 46 -53.40 6.98 11.93
N ALA E 47 -53.24 5.78 12.49
CA ALA E 47 -53.59 4.56 11.76
C ALA E 47 -55.06 4.57 11.38
N ARG E 48 -55.34 4.26 10.12
CA ARG E 48 -56.72 4.15 9.67
C ARG E 48 -57.26 2.74 9.82
N ASN E 49 -56.39 1.74 9.96
CA ASN E 49 -56.83 0.35 9.99
C ASN E 49 -55.71 -0.49 10.57
N GLU E 50 -55.95 -1.81 10.60
CA GLU E 50 -54.96 -2.74 11.15
C GLU E 50 -53.74 -2.88 10.25
N ASN E 51 -53.85 -2.50 8.98
CA ASN E 51 -52.73 -2.63 8.04
C ASN E 51 -51.89 -1.35 7.97
N GLU E 52 -51.89 -0.54 9.03
CA GLU E 52 -51.10 0.68 9.08
C GLU E 52 -50.56 0.87 10.49
N VAL E 53 -49.59 1.77 10.61
CA VAL E 53 -49.03 2.14 11.90
C VAL E 53 -48.97 3.66 11.98
N ASP E 54 -48.82 4.16 13.21
CA ASP E 54 -48.68 5.59 13.43
C ASP E 54 -47.22 6.00 13.34
N ILE E 55 -47.00 7.26 12.97
CA ILE E 55 -45.66 7.78 12.73
C ILE E 55 -45.65 9.27 13.06
N ASP E 56 -44.53 9.72 13.63
CA ASP E 56 -44.30 11.15 13.87
C ASP E 56 -42.84 11.41 13.53
N LEU E 57 -42.59 12.08 12.42
CA LEU E 57 -41.26 12.17 11.85
C LEU E 57 -40.98 13.62 11.46
N THR E 58 -39.69 13.98 11.47
CA THR E 58 -39.24 15.30 11.05
C THR E 58 -38.19 15.14 9.98
N LEU E 59 -38.34 15.89 8.89
CA LEU E 59 -37.49 15.78 7.73
C LEU E 59 -36.76 17.10 7.48
N GLU E 60 -35.55 17.01 6.94
CA GLU E 60 -34.76 18.18 6.60
C GLU E 60 -34.60 18.24 5.08
N VAL E 61 -34.95 19.39 4.51
CA VAL E 61 -34.83 19.59 3.07
C VAL E 61 -33.36 19.70 2.69
N ALA E 62 -32.97 19.01 1.62
CA ALA E 62 -31.59 19.02 1.16
C ALA E 62 -31.42 19.48 -0.28
N LEU E 63 -32.27 19.05 -1.19
CA LEU E 63 -32.12 19.37 -2.60
C LEU E 63 -33.46 19.73 -3.22
N HIS E 64 -33.39 20.34 -4.39
CA HIS E 64 -34.56 20.59 -5.23
C HIS E 64 -34.41 19.79 -6.52
N LEU E 65 -35.22 18.73 -6.65
CA LEU E 65 -35.07 17.79 -7.75
C LEU E 65 -35.71 18.26 -9.04
N GLY E 66 -36.50 19.32 -9.01
CA GLY E 66 -37.26 19.74 -10.16
C GLY E 66 -38.63 19.07 -10.21
N ASP E 67 -39.47 19.61 -11.10
CA ASP E 67 -40.87 19.21 -11.18
C ASP E 67 -41.57 19.36 -9.83
N ASP E 68 -41.23 20.45 -9.13
CA ASP E 68 -41.81 20.78 -7.83
C ASP E 68 -41.64 19.66 -6.82
N THR E 69 -40.49 18.98 -6.83
CA THR E 69 -40.21 17.88 -5.92
C THR E 69 -38.99 18.21 -5.09
N VAL E 70 -39.04 17.87 -3.80
CA VAL E 70 -37.98 18.16 -2.84
C VAL E 70 -37.44 16.85 -2.30
N ARG E 71 -36.12 16.73 -2.28
CA ARG E 71 -35.45 15.58 -1.67
C ARG E 71 -35.05 15.91 -0.24
N THR E 72 -35.43 15.04 0.68
CA THR E 72 -35.27 15.32 2.11
C THR E 72 -34.54 14.16 2.78
N ILE E 73 -34.03 14.44 3.99
CA ILE E 73 -33.35 13.45 4.80
C ILE E 73 -34.03 13.40 6.16
N ALA E 74 -34.17 12.18 6.71
CA ALA E 74 -34.97 11.98 7.91
C ALA E 74 -34.11 11.98 9.16
N MET E 75 -34.69 12.47 10.25
CA MET E 75 -34.05 12.47 11.56
C MET E 75 -34.35 11.23 12.38
N ALA E 76 -35.12 10.29 11.84
CA ALA E 76 -35.45 9.06 12.55
C ALA E 76 -35.75 7.98 11.52
N SER E 77 -36.17 6.82 12.01
CA SER E 77 -36.47 5.70 11.11
C SER E 77 -37.70 6.02 10.26
N THR E 78 -37.62 5.64 8.99
CA THR E 78 -38.69 5.89 8.04
C THR E 78 -39.64 4.71 7.88
N ASP E 79 -39.56 3.72 8.76
CA ASP E 79 -40.46 2.58 8.69
C ASP E 79 -41.89 3.03 8.93
N GLY E 80 -42.82 2.44 8.18
CA GLY E 80 -44.23 2.78 8.29
C GLY E 80 -44.71 3.86 7.36
N LEU E 81 -43.83 4.46 6.56
CA LEU E 81 -44.26 5.47 5.61
C LEU E 81 -45.04 4.82 4.47
N ILE E 82 -46.00 5.56 3.93
CA ILE E 82 -46.79 5.14 2.78
C ILE E 82 -46.76 6.26 1.75
N ARG E 83 -46.58 5.89 0.48
CA ARG E 83 -46.61 6.88 -0.59
C ARG E 83 -48.00 7.51 -0.66
N GLY E 84 -48.03 8.84 -0.75
CA GLY E 84 -49.27 9.57 -0.73
C GLY E 84 -49.61 10.18 0.62
N MET E 85 -48.76 10.02 1.61
CA MET E 85 -49.01 10.60 2.93
C MET E 85 -48.84 12.12 2.88
N GLU E 86 -49.45 12.81 3.85
CA GLU E 86 -49.43 14.26 3.86
C GLU E 86 -48.20 14.78 4.60
N VAL E 87 -47.60 15.84 4.06
CA VAL E 87 -46.47 16.51 4.67
C VAL E 87 -46.79 17.99 4.77
N ILE E 88 -46.43 18.61 5.90
CA ILE E 88 -46.65 20.03 6.14
C ILE E 88 -45.31 20.70 6.38
N ASP E 89 -45.15 21.91 5.86
CA ASP E 89 -43.89 22.63 5.99
C ASP E 89 -43.97 23.61 7.16
N THR E 90 -42.93 23.62 7.99
CA THR E 90 -42.90 24.49 9.16
C THR E 90 -42.43 25.91 8.84
N GLY E 91 -41.85 26.14 7.67
CA GLY E 91 -41.46 27.48 7.27
C GLY E 91 -40.14 27.98 7.83
N ALA E 92 -39.39 27.13 8.50
CA ALA E 92 -38.11 27.53 9.07
C ALA E 92 -37.30 26.27 9.32
N PRO E 93 -35.98 26.41 9.47
CA PRO E 93 -35.15 25.25 9.81
C PRO E 93 -35.51 24.70 11.18
N ILE E 94 -34.81 23.63 11.57
CA ILE E 94 -35.03 23.05 12.87
C ILE E 94 -34.76 24.08 13.95
N SER E 95 -35.64 24.16 14.93
CA SER E 95 -35.53 25.14 15.99
C SER E 95 -35.49 24.44 17.34
N VAL E 96 -34.66 24.97 18.23
CA VAL E 96 -34.44 24.35 19.54
C VAL E 96 -34.65 25.38 20.63
N PRO E 97 -35.08 24.98 21.83
CA PRO E 97 -35.21 25.94 22.92
C PRO E 97 -33.85 26.46 23.37
N VAL E 98 -33.83 27.73 23.80
CA VAL E 98 -32.61 28.38 24.25
C VAL E 98 -32.91 29.12 25.55
N GLY E 99 -31.84 29.47 26.26
CA GLY E 99 -31.99 30.25 27.48
C GLY E 99 -31.72 29.42 28.73
N GLU E 100 -32.34 29.86 29.84
CA GLU E 100 -32.10 29.21 31.12
C GLU E 100 -32.73 27.83 31.17
N VAL E 101 -33.79 27.60 30.40
CA VAL E 101 -34.46 26.30 30.42
C VAL E 101 -33.58 25.18 29.90
N THR E 102 -32.51 25.50 29.18
CA THR E 102 -31.63 24.46 28.66
C THR E 102 -30.62 23.97 29.68
N LEU E 103 -30.28 24.79 30.68
CA LEU E 103 -29.28 24.40 31.66
C LEU E 103 -29.79 23.27 32.54
N GLY E 104 -28.93 22.29 32.79
CA GLY E 104 -29.30 21.16 33.61
C GLY E 104 -30.23 20.17 32.96
N ARG E 105 -30.41 20.25 31.65
CA ARG E 105 -31.34 19.40 30.92
C ARG E 105 -30.59 18.65 29.82
N VAL E 106 -31.15 17.51 29.43
CA VAL E 106 -30.59 16.67 28.38
C VAL E 106 -31.55 16.69 27.20
N PHE E 107 -31.03 16.97 26.01
CA PHE E 107 -31.85 17.09 24.81
C PHE E 107 -31.37 16.12 23.74
N ASN E 108 -32.24 15.82 22.79
CA ASN E 108 -31.85 15.10 21.59
C ASN E 108 -31.57 16.10 20.47
N VAL E 109 -31.38 15.58 19.26
CA VAL E 109 -31.01 16.44 18.13
C VAL E 109 -32.10 17.44 17.81
N LEU E 110 -33.36 17.08 18.06
CA LEU E 110 -34.46 18.01 17.80
C LEU E 110 -34.78 18.91 18.99
N GLY E 111 -34.01 18.84 20.07
CA GLY E 111 -34.31 19.67 21.22
C GLY E 111 -35.43 19.18 22.09
N GLU E 112 -35.82 17.93 21.96
CA GLU E 112 -36.82 17.35 22.84
C GLU E 112 -36.14 16.80 24.09
N PRO E 113 -36.55 17.23 25.29
CA PRO E 113 -35.84 16.80 26.50
C PRO E 113 -35.93 15.30 26.71
N ILE E 114 -34.77 14.66 26.87
CA ILE E 114 -34.74 13.23 27.10
C ILE E 114 -34.96 12.91 28.58
N ASP E 115 -34.42 13.73 29.49
CA ASP E 115 -34.62 13.50 30.90
C ASP E 115 -36.10 13.62 31.27
N LEU E 116 -36.42 13.26 32.51
CA LEU E 116 -37.79 12.98 32.90
C LEU E 116 -38.51 14.14 33.59
N GLU E 117 -37.92 15.35 33.59
CA GLU E 117 -38.61 16.47 34.22
C GLU E 117 -39.79 16.99 33.43
N GLY E 118 -39.96 16.58 32.18
CA GLY E 118 -41.08 17.03 31.38
C GLY E 118 -40.66 17.92 30.22
N ASP E 119 -41.67 18.31 29.44
CA ASP E 119 -41.42 19.07 28.22
C ASP E 119 -41.28 20.56 28.52
N ILE E 120 -40.73 21.28 27.57
CA ILE E 120 -40.52 22.73 27.66
C ILE E 120 -41.76 23.45 27.14
N PRO E 121 -42.19 24.54 27.78
CA PRO E 121 -43.39 25.24 27.34
C PRO E 121 -43.27 25.77 25.92
N ALA E 122 -44.40 25.82 25.23
CA ALA E 122 -44.43 26.16 23.81
C ALA E 122 -44.13 27.63 23.55
N ASP E 123 -44.21 28.49 24.57
CA ASP E 123 -43.93 29.91 24.41
C ASP E 123 -42.47 30.25 24.68
N ALA E 124 -41.61 29.25 24.85
CA ALA E 124 -40.18 29.51 24.99
C ALA E 124 -39.59 29.96 23.67
N ARG E 125 -38.52 30.75 23.74
CA ARG E 125 -37.83 31.19 22.54
C ARG E 125 -37.09 30.03 21.87
N ARG E 126 -37.13 30.02 20.54
CA ARG E 126 -36.44 28.99 19.77
C ARG E 126 -35.66 29.64 18.63
N ASP E 127 -34.53 29.03 18.27
CA ASP E 127 -33.62 29.59 17.28
C ASP E 127 -33.31 28.57 16.19
N PRO E 128 -33.06 29.02 14.96
CA PRO E 128 -32.75 28.08 13.88
C PRO E 128 -31.43 27.38 14.11
N ILE E 129 -31.36 26.14 13.63
CA ILE E 129 -30.11 25.38 13.69
C ILE E 129 -29.07 25.98 12.76
N HIS E 130 -29.46 26.24 11.51
CA HIS E 130 -28.52 26.72 10.51
C HIS E 130 -28.40 28.23 10.56
N ARG E 131 -27.19 28.73 10.30
CA ARG E 131 -26.90 30.14 10.46
C ARG E 131 -25.61 30.46 9.71
N PRO E 132 -25.55 31.60 9.01
CA PRO E 132 -24.28 32.03 8.44
C PRO E 132 -23.30 32.44 9.53
N ALA E 133 -22.01 32.32 9.22
CA ALA E 133 -20.97 32.61 10.20
C ALA E 133 -20.92 34.11 10.48
N PRO E 134 -20.40 34.50 11.66
CA PRO E 134 -20.28 35.92 11.97
C PRO E 134 -19.35 36.63 10.98
N LYS E 135 -19.66 37.89 10.72
CA LYS E 135 -18.97 38.64 9.68
C LYS E 135 -17.57 39.05 10.14
N PHE E 136 -16.79 39.55 9.18
CA PHE E 136 -15.44 40.02 9.47
C PHE E 136 -15.46 41.27 10.36
N GLU E 137 -16.54 42.05 10.29
CA GLU E 137 -16.63 43.25 11.11
C GLU E 137 -16.81 42.91 12.58
N GLU E 138 -17.44 41.78 12.88
CA GLU E 138 -17.88 41.46 14.23
C GLU E 138 -16.78 40.84 15.09
N LEU E 139 -15.66 40.43 14.49
CA LEU E 139 -14.65 39.70 15.22
C LEU E 139 -13.72 40.64 15.97
N ALA E 140 -13.27 40.21 17.15
CA ALA E 140 -12.31 40.97 17.92
C ALA E 140 -10.93 40.90 17.28
N THR E 141 -10.12 41.91 17.56
CA THR E 141 -8.82 42.03 16.92
C THR E 141 -7.66 41.51 17.78
N GLU E 142 -7.93 41.08 19.00
CA GLU E 142 -6.89 40.69 19.94
C GLU E 142 -7.01 39.22 20.30
N VAL E 143 -5.86 38.57 20.47
CA VAL E 143 -5.81 37.20 20.98
C VAL E 143 -5.66 37.25 22.49
N GLU E 144 -6.58 36.60 23.20
CA GLU E 144 -6.60 36.64 24.66
C GLU E 144 -6.55 35.23 25.21
N ILE E 145 -5.64 34.98 26.14
CA ILE E 145 -5.55 33.69 26.79
C ILE E 145 -6.73 33.50 27.72
N LEU E 146 -7.25 32.27 27.76
CA LEU E 146 -8.33 31.91 28.68
C LEU E 146 -7.69 31.37 29.96
N GLU E 147 -7.93 32.05 31.08
CA GLU E 147 -7.34 31.67 32.36
C GLU E 147 -8.15 30.52 32.94
N THR E 148 -7.73 29.29 32.66
CA THR E 148 -8.45 28.12 33.14
C THR E 148 -8.20 27.84 34.62
N GLY E 149 -7.02 28.17 35.13
CA GLY E 149 -6.67 27.85 36.50
C GLY E 149 -5.99 26.52 36.69
N ILE E 150 -5.81 25.73 35.63
CA ILE E 150 -5.05 24.49 35.68
C ILE E 150 -3.60 24.82 35.37
N LYS E 151 -2.68 24.34 36.22
CA LYS E 151 -1.30 24.77 36.12
C LYS E 151 -0.67 24.38 34.79
N VAL E 152 -0.79 23.11 34.41
CA VAL E 152 -0.14 22.66 33.18
C VAL E 152 -0.75 23.35 31.97
N VAL E 153 -2.08 23.44 31.92
CA VAL E 153 -2.74 24.04 30.77
C VAL E 153 -2.36 25.51 30.65
N ASP E 154 -2.37 26.23 31.76
CA ASP E 154 -2.08 27.66 31.71
C ASP E 154 -0.59 27.94 31.56
N LEU E 155 0.27 26.96 31.78
CA LEU E 155 1.70 27.18 31.57
C LEU E 155 2.16 26.76 30.17
N LEU E 156 2.00 25.48 29.84
CA LEU E 156 2.60 24.93 28.64
C LEU E 156 1.67 24.86 27.45
N ALA E 157 0.36 24.77 27.66
CA ALA E 157 -0.55 24.70 26.53
C ALA E 157 -1.68 25.72 26.70
N PRO E 158 -1.38 27.01 26.59
CA PRO E 158 -2.41 28.03 26.83
C PRO E 158 -3.60 27.89 25.90
N TYR E 159 -4.78 28.17 26.43
CA TYR E 159 -6.02 28.18 25.66
C TYR E 159 -6.37 29.60 25.25
N ILE E 160 -7.06 29.72 24.13
CA ILE E 160 -7.38 31.01 23.53
C ILE E 160 -8.90 31.16 23.48
N LYS E 161 -9.39 32.32 23.91
CA LYS E 161 -10.79 32.65 23.72
C LYS E 161 -11.13 32.58 22.24
N GLY E 162 -12.13 31.78 21.89
CA GLY E 162 -12.49 31.58 20.52
C GLY E 162 -11.70 30.52 19.80
N GLY E 163 -10.72 29.90 20.46
CA GLY E 163 -9.92 28.90 19.81
C GLY E 163 -10.53 27.51 19.89
N LYS E 164 -9.98 26.61 19.09
CA LYS E 164 -10.37 25.21 19.07
C LYS E 164 -9.21 24.38 19.60
N ILE E 165 -9.51 23.50 20.55
CA ILE E 165 -8.48 22.71 21.23
C ILE E 165 -8.79 21.24 21.04
N GLY E 166 -7.80 20.47 20.57
CA GLY E 166 -7.95 19.05 20.41
C GLY E 166 -7.56 18.33 21.70
N LEU E 167 -8.28 17.25 22.00
CA LEU E 167 -8.06 16.48 23.22
C LEU E 167 -7.86 15.02 22.84
N PHE E 168 -6.74 14.45 23.28
CA PHE E 168 -6.39 13.07 22.98
C PHE E 168 -6.27 12.30 24.29
N GLY E 169 -6.89 11.13 24.34
CA GLY E 169 -6.79 10.30 25.53
C GLY E 169 -7.61 9.02 25.49
N GLY E 170 -7.01 7.93 25.93
CA GLY E 170 -7.72 6.67 26.00
C GLY E 170 -8.62 6.61 27.22
N ALA E 171 -9.29 5.47 27.36
CA ALA E 171 -10.19 5.27 28.48
C ALA E 171 -9.41 5.17 29.79
N GLY E 172 -10.01 5.67 30.86
CA GLY E 172 -9.40 5.58 32.17
C GLY E 172 -8.12 6.36 32.33
N VAL E 173 -8.03 7.53 31.71
CA VAL E 173 -6.82 8.35 31.84
C VAL E 173 -7.18 9.67 32.51
N GLY E 174 -8.43 10.10 32.36
CA GLY E 174 -8.87 11.31 33.03
C GLY E 174 -9.65 12.31 32.21
N LYS E 175 -10.14 11.90 31.04
CA LYS E 175 -10.93 12.80 30.19
C LYS E 175 -12.11 13.38 30.95
N THR E 176 -12.90 12.51 31.59
CA THR E 176 -14.12 12.96 32.27
C THR E 176 -13.78 13.91 33.41
N VAL E 177 -12.78 13.56 34.22
CA VAL E 177 -12.40 14.39 35.34
C VAL E 177 -11.91 15.75 34.86
N LEU E 178 -11.10 15.76 33.80
CA LEU E 178 -10.60 17.02 33.27
C LEU E 178 -11.73 17.89 32.75
N ILE E 179 -12.70 17.28 32.06
CA ILE E 179 -13.83 18.05 31.55
C ILE E 179 -14.63 18.66 32.69
N GLN E 180 -14.89 17.86 33.73
CA GLN E 180 -15.61 18.38 34.88
C GLN E 180 -14.85 19.51 35.55
N GLU E 181 -13.54 19.37 35.68
CA GLU E 181 -12.74 20.43 36.30
C GLU E 181 -12.76 21.71 35.46
N LEU E 182 -12.67 21.57 34.14
CA LEU E 182 -12.73 22.75 33.29
C LEU E 182 -14.06 23.47 33.46
N ILE E 183 -15.17 22.72 33.45
CA ILE E 183 -16.48 23.34 33.60
C ILE E 183 -16.58 24.03 34.95
N HIS E 184 -16.15 23.36 36.01
CA HIS E 184 -16.25 23.92 37.34
C HIS E 184 -15.43 25.21 37.46
N ASN E 185 -14.18 25.18 37.00
CA ASN E 185 -13.31 26.36 37.12
C ASN E 185 -13.87 27.52 36.31
N ILE E 186 -14.35 27.26 35.10
CA ILE E 186 -14.91 28.34 34.29
C ILE E 186 -16.14 28.92 34.97
N ALA E 187 -17.06 28.07 35.41
CA ALA E 187 -18.28 28.58 36.02
C ALA E 187 -18.00 29.29 37.34
N GLN E 188 -16.86 28.98 37.97
CA GLN E 188 -16.54 29.62 39.24
C GLN E 188 -15.89 30.98 39.03
N GLU E 189 -14.91 31.06 38.11
CA GLU E 189 -14.11 32.28 38.01
C GLU E 189 -14.46 33.19 36.84
N HIS E 190 -15.36 32.78 35.94
CA HIS E 190 -15.74 33.65 34.84
C HIS E 190 -17.24 33.68 34.57
N GLY E 191 -18.02 32.83 35.23
CA GLY E 191 -19.45 32.87 35.06
C GLY E 191 -19.98 32.31 33.76
N GLY E 192 -19.14 31.67 32.96
CA GLY E 192 -19.60 31.13 31.69
C GLY E 192 -20.11 29.70 31.85
N ILE E 193 -21.22 29.39 31.20
CA ILE E 193 -21.77 28.04 31.21
C ILE E 193 -20.95 27.15 30.30
N SER E 194 -21.23 25.85 30.33
CA SER E 194 -20.62 24.91 29.41
C SER E 194 -21.73 24.10 28.72
N VAL E 195 -21.45 23.66 27.50
CA VAL E 195 -22.37 22.83 26.74
C VAL E 195 -21.61 21.61 26.25
N PHE E 196 -22.16 20.43 26.51
CA PHE E 196 -21.58 19.17 26.08
C PHE E 196 -22.47 18.56 25.01
N ALA E 197 -21.88 18.16 23.90
CA ALA E 197 -22.60 17.54 22.80
C ALA E 197 -21.90 16.24 22.43
N GLY E 198 -22.53 15.11 22.74
CA GLY E 198 -21.97 13.81 22.42
C GLY E 198 -22.45 13.30 21.09
N VAL E 199 -21.53 13.04 20.16
CA VAL E 199 -21.87 12.67 18.80
C VAL E 199 -21.35 11.25 18.55
N GLY E 200 -22.28 10.31 18.37
CA GLY E 200 -21.94 9.00 17.85
C GLY E 200 -20.95 8.21 18.68
N GLU E 201 -21.14 8.12 19.98
CA GLU E 201 -20.30 7.30 20.83
C GLU E 201 -21.16 6.41 21.71
N ARG E 202 -20.50 5.64 22.58
CA ARG E 202 -21.19 4.65 23.40
C ARG E 202 -22.21 5.32 24.32
N THR E 203 -23.41 4.75 24.36
CA THR E 203 -24.47 5.33 25.18
C THR E 203 -24.19 5.17 26.66
N ARG E 204 -23.56 4.05 27.05
CA ARG E 204 -23.19 3.88 28.44
C ARG E 204 -22.18 4.92 28.88
N GLU E 205 -21.33 5.38 27.96
CA GLU E 205 -20.41 6.47 28.28
C GLU E 205 -21.17 7.75 28.61
N GLY E 206 -22.18 8.10 27.81
CA GLY E 206 -22.97 9.27 28.11
C GLY E 206 -23.71 9.15 29.42
N ASN E 207 -24.27 7.97 29.70
CA ASN E 207 -24.94 7.76 30.98
C ASN E 207 -23.98 7.93 32.15
N ASP E 208 -22.79 7.34 32.05
CA ASP E 208 -21.81 7.46 33.13
C ASP E 208 -21.39 8.91 33.32
N LEU E 209 -21.20 9.63 32.21
CA LEU E 209 -20.84 11.05 32.31
C LEU E 209 -21.95 11.85 32.96
N TYR E 210 -23.20 11.57 32.61
CA TYR E 210 -24.32 12.28 33.22
C TYR E 210 -24.36 12.05 34.72
N HIS E 211 -24.19 10.80 35.15
CA HIS E 211 -24.24 10.52 36.58
C HIS E 211 -23.05 11.12 37.31
N GLU E 212 -21.87 11.13 36.69
CA GLU E 212 -20.71 11.75 37.31
C GLU E 212 -20.92 13.26 37.47
N MET E 213 -21.47 13.91 36.44
CA MET E 213 -21.78 15.33 36.56
C MET E 213 -22.80 15.60 37.65
N LYS E 214 -23.85 14.77 37.71
CA LYS E 214 -24.85 14.96 38.75
C LYS E 214 -24.25 14.78 40.14
N ASP E 215 -23.35 13.81 40.30
CA ASP E 215 -22.69 13.60 41.58
C ASP E 215 -21.81 14.80 41.95
N SER E 216 -21.04 15.29 41.00
CA SER E 216 -20.17 16.43 41.27
C SER E 216 -20.94 17.73 41.45
N GLY E 217 -22.19 17.79 41.02
CA GLY E 217 -22.96 19.01 41.09
C GLY E 217 -22.70 19.97 39.96
N VAL E 218 -21.81 19.63 39.04
CA VAL E 218 -21.51 20.48 37.89
C VAL E 218 -22.73 20.61 36.98
N ILE E 219 -23.61 19.61 36.99
CA ILE E 219 -24.70 19.53 36.02
C ILE E 219 -25.63 20.74 36.11
N SER E 220 -25.60 21.46 37.23
CA SER E 220 -26.46 22.61 37.37
C SER E 220 -26.09 23.75 36.43
N LYS E 221 -24.93 23.67 35.78
CA LYS E 221 -24.42 24.75 34.95
C LYS E 221 -23.97 24.25 33.57
N THR E 222 -24.73 23.31 32.99
CA THR E 222 -24.38 22.77 31.69
C THR E 222 -25.64 22.32 30.96
N ALA E 223 -25.52 22.21 29.65
CA ALA E 223 -26.57 21.64 28.81
C ALA E 223 -25.99 20.46 28.04
N MET E 224 -26.77 19.39 27.96
CA MET E 224 -26.31 18.15 27.33
C MET E 224 -27.19 17.83 26.13
N VAL E 225 -26.55 17.51 25.02
CA VAL E 225 -27.23 17.07 23.81
C VAL E 225 -26.59 15.77 23.36
N PHE E 226 -27.42 14.75 23.12
CA PHE E 226 -26.92 13.42 22.83
C PHE E 226 -27.48 12.89 21.52
N GLY E 227 -26.59 12.59 20.59
CA GLY E 227 -26.91 11.75 19.46
C GLY E 227 -25.84 10.68 19.35
N GLN E 228 -26.21 9.42 19.59
CA GLN E 228 -25.21 8.39 19.82
C GLN E 228 -25.23 7.38 18.67
N MET E 229 -24.51 6.27 18.87
CA MET E 229 -24.22 5.31 17.81
C MET E 229 -25.49 4.74 17.18
N ASN E 230 -26.57 4.62 17.97
CA ASN E 230 -27.79 4.01 17.45
C ASN E 230 -28.59 4.97 16.56
N GLU E 231 -28.27 6.26 16.60
CA GLU E 231 -29.06 7.24 15.88
C GLU E 231 -28.77 7.20 14.38
N PRO E 232 -29.70 7.67 13.55
CA PRO E 232 -29.47 7.72 12.10
C PRO E 232 -28.44 8.77 11.73
N PRO E 233 -27.86 8.66 10.53
CA PRO E 233 -26.86 9.65 10.11
C PRO E 233 -27.38 11.07 10.08
N GLY E 234 -28.64 11.28 9.71
CA GLY E 234 -29.20 12.62 9.70
C GLY E 234 -29.14 13.29 11.05
N ALA E 235 -29.43 12.54 12.12
CA ALA E 235 -29.35 13.10 13.46
C ALA E 235 -27.92 13.27 13.92
N ARG E 236 -27.06 12.28 13.60
CA ARG E 236 -25.67 12.38 14.01
C ARG E 236 -24.94 13.50 13.27
N MET E 237 -25.53 14.01 12.18
CA MET E 237 -24.93 15.13 11.48
C MET E 237 -25.29 16.47 12.11
N ARG E 238 -26.39 16.54 12.85
CA ARG E 238 -26.90 17.82 13.33
C ARG E 238 -26.82 17.97 14.86
N VAL E 239 -26.44 16.92 15.58
CA VAL E 239 -26.27 17.06 17.03
C VAL E 239 -25.26 18.16 17.36
N ALA E 240 -24.14 18.20 16.63
CA ALA E 240 -23.14 19.23 16.89
C ALA E 240 -23.71 20.62 16.68
N LEU E 241 -24.50 20.80 15.62
CA LEU E 241 -25.07 22.11 15.34
C LEU E 241 -26.06 22.54 16.42
N THR E 242 -26.88 21.61 16.91
CA THR E 242 -27.83 22.03 17.95
C THR E 242 -27.11 22.38 19.25
N GLY E 243 -26.08 21.63 19.63
CA GLY E 243 -25.29 22.05 20.78
C GLY E 243 -24.65 23.41 20.56
N LEU E 244 -24.15 23.64 19.35
CA LEU E 244 -23.47 24.90 19.07
C LEU E 244 -24.43 26.08 19.12
N THR E 245 -25.67 25.90 18.68
CA THR E 245 -26.61 27.02 18.77
C THR E 245 -27.07 27.25 20.20
N MET E 246 -27.20 26.18 21.00
CA MET E 246 -27.47 26.39 22.41
C MET E 246 -26.36 27.21 23.08
N ALA E 247 -25.11 27.02 22.65
CA ALA E 247 -24.04 27.86 23.19
C ALA E 247 -24.05 29.26 22.58
N GLU E 248 -24.40 29.36 21.30
CA GLU E 248 -24.42 30.66 20.62
C GLU E 248 -25.39 31.62 21.28
N TYR E 249 -26.53 31.11 21.76
CA TYR E 249 -27.46 32.00 22.46
C TYR E 249 -26.75 32.71 23.60
N PHE E 250 -26.09 31.95 24.46
CA PHE E 250 -25.43 32.54 25.62
C PHE E 250 -24.29 33.46 25.22
N ARG E 251 -23.55 33.11 24.16
CA ARG E 251 -22.46 33.99 23.75
C ARG E 251 -22.99 35.31 23.20
N ASP E 252 -24.07 35.31 22.44
CA ASP E 252 -24.53 36.54 21.80
C ASP E 252 -25.39 37.39 22.73
N GLU E 253 -26.43 36.80 23.31
CA GLU E 253 -27.41 37.59 24.06
C GLU E 253 -26.91 38.02 25.43
N GLN E 254 -26.00 37.28 26.05
CA GLN E 254 -25.54 37.58 27.39
C GLN E 254 -24.04 37.79 27.50
N GLY E 255 -23.31 37.71 26.40
CA GLY E 255 -21.90 38.09 26.40
C GLY E 255 -20.99 37.21 27.23
N GLN E 256 -21.37 35.97 27.48
CA GLN E 256 -20.55 35.09 28.30
C GLN E 256 -19.43 34.48 27.47
N ASP E 257 -18.51 33.82 28.16
CA ASP E 257 -17.49 32.98 27.55
C ASP E 257 -17.84 31.53 27.85
N VAL E 258 -18.13 30.77 26.81
CA VAL E 258 -18.77 29.47 26.96
C VAL E 258 -17.88 28.38 26.41
N LEU E 259 -17.81 27.26 27.13
CA LEU E 259 -17.13 26.06 26.68
C LEU E 259 -18.11 25.20 25.89
N LEU E 260 -17.65 24.62 24.79
CA LEU E 260 -18.43 23.68 24.01
C LEU E 260 -17.59 22.41 23.83
N PHE E 261 -18.00 21.34 24.47
CA PHE E 261 -17.32 20.06 24.36
C PHE E 261 -18.04 19.19 23.34
N ILE E 262 -17.28 18.66 22.38
CA ILE E 262 -17.81 17.74 21.38
C ILE E 262 -17.11 16.41 21.56
N ASP E 263 -17.89 15.35 21.80
CA ASP E 263 -17.32 14.09 22.26
C ASP E 263 -16.43 13.42 21.23
N ASN E 264 -16.84 13.39 19.96
CA ASN E 264 -16.01 12.78 18.94
C ASN E 264 -16.34 13.44 17.59
N ILE E 265 -15.46 14.34 17.16
CA ILE E 265 -15.70 15.08 15.93
C ILE E 265 -15.55 14.20 14.70
N PHE E 266 -14.87 13.06 14.82
CA PHE E 266 -14.70 12.18 13.67
C PHE E 266 -16.03 11.56 13.24
N ARG E 267 -16.88 11.22 14.21
CA ARG E 267 -18.18 10.65 13.87
C ARG E 267 -19.06 11.64 13.13
N PHE E 268 -18.84 12.94 13.34
CA PHE E 268 -19.56 13.94 12.57
C PHE E 268 -19.26 13.82 11.08
N THR E 269 -17.97 13.74 10.73
CA THR E 269 -17.59 13.57 9.33
C THR E 269 -18.05 12.23 8.79
N GLN E 270 -17.99 11.19 9.61
CA GLN E 270 -18.47 9.89 9.16
C GLN E 270 -19.96 9.93 8.83
N ALA E 271 -20.75 10.57 9.67
CA ALA E 271 -22.17 10.71 9.41
C ALA E 271 -22.42 11.55 8.16
N GLY E 272 -21.62 12.60 7.98
CA GLY E 272 -21.74 13.37 6.74
C GLY E 272 -21.48 12.54 5.51
N SER E 273 -20.46 11.67 5.57
CA SER E 273 -20.18 10.77 4.47
C SER E 273 -21.35 9.83 4.21
N GLU E 274 -21.92 9.28 5.28
CA GLU E 274 -23.07 8.37 5.12
C GLU E 274 -24.25 9.08 4.49
N VAL E 275 -24.52 10.32 4.91
CA VAL E 275 -25.64 11.07 4.35
C VAL E 275 -25.41 11.36 2.88
N SER E 276 -24.19 11.80 2.54
CA SER E 276 -23.91 12.13 1.15
C SER E 276 -23.98 10.91 0.25
N ALA E 277 -23.54 9.75 0.74
CA ALA E 277 -23.63 8.55 -0.06
C ALA E 277 -25.08 8.24 -0.44
N LEU E 278 -26.00 8.37 0.51
CA LEU E 278 -27.42 8.20 0.21
C LEU E 278 -27.93 9.29 -0.73
N LEU E 279 -27.46 10.52 -0.55
CA LEU E 279 -27.86 11.58 -1.48
C LEU E 279 -27.36 11.33 -2.90
N GLY E 280 -26.34 10.50 -3.07
CA GLY E 280 -25.96 10.06 -4.40
C GLY E 280 -24.78 10.76 -5.03
N ARG E 281 -24.08 11.61 -4.29
CA ARG E 281 -22.90 12.26 -4.84
C ARG E 281 -21.76 11.25 -4.98
N MET E 282 -20.89 11.50 -5.95
CA MET E 282 -19.77 10.59 -6.17
C MET E 282 -18.81 10.66 -4.99
N PRO E 283 -18.32 9.52 -4.49
CA PRO E 283 -17.38 9.56 -3.37
C PRO E 283 -16.07 10.24 -3.74
N SER E 284 -15.49 10.93 -2.75
CA SER E 284 -14.19 11.57 -2.90
C SER E 284 -13.06 10.57 -2.72
N ALA E 285 -11.86 11.08 -2.42
CA ALA E 285 -10.64 10.28 -2.49
C ALA E 285 -10.75 8.97 -1.71
N VAL E 286 -11.17 9.03 -0.45
CA VAL E 286 -11.16 7.84 0.40
C VAL E 286 -12.61 7.46 0.69
N GLY E 287 -13.50 7.81 -0.22
CA GLY E 287 -14.91 7.55 -0.03
C GLY E 287 -15.64 8.59 0.79
N TYR E 288 -14.94 9.61 1.29
CA TYR E 288 -15.60 10.68 2.02
C TYR E 288 -16.44 11.52 1.06
N GLN E 289 -17.32 12.31 1.64
CA GLN E 289 -18.15 13.18 0.83
C GLN E 289 -17.29 14.27 0.19
N PRO E 290 -17.65 14.74 -1.00
CA PRO E 290 -16.89 15.85 -1.59
C PRO E 290 -16.93 17.11 -0.73
N THR E 291 -18.00 17.30 0.03
CA THR E 291 -18.24 18.52 0.79
C THR E 291 -17.61 18.48 2.17
N LEU E 292 -16.57 17.68 2.37
CA LEU E 292 -16.00 17.50 3.70
C LEU E 292 -15.47 18.81 4.27
N ALA E 293 -14.63 19.49 3.48
CA ALA E 293 -14.04 20.74 3.95
C ALA E 293 -15.11 21.79 4.20
N THR E 294 -16.10 21.88 3.32
CA THR E 294 -17.14 22.89 3.48
C THR E 294 -17.96 22.65 4.73
N GLU E 295 -18.35 21.40 4.99
CA GLU E 295 -19.13 21.11 6.18
C GLU E 295 -18.31 21.37 7.44
N MET E 296 -17.05 20.94 7.45
CA MET E 296 -16.22 21.19 8.62
C MET E 296 -16.03 22.68 8.86
N GLY E 297 -15.83 23.46 7.79
CA GLY E 297 -15.71 24.89 7.95
C GLY E 297 -16.99 25.54 8.45
N GLN E 298 -18.14 25.09 7.95
CA GLN E 298 -19.41 25.62 8.43
C GLN E 298 -19.59 25.36 9.91
N LEU E 299 -19.17 24.19 10.38
CA LEU E 299 -19.27 23.91 11.81
C LEU E 299 -18.27 24.74 12.61
N GLN E 300 -17.01 24.74 12.19
CA GLN E 300 -15.95 25.29 13.03
C GLN E 300 -15.91 26.81 13.01
N GLU E 301 -16.39 27.44 11.94
CA GLU E 301 -16.28 28.88 11.81
C GLU E 301 -17.17 29.63 12.79
N ARG E 302 -18.21 28.99 13.30
CA ARG E 302 -19.11 29.66 14.22
C ARG E 302 -18.58 29.70 15.64
N ILE E 303 -17.51 28.95 15.93
CA ILE E 303 -16.85 28.99 17.23
C ILE E 303 -15.77 30.05 17.19
N THR E 304 -16.13 31.31 17.43
CA THR E 304 -15.18 32.40 17.36
C THR E 304 -15.48 33.43 18.43
N SER E 305 -14.44 34.16 18.82
CA SER E 305 -14.61 35.32 19.68
C SER E 305 -15.18 36.48 18.89
N THR E 306 -16.07 37.24 19.52
CA THR E 306 -16.65 38.41 18.90
C THR E 306 -16.41 39.61 19.80
N ALA E 307 -17.07 40.71 19.46
CA ALA E 307 -16.88 41.95 20.23
C ALA E 307 -17.31 41.80 21.68
N LYS E 308 -18.45 41.15 21.91
CA LYS E 308 -19.06 41.12 23.23
C LYS E 308 -18.99 39.76 23.92
N GLY E 309 -18.52 38.73 23.25
CA GLY E 309 -18.50 37.41 23.84
C GLY E 309 -17.58 36.50 23.08
N SER E 310 -17.58 35.23 23.48
CA SER E 310 -16.70 34.26 22.85
C SER E 310 -17.15 32.85 23.20
N ILE E 311 -16.81 31.91 22.33
CA ILE E 311 -16.99 30.48 22.56
C ILE E 311 -15.69 29.78 22.24
N THR E 312 -15.23 28.94 23.16
CA THR E 312 -14.09 28.09 22.90
C THR E 312 -14.50 26.63 23.08
N SER E 313 -13.91 25.76 22.27
CA SER E 313 -14.37 24.38 22.17
C SER E 313 -13.23 23.41 22.42
N ILE E 314 -13.47 22.42 23.26
CA ILE E 314 -12.55 21.32 23.49
C ILE E 314 -13.13 20.08 22.82
N GLN E 315 -12.39 19.50 21.89
CA GLN E 315 -12.90 18.45 21.03
C GLN E 315 -12.00 17.24 21.13
N ALA E 316 -12.59 16.08 21.42
CA ALA E 316 -11.85 14.84 21.39
C ALA E 316 -11.85 14.26 19.98
N ILE E 317 -10.70 13.75 19.56
CA ILE E 317 -10.52 13.29 18.19
C ILE E 317 -9.98 11.87 18.20
N TYR E 318 -10.60 11.01 17.39
CA TYR E 318 -10.10 9.66 17.12
C TYR E 318 -9.53 9.62 15.71
N VAL E 319 -8.38 8.97 15.56
CA VAL E 319 -7.64 8.95 14.32
C VAL E 319 -7.77 7.56 13.70
N PRO E 320 -8.21 7.45 12.44
CA PRO E 320 -8.33 6.13 11.81
C PRO E 320 -6.96 5.49 11.61
N ALA E 321 -6.75 4.37 12.30
CA ALA E 321 -5.50 3.61 12.22
C ALA E 321 -4.30 4.48 12.59
N ASP E 322 -4.53 5.47 13.45
CA ASP E 322 -3.52 6.41 13.91
C ASP E 322 -2.80 7.12 12.76
N ASP E 323 -3.44 7.21 11.60
CA ASP E 323 -2.86 7.90 10.44
C ASP E 323 -3.36 9.33 10.43
N TYR E 324 -2.49 10.27 10.82
CA TYR E 324 -2.87 11.67 10.84
C TYR E 324 -3.00 12.26 9.43
N THR E 325 -2.59 11.53 8.40
CA THR E 325 -2.73 11.98 7.02
C THR E 325 -4.07 11.63 6.42
N ASP E 326 -4.94 10.93 7.15
CA ASP E 326 -6.27 10.63 6.65
C ASP E 326 -7.03 11.93 6.43
N PRO E 327 -7.85 12.02 5.39
CA PRO E 327 -8.48 13.32 5.05
C PRO E 327 -9.31 13.94 6.16
N ALA E 328 -10.07 13.16 6.93
CA ALA E 328 -10.87 13.76 7.98
C ALA E 328 -10.00 14.36 9.08
N PRO E 329 -9.01 13.66 9.64
CA PRO E 329 -8.10 14.32 10.59
C PRO E 329 -7.32 15.48 9.96
N ALA E 330 -6.99 15.39 8.68
CA ALA E 330 -6.25 16.47 8.04
C ALA E 330 -7.09 17.74 7.96
N THR E 331 -8.37 17.59 7.60
CA THR E 331 -9.26 18.75 7.57
C THR E 331 -9.51 19.28 8.97
N THR E 332 -9.68 18.39 9.95
CA THR E 332 -9.97 18.84 11.31
C THR E 332 -8.79 19.57 11.92
N PHE E 333 -7.57 19.05 11.72
CA PHE E 333 -6.39 19.63 12.36
C PHE E 333 -6.07 21.02 11.84
N SER E 334 -6.60 21.39 10.68
CA SER E 334 -6.31 22.70 10.12
C SER E 334 -6.95 23.82 10.92
N HIS E 335 -7.85 23.50 11.86
CA HIS E 335 -8.48 24.50 12.71
C HIS E 335 -7.93 24.53 14.12
N LEU E 336 -7.34 23.44 14.60
CA LEU E 336 -6.95 23.33 16.00
C LEU E 336 -5.83 24.32 16.34
N ASP E 337 -6.00 25.01 17.46
CA ASP E 337 -4.98 25.93 17.95
C ASP E 337 -4.09 25.31 19.01
N ALA E 338 -4.55 24.28 19.71
CA ALA E 338 -3.79 23.70 20.79
C ALA E 338 -4.06 22.20 20.82
N THR E 339 -3.36 21.52 21.72
CA THR E 339 -3.46 20.07 21.83
C THR E 339 -2.93 19.65 23.19
N THR E 340 -3.71 18.89 23.94
CA THR E 340 -3.26 18.34 25.22
C THR E 340 -3.32 16.82 25.13
N ASN E 341 -2.16 16.19 25.36
CA ASN E 341 -2.04 14.75 25.24
C ASN E 341 -2.04 14.13 26.63
N LEU E 342 -2.93 13.17 26.85
CA LEU E 342 -2.97 12.43 28.09
C LEU E 342 -2.04 11.24 28.02
N GLU E 343 -1.50 10.83 29.16
CA GLU E 343 -0.54 9.74 29.20
C GLU E 343 -0.84 8.83 30.38
N ARG E 344 -1.13 7.56 30.07
CA ARG E 344 -1.44 6.60 31.12
C ARG E 344 -0.22 6.32 31.98
N LYS E 345 0.99 6.47 31.44
CA LYS E 345 2.18 6.33 32.26
C LYS E 345 2.20 7.33 33.40
N LEU E 346 1.91 8.60 33.10
CA LEU E 346 1.74 9.60 34.16
C LEU E 346 0.57 9.25 35.06
N ALA E 347 -0.53 8.76 34.46
CA ALA E 347 -1.72 8.46 35.24
C ALA E 347 -1.42 7.42 36.32
N GLU E 348 -0.64 6.40 36.00
CA GLU E 348 -0.29 5.39 36.98
C GLU E 348 0.93 5.75 37.81
N MET E 349 1.75 6.70 37.37
CA MET E 349 2.86 7.17 38.16
C MET E 349 2.43 8.20 39.20
N GLY E 350 1.21 8.71 39.09
CA GLY E 350 0.66 9.48 40.19
C GLY E 350 0.46 10.95 39.93
N ILE E 351 0.43 11.38 38.67
CA ILE E 351 0.28 12.78 38.34
C ILE E 351 -1.14 13.01 37.84
N TYR E 352 -1.86 13.93 38.49
CA TYR E 352 -3.19 14.35 38.07
C TYR E 352 -3.22 15.86 37.93
N PRO E 353 -3.58 16.39 36.75
CA PRO E 353 -4.00 15.65 35.56
C PRO E 353 -2.84 15.00 34.83
N ALA E 354 -3.13 13.95 34.06
CA ALA E 354 -2.10 13.17 33.40
C ALA E 354 -1.71 13.77 32.06
N VAL E 355 -1.93 15.08 31.90
CA VAL E 355 -1.57 15.75 30.67
C VAL E 355 -0.06 15.71 30.48
N ASP E 356 0.36 15.33 29.28
CA ASP E 356 1.77 15.17 28.98
C ASP E 356 2.39 16.54 28.72
N PRO E 357 3.40 16.97 29.49
CA PRO E 357 3.95 18.31 29.30
C PRO E 357 4.78 18.45 28.04
N LEU E 358 5.22 17.34 27.44
CA LEU E 358 6.06 17.42 26.26
C LEU E 358 5.28 17.25 24.97
N ALA E 359 4.34 16.31 24.93
CA ALA E 359 3.55 16.08 23.71
C ALA E 359 2.53 17.18 23.48
N SER E 360 2.19 17.96 24.51
CA SER E 360 1.24 19.04 24.35
C SER E 360 1.83 20.17 23.52
N THR E 361 1.00 20.77 22.68
CA THR E 361 1.40 21.87 21.83
C THR E 361 0.36 22.98 21.94
N SER E 362 0.80 24.22 21.75
CA SER E 362 -0.10 25.35 21.79
C SER E 362 0.42 26.45 20.89
N ARG E 363 -0.48 27.06 20.13
CA ARG E 363 -0.10 28.14 19.23
C ARG E 363 0.15 29.44 19.97
N ALA E 364 -0.52 29.65 21.11
CA ALA E 364 -0.35 30.89 21.85
C ALA E 364 0.97 30.95 22.60
N LEU E 365 1.68 29.83 22.73
CA LEU E 365 2.93 29.78 23.50
C LEU E 365 4.03 30.48 22.71
N ALA E 366 3.84 31.78 22.54
CA ALA E 366 4.79 32.64 21.84
C ALA E 366 4.91 33.95 22.61
N PRO E 367 6.08 34.58 22.58
CA PRO E 367 6.27 35.77 23.42
C PRO E 367 5.32 36.91 23.14
N GLU E 368 4.88 37.07 21.89
CA GLU E 368 4.08 38.24 21.54
C GLU E 368 2.67 38.18 22.10
N ILE E 369 2.23 37.01 22.55
CA ILE E 369 0.88 36.82 23.08
C ILE E 369 0.90 36.63 24.59
N VAL E 370 1.71 35.67 25.07
CA VAL E 370 1.66 35.29 26.48
C VAL E 370 2.71 36.01 27.32
N GLY E 371 3.71 36.62 26.70
CA GLY E 371 4.66 37.39 27.49
C GLY E 371 6.05 36.77 27.49
N GLU E 372 7.06 37.65 27.53
CA GLU E 372 8.44 37.21 27.47
C GLU E 372 8.80 36.35 28.68
N GLU E 373 8.41 36.79 29.87
CA GLU E 373 8.75 36.06 31.09
C GLU E 373 8.12 34.68 31.09
N HIS E 374 6.83 34.62 30.79
CA HIS E 374 6.11 33.35 30.73
C HIS E 374 6.73 32.44 29.68
N TYR E 375 7.06 32.99 28.52
CA TYR E 375 7.63 32.18 27.45
C TYR E 375 8.98 31.60 27.88
N GLN E 376 9.82 32.41 28.50
CA GLN E 376 11.13 31.92 28.93
C GLN E 376 10.99 30.84 29.98
N VAL E 377 10.09 31.04 30.96
CA VAL E 377 9.92 30.03 32.01
C VAL E 377 9.44 28.72 31.41
N ALA E 378 8.46 28.78 30.50
CA ALA E 378 7.94 27.57 29.89
C ALA E 378 9.01 26.87 29.06
N ARG E 379 9.80 27.64 28.30
CA ARG E 379 10.85 27.04 27.50
C ARG E 379 11.88 26.35 28.38
N LYS E 380 12.27 27.00 29.49
CA LYS E 380 13.23 26.38 30.39
C LYS E 380 12.67 25.09 30.99
N VAL E 381 11.38 25.09 31.34
CA VAL E 381 10.77 23.89 31.88
C VAL E 381 10.81 22.76 30.87
N GLN E 382 10.49 23.08 29.60
CA GLN E 382 10.53 22.06 28.56
C GLN E 382 11.94 21.52 28.38
N GLN E 383 12.94 22.40 28.38
CA GLN E 383 14.31 21.95 28.23
C GLN E 383 14.72 21.02 29.37
N THR E 384 14.35 21.38 30.60
CA THR E 384 14.69 20.55 31.74
C THR E 384 14.03 19.18 31.65
N LEU E 385 12.75 19.15 31.29
CA LEU E 385 12.06 17.86 31.18
C LEU E 385 12.65 17.00 30.07
N GLN E 386 13.00 17.61 28.94
CA GLN E 386 13.61 16.86 27.84
C GLN E 386 14.96 16.29 28.26
N ARG E 387 15.77 17.09 28.95
CA ARG E 387 17.06 16.60 29.43
C ARG E 387 16.88 15.43 30.39
N TYR E 388 15.92 15.53 31.31
CA TYR E 388 15.66 14.43 32.23
C TYR E 388 15.21 13.18 31.49
N LYS E 389 14.34 13.35 30.48
CA LYS E 389 13.88 12.20 29.71
C LYS E 389 15.04 11.52 28.99
N GLU E 390 15.97 12.30 28.44
CA GLU E 390 17.16 11.69 27.85
C GLU E 390 17.98 10.97 28.91
N LEU E 391 18.12 11.58 30.09
CA LEU E 391 18.99 10.99 31.11
C LEU E 391 18.43 9.69 31.66
N GLN E 392 17.11 9.51 31.63
CA GLN E 392 16.53 8.29 32.18
C GLN E 392 17.06 7.02 31.52
N ASP E 393 17.56 7.10 30.29
CA ASP E 393 18.10 5.91 29.63
C ASP E 393 19.49 5.56 30.14
N ILE E 394 20.15 6.49 30.82
CA ILE E 394 21.50 6.22 31.33
C ILE E 394 21.46 5.15 32.42
N ILE E 395 20.40 5.14 33.23
CA ILE E 395 20.37 4.30 34.43
C ILE E 395 20.48 2.83 34.07
N ALA E 396 19.78 2.38 33.03
CA ALA E 396 19.78 0.97 32.68
C ALA E 396 21.17 0.50 32.26
N ILE E 397 22.04 1.42 31.86
CA ILE E 397 23.41 1.07 31.48
C ILE E 397 24.37 1.20 32.66
N LEU E 398 24.37 2.36 33.31
CA LEU E 398 25.43 2.72 34.24
C LEU E 398 24.98 2.86 35.69
N GLY E 399 23.70 3.00 35.96
CA GLY E 399 23.30 3.33 37.31
C GLY E 399 23.22 4.82 37.51
N MET E 400 23.41 5.22 38.78
CA MET E 400 23.18 6.61 39.15
C MET E 400 24.45 7.45 39.10
N ASP E 401 25.51 7.00 39.76
CA ASP E 401 26.64 7.86 40.07
C ASP E 401 27.36 8.39 38.84
N GLU E 402 27.20 7.75 37.69
CA GLU E 402 27.87 8.23 36.48
C GLU E 402 27.36 9.58 36.00
N LEU E 403 26.21 10.03 36.49
CA LEU E 403 25.72 11.35 36.15
C LEU E 403 26.64 12.41 36.73
N SER E 404 26.93 13.44 35.93
CA SER E 404 27.75 14.54 36.39
C SER E 404 26.97 15.41 37.38
N ASP E 405 27.66 16.39 37.96
CA ASP E 405 27.01 17.30 38.90
C ASP E 405 25.87 18.05 38.25
N GLU E 406 26.07 18.53 37.01
CA GLU E 406 24.98 19.16 36.29
C GLU E 406 23.82 18.20 36.09
N ASP E 407 24.11 16.95 35.74
CA ASP E 407 23.05 15.98 35.52
C ASP E 407 22.28 15.70 36.80
N LYS E 408 22.99 15.54 37.92
CA LYS E 408 22.33 15.31 39.20
C LYS E 408 21.45 16.50 39.56
N LEU E 409 21.95 17.72 39.35
CA LEU E 409 21.15 18.90 39.64
C LEU E 409 19.92 18.97 38.74
N VAL E 410 20.06 18.65 37.46
CA VAL E 410 18.93 18.71 36.55
C VAL E 410 17.87 17.69 36.94
N VAL E 411 18.28 16.47 37.30
CA VAL E 411 17.31 15.47 37.75
C VAL E 411 16.64 15.92 39.04
N HIS E 412 17.43 16.50 39.96
CA HIS E 412 16.92 17.00 41.22
C HIS E 412 15.84 18.07 40.99
N ARG E 413 16.04 18.91 39.98
CA ARG E 413 15.02 19.92 39.66
C ARG E 413 13.84 19.29 38.93
N ALA E 414 14.10 18.32 38.06
CA ALA E 414 13.07 17.80 37.18
C ALA E 414 12.05 16.97 37.95
N ARG E 415 12.50 16.22 38.96
CA ARG E 415 11.55 15.46 39.77
C ARG E 415 10.56 16.41 40.44
N ARG E 416 11.06 17.49 41.03
CA ARG E 416 10.21 18.46 41.71
C ARG E 416 9.27 19.14 40.73
N ILE E 417 9.77 19.50 39.54
CA ILE E 417 8.90 20.14 38.54
C ILE E 417 7.79 19.18 38.11
N GLN E 418 8.15 17.94 37.81
CA GLN E 418 7.17 16.96 37.36
C GLN E 418 6.10 16.74 38.43
N PHE E 419 6.51 16.67 39.69
CA PHE E 419 5.51 16.50 40.76
C PHE E 419 4.66 17.74 40.92
N PHE E 420 5.26 18.93 40.83
CA PHE E 420 4.50 20.16 41.00
C PHE E 420 3.56 20.44 39.83
N LEU E 421 3.74 19.76 38.69
CA LEU E 421 2.74 19.89 37.63
C LEU E 421 1.38 19.33 38.05
N SER E 422 1.34 18.46 39.07
CA SER E 422 0.09 17.93 39.55
C SER E 422 -0.69 19.02 40.29
N GLN E 423 -2.01 18.84 40.36
CA GLN E 423 -2.87 19.82 41.02
C GLN E 423 -4.01 19.10 41.72
N ASN E 424 -4.51 19.72 42.78
CA ASN E 424 -5.67 19.22 43.53
C ASN E 424 -6.93 19.75 42.88
N PHE E 425 -7.77 18.86 42.38
CA PHE E 425 -8.96 19.25 41.66
C PHE E 425 -10.17 19.30 42.59
N HIS E 426 -11.06 20.25 42.34
CA HIS E 426 -12.28 20.35 43.14
C HIS E 426 -13.16 19.13 42.95
N VAL E 427 -13.27 18.63 41.71
CA VAL E 427 -14.11 17.47 41.45
C VAL E 427 -13.58 16.21 42.11
N ALA E 428 -12.31 16.19 42.50
CA ALA E 428 -11.77 15.04 43.23
C ALA E 428 -12.10 15.09 44.71
N GLU E 429 -12.57 16.23 45.20
CA GLU E 429 -12.82 16.39 46.65
C GLU E 429 -13.76 15.32 47.17
N GLN E 430 -14.79 14.95 46.39
CA GLN E 430 -15.79 14.01 46.84
C GLN E 430 -15.22 12.63 47.13
N PHE E 431 -14.01 12.33 46.66
CA PHE E 431 -13.39 11.05 46.99
C PHE E 431 -11.92 11.19 47.40
N THR E 432 -11.46 12.40 47.72
CA THR E 432 -10.14 12.55 48.31
C THR E 432 -10.09 13.48 49.52
N GLY E 433 -11.16 14.22 49.83
CA GLY E 433 -11.13 15.10 50.99
C GLY E 433 -10.55 16.49 50.80
N GLN E 434 -9.39 16.59 50.15
CA GLN E 434 -8.72 17.87 50.01
C GLN E 434 -9.52 18.79 49.08
N PRO E 435 -9.90 19.98 49.52
CA PRO E 435 -10.54 20.92 48.60
C PRO E 435 -9.55 21.41 47.53
N GLY E 436 -10.10 21.67 46.34
CA GLY E 436 -9.29 22.08 45.22
C GLY E 436 -8.90 23.55 45.28
N SER E 437 -8.07 23.94 44.32
CA SER E 437 -7.55 25.30 44.29
C SER E 437 -7.46 25.80 42.85
N TYR E 438 -7.77 27.08 42.68
CA TYR E 438 -7.66 27.76 41.39
C TYR E 438 -6.38 28.59 41.41
N VAL E 439 -5.45 28.25 40.52
CA VAL E 439 -4.12 28.84 40.51
C VAL E 439 -4.05 29.84 39.36
N PRO E 440 -3.87 31.12 39.63
CA PRO E 440 -3.74 32.10 38.54
C PRO E 440 -2.45 31.93 37.76
N VAL E 441 -2.49 32.43 36.52
CA VAL E 441 -1.38 32.21 35.60
C VAL E 441 -0.12 32.91 36.09
N LYS E 442 -0.24 34.15 36.58
CA LYS E 442 0.94 34.85 37.10
C LYS E 442 1.53 34.09 38.28
N GLU E 443 0.68 33.53 39.14
CA GLU E 443 1.17 32.83 40.32
C GLU E 443 1.89 31.55 39.93
N THR E 444 1.36 30.81 38.95
CA THR E 444 2.04 29.59 38.53
C THR E 444 3.36 29.91 37.82
N VAL E 445 3.41 31.00 37.07
CA VAL E 445 4.66 31.41 36.44
C VAL E 445 5.70 31.73 37.51
N ARG E 446 5.31 32.52 38.52
CA ARG E 446 6.24 32.85 39.59
C ARG E 446 6.74 31.60 40.30
N GLY E 447 5.82 30.67 40.60
CA GLY E 447 6.20 29.45 41.25
C GLY E 447 7.20 28.62 40.46
N PHE E 448 6.93 28.42 39.18
CA PHE E 448 7.85 27.62 38.36
C PHE E 448 9.20 28.31 38.22
N LYS E 449 9.21 29.62 38.02
CA LYS E 449 10.48 30.33 37.88
C LYS E 449 11.30 30.24 39.16
N GLU E 450 10.65 30.37 40.32
CA GLU E 450 11.37 30.22 41.57
C GLU E 450 11.87 28.80 41.78
N ILE E 451 11.10 27.80 41.35
CA ILE E 451 11.58 26.43 41.45
C ILE E 451 12.84 26.24 40.61
N LEU E 452 12.84 26.78 39.38
CA LEU E 452 14.05 26.71 38.56
C LEU E 452 15.21 27.46 39.20
N GLU E 453 14.92 28.56 39.89
CA GLU E 453 15.97 29.32 40.55
C GLU E 453 16.62 28.56 41.70
N GLY E 454 15.96 27.54 42.23
CA GLY E 454 16.46 26.84 43.39
C GLY E 454 16.01 27.41 44.72
N LYS E 455 14.94 28.20 44.73
CA LYS E 455 14.47 28.81 45.97
C LYS E 455 14.03 27.77 47.00
N TYR E 456 13.64 26.58 46.55
CA TYR E 456 13.13 25.54 47.44
C TYR E 456 13.78 24.19 47.18
N ASP E 457 15.07 24.17 46.87
CA ASP E 457 15.73 22.91 46.50
C ASP E 457 15.88 21.95 47.68
N HIS E 458 15.91 22.46 48.90
CA HIS E 458 16.10 21.61 50.08
C HIS E 458 14.87 20.77 50.40
N LEU E 459 13.69 21.19 49.94
CA LEU E 459 12.47 20.47 50.25
C LEU E 459 12.43 19.13 49.51
N PRO E 460 11.88 18.09 50.13
CA PRO E 460 11.81 16.79 49.46
C PRO E 460 10.83 16.79 48.30
N GLU E 461 11.09 15.89 47.34
CA GLU E 461 10.24 15.80 46.16
C GLU E 461 8.82 15.35 46.50
N ASP E 462 8.65 14.72 47.67
CA ASP E 462 7.31 14.33 48.08
C ASP E 462 6.44 15.52 48.44
N ALA E 463 7.04 16.66 48.78
CA ALA E 463 6.26 17.83 49.14
C ALA E 463 5.46 18.38 47.96
N PHE E 464 6.07 18.41 46.77
CA PHE E 464 5.44 18.96 45.58
C PHE E 464 4.39 18.03 44.99
N ARG E 465 3.93 17.02 45.74
CA ARG E 465 3.12 15.97 45.15
C ARG E 465 1.80 16.53 44.59
N LEU E 466 0.94 17.05 45.46
CA LEU E 466 -0.35 17.52 45.00
C LEU E 466 -0.74 18.80 45.74
N VAL E 467 -0.36 19.95 45.18
CA VAL E 467 -0.45 21.23 45.86
C VAL E 467 -0.82 22.30 44.83
N GLY E 468 -1.42 23.38 45.31
CA GLY E 468 -1.75 24.50 44.45
C GLY E 468 -0.63 25.52 44.35
N ARG E 469 -0.84 26.71 44.90
CA ARG E 469 0.17 27.77 44.83
C ARG E 469 1.46 27.33 45.51
N ILE E 470 2.54 28.08 45.25
CA ILE E 470 3.87 27.65 45.68
C ILE E 470 4.01 27.70 47.19
N GLU E 471 3.37 28.68 47.84
CA GLU E 471 3.48 28.76 49.30
C GLU E 471 2.86 27.56 50.00
N GLU E 472 1.79 26.99 49.44
CA GLU E 472 1.23 25.79 50.03
C GLU E 472 2.23 24.64 50.01
N VAL E 473 3.17 24.66 49.06
CA VAL E 473 4.22 23.64 49.05
C VAL E 473 5.06 23.73 50.31
N VAL E 474 5.53 24.93 50.66
CA VAL E 474 6.37 25.06 51.84
C VAL E 474 5.55 24.83 53.10
N GLU E 475 4.25 25.15 53.06
CA GLU E 475 3.39 24.84 54.21
C GLU E 475 3.31 23.32 54.42
N LYS E 476 3.11 22.57 53.34
CA LYS E 476 3.09 21.11 53.43
C LYS E 476 4.42 20.57 53.91
N ALA E 477 5.52 21.14 53.42
CA ALA E 477 6.84 20.67 53.84
C ALA E 477 7.06 20.92 55.33
N LYS E 478 6.66 22.10 55.82
CA LYS E 478 6.79 22.40 57.23
C LYS E 478 5.93 21.46 58.07
N ALA E 479 4.72 21.18 57.62
CA ALA E 479 3.86 20.25 58.35
C ALA E 479 4.46 18.84 58.38
N MET E 480 5.04 18.40 57.27
CA MET E 480 5.54 17.04 57.19
C MET E 480 6.84 16.87 57.95
N GLY E 481 7.69 17.91 57.95
CA GLY E 481 8.94 17.86 58.69
C GLY E 481 10.08 18.62 58.04
N MET F 12 -24.87 23.88 -48.65
CA MET F 12 -23.88 24.90 -48.34
C MET F 12 -23.22 24.62 -46.99
N THR F 13 -21.89 24.65 -46.99
CA THR F 13 -21.10 24.29 -45.80
C THR F 13 -21.22 25.38 -44.73
N ARG F 14 -22.36 25.38 -44.05
CA ARG F 14 -22.62 26.29 -42.94
C ARG F 14 -23.12 25.50 -41.75
N GLY F 15 -22.59 25.81 -40.56
CA GLY F 15 -22.92 25.10 -39.36
C GLY F 15 -23.69 25.96 -38.36
N ARG F 16 -23.93 25.38 -37.20
CA ARG F 16 -24.62 26.04 -36.10
C ARG F 16 -24.17 25.41 -34.78
N VAL F 17 -23.80 26.24 -33.81
CA VAL F 17 -23.32 25.74 -32.53
C VAL F 17 -24.52 25.29 -31.70
N ILE F 18 -24.49 24.04 -31.27
CA ILE F 18 -25.59 23.47 -30.49
C ILE F 18 -25.27 23.45 -29.00
N GLN F 19 -24.10 22.97 -28.62
CA GLN F 19 -23.72 22.87 -27.22
C GLN F 19 -22.31 23.43 -27.04
N VAL F 20 -22.09 24.05 -25.88
CA VAL F 20 -20.77 24.49 -25.46
C VAL F 20 -20.54 24.00 -24.05
N MET F 21 -19.52 23.15 -23.86
CA MET F 21 -19.19 22.61 -22.56
C MET F 21 -17.66 22.54 -22.45
N GLY F 22 -17.07 23.55 -21.83
CA GLY F 22 -15.63 23.63 -21.72
C GLY F 22 -14.96 23.81 -23.06
N PRO F 23 -13.97 22.98 -23.36
CA PRO F 23 -13.27 23.07 -24.65
C PRO F 23 -13.94 22.32 -25.79
N VAL F 24 -15.13 21.75 -25.59
CA VAL F 24 -15.79 20.94 -26.60
C VAL F 24 -17.04 21.67 -27.09
N VAL F 25 -17.17 21.78 -28.40
CA VAL F 25 -18.27 22.49 -29.03
C VAL F 25 -18.97 21.55 -30.00
N ASP F 26 -20.29 21.49 -29.91
CA ASP F 26 -21.09 20.68 -30.83
C ASP F 26 -21.64 21.57 -31.95
N VAL F 27 -21.46 21.13 -33.19
CA VAL F 27 -21.89 21.88 -34.36
C VAL F 27 -22.77 20.98 -35.21
N LYS F 28 -23.90 21.53 -35.67
CA LYS F 28 -24.87 20.79 -36.46
C LYS F 28 -24.89 21.34 -37.88
N PHE F 29 -24.73 20.46 -38.86
CA PHE F 29 -24.63 20.85 -40.26
C PHE F 29 -25.87 20.41 -41.04
N GLU F 30 -25.92 20.86 -42.29
CA GLU F 30 -26.97 20.41 -43.19
C GLU F 30 -26.80 18.93 -43.51
N ASN F 31 -27.91 18.26 -43.83
CA ASN F 31 -27.82 16.84 -44.14
C ASN F 31 -27.04 16.61 -45.43
N GLY F 32 -26.23 15.55 -45.42
CA GLY F 32 -25.46 15.21 -46.59
C GLY F 32 -24.25 16.08 -46.86
N HIS F 33 -23.86 16.93 -45.92
CA HIS F 33 -22.72 17.82 -46.08
C HIS F 33 -21.85 17.87 -44.82
N LEU F 34 -21.79 16.77 -44.09
CA LEU F 34 -21.02 16.75 -42.86
C LEU F 34 -19.53 16.83 -43.16
N PRO F 35 -18.78 17.62 -42.40
CA PRO F 35 -17.32 17.65 -42.59
C PRO F 35 -16.68 16.36 -42.10
N ALA F 36 -15.55 16.03 -42.72
CA ALA F 36 -14.83 14.82 -42.35
C ALA F 36 -14.06 15.01 -41.05
N ILE F 37 -13.59 13.90 -40.49
CA ILE F 37 -12.86 13.95 -39.24
C ILE F 37 -11.52 14.65 -39.45
N TYR F 38 -11.12 15.43 -38.45
CA TYR F 38 -9.90 16.24 -38.42
C TYR F 38 -9.96 17.47 -39.32
N ASN F 39 -11.13 17.78 -39.88
CA ASN F 39 -11.27 19.03 -40.60
C ASN F 39 -11.30 20.20 -39.61
N ALA F 40 -10.81 21.35 -40.07
CA ALA F 40 -10.77 22.53 -39.23
C ALA F 40 -11.97 23.42 -39.53
N LEU F 41 -12.81 23.64 -38.53
CA LEU F 41 -13.99 24.50 -38.65
C LEU F 41 -13.69 25.83 -38.00
N LYS F 42 -14.00 26.91 -38.71
CA LYS F 42 -13.69 28.26 -38.28
C LYS F 42 -14.94 29.01 -37.89
N ILE F 43 -14.87 29.73 -36.76
CA ILE F 43 -15.92 30.64 -36.32
C ILE F 43 -15.39 32.05 -36.40
N GLN F 44 -15.97 32.86 -37.27
CA GLN F 44 -15.67 34.28 -37.34
C GLN F 44 -16.96 35.05 -37.18
N HIS F 45 -17.01 35.90 -36.17
CA HIS F 45 -18.26 36.55 -35.79
C HIS F 45 -17.95 37.83 -35.03
N LYS F 46 -18.55 38.94 -35.48
CA LYS F 46 -18.41 40.22 -34.82
C LYS F 46 -19.67 40.51 -34.02
N ALA F 47 -19.51 41.18 -32.89
CA ALA F 47 -20.63 41.44 -31.99
C ALA F 47 -21.69 42.30 -32.67
N ARG F 48 -22.94 41.86 -32.60
CA ARG F 48 -24.03 42.62 -33.18
C ARG F 48 -24.49 43.78 -32.30
N ASN F 49 -24.11 43.77 -31.02
CA ASN F 49 -24.51 44.82 -30.10
C ASN F 49 -23.59 44.78 -28.89
N GLU F 50 -23.93 45.55 -27.87
CA GLU F 50 -23.05 45.73 -26.73
C GLU F 50 -23.14 44.60 -25.71
N ASN F 51 -23.99 43.61 -25.93
CA ASN F 51 -24.08 42.46 -25.02
C ASN F 51 -23.28 41.27 -25.52
N GLU F 52 -22.48 41.44 -26.56
CA GLU F 52 -21.74 40.34 -27.18
C GLU F 52 -20.27 40.72 -27.26
N VAL F 53 -19.42 39.74 -27.58
CA VAL F 53 -18.00 39.99 -27.77
C VAL F 53 -17.55 39.33 -29.07
N ASP F 54 -16.44 39.84 -29.61
CA ASP F 54 -15.91 39.32 -30.86
C ASP F 54 -15.26 37.95 -30.66
N ILE F 55 -15.41 37.09 -31.66
CA ILE F 55 -14.91 35.73 -31.62
C ILE F 55 -14.15 35.44 -32.91
N ASP F 56 -12.98 34.81 -32.78
CA ASP F 56 -12.26 34.29 -33.95
C ASP F 56 -11.57 33.00 -33.49
N LEU F 57 -12.23 31.87 -33.75
CA LEU F 57 -11.83 30.60 -33.17
C LEU F 57 -11.84 29.51 -34.23
N THR F 58 -10.89 28.58 -34.13
CA THR F 58 -10.83 27.42 -35.02
C THR F 58 -11.09 26.16 -34.21
N LEU F 59 -11.88 25.25 -34.78
CA LEU F 59 -12.23 23.99 -34.14
C LEU F 59 -11.70 22.84 -34.97
N GLU F 60 -11.59 21.67 -34.34
CA GLU F 60 -11.14 20.45 -35.01
C GLU F 60 -12.16 19.34 -34.78
N VAL F 61 -12.69 18.79 -35.88
CA VAL F 61 -13.70 17.75 -35.79
C VAL F 61 -13.09 16.50 -35.17
N ALA F 62 -13.81 15.88 -34.23
CA ALA F 62 -13.33 14.69 -33.56
C ALA F 62 -14.26 13.48 -33.70
N LEU F 63 -15.57 13.68 -33.64
CA LEU F 63 -16.49 12.55 -33.66
C LEU F 63 -17.70 12.88 -34.51
N HIS F 64 -18.50 11.86 -34.79
CA HIS F 64 -19.81 12.02 -35.40
C HIS F 64 -20.85 11.45 -34.44
N LEU F 65 -21.93 12.20 -34.22
CA LEU F 65 -22.96 11.79 -33.28
C LEU F 65 -24.26 11.37 -33.94
N GLY F 66 -24.38 11.52 -35.25
CA GLY F 66 -25.65 11.33 -35.93
C GLY F 66 -26.52 12.57 -35.82
N ASP F 67 -27.61 12.55 -36.59
CA ASP F 67 -28.48 13.73 -36.70
C ASP F 67 -27.68 14.95 -37.14
N ASP F 68 -26.72 14.74 -38.03
CA ASP F 68 -25.92 15.81 -38.61
C ASP F 68 -25.11 16.56 -37.56
N THR F 69 -24.79 15.92 -36.44
CA THR F 69 -24.12 16.57 -35.33
C THR F 69 -22.68 16.08 -35.23
N VAL F 70 -21.78 16.99 -34.86
CA VAL F 70 -20.35 16.74 -34.82
C VAL F 70 -19.77 17.34 -33.54
N ARG F 71 -18.93 16.58 -32.86
CA ARG F 71 -18.18 17.08 -31.71
C ARG F 71 -16.82 17.59 -32.15
N THR F 72 -16.44 18.76 -31.67
CA THR F 72 -15.21 19.41 -32.06
C THR F 72 -14.41 19.82 -30.83
N ILE F 73 -13.11 19.95 -31.01
CA ILE F 73 -12.21 20.42 -29.96
C ILE F 73 -11.74 21.82 -30.34
N ALA F 74 -11.78 22.73 -29.38
CA ALA F 74 -11.42 24.12 -29.63
C ALA F 74 -9.93 24.34 -29.42
N MET F 75 -9.31 25.11 -30.30
CA MET F 75 -7.90 25.43 -30.20
C MET F 75 -7.62 26.66 -29.33
N ALA F 76 -8.67 27.36 -28.89
CA ALA F 76 -8.51 28.52 -28.03
C ALA F 76 -9.69 28.58 -27.07
N SER F 77 -9.69 29.61 -26.23
CA SER F 77 -10.73 29.74 -25.20
C SER F 77 -12.09 29.93 -25.84
N THR F 78 -13.09 29.26 -25.28
CA THR F 78 -14.45 29.30 -25.79
C THR F 78 -15.32 30.34 -25.11
N ASP F 79 -14.72 31.30 -24.40
CA ASP F 79 -15.50 32.33 -23.74
C ASP F 79 -16.19 33.21 -24.76
N GLY F 80 -17.44 33.55 -24.49
CA GLY F 80 -18.22 34.38 -25.38
C GLY F 80 -19.06 33.66 -26.39
N LEU F 81 -18.93 32.34 -26.50
CA LEU F 81 -19.73 31.60 -27.47
C LEU F 81 -21.20 31.59 -27.09
N ILE F 82 -22.06 31.84 -28.07
CA ILE F 82 -23.51 31.83 -27.89
C ILE F 82 -24.05 30.78 -28.83
N ARG F 83 -24.74 29.79 -28.28
CA ARG F 83 -25.19 28.69 -29.12
C ARG F 83 -26.19 29.19 -30.17
N GLY F 84 -25.82 29.02 -31.43
CA GLY F 84 -26.50 29.64 -32.55
C GLY F 84 -25.59 30.33 -33.53
N MET F 85 -24.29 30.44 -33.23
CA MET F 85 -23.37 31.09 -34.15
C MET F 85 -23.13 30.24 -35.38
N GLU F 86 -22.72 30.90 -36.46
CA GLU F 86 -22.51 30.26 -37.75
C GLU F 86 -21.05 29.83 -37.89
N VAL F 87 -20.86 28.60 -38.33
CA VAL F 87 -19.54 27.97 -38.42
C VAL F 87 -19.22 27.68 -39.88
N ILE F 88 -17.98 27.95 -40.27
CA ILE F 88 -17.50 27.74 -41.64
C ILE F 88 -16.63 26.50 -41.66
N ASP F 89 -16.80 25.66 -42.67
CA ASP F 89 -15.93 24.50 -42.84
C ASP F 89 -14.86 24.80 -43.88
N THR F 90 -13.60 24.68 -43.49
CA THR F 90 -12.50 24.90 -44.43
C THR F 90 -12.34 23.73 -45.40
N GLY F 91 -12.85 22.56 -45.06
CA GLY F 91 -12.81 21.43 -45.96
C GLY F 91 -11.51 20.65 -45.97
N ALA F 92 -10.59 20.94 -45.06
CA ALA F 92 -9.31 20.25 -45.03
C ALA F 92 -8.74 20.38 -43.62
N PRO F 93 -7.84 19.48 -43.22
CA PRO F 93 -7.24 19.58 -41.90
C PRO F 93 -6.38 20.83 -41.77
N ILE F 94 -5.95 21.09 -40.53
CA ILE F 94 -5.12 22.25 -40.23
C ILE F 94 -3.84 22.17 -41.02
N SER F 95 -3.48 23.26 -41.71
CA SER F 95 -2.31 23.30 -42.57
C SER F 95 -1.37 24.41 -42.09
N VAL F 96 -0.08 24.14 -42.10
CA VAL F 96 0.91 25.07 -41.56
C VAL F 96 1.94 25.42 -42.63
N PRO F 97 2.53 26.62 -42.59
CA PRO F 97 3.53 26.98 -43.59
C PRO F 97 4.76 26.09 -43.49
N VAL F 98 5.37 25.83 -44.65
CA VAL F 98 6.41 24.82 -44.77
C VAL F 98 7.44 25.28 -45.79
N GLY F 99 8.71 25.06 -45.47
CA GLY F 99 9.78 25.34 -46.40
C GLY F 99 10.92 26.13 -45.81
N GLU F 100 11.67 26.82 -46.67
CA GLU F 100 12.75 27.68 -46.19
C GLU F 100 12.22 28.82 -45.35
N VAL F 101 10.96 29.19 -45.54
CA VAL F 101 10.36 30.32 -44.84
C VAL F 101 10.19 30.08 -43.36
N THR F 102 10.36 28.84 -42.89
CA THR F 102 10.17 28.54 -41.48
C THR F 102 11.40 28.82 -40.64
N LEU F 103 12.58 28.87 -41.25
CA LEU F 103 13.80 29.04 -40.47
C LEU F 103 13.86 30.42 -39.84
N GLY F 104 14.27 30.49 -38.59
CA GLY F 104 14.39 31.75 -37.90
C GLY F 104 13.08 32.33 -37.41
N ARG F 105 11.98 31.61 -37.55
CA ARG F 105 10.66 32.11 -37.18
C ARG F 105 10.11 31.35 -35.97
N VAL F 106 9.14 31.97 -35.32
CA VAL F 106 8.45 31.38 -34.17
C VAL F 106 6.98 31.30 -34.51
N PHE F 107 6.39 30.13 -34.30
CA PHE F 107 5.02 29.86 -34.69
C PHE F 107 4.19 29.41 -33.50
N ASN F 108 2.87 29.57 -33.62
CA ASN F 108 1.95 28.95 -32.68
C ASN F 108 1.43 27.64 -33.28
N VAL F 109 0.41 27.07 -32.64
CA VAL F 109 -0.13 25.80 -33.10
C VAL F 109 -0.76 25.93 -34.47
N LEU F 110 -1.42 27.05 -34.74
CA LEU F 110 -2.16 27.25 -35.99
C LEU F 110 -1.29 27.75 -37.13
N GLY F 111 0.03 27.61 -37.05
CA GLY F 111 0.87 28.03 -38.14
C GLY F 111 1.00 29.53 -38.31
N GLU F 112 0.60 30.30 -37.31
CA GLU F 112 0.74 31.74 -37.46
C GLU F 112 2.00 32.23 -36.73
N PRO F 113 2.82 33.03 -37.39
CA PRO F 113 4.02 33.55 -36.71
C PRO F 113 3.63 34.47 -35.57
N ILE F 114 4.48 34.46 -34.53
CA ILE F 114 4.27 35.28 -33.35
C ILE F 114 5.49 36.07 -32.95
N ASP F 115 6.55 36.07 -33.76
CA ASP F 115 7.79 36.72 -33.39
C ASP F 115 7.83 38.19 -33.80
N LEU F 116 6.77 38.72 -34.41
CA LEU F 116 6.66 40.10 -34.85
C LEU F 116 7.68 40.47 -35.92
N GLU F 117 8.18 39.49 -36.68
CA GLU F 117 9.12 39.76 -37.76
C GLU F 117 8.44 39.82 -39.13
N GLY F 118 7.17 40.18 -39.17
CA GLY F 118 6.46 40.22 -40.44
C GLY F 118 5.35 39.19 -40.51
N ASP F 119 4.98 38.84 -41.74
CA ASP F 119 3.90 37.91 -41.99
C ASP F 119 4.26 37.00 -43.15
N ILE F 120 3.64 35.82 -43.17
CA ILE F 120 3.89 34.80 -44.17
C ILE F 120 2.95 34.99 -45.35
N PRO F 121 3.45 34.91 -46.58
CA PRO F 121 2.56 35.02 -47.75
C PRO F 121 1.52 33.91 -47.76
N ALA F 122 0.35 34.24 -48.32
CA ALA F 122 -0.75 33.26 -48.34
C ALA F 122 -0.43 32.08 -49.23
N ASP F 123 0.23 32.31 -50.37
CA ASP F 123 0.47 31.30 -51.37
C ASP F 123 1.56 30.31 -50.98
N ALA F 124 2.15 30.43 -49.80
CA ALA F 124 3.21 29.51 -49.41
C ALA F 124 2.65 28.10 -49.25
N ARG F 125 3.46 27.12 -49.64
CA ARG F 125 3.03 25.72 -49.55
C ARG F 125 2.75 25.35 -48.11
N ARG F 126 1.64 24.66 -47.89
CA ARG F 126 1.22 24.25 -46.55
C ARG F 126 0.85 22.78 -46.56
N ASP F 127 1.36 22.04 -45.57
CA ASP F 127 1.06 20.63 -45.44
C ASP F 127 0.07 20.39 -44.31
N PRO F 128 -0.82 19.41 -44.45
CA PRO F 128 -1.77 19.14 -43.37
C PRO F 128 -1.07 18.54 -42.15
N ILE F 129 -1.68 18.77 -40.98
CA ILE F 129 -1.12 18.29 -39.74
C ILE F 129 -1.13 16.77 -39.67
N HIS F 130 -2.22 16.14 -40.09
CA HIS F 130 -2.42 14.70 -39.94
C HIS F 130 -2.03 14.00 -41.23
N ARG F 131 -1.22 12.96 -41.10
CA ARG F 131 -0.77 12.19 -42.25
C ARG F 131 -0.34 10.81 -41.75
N PRO F 132 -0.38 9.79 -42.62
CA PRO F 132 -0.02 8.45 -42.17
C PRO F 132 1.47 8.29 -41.97
N ALA F 133 1.84 7.28 -41.16
CA ALA F 133 3.21 7.03 -40.78
C ALA F 133 3.99 6.35 -41.90
N PRO F 134 5.33 6.42 -41.87
CA PRO F 134 6.13 5.68 -42.83
C PRO F 134 6.01 4.17 -42.62
N LYS F 135 6.29 3.43 -43.68
CA LYS F 135 6.08 1.99 -43.69
C LYS F 135 7.36 1.23 -43.32
N PHE F 136 7.22 -0.10 -43.25
CA PHE F 136 8.33 -0.95 -42.83
C PHE F 136 9.48 -0.90 -43.83
N GLU F 137 9.16 -0.94 -45.12
CA GLU F 137 10.21 -1.04 -46.14
C GLU F 137 10.97 0.27 -46.33
N GLU F 138 10.43 1.38 -45.86
CA GLU F 138 11.03 2.68 -46.09
C GLU F 138 12.04 3.08 -45.01
N LEU F 139 12.16 2.30 -43.95
CA LEU F 139 13.00 2.70 -42.83
C LEU F 139 14.47 2.38 -43.10
N ALA F 140 15.34 3.07 -42.38
CA ALA F 140 16.77 2.84 -42.42
C ALA F 140 17.27 2.70 -40.98
N THR F 141 18.09 1.69 -40.74
CA THR F 141 18.55 1.41 -39.38
C THR F 141 20.05 1.19 -39.38
N GLU F 142 20.72 1.81 -38.42
CA GLU F 142 22.16 1.69 -38.23
C GLU F 142 22.51 2.38 -36.93
N VAL F 143 23.51 1.83 -36.23
CA VAL F 143 23.90 2.32 -34.92
C VAL F 143 25.23 3.04 -35.03
N GLU F 144 25.24 4.32 -34.69
CA GLU F 144 26.45 5.10 -34.54
C GLU F 144 26.33 5.96 -33.28
N ILE F 145 27.40 6.01 -32.50
CA ILE F 145 27.37 6.69 -31.22
C ILE F 145 27.37 8.20 -31.44
N LEU F 146 26.39 8.88 -30.84
CA LEU F 146 26.34 10.34 -30.84
C LEU F 146 27.09 10.84 -29.61
N GLU F 147 28.25 11.44 -29.82
CA GLU F 147 29.04 11.93 -28.70
C GLU F 147 28.45 13.24 -28.18
N THR F 148 28.16 13.29 -26.88
CA THR F 148 27.55 14.46 -26.27
C THR F 148 28.49 15.22 -25.35
N GLY F 149 29.51 14.56 -24.81
CA GLY F 149 30.39 15.21 -23.85
C GLY F 149 29.92 15.13 -22.41
N ILE F 150 28.92 14.32 -22.12
CA ILE F 150 28.43 14.11 -20.76
C ILE F 150 28.95 12.77 -20.29
N LYS F 151 29.52 12.75 -19.08
CA LYS F 151 30.20 11.54 -18.62
C LYS F 151 29.23 10.37 -18.48
N VAL F 152 28.11 10.58 -17.78
CA VAL F 152 27.18 9.47 -17.55
C VAL F 152 26.62 8.95 -18.86
N VAL F 153 26.16 9.87 -19.71
CA VAL F 153 25.54 9.47 -20.97
C VAL F 153 26.53 8.74 -21.85
N ASP F 154 27.76 9.26 -21.96
CA ASP F 154 28.74 8.64 -22.82
C ASP F 154 29.25 7.31 -22.27
N LEU F 155 29.23 7.14 -20.96
CA LEU F 155 29.76 5.90 -20.39
C LEU F 155 28.72 4.80 -20.38
N LEU F 156 27.56 5.05 -19.77
CA LEU F 156 26.61 4.00 -19.46
C LEU F 156 25.43 3.90 -20.42
N ALA F 157 25.19 4.91 -21.24
CA ALA F 157 24.05 4.85 -22.15
C ALA F 157 24.29 5.71 -23.38
N PRO F 158 25.16 5.29 -24.30
CA PRO F 158 25.50 6.15 -25.44
C PRO F 158 24.29 6.46 -26.29
N TYR F 159 24.21 7.70 -26.76
CA TYR F 159 23.10 8.11 -27.61
C TYR F 159 23.31 7.64 -29.03
N ILE F 160 22.22 7.20 -29.66
CA ILE F 160 22.25 6.65 -31.01
C ILE F 160 21.93 7.76 -31.99
N LYS F 161 22.80 7.96 -32.96
CA LYS F 161 22.58 8.97 -33.99
C LYS F 161 21.44 8.55 -34.90
N GLY F 162 20.48 9.44 -35.08
CA GLY F 162 19.34 9.13 -35.91
C GLY F 162 18.27 8.28 -35.25
N GLY F 163 18.37 8.07 -33.93
CA GLY F 163 17.39 7.29 -33.21
C GLY F 163 16.45 8.15 -32.40
N LYS F 164 15.73 7.50 -31.49
CA LYS F 164 14.80 8.18 -30.60
C LYS F 164 15.33 8.10 -29.18
N ILE F 165 15.48 9.26 -28.54
CA ILE F 165 16.07 9.38 -27.20
C ILE F 165 15.08 10.08 -26.30
N GLY F 166 14.95 9.59 -25.07
CA GLY F 166 14.02 10.18 -24.12
C GLY F 166 14.67 10.44 -22.78
N LEU F 167 14.21 11.50 -22.12
CA LEU F 167 14.62 11.83 -20.75
C LEU F 167 13.41 11.71 -19.84
N PHE F 168 13.57 11.02 -18.73
CA PHE F 168 12.50 10.80 -17.77
C PHE F 168 12.85 11.47 -16.45
N GLY F 169 11.85 11.96 -15.75
CA GLY F 169 12.10 12.55 -14.44
C GLY F 169 10.83 13.12 -13.85
N GLY F 170 10.91 13.39 -12.56
CA GLY F 170 9.82 14.06 -11.87
C GLY F 170 9.94 15.57 -11.99
N ALA F 171 9.21 16.26 -11.12
CA ALA F 171 9.17 17.71 -11.17
C ALA F 171 10.45 18.30 -10.60
N GLY F 172 11.08 19.21 -11.36
CA GLY F 172 12.25 19.89 -10.88
C GLY F 172 13.45 19.03 -10.62
N VAL F 173 13.80 18.13 -11.55
CA VAL F 173 14.94 17.25 -11.36
C VAL F 173 16.08 17.66 -12.27
N GLY F 174 15.77 18.21 -13.44
CA GLY F 174 16.82 18.74 -14.29
C GLY F 174 16.77 18.39 -15.76
N LYS F 175 15.64 17.86 -16.24
CA LYS F 175 15.56 17.49 -17.65
C LYS F 175 15.64 18.70 -18.57
N THR F 176 15.14 19.84 -18.14
CA THR F 176 15.26 21.05 -18.96
C THR F 176 16.72 21.50 -19.07
N VAL F 177 17.44 21.45 -17.94
CA VAL F 177 18.86 21.81 -17.98
C VAL F 177 19.61 20.83 -18.86
N LEU F 178 19.24 19.55 -18.81
CA LEU F 178 19.89 18.56 -19.66
C LEU F 178 19.61 18.82 -21.14
N ILE F 179 18.37 19.20 -21.47
CA ILE F 179 18.05 19.60 -22.84
C ILE F 179 18.92 20.76 -23.27
N GLN F 180 19.05 21.77 -22.42
CA GLN F 180 19.84 22.94 -22.80
C GLN F 180 21.30 22.56 -23.00
N GLU F 181 21.85 21.69 -22.14
CA GLU F 181 23.21 21.22 -22.33
C GLU F 181 23.37 20.46 -23.64
N LEU F 182 22.41 19.59 -23.96
CA LEU F 182 22.51 18.84 -25.21
C LEU F 182 22.45 19.77 -26.41
N ILE F 183 21.57 20.78 -26.36
CA ILE F 183 21.50 21.74 -27.45
C ILE F 183 22.81 22.49 -27.59
N HIS F 184 23.36 22.94 -26.47
CA HIS F 184 24.62 23.68 -26.50
C HIS F 184 25.75 22.84 -27.07
N ASN F 185 25.80 21.57 -26.72
CA ASN F 185 26.89 20.72 -27.17
C ASN F 185 26.74 20.28 -28.63
N ILE F 186 25.52 19.96 -29.05
CA ILE F 186 25.32 19.32 -30.35
C ILE F 186 24.91 20.32 -31.42
N ALA F 187 23.94 21.19 -31.11
CA ALA F 187 23.36 22.05 -32.13
C ALA F 187 24.36 23.05 -32.69
N GLN F 188 25.38 23.39 -31.92
CA GLN F 188 26.34 24.41 -32.37
C GLN F 188 27.24 23.95 -33.49
N GLU F 189 27.24 22.65 -33.82
CA GLU F 189 28.12 22.11 -34.84
C GLU F 189 27.42 21.12 -35.77
N HIS F 190 26.09 21.10 -35.78
CA HIS F 190 25.40 20.05 -36.52
C HIS F 190 25.46 20.25 -38.02
N GLY F 191 25.24 21.48 -38.50
CA GLY F 191 25.20 21.71 -39.94
C GLY F 191 23.82 21.57 -40.52
N GLY F 192 23.03 20.64 -39.99
CA GLY F 192 21.68 20.45 -40.45
C GLY F 192 20.69 21.34 -39.73
N ILE F 193 19.43 21.21 -40.14
CA ILE F 193 18.34 22.00 -39.58
C ILE F 193 18.01 21.49 -38.18
N SER F 194 17.45 22.36 -37.35
CA SER F 194 17.01 21.99 -36.01
C SER F 194 15.60 22.49 -35.77
N VAL F 195 14.81 21.71 -35.04
CA VAL F 195 13.44 22.03 -34.71
C VAL F 195 13.24 21.89 -33.21
N PHE F 196 12.63 22.89 -32.58
CA PHE F 196 12.30 22.85 -31.17
C PHE F 196 10.80 23.02 -31.01
N ALA F 197 10.19 22.15 -30.21
CA ALA F 197 8.76 22.18 -29.95
C ALA F 197 8.54 22.33 -28.45
N GLY F 198 8.12 23.52 -28.03
CA GLY F 198 7.83 23.78 -26.63
C GLY F 198 6.43 23.38 -26.22
N VAL F 199 6.19 22.08 -26.06
CA VAL F 199 4.88 21.56 -25.70
C VAL F 199 4.72 21.65 -24.19
N GLY F 200 3.83 22.52 -23.73
CA GLY F 200 3.39 22.50 -22.35
C GLY F 200 4.41 22.89 -21.31
N GLU F 201 5.38 23.73 -21.65
CA GLU F 201 6.36 24.20 -20.69
C GLU F 201 6.17 25.69 -20.43
N ARG F 202 7.14 26.30 -19.74
CA ARG F 202 7.02 27.69 -19.32
C ARG F 202 7.32 28.66 -20.46
N THR F 203 6.50 29.70 -20.54
CA THR F 203 6.74 30.76 -21.52
C THR F 203 8.01 31.53 -21.21
N ARG F 204 8.36 31.68 -19.93
CA ARG F 204 9.63 32.27 -19.58
C ARG F 204 10.79 31.44 -20.13
N GLU F 205 10.70 30.12 -19.99
CA GLU F 205 11.72 29.25 -20.56
C GLU F 205 11.80 29.41 -22.07
N GLY F 206 10.65 29.48 -22.73
CA GLY F 206 10.65 29.67 -24.17
C GLY F 206 11.32 30.96 -24.58
N ASN F 207 11.01 32.05 -23.88
CA ASN F 207 11.60 33.34 -24.21
C ASN F 207 13.11 33.33 -23.99
N ASP F 208 13.55 32.75 -22.88
CA ASP F 208 14.98 32.66 -22.63
C ASP F 208 15.68 31.83 -23.70
N LEU F 209 15.07 30.72 -24.13
CA LEU F 209 15.64 29.93 -25.20
C LEU F 209 15.73 30.73 -26.49
N TYR F 210 14.69 31.48 -26.82
CA TYR F 210 14.70 32.27 -28.05
C TYR F 210 15.83 33.29 -28.03
N HIS F 211 16.00 33.99 -26.90
CA HIS F 211 17.06 34.98 -26.82
C HIS F 211 18.44 34.34 -26.86
N GLU F 212 18.58 33.16 -26.25
CA GLU F 212 19.85 32.44 -26.33
C GLU F 212 20.16 32.05 -27.77
N MET F 213 19.16 31.57 -28.51
CA MET F 213 19.37 31.23 -29.90
C MET F 213 19.78 32.45 -30.72
N LYS F 214 19.12 33.58 -30.49
CA LYS F 214 19.51 34.81 -31.19
C LYS F 214 20.97 35.17 -30.86
N ASP F 215 21.34 35.09 -29.59
CA ASP F 215 22.68 35.49 -29.18
C ASP F 215 23.73 34.55 -29.76
N SER F 216 23.41 33.27 -29.91
CA SER F 216 24.34 32.31 -30.47
C SER F 216 24.34 32.28 -31.99
N GLY F 217 23.34 32.89 -32.64
CA GLY F 217 23.29 32.91 -34.09
C GLY F 217 22.83 31.64 -34.73
N VAL F 218 22.53 30.60 -33.95
CA VAL F 218 22.05 29.34 -34.51
C VAL F 218 20.61 29.51 -35.01
N ILE F 219 19.91 30.54 -34.54
CA ILE F 219 18.49 30.71 -34.86
C ILE F 219 18.28 30.84 -36.37
N SER F 220 19.34 31.17 -37.11
CA SER F 220 19.21 31.32 -38.56
C SER F 220 18.92 30.00 -39.26
N LYS F 221 19.05 28.86 -38.57
CA LYS F 221 18.74 27.56 -39.15
C LYS F 221 17.84 26.74 -38.23
N THR F 222 16.93 27.41 -37.53
CA THR F 222 16.05 26.75 -36.57
C THR F 222 14.61 27.19 -36.81
N ALA F 223 13.68 26.26 -36.56
CA ALA F 223 12.25 26.54 -36.57
C ALA F 223 11.67 26.11 -35.23
N MET F 224 10.89 26.99 -34.60
CA MET F 224 10.45 26.79 -33.22
C MET F 224 8.94 26.99 -33.12
N VAL F 225 8.29 26.15 -32.33
CA VAL F 225 6.84 26.19 -32.16
C VAL F 225 6.53 26.09 -30.67
N PHE F 226 5.57 26.88 -30.20
CA PHE F 226 5.26 26.99 -28.78
C PHE F 226 3.79 26.76 -28.50
N GLY F 227 3.51 25.80 -27.61
CA GLY F 227 2.18 25.50 -27.15
C GLY F 227 2.07 25.49 -25.64
N GLN F 228 2.66 26.49 -24.99
CA GLN F 228 3.02 26.46 -23.58
C GLN F 228 1.79 26.24 -22.68
N MET F 229 2.04 26.04 -21.38
CA MET F 229 1.02 25.53 -20.47
C MET F 229 -0.15 26.49 -20.28
N ASN F 230 -0.03 27.75 -20.70
CA ASN F 230 -1.14 28.67 -20.52
C ASN F 230 -2.24 28.43 -21.56
N GLU F 231 -2.01 27.55 -22.52
CA GLU F 231 -2.94 27.35 -23.61
C GLU F 231 -4.02 26.34 -23.25
N PRO F 232 -5.16 26.39 -23.94
CA PRO F 232 -6.19 25.35 -23.76
C PRO F 232 -5.70 24.01 -24.25
N PRO F 233 -6.39 22.92 -23.88
CA PRO F 233 -5.86 21.57 -24.20
C PRO F 233 -5.72 21.27 -25.68
N GLY F 234 -6.55 21.83 -26.55
CA GLY F 234 -6.42 21.55 -27.96
C GLY F 234 -5.09 22.00 -28.53
N ALA F 235 -4.63 23.18 -28.12
CA ALA F 235 -3.34 23.66 -28.57
C ALA F 235 -2.23 22.74 -28.10
N ARG F 236 -2.29 22.30 -26.85
CA ARG F 236 -1.26 21.38 -26.36
C ARG F 236 -1.34 20.04 -27.08
N MET F 237 -2.51 19.68 -27.58
CA MET F 237 -2.64 18.45 -28.36
C MET F 237 -1.93 18.57 -29.70
N ARG F 238 -2.16 19.67 -30.41
CA ARG F 238 -1.70 19.76 -31.80
C ARG F 238 -0.35 20.44 -31.98
N VAL F 239 0.21 21.02 -30.91
CA VAL F 239 1.48 21.74 -31.04
C VAL F 239 2.61 20.79 -31.43
N ALA F 240 2.64 19.59 -30.85
CA ALA F 240 3.67 18.64 -31.22
C ALA F 240 3.56 18.23 -32.67
N LEU F 241 2.33 18.02 -33.14
CA LEU F 241 2.11 17.62 -34.53
C LEU F 241 2.59 18.69 -35.50
N THR F 242 2.40 19.97 -35.14
CA THR F 242 2.88 21.04 -36.02
C THR F 242 4.39 20.95 -36.25
N GLY F 243 5.17 20.88 -35.16
CA GLY F 243 6.60 20.77 -35.30
C GLY F 243 7.02 19.49 -36.00
N LEU F 244 6.28 18.41 -35.76
CA LEU F 244 6.59 17.17 -36.46
C LEU F 244 6.41 17.31 -37.95
N THR F 245 5.35 18.01 -38.39
CA THR F 245 5.17 18.25 -39.82
C THR F 245 6.30 19.10 -40.37
N MET F 246 6.70 20.13 -39.64
CA MET F 246 7.77 21.00 -40.11
C MET F 246 9.08 20.24 -40.25
N ALA F 247 9.32 19.25 -39.36
CA ALA F 247 10.53 18.45 -39.49
C ALA F 247 10.40 17.42 -40.61
N GLU F 248 9.20 16.87 -40.79
CA GLU F 248 9.00 15.85 -41.82
C GLU F 248 9.23 16.42 -43.21
N TYR F 249 8.83 17.67 -43.44
CA TYR F 249 9.11 18.26 -44.75
C TYR F 249 10.60 18.24 -45.06
N PHE F 250 11.41 18.73 -44.12
CA PHE F 250 12.85 18.75 -44.37
C PHE F 250 13.38 17.34 -44.59
N ARG F 251 13.01 16.41 -43.71
CA ARG F 251 13.54 15.05 -43.82
C ARG F 251 13.20 14.43 -45.17
N ASP F 252 11.97 14.61 -45.64
CA ASP F 252 11.54 13.97 -46.89
C ASP F 252 12.06 14.72 -48.11
N GLU F 253 11.62 15.96 -48.30
CA GLU F 253 11.95 16.66 -49.54
C GLU F 253 13.40 17.12 -49.57
N GLN F 254 13.88 17.71 -48.48
CA GLN F 254 15.20 18.31 -48.51
C GLN F 254 16.32 17.30 -48.29
N GLY F 255 15.99 16.10 -47.83
CA GLY F 255 16.97 15.04 -47.66
C GLY F 255 18.12 15.42 -46.77
N GLN F 256 17.81 16.02 -45.62
CA GLN F 256 18.85 16.61 -44.79
C GLN F 256 18.68 16.14 -43.35
N ASP F 257 19.80 16.03 -42.64
CA ASP F 257 19.81 15.60 -41.25
C ASP F 257 19.28 16.73 -40.36
N VAL F 258 18.29 16.41 -39.53
CA VAL F 258 17.64 17.42 -38.69
C VAL F 258 17.59 16.95 -37.25
N LEU F 259 17.50 17.91 -36.35
CA LEU F 259 17.40 17.69 -34.92
C LEU F 259 16.01 18.09 -34.46
N LEU F 260 15.34 17.18 -33.75
CA LEU F 260 13.99 17.46 -33.25
C LEU F 260 14.02 17.41 -31.72
N PHE F 261 13.76 18.55 -31.08
CA PHE F 261 13.64 18.64 -29.64
C PHE F 261 12.19 18.89 -29.27
N ILE F 262 11.66 18.09 -28.36
CA ILE F 262 10.32 18.26 -27.83
C ILE F 262 10.44 18.54 -26.35
N ASP F 263 9.85 19.65 -25.89
CA ASP F 263 10.13 20.12 -24.54
C ASP F 263 9.44 19.26 -23.49
N ASN F 264 8.21 18.81 -23.75
CA ASN F 264 7.56 17.87 -22.84
C ASN F 264 6.47 17.14 -23.62
N ILE F 265 6.71 15.85 -23.88
CA ILE F 265 5.75 15.06 -24.64
C ILE F 265 4.64 14.51 -23.77
N PHE F 266 4.79 14.59 -22.45
CA PHE F 266 3.75 14.08 -21.55
C PHE F 266 2.50 14.95 -21.61
N ARG F 267 2.68 16.25 -21.85
CA ARG F 267 1.53 17.15 -21.88
C ARG F 267 0.57 16.79 -23.00
N PHE F 268 1.06 16.13 -24.05
CA PHE F 268 0.19 15.70 -25.13
C PHE F 268 -0.86 14.71 -24.63
N THR F 269 -0.42 13.66 -23.94
CA THR F 269 -1.36 12.69 -23.39
C THR F 269 -2.15 13.29 -22.23
N GLN F 270 -1.56 14.24 -21.51
CA GLN F 270 -2.30 14.89 -20.43
C GLN F 270 -3.50 15.64 -20.97
N ALA F 271 -3.31 16.39 -22.05
CA ALA F 271 -4.43 17.08 -22.68
C ALA F 271 -5.43 16.09 -23.28
N GLY F 272 -4.91 15.01 -23.87
CA GLY F 272 -5.80 13.98 -24.38
C GLY F 272 -6.72 13.41 -23.32
N SER F 273 -6.18 13.22 -22.11
CA SER F 273 -7.02 12.77 -21.00
C SER F 273 -7.92 13.87 -20.47
N GLU F 274 -7.47 15.13 -20.54
CA GLU F 274 -8.33 16.24 -20.12
C GLU F 274 -9.60 16.29 -20.95
N VAL F 275 -9.49 16.12 -22.26
CA VAL F 275 -10.66 16.28 -23.11
C VAL F 275 -11.54 15.03 -23.12
N SER F 276 -11.03 13.90 -22.64
CA SER F 276 -11.63 12.60 -22.94
C SER F 276 -13.06 12.50 -22.40
N ALA F 277 -13.30 12.95 -21.17
CA ALA F 277 -14.61 12.77 -20.58
C ALA F 277 -15.69 13.54 -21.32
N LEU F 278 -15.35 14.73 -21.83
CA LEU F 278 -16.34 15.56 -22.52
C LEU F 278 -16.69 15.04 -23.91
N LEU F 279 -15.86 14.15 -24.46
CA LEU F 279 -16.23 13.50 -25.71
C LEU F 279 -17.15 12.31 -25.51
N GLY F 280 -17.35 11.89 -24.27
CA GLY F 280 -18.24 10.78 -23.99
C GLY F 280 -17.58 9.43 -24.12
N ARG F 281 -16.40 9.27 -23.52
CA ARG F 281 -15.68 8.01 -23.53
C ARG F 281 -15.58 7.47 -22.11
N MET F 282 -15.69 6.16 -21.97
CA MET F 282 -15.49 5.54 -20.68
C MET F 282 -14.03 5.70 -20.27
N PRO F 283 -13.77 5.82 -18.97
CA PRO F 283 -12.38 5.99 -18.53
C PRO F 283 -11.73 4.66 -18.19
N SER F 284 -10.42 4.57 -18.44
CA SER F 284 -9.65 3.37 -18.14
C SER F 284 -8.48 3.73 -17.26
N ALA F 285 -7.85 2.71 -16.68
CA ALA F 285 -6.60 2.86 -15.95
C ALA F 285 -6.77 3.95 -14.89
N VAL F 286 -5.72 4.73 -14.65
CA VAL F 286 -5.81 5.83 -13.70
C VAL F 286 -6.31 7.06 -14.44
N GLY F 287 -7.61 7.13 -14.67
CA GLY F 287 -8.20 8.30 -15.31
C GLY F 287 -7.61 8.66 -16.65
N TYR F 288 -7.39 7.69 -17.52
CA TYR F 288 -6.82 7.93 -18.84
C TYR F 288 -7.81 7.48 -19.90
N GLN F 289 -7.76 8.13 -21.06
CA GLN F 289 -8.65 7.79 -22.16
C GLN F 289 -8.33 6.37 -22.65
N PRO F 290 -9.32 5.64 -23.17
CA PRO F 290 -9.04 4.28 -23.65
C PRO F 290 -8.02 4.25 -24.76
N THR F 291 -7.95 5.29 -25.58
CA THR F 291 -7.07 5.33 -26.74
C THR F 291 -5.70 5.89 -26.42
N LEU F 292 -5.23 5.75 -25.17
CA LEU F 292 -3.93 6.29 -24.79
C LEU F 292 -2.81 5.68 -25.64
N ALA F 293 -2.88 4.37 -25.87
CA ALA F 293 -1.80 3.71 -26.58
C ALA F 293 -1.77 4.08 -28.06
N THR F 294 -2.93 4.08 -28.72
CA THR F 294 -2.95 4.32 -30.17
C THR F 294 -2.71 5.79 -30.48
N GLU F 295 -3.28 6.69 -29.69
CA GLU F 295 -3.06 8.11 -29.92
C GLU F 295 -1.59 8.46 -29.79
N MET F 296 -0.90 7.85 -28.83
CA MET F 296 0.52 8.08 -28.67
C MET F 296 1.31 7.40 -29.77
N GLY F 297 0.91 6.20 -30.16
CA GLY F 297 1.64 5.47 -31.18
C GLY F 297 1.60 6.15 -32.54
N GLN F 298 0.46 6.77 -32.87
CA GLN F 298 0.37 7.49 -34.14
C GLN F 298 1.33 8.67 -34.19
N LEU F 299 1.53 9.35 -33.06
CA LEU F 299 2.50 10.44 -33.02
C LEU F 299 3.93 9.92 -33.02
N GLN F 300 4.20 8.87 -32.24
CA GLN F 300 5.58 8.42 -32.06
C GLN F 300 6.10 7.68 -33.28
N GLU F 301 5.22 7.09 -34.08
CA GLU F 301 5.68 6.36 -35.25
C GLU F 301 6.03 7.26 -36.42
N ARG F 302 5.70 8.55 -36.35
CA ARG F 302 6.07 9.47 -37.43
C ARG F 302 7.48 10.03 -37.22
N ILE F 303 8.00 9.95 -36.00
CA ILE F 303 9.33 10.45 -35.70
C ILE F 303 10.35 9.33 -35.90
N THR F 304 10.78 9.13 -37.14
CA THR F 304 11.74 8.08 -37.45
C THR F 304 12.66 8.56 -38.56
N SER F 305 13.79 7.88 -38.68
CA SER F 305 14.70 8.10 -39.81
C SER F 305 14.36 7.12 -40.93
N THR F 306 14.49 7.60 -42.16
CA THR F 306 14.12 6.80 -43.32
C THR F 306 15.31 6.71 -44.27
N ALA F 307 15.04 6.15 -45.46
CA ALA F 307 16.10 5.95 -46.44
C ALA F 307 16.63 7.26 -46.99
N LYS F 308 15.76 8.27 -47.13
CA LYS F 308 16.14 9.53 -47.74
C LYS F 308 16.46 10.63 -46.74
N GLY F 309 16.39 10.36 -45.44
CA GLY F 309 16.69 11.38 -44.45
C GLY F 309 16.62 10.83 -43.04
N SER F 310 17.29 11.49 -42.10
CA SER F 310 17.37 11.00 -40.73
C SER F 310 16.97 12.08 -39.74
N ILE F 311 16.17 11.69 -38.76
CA ILE F 311 15.79 12.54 -37.64
C ILE F 311 16.30 11.89 -36.36
N THR F 312 17.13 12.61 -35.62
CA THR F 312 17.50 12.23 -34.27
C THR F 312 16.77 13.13 -33.29
N SER F 313 16.08 12.53 -32.33
CA SER F 313 15.13 13.27 -31.51
C SER F 313 15.39 13.02 -30.04
N ILE F 314 15.27 14.09 -29.24
CA ILE F 314 15.42 14.03 -27.80
C ILE F 314 14.13 14.57 -27.20
N GLN F 315 13.51 13.78 -26.32
CA GLN F 315 12.22 14.12 -25.74
C GLN F 315 12.32 14.11 -24.23
N ALA F 316 11.84 15.16 -23.59
CA ALA F 316 11.70 15.17 -22.14
C ALA F 316 10.31 14.66 -21.75
N ILE F 317 10.26 13.73 -20.81
CA ILE F 317 9.02 13.06 -20.45
C ILE F 317 8.80 13.22 -18.96
N TYR F 318 7.77 13.97 -18.58
CA TYR F 318 7.45 14.16 -17.17
C TYR F 318 6.80 12.89 -16.61
N VAL F 319 7.20 12.52 -15.39
CA VAL F 319 6.64 11.38 -14.68
C VAL F 319 5.79 11.92 -13.53
N PRO F 320 4.48 11.74 -13.55
CA PRO F 320 3.65 12.31 -12.49
C PRO F 320 3.85 11.60 -11.16
N ALA F 321 4.00 12.40 -10.10
CA ALA F 321 4.14 11.89 -8.74
C ALA F 321 5.32 10.94 -8.60
N ASP F 322 6.31 11.07 -9.48
CA ASP F 322 7.51 10.24 -9.48
C ASP F 322 7.16 8.76 -9.51
N ASP F 323 6.06 8.42 -10.19
CA ASP F 323 5.60 7.04 -10.26
C ASP F 323 5.90 6.51 -11.65
N TYR F 324 6.99 5.75 -11.77
CA TYR F 324 7.38 5.20 -13.06
C TYR F 324 6.41 4.15 -13.57
N THR F 325 5.57 3.59 -12.71
CA THR F 325 4.57 2.63 -13.14
C THR F 325 3.32 3.30 -13.68
N ASP F 326 3.26 4.62 -13.66
CA ASP F 326 2.10 5.33 -14.19
C ASP F 326 1.94 5.01 -15.68
N PRO F 327 0.70 4.85 -16.15
CA PRO F 327 0.52 4.41 -17.55
C PRO F 327 1.17 5.30 -18.59
N ALA F 328 1.10 6.62 -18.43
CA ALA F 328 1.65 7.50 -19.46
C ALA F 328 3.17 7.36 -19.57
N PRO F 329 3.95 7.41 -18.48
CA PRO F 329 5.38 7.12 -18.65
C PRO F 329 5.66 5.68 -19.05
N ALA F 330 4.89 4.72 -18.53
CA ALA F 330 5.19 3.33 -18.80
C ALA F 330 5.04 2.99 -20.27
N THR F 331 3.99 3.52 -20.91
CA THR F 331 3.72 3.14 -22.29
C THR F 331 4.78 3.68 -23.24
N THR F 332 5.37 4.83 -22.92
CA THR F 332 6.31 5.46 -23.86
C THR F 332 7.71 4.88 -23.77
N PHE F 333 7.95 3.95 -22.85
CA PHE F 333 9.26 3.31 -22.79
C PHE F 333 9.54 2.49 -24.04
N SER F 334 8.48 1.99 -24.69
CA SER F 334 8.67 1.10 -25.82
C SER F 334 8.86 1.83 -27.14
N HIS F 335 8.91 3.16 -27.13
CA HIS F 335 9.12 3.95 -28.33
C HIS F 335 10.51 4.55 -28.41
N LEU F 336 11.43 4.17 -27.53
CA LEU F 336 12.72 4.84 -27.42
C LEU F 336 13.84 3.83 -27.56
N ASP F 337 14.96 4.29 -28.14
CA ASP F 337 16.14 3.45 -28.30
C ASP F 337 17.19 3.71 -27.24
N ALA F 338 17.08 4.80 -26.51
CA ALA F 338 17.97 5.11 -25.40
C ALA F 338 17.24 5.99 -24.41
N THR F 339 17.23 5.58 -23.15
CA THR F 339 16.50 6.29 -22.11
C THR F 339 17.44 6.58 -20.94
N THR F 340 17.31 7.77 -20.36
CA THR F 340 18.07 8.15 -19.17
C THR F 340 17.08 8.59 -18.11
N ASN F 341 17.10 7.91 -16.95
CA ASN F 341 16.15 8.18 -15.88
C ASN F 341 16.81 9.07 -14.84
N LEU F 342 16.19 10.21 -14.56
CA LEU F 342 16.62 11.08 -13.49
C LEU F 342 15.97 10.65 -12.18
N GLU F 343 16.54 11.10 -11.06
CA GLU F 343 16.09 10.63 -9.76
C GLU F 343 16.11 11.76 -8.74
N ARG F 344 14.98 11.93 -8.05
CA ARG F 344 14.89 12.96 -7.01
C ARG F 344 15.85 12.67 -5.87
N LYS F 345 16.00 11.40 -5.51
CA LYS F 345 16.94 11.05 -4.44
C LYS F 345 18.37 11.39 -4.84
N LEU F 346 18.72 11.14 -6.11
CA LEU F 346 20.05 11.50 -6.59
C LEU F 346 20.25 13.01 -6.56
N ALA F 347 19.24 13.77 -7.02
CA ALA F 347 19.38 15.23 -7.05
C ALA F 347 19.40 15.81 -5.65
N GLU F 348 18.80 15.12 -4.69
CA GLU F 348 18.79 15.61 -3.32
C GLU F 348 20.19 15.62 -2.71
N MET F 349 21.01 14.63 -3.06
CA MET F 349 22.38 14.54 -2.56
C MET F 349 23.28 15.60 -3.14
N GLY F 350 22.82 16.35 -4.14
CA GLY F 350 23.64 17.37 -4.75
C GLY F 350 24.49 16.91 -5.92
N ILE F 351 24.39 15.66 -6.32
CA ILE F 351 25.16 15.16 -7.46
C ILE F 351 24.34 15.24 -8.74
N TYR F 352 24.42 16.39 -9.41
CA TYR F 352 23.75 16.56 -10.69
C TYR F 352 24.61 15.93 -11.78
N PRO F 353 24.02 15.51 -12.92
CA PRO F 353 22.65 15.68 -13.39
C PRO F 353 21.65 14.66 -12.85
N ALA F 354 22.05 13.90 -11.84
CA ALA F 354 21.16 12.95 -11.16
C ALA F 354 20.61 11.89 -12.10
N VAL F 355 21.42 11.44 -13.05
CA VAL F 355 21.03 10.34 -13.91
C VAL F 355 21.20 9.02 -13.16
N ASP F 356 20.14 8.22 -13.16
CA ASP F 356 20.21 6.92 -12.50
C ASP F 356 21.08 6.00 -13.33
N PRO F 357 22.20 5.52 -12.79
CA PRO F 357 23.12 4.70 -13.60
C PRO F 357 22.58 3.32 -13.91
N LEU F 358 21.60 2.83 -13.15
CA LEU F 358 21.09 1.48 -13.33
C LEU F 358 19.87 1.42 -14.24
N ALA F 359 18.85 2.23 -13.97
CA ALA F 359 17.66 2.22 -14.82
C ALA F 359 17.91 2.77 -16.21
N SER F 360 19.02 3.48 -16.43
CA SER F 360 19.32 4.03 -17.74
C SER F 360 19.84 2.94 -18.67
N THR F 361 19.22 2.84 -19.84
CA THR F 361 19.58 1.79 -20.80
C THR F 361 19.74 2.42 -22.18
N SER F 362 20.44 1.69 -23.05
CA SER F 362 20.63 2.12 -24.43
C SER F 362 20.91 0.90 -25.28
N ARG F 363 20.42 0.92 -26.52
CA ARG F 363 20.69 -0.18 -27.43
C ARG F 363 22.11 -0.17 -27.96
N ALA F 364 22.81 0.96 -27.85
CA ALA F 364 24.16 1.07 -28.41
C ALA F 364 25.23 0.50 -27.49
N LEU F 365 24.87 0.10 -26.27
CA LEU F 365 25.82 -0.45 -25.33
C LEU F 365 26.02 -1.93 -25.62
N ALA F 366 26.77 -2.20 -26.68
CA ALA F 366 27.12 -3.56 -27.07
C ALA F 366 28.58 -3.58 -27.44
N PRO F 367 29.30 -4.67 -27.18
CA PRO F 367 30.75 -4.67 -27.41
C PRO F 367 31.15 -4.39 -28.84
N GLU F 368 30.39 -4.88 -29.83
CA GLU F 368 30.79 -4.69 -31.22
C GLU F 368 30.60 -3.25 -31.69
N ILE F 369 29.90 -2.43 -30.92
CA ILE F 369 29.59 -1.06 -31.31
C ILE F 369 30.53 -0.06 -30.66
N VAL F 370 30.80 -0.23 -29.36
CA VAL F 370 31.60 0.75 -28.61
C VAL F 370 32.99 0.23 -28.27
N GLY F 371 33.24 -1.06 -28.39
CA GLY F 371 34.56 -1.56 -28.04
C GLY F 371 34.55 -2.35 -26.75
N GLU F 372 35.38 -3.39 -26.72
CA GLU F 372 35.39 -4.30 -25.58
C GLU F 372 35.83 -3.59 -24.30
N GLU F 373 36.81 -2.69 -24.40
CA GLU F 373 37.25 -1.96 -23.22
C GLU F 373 36.12 -1.13 -22.62
N HIS F 374 35.41 -0.40 -23.48
CA HIS F 374 34.28 0.40 -23.03
C HIS F 374 33.21 -0.47 -22.39
N TYR F 375 32.91 -1.60 -23.03
CA TYR F 375 31.88 -2.50 -22.51
C TYR F 375 32.26 -3.04 -21.14
N GLN F 376 33.52 -3.48 -20.99
CA GLN F 376 33.97 -4.03 -19.72
C GLN F 376 33.91 -2.97 -18.63
N VAL F 377 34.36 -1.76 -18.93
CA VAL F 377 34.36 -0.71 -17.91
C VAL F 377 32.93 -0.40 -17.47
N ALA F 378 32.01 -0.27 -18.44
CA ALA F 378 30.63 0.05 -18.10
C ALA F 378 30.00 -1.06 -17.25
N ARG F 379 30.22 -2.31 -17.64
CA ARG F 379 29.60 -3.41 -16.90
C ARG F 379 30.17 -3.52 -15.50
N LYS F 380 31.48 -3.33 -15.34
CA LYS F 380 32.07 -3.36 -14.01
C LYS F 380 31.57 -2.23 -13.13
N VAL F 381 31.42 -1.03 -13.70
CA VAL F 381 30.88 0.09 -12.92
C VAL F 381 29.47 -0.22 -12.45
N GLN F 382 28.63 -0.73 -13.35
CA GLN F 382 27.26 -1.04 -12.96
C GLN F 382 27.22 -2.13 -11.90
N GLN F 383 28.09 -3.14 -12.02
CA GLN F 383 28.13 -4.21 -11.02
C GLN F 383 28.50 -3.67 -9.65
N THR F 384 29.53 -2.82 -9.58
CA THR F 384 29.93 -2.26 -8.30
C THR F 384 28.82 -1.40 -7.70
N LEU F 385 28.16 -0.59 -8.52
CA LEU F 385 27.08 0.24 -8.01
C LEU F 385 25.92 -0.61 -7.50
N GLN F 386 25.59 -1.69 -8.20
CA GLN F 386 24.51 -2.54 -7.75
C GLN F 386 24.85 -3.21 -6.42
N ARG F 387 26.10 -3.64 -6.27
CA ARG F 387 26.51 -4.23 -4.99
C ARG F 387 26.41 -3.20 -3.87
N TYR F 388 26.84 -1.97 -4.13
CA TYR F 388 26.74 -0.91 -3.12
C TYR F 388 25.28 -0.64 -2.76
N LYS F 389 24.39 -0.64 -3.75
CA LYS F 389 22.97 -0.47 -3.49
C LYS F 389 22.44 -1.60 -2.62
N GLU F 390 22.87 -2.83 -2.88
CA GLU F 390 22.37 -3.98 -2.13
C GLU F 390 22.87 -3.97 -0.69
N LEU F 391 24.07 -3.42 -0.46
CA LEU F 391 24.64 -3.45 0.88
C LEU F 391 24.04 -2.42 1.84
N GLN F 392 23.14 -1.56 1.37
CA GLN F 392 22.74 -0.40 2.16
C GLN F 392 22.06 -0.80 3.46
N ASP F 393 21.17 -1.78 3.42
CA ASP F 393 20.43 -2.15 4.62
C ASP F 393 21.34 -2.77 5.68
N ILE F 394 22.26 -3.63 5.26
CA ILE F 394 23.16 -4.24 6.24
C ILE F 394 24.13 -3.20 6.80
N ILE F 395 24.55 -2.23 5.98
CA ILE F 395 25.33 -1.13 6.53
C ILE F 395 24.51 -0.37 7.57
N ALA F 396 23.22 -0.14 7.27
CA ALA F 396 22.38 0.64 8.16
C ALA F 396 22.19 -0.04 9.52
N ILE F 397 21.97 -1.35 9.52
CA ILE F 397 21.61 -2.03 10.75
C ILE F 397 22.83 -2.61 11.48
N LEU F 398 23.76 -3.22 10.77
CA LEU F 398 24.86 -3.93 11.41
C LEU F 398 26.15 -3.12 11.47
N GLY F 399 26.13 -1.87 10.99
CA GLY F 399 27.30 -1.02 11.05
C GLY F 399 28.26 -1.26 9.90
N MET F 400 29.11 -0.27 9.66
CA MET F 400 30.07 -0.36 8.55
C MET F 400 31.19 -1.34 8.87
N ASP F 401 31.65 -1.35 10.12
CA ASP F 401 32.83 -2.13 10.47
C ASP F 401 32.62 -3.64 10.30
N GLU F 402 31.40 -4.13 10.43
CA GLU F 402 31.14 -5.56 10.33
C GLU F 402 31.28 -6.09 8.90
N LEU F 403 31.38 -5.20 7.92
CA LEU F 403 31.56 -5.63 6.54
C LEU F 403 32.89 -6.38 6.37
N SER F 404 32.90 -7.32 5.45
CA SER F 404 34.13 -8.02 5.13
C SER F 404 35.10 -7.09 4.40
N ASP F 405 36.33 -7.56 4.23
CA ASP F 405 37.36 -6.74 3.62
C ASP F 405 37.05 -6.39 2.18
N GLU F 406 36.43 -7.31 1.43
CA GLU F 406 36.12 -7.02 0.03
C GLU F 406 34.98 -6.01 -0.09
N ASP F 407 33.93 -6.17 0.72
CA ASP F 407 32.79 -5.26 0.65
C ASP F 407 33.20 -3.85 1.04
N LYS F 408 34.15 -3.70 1.96
CA LYS F 408 34.65 -2.37 2.29
C LYS F 408 35.28 -1.72 1.08
N LEU F 409 36.08 -2.47 0.31
CA LEU F 409 36.65 -1.93 -0.90
C LEU F 409 35.57 -1.60 -1.92
N VAL F 410 34.53 -2.44 -1.99
CA VAL F 410 33.43 -2.18 -2.92
C VAL F 410 32.77 -0.84 -2.59
N VAL F 411 32.49 -0.60 -1.31
CA VAL F 411 31.87 0.66 -0.91
C VAL F 411 32.82 1.82 -1.18
N HIS F 412 34.10 1.63 -0.86
CA HIS F 412 35.10 2.69 -1.05
C HIS F 412 35.17 3.13 -2.50
N ARG F 413 35.16 2.17 -3.43
CA ARG F 413 35.21 2.52 -4.85
C ARG F 413 33.87 3.05 -5.33
N ALA F 414 32.77 2.49 -4.81
CA ALA F 414 31.45 2.84 -5.31
C ALA F 414 31.08 4.27 -4.99
N ARG F 415 31.41 4.74 -3.80
CA ARG F 415 31.11 6.13 -3.48
C ARG F 415 31.88 7.08 -4.39
N ARG F 416 33.14 6.76 -4.67
CA ARG F 416 33.93 7.62 -5.54
C ARG F 416 33.40 7.63 -6.96
N ILE F 417 32.98 6.47 -7.47
CA ILE F 417 32.38 6.43 -8.81
C ILE F 417 31.08 7.22 -8.84
N GLN F 418 30.25 7.02 -7.81
CA GLN F 418 28.98 7.73 -7.72
C GLN F 418 29.18 9.24 -7.70
N PHE F 419 30.24 9.71 -7.05
CA PHE F 419 30.52 11.15 -7.07
C PHE F 419 31.12 11.59 -8.39
N PHE F 420 31.99 10.78 -8.98
CA PHE F 420 32.64 11.15 -10.23
C PHE F 420 31.66 11.22 -11.38
N LEU F 421 30.53 10.51 -11.29
CA LEU F 421 29.52 10.61 -12.35
C LEU F 421 28.95 12.01 -12.47
N SER F 422 29.03 12.83 -11.42
CA SER F 422 28.55 14.20 -11.50
C SER F 422 29.45 15.04 -12.40
N GLN F 423 28.87 16.08 -12.99
CA GLN F 423 29.61 16.92 -13.92
C GLN F 423 29.05 18.34 -13.86
N ASN F 424 29.94 19.32 -14.05
CA ASN F 424 29.54 20.72 -14.11
C ASN F 424 29.24 21.09 -15.55
N PHE F 425 28.03 21.58 -15.80
CA PHE F 425 27.59 21.86 -17.15
C PHE F 425 27.87 23.32 -17.52
N HIS F 426 27.95 23.58 -18.82
CA HIS F 426 28.16 24.95 -19.29
C HIS F 426 27.00 25.85 -18.90
N VAL F 427 25.76 25.39 -19.09
CA VAL F 427 24.61 26.24 -18.82
C VAL F 427 24.27 26.33 -17.34
N ALA F 428 24.96 25.59 -16.49
CA ALA F 428 24.80 25.73 -15.05
C ALA F 428 25.73 26.79 -14.48
N GLU F 429 26.49 27.48 -15.32
CA GLU F 429 27.30 28.60 -14.86
C GLU F 429 26.44 29.68 -14.21
N GLN F 430 25.19 29.79 -14.65
CA GLN F 430 24.27 30.74 -14.03
C GLN F 430 24.00 30.38 -12.57
N PHE F 431 23.76 29.10 -12.29
CA PHE F 431 23.48 28.69 -10.93
C PHE F 431 24.72 28.69 -10.05
N THR F 432 25.83 28.14 -10.54
CA THR F 432 27.05 28.02 -9.76
C THR F 432 28.21 28.61 -10.55
N GLY F 433 29.17 29.18 -9.83
CA GLY F 433 30.25 29.92 -10.47
C GLY F 433 31.16 29.10 -11.36
N GLN F 434 31.13 27.77 -11.25
CA GLN F 434 32.00 26.93 -12.05
C GLN F 434 31.67 27.08 -13.54
N PRO F 435 32.68 27.19 -14.40
CA PRO F 435 32.41 27.49 -15.81
C PRO F 435 31.89 26.33 -16.64
N GLY F 436 32.16 25.09 -16.25
CA GLY F 436 31.71 23.94 -17.02
C GLY F 436 32.83 23.28 -17.79
N SER F 437 32.54 22.08 -18.29
CA SER F 437 33.55 21.26 -18.95
C SER F 437 32.93 20.36 -19.99
N TYR F 438 33.74 19.95 -20.95
CA TYR F 438 33.36 19.01 -22.00
C TYR F 438 34.36 17.87 -22.01
N VAL F 439 33.88 16.65 -21.85
CA VAL F 439 34.73 15.50 -21.58
C VAL F 439 34.59 14.48 -22.70
N PRO F 440 35.66 14.13 -23.40
CA PRO F 440 35.58 13.07 -24.42
C PRO F 440 35.34 11.70 -23.80
N VAL F 441 34.73 10.83 -24.61
CA VAL F 441 34.40 9.48 -24.17
C VAL F 441 35.66 8.71 -23.79
N LYS F 442 36.74 8.93 -24.53
CA LYS F 442 38.00 8.27 -24.21
C LYS F 442 38.49 8.67 -22.83
N GLU F 443 38.43 9.96 -22.50
CA GLU F 443 38.84 10.40 -21.18
C GLU F 443 37.93 9.84 -20.10
N THR F 444 36.61 9.79 -20.32
CA THR F 444 35.74 9.19 -19.32
C THR F 444 36.12 7.74 -19.08
N VAL F 445 36.35 6.98 -20.16
CA VAL F 445 36.67 5.57 -20.03
C VAL F 445 37.98 5.38 -19.27
N ARG F 446 38.99 6.16 -19.63
CA ARG F 446 40.29 6.03 -18.96
C ARG F 446 40.18 6.39 -17.48
N GLY F 447 39.46 7.46 -17.17
CA GLY F 447 39.33 7.87 -15.78
C GLY F 447 38.60 6.85 -14.93
N PHE F 448 37.49 6.31 -15.47
CA PHE F 448 36.77 5.29 -14.72
C PHE F 448 37.58 4.02 -14.58
N LYS F 449 38.36 3.66 -15.60
CA LYS F 449 39.21 2.48 -15.49
C LYS F 449 40.27 2.66 -14.41
N GLU F 450 40.89 3.85 -14.36
CA GLU F 450 41.87 4.12 -13.31
C GLU F 450 41.24 4.08 -11.93
N ILE F 451 40.02 4.62 -11.80
CA ILE F 451 39.35 4.55 -10.51
C ILE F 451 39.06 3.10 -10.14
N LEU F 452 38.64 2.29 -11.11
CA LEU F 452 38.36 0.88 -10.82
C LEU F 452 39.61 0.12 -10.38
N GLU F 453 40.76 0.40 -11.00
CA GLU F 453 41.96 -0.34 -10.61
C GLU F 453 42.64 0.24 -9.38
N GLY F 454 42.02 1.19 -8.68
CA GLY F 454 42.50 1.63 -7.38
C GLY F 454 43.65 2.60 -7.40
N LYS F 455 43.80 3.41 -8.45
CA LYS F 455 44.85 4.42 -8.45
C LYS F 455 44.56 5.57 -7.50
N TYR F 456 43.30 5.94 -7.31
CA TYR F 456 42.93 7.12 -6.54
C TYR F 456 42.14 6.79 -5.29
N ASP F 457 42.51 5.70 -4.60
CA ASP F 457 41.76 5.31 -3.41
C ASP F 457 42.01 6.26 -2.24
N HIS F 458 43.12 7.00 -2.27
CA HIS F 458 43.50 7.83 -1.13
C HIS F 458 42.94 9.25 -1.19
N LEU F 459 42.31 9.64 -2.29
CA LEU F 459 41.78 10.99 -2.38
C LEU F 459 40.48 11.11 -1.57
N PRO F 460 40.17 12.30 -1.04
CA PRO F 460 38.89 12.47 -0.34
C PRO F 460 37.72 12.38 -1.28
N GLU F 461 36.56 12.00 -0.73
CA GLU F 461 35.38 11.78 -1.55
C GLU F 461 34.95 13.05 -2.26
N ASP F 462 34.98 14.19 -1.57
CA ASP F 462 34.50 15.43 -2.17
C ASP F 462 35.36 15.93 -3.31
N ALA F 463 36.55 15.36 -3.52
CA ALA F 463 37.39 15.79 -4.63
C ALA F 463 36.76 15.46 -5.97
N PHE F 464 35.99 14.39 -6.04
CA PHE F 464 35.43 13.94 -7.32
C PHE F 464 34.19 14.70 -7.74
N ARG F 465 33.54 15.44 -6.83
CA ARG F 465 32.21 15.97 -7.10
C ARG F 465 32.26 17.17 -8.04
N LEU F 466 31.43 17.11 -9.08
CA LEU F 466 31.19 18.24 -9.99
C LEU F 466 32.47 18.75 -10.63
N VAL F 467 33.19 17.83 -11.28
CA VAL F 467 34.35 18.19 -12.09
C VAL F 467 34.27 17.43 -13.41
N GLY F 468 35.21 17.74 -14.30
CA GLY F 468 35.21 17.17 -15.62
C GLY F 468 36.10 15.96 -15.76
N ARG F 469 37.25 16.14 -16.39
CA ARG F 469 38.18 15.05 -16.61
C ARG F 469 38.82 14.61 -15.30
N ILE F 470 39.57 13.51 -15.37
CA ILE F 470 40.12 12.92 -14.16
C ILE F 470 41.19 13.81 -13.53
N GLU F 471 41.93 14.57 -14.34
CA GLU F 471 43.01 15.39 -13.81
C GLU F 471 42.53 16.51 -12.90
N GLU F 472 41.31 17.01 -13.12
CA GLU F 472 40.79 18.05 -12.24
C GLU F 472 40.55 17.51 -10.84
N VAL F 473 40.29 16.22 -10.70
CA VAL F 473 40.19 15.62 -9.37
C VAL F 473 41.53 15.71 -8.66
N VAL F 474 42.62 15.40 -9.36
CA VAL F 474 43.94 15.49 -8.77
C VAL F 474 44.24 16.93 -8.38
N GLU F 475 43.91 17.87 -9.27
CA GLU F 475 44.16 19.28 -8.97
C GLU F 475 43.37 19.76 -7.76
N LYS F 476 42.10 19.34 -7.66
CA LYS F 476 41.27 19.72 -6.53
C LYS F 476 41.81 19.14 -5.23
N ALA F 477 42.24 17.87 -5.26
CA ALA F 477 42.83 17.27 -4.08
C ALA F 477 44.10 18.00 -3.67
N LYS F 478 44.92 18.38 -4.65
CA LYS F 478 46.13 19.16 -4.34
C LYS F 478 45.76 20.49 -3.70
N ALA F 479 44.72 21.14 -4.21
CA ALA F 479 44.27 22.39 -3.61
C ALA F 479 43.80 22.19 -2.18
N MET F 480 43.10 21.10 -1.89
CA MET F 480 42.65 20.80 -0.55
C MET F 480 43.75 20.23 0.35
N GLY F 481 44.92 19.92 -0.20
CA GLY F 481 46.02 19.41 0.58
C GLY F 481 46.08 17.90 0.68
N VAL F 482 45.07 17.19 0.18
CA VAL F 482 44.96 15.72 0.19
C VAL F 482 45.43 15.12 1.53
N ALA G 1 7.81 2.82 -3.63
CA ALA G 1 7.95 1.53 -4.29
C ALA G 1 6.65 0.74 -4.19
N SER G 2 6.72 -0.55 -4.51
CA SER G 2 5.54 -1.40 -4.46
C SER G 2 5.50 -2.19 -3.16
N LEU G 3 4.31 -2.71 -2.85
CA LEU G 3 4.18 -3.63 -1.74
C LEU G 3 5.06 -4.86 -1.94
N ARG G 4 5.13 -5.35 -3.18
CA ARG G 4 6.03 -6.43 -3.53
C ARG G 4 7.48 -6.04 -3.28
N ASP G 5 7.84 -4.78 -3.55
CA ASP G 5 9.18 -4.31 -3.27
C ASP G 5 9.47 -4.31 -1.77
N ILE G 6 8.49 -3.88 -0.97
CA ILE G 6 8.71 -3.67 0.46
C ILE G 6 8.81 -5.01 1.20
N LYS G 7 7.98 -5.99 0.81
CA LYS G 7 7.85 -7.21 1.58
C LYS G 7 9.17 -7.98 1.69
N THR G 8 9.93 -8.04 0.60
CA THR G 8 11.17 -8.80 0.61
C THR G 8 12.15 -8.22 1.61
N ARG G 9 12.30 -6.90 1.62
CA ARG G 9 13.23 -6.25 2.54
C ARG G 9 12.77 -6.40 3.98
N ILE G 10 11.45 -6.32 4.21
CA ILE G 10 10.94 -6.56 5.56
C ILE G 10 11.29 -7.97 6.02
N ASN G 11 11.11 -8.96 5.14
CA ASN G 11 11.43 -10.35 5.48
C ASN G 11 12.91 -10.50 5.83
N ALA G 12 13.78 -9.94 4.99
CA ALA G 12 15.21 -10.06 5.24
C ALA G 12 15.60 -9.43 6.58
N THR G 13 15.07 -8.24 6.86
CA THR G 13 15.40 -7.56 8.11
C THR G 13 14.85 -8.29 9.33
N LYS G 14 13.66 -8.87 9.23
CA LYS G 14 13.13 -9.66 10.35
C LYS G 14 14.00 -10.87 10.62
N LYS G 15 14.45 -11.55 9.56
CA LYS G 15 15.35 -12.69 9.77
C LYS G 15 16.66 -12.25 10.40
N THR G 16 17.18 -11.10 9.98
CA THR G 16 18.40 -10.57 10.59
C THR G 16 18.20 -10.29 12.07
N SER G 17 17.05 -9.70 12.43
CA SER G 17 16.76 -9.45 13.85
C SER G 17 16.72 -10.74 14.63
N GLN G 18 16.08 -11.77 14.08
CA GLN G 18 16.02 -13.07 14.73
C GLN G 18 17.41 -13.61 15.02
N ILE G 19 18.28 -13.60 13.99
CA ILE G 19 19.61 -14.17 14.13
C ILE G 19 20.41 -13.39 15.18
N THR G 20 20.32 -12.06 15.14
CA THR G 20 21.07 -11.25 16.08
C THR G 20 20.62 -11.50 17.51
N LYS G 21 19.30 -11.61 17.74
CA LYS G 21 18.81 -11.89 19.08
C LYS G 21 19.30 -13.25 19.59
N ALA G 22 19.28 -14.26 18.71
CA ALA G 22 19.78 -15.58 19.11
C ALA G 22 21.24 -15.52 19.51
N MET G 23 22.07 -14.83 18.72
CA MET G 23 23.48 -14.72 19.06
C MET G 23 23.67 -13.94 20.36
N GLU G 24 22.84 -12.94 20.61
CA GLU G 24 22.92 -12.20 21.87
C GLU G 24 22.66 -13.12 23.06
N MET G 25 21.64 -13.98 22.95
CA MET G 25 21.36 -14.91 24.04
C MET G 25 22.54 -15.85 24.27
N VAL G 26 23.11 -16.36 23.18
CA VAL G 26 24.25 -17.28 23.32
C VAL G 26 25.42 -16.59 23.99
N SER G 27 25.71 -15.34 23.60
CA SER G 27 26.79 -14.60 24.22
C SER G 27 26.52 -14.34 25.69
N THR G 28 25.25 -14.11 26.06
CA THR G 28 24.91 -13.91 27.47
C THR G 28 25.25 -15.15 28.29
N SER G 29 24.84 -16.32 27.81
CA SER G 29 25.15 -17.55 28.54
C SER G 29 26.67 -17.77 28.60
N LYS G 30 27.36 -17.47 27.49
CA LYS G 30 28.81 -17.62 27.48
C LYS G 30 29.49 -16.71 28.50
N LEU G 31 29.02 -15.47 28.62
CA LEU G 31 29.58 -14.56 29.62
C LEU G 31 29.34 -15.08 31.03
N ASN G 32 28.13 -15.59 31.28
CA ASN G 32 27.83 -16.15 32.60
C ASN G 32 28.78 -17.27 32.94
N ARG G 33 29.05 -18.16 31.98
CA ARG G 33 29.99 -19.25 32.25
C ARG G 33 31.43 -18.76 32.27
N ALA G 34 31.73 -17.62 31.64
CA ALA G 34 33.10 -17.14 31.56
C ALA G 34 33.56 -16.51 32.86
N GLU G 35 32.65 -15.85 33.58
CA GLU G 35 33.06 -15.20 34.82
C GLU G 35 33.50 -16.20 35.90
N GLN G 36 33.02 -17.44 35.83
CA GLN G 36 33.38 -18.44 36.85
C GLN G 36 34.88 -18.72 36.85
N ASN G 37 35.50 -18.79 35.68
CA ASN G 37 36.93 -19.06 35.64
C ASN G 37 37.75 -17.92 36.24
N ALA G 38 37.33 -16.67 36.03
CA ALA G 38 38.00 -15.57 36.70
C ALA G 38 37.85 -15.67 38.22
N LYS G 39 36.65 -16.02 38.68
CA LYS G 39 36.45 -16.25 40.11
C LYS G 39 37.38 -17.33 40.64
N SER G 40 37.56 -18.42 39.89
CA SER G 40 38.44 -19.49 40.33
C SER G 40 39.90 -19.07 40.28
N PHE G 41 40.27 -18.21 39.33
CA PHE G 41 41.66 -17.82 39.14
C PHE G 41 42.13 -16.83 40.20
N VAL G 42 41.25 -15.95 40.67
CA VAL G 42 41.67 -14.91 41.61
C VAL G 42 42.44 -15.47 42.80
N PRO G 43 41.96 -16.50 43.51
CA PRO G 43 42.73 -17.00 44.67
C PRO G 43 44.12 -17.48 44.32
N TYR G 44 44.30 -18.14 43.19
CA TYR G 44 45.62 -18.63 42.82
C TYR G 44 46.60 -17.47 42.63
N MET G 45 46.20 -16.45 41.86
CA MET G 45 47.07 -15.31 41.62
C MET G 45 47.39 -14.61 42.94
N GLU G 46 46.38 -14.41 43.78
CA GLU G 46 46.64 -13.72 45.04
C GLU G 46 47.57 -14.50 45.94
N LYS G 47 47.40 -15.82 46.00
CA LYS G 47 48.24 -16.65 46.86
C LYS G 47 49.67 -16.74 46.35
N ILE G 48 49.88 -16.72 45.03
CA ILE G 48 51.25 -16.66 44.52
C ILE G 48 51.85 -15.29 44.78
N GLN G 49 51.06 -14.23 44.58
CA GLN G 49 51.59 -12.88 44.73
C GLN G 49 51.98 -12.58 46.18
N GLU G 50 51.21 -13.09 47.14
CA GLU G 50 51.53 -12.84 48.53
C GLU G 50 52.82 -13.54 48.95
N VAL G 51 53.10 -14.70 48.38
CA VAL G 51 54.40 -15.34 48.60
C VAL G 51 55.51 -14.54 47.93
N VAL G 52 55.24 -14.02 46.73
CA VAL G 52 56.22 -13.17 46.06
C VAL G 52 56.57 -11.98 46.93
N ALA G 53 55.56 -11.42 47.61
CA ALA G 53 55.70 -10.20 48.41
C ALA G 53 56.82 -10.26 49.43
N ASN G 54 57.27 -11.47 49.80
CA ASN G 54 58.42 -11.57 50.69
C ASN G 54 59.58 -12.32 50.02
N VAL G 55 59.31 -13.25 49.10
CA VAL G 55 60.41 -13.96 48.48
C VAL G 55 61.22 -13.07 47.54
N ALA G 56 60.56 -12.18 46.79
CA ALA G 56 61.20 -11.43 45.73
C ALA G 56 61.71 -10.07 46.20
N LEU G 57 61.75 -9.81 47.50
CA LEU G 57 62.16 -8.51 48.03
C LEU G 57 63.48 -8.64 48.78
N GLY G 58 64.34 -7.63 48.63
CA GLY G 58 65.63 -7.62 49.28
C GLY G 58 66.75 -8.29 48.52
N ALA G 59 66.49 -8.75 47.29
CA ALA G 59 67.47 -9.47 46.50
C ALA G 59 67.61 -8.82 45.13
N GLY G 60 68.77 -9.06 44.51
CA GLY G 60 68.98 -8.54 43.16
C GLY G 60 68.03 -9.16 42.16
N GLY G 61 67.84 -10.47 42.23
CA GLY G 61 66.94 -11.17 41.34
C GLY G 61 67.67 -12.05 40.33
N ALA G 62 66.87 -12.76 39.54
CA ALA G 62 67.35 -13.71 38.56
C ALA G 62 67.27 -13.16 37.13
N SER G 63 67.60 -11.88 36.96
CA SER G 63 67.49 -11.08 35.73
C SER G 63 66.05 -10.68 35.46
N HIS G 64 65.08 -11.18 36.23
CA HIS G 64 63.71 -10.67 36.11
C HIS G 64 63.56 -9.32 36.80
N PRO G 65 63.87 -9.16 38.10
CA PRO G 65 63.70 -7.84 38.72
C PRO G 65 64.98 -7.02 38.68
N MET G 66 66.05 -7.61 38.15
CA MET G 66 67.29 -6.85 37.95
C MET G 66 67.13 -5.72 36.97
N LEU G 67 66.06 -5.73 36.17
CA LEU G 67 65.87 -4.77 35.09
C LEU G 67 67.06 -4.80 34.13
N VAL G 68 67.27 -5.95 33.50
CA VAL G 68 68.33 -6.11 32.52
C VAL G 68 68.15 -5.07 31.43
N SER G 69 66.89 -4.84 31.04
CA SER G 69 66.48 -3.72 30.20
C SER G 69 67.43 -3.49 29.04
N ARG G 70 67.69 -4.52 28.24
CA ARG G 70 68.43 -4.31 27.01
C ARG G 70 67.67 -3.29 26.17
N PRO G 71 68.33 -2.23 25.69
CA PRO G 71 67.57 -1.06 25.22
C PRO G 71 66.55 -1.36 24.15
N VAL G 72 66.98 -1.81 22.98
CA VAL G 72 66.08 -2.16 21.90
C VAL G 72 66.55 -3.44 21.21
N LYS G 73 65.91 -4.56 21.54
CA LYS G 73 66.08 -5.78 20.77
C LYS G 73 64.86 -6.68 20.94
N LYS G 74 63.94 -6.61 19.98
CA LYS G 74 62.72 -7.43 19.95
C LYS G 74 62.10 -7.59 21.34
N THR G 75 61.87 -6.46 22.02
CA THR G 75 61.09 -6.51 23.24
C THR G 75 59.67 -6.97 22.92
N GLY G 76 59.18 -7.91 23.71
CA GLY G 76 57.95 -8.60 23.35
C GLY G 76 56.71 -7.77 23.61
N TYR G 77 55.66 -8.05 22.84
CA TYR G 77 54.36 -7.40 22.99
C TYR G 77 53.28 -8.44 22.78
N LEU G 78 52.32 -8.49 23.70
CA LEU G 78 51.27 -9.50 23.66
C LEU G 78 49.96 -8.88 23.20
N VAL G 79 49.36 -9.48 22.17
CA VAL G 79 48.09 -9.05 21.60
C VAL G 79 47.10 -10.18 21.74
N ILE G 80 45.94 -9.90 22.33
CA ILE G 80 44.91 -10.90 22.57
C ILE G 80 43.63 -10.43 21.87
N THR G 81 43.16 -11.22 20.91
CA THR G 81 41.99 -10.86 20.12
C THR G 81 41.04 -12.05 20.05
N SER G 82 39.86 -11.78 19.50
CA SER G 82 38.87 -12.82 19.30
C SER G 82 39.19 -13.63 18.04
N ASP G 83 38.32 -14.61 17.76
CA ASP G 83 38.42 -15.37 16.51
C ASP G 83 37.27 -15.07 15.56
N ARG G 84 36.09 -14.74 16.07
CA ARG G 84 34.95 -14.38 15.25
C ARG G 84 34.54 -12.94 15.55
N GLY G 85 34.04 -12.26 14.53
CA GLY G 85 33.71 -10.86 14.64
C GLY G 85 32.40 -10.60 15.34
N LEU G 86 31.62 -9.66 14.82
CA LEU G 86 30.30 -9.30 15.35
C LEU G 86 30.45 -8.66 16.73
N ALA G 87 31.66 -8.28 17.09
CA ALA G 87 31.94 -7.68 18.39
C ALA G 87 32.13 -6.17 18.32
N GLY G 88 31.83 -5.54 17.19
CA GLY G 88 32.03 -4.10 17.10
C GLY G 88 33.49 -3.76 16.94
N ALA G 89 33.89 -2.66 17.59
CA ALA G 89 35.28 -2.23 17.52
C ALA G 89 36.17 -2.90 18.57
N TYR G 90 35.73 -4.03 19.12
CA TYR G 90 36.47 -4.69 20.19
C TYR G 90 37.89 -5.06 19.77
N ASN G 91 38.02 -5.76 18.65
CA ASN G 91 39.35 -6.14 18.18
C ASN G 91 40.06 -4.95 17.53
N SER G 92 39.30 -4.06 16.91
CA SER G 92 39.89 -2.91 16.23
C SER G 92 40.62 -2.00 17.21
N ASN G 93 40.03 -1.77 18.38
CA ASN G 93 40.69 -0.92 19.37
C ASN G 93 42.04 -1.50 19.77
N VAL G 94 42.09 -2.80 20.06
CA VAL G 94 43.34 -3.40 20.51
C VAL G 94 44.39 -3.36 19.41
N LEU G 95 44.02 -3.79 18.20
CA LEU G 95 45.00 -3.80 17.12
C LEU G 95 45.47 -2.40 16.77
N ARG G 96 44.54 -1.44 16.76
CA ARG G 96 44.88 -0.06 16.44
C ARG G 96 45.86 0.50 17.47
N LEU G 97 45.53 0.36 18.75
CA LEU G 97 46.42 0.88 19.79
C LEU G 97 47.77 0.19 19.75
N VAL G 98 47.81 -1.13 19.57
CA VAL G 98 49.09 -1.83 19.53
C VAL G 98 49.93 -1.33 18.37
N TYR G 99 49.32 -1.23 17.18
CA TYR G 99 50.07 -0.79 16.00
C TYR G 99 50.60 0.61 16.21
N GLN G 100 49.76 1.53 16.68
CA GLN G 100 50.20 2.91 16.83
C GLN G 100 51.31 3.04 17.85
N THR G 101 51.15 2.43 19.04
CA THR G 101 52.16 2.58 20.06
C THR G 101 53.46 1.90 19.65
N ILE G 102 53.39 0.75 18.97
CA ILE G 102 54.60 0.03 18.61
C ILE G 102 55.32 0.75 17.47
N GLN G 103 54.58 1.35 16.55
CA GLN G 103 55.20 2.16 15.51
C GLN G 103 55.79 3.45 16.05
N LYS G 104 55.21 4.00 17.13
CA LYS G 104 55.78 5.20 17.72
C LYS G 104 57.05 4.88 18.51
N ARG G 105 57.07 3.77 19.24
CA ARG G 105 58.20 3.49 20.11
C ARG G 105 59.29 2.69 19.41
N HIS G 106 58.99 2.04 18.28
CA HIS G 106 59.96 1.19 17.61
C HIS G 106 59.91 1.43 16.10
N ALA G 107 61.07 1.27 15.46
CA ALA G 107 61.17 1.59 14.04
C ALA G 107 62.01 0.60 13.23
N SER G 108 62.46 -0.51 13.81
CA SER G 108 63.24 -1.49 13.06
C SER G 108 62.71 -2.89 13.36
N PRO G 109 62.41 -3.69 12.33
CA PRO G 109 61.89 -5.05 12.56
C PRO G 109 62.69 -5.86 13.56
N ASP G 110 64.00 -5.62 13.70
CA ASP G 110 64.79 -6.33 14.70
C ASP G 110 64.45 -5.87 16.11
N GLU G 111 64.03 -4.62 16.26
CA GLU G 111 63.57 -4.11 17.54
C GLU G 111 62.14 -4.57 17.85
N TYR G 112 61.42 -5.02 16.82
CA TYR G 112 60.02 -5.39 16.99
C TYR G 112 59.90 -6.85 17.44
N ALA G 113 58.80 -7.13 18.15
CA ALA G 113 58.48 -8.49 18.56
C ALA G 113 57.02 -8.54 19.00
N ILE G 114 56.26 -9.44 18.40
CA ILE G 114 54.83 -9.55 18.65
C ILE G 114 54.46 -11.00 18.88
N ILE G 115 53.58 -11.22 19.86
CA ILE G 115 52.94 -12.52 20.07
C ILE G 115 51.43 -12.27 20.09
N VAL G 116 50.70 -13.03 19.28
CA VAL G 116 49.31 -12.75 18.99
C VAL G 116 48.47 -13.98 19.32
N ILE G 117 47.25 -13.74 19.79
CA ILE G 117 46.30 -14.78 20.16
C ILE G 117 44.99 -14.50 19.43
N GLY G 118 44.43 -15.55 18.82
CA GLY G 118 43.20 -15.39 18.06
C GLY G 118 43.44 -15.29 16.58
N ARG G 119 42.40 -15.56 15.78
CA ARG G 119 42.58 -15.59 14.33
C ARG G 119 42.65 -14.19 13.73
N VAL G 120 41.85 -13.26 14.24
CA VAL G 120 41.70 -11.97 13.57
C VAL G 120 43.00 -11.16 13.66
N GLY G 121 43.75 -11.34 14.74
CA GLY G 121 45.04 -10.67 14.82
C GLY G 121 45.99 -11.09 13.71
N LEU G 122 46.06 -12.40 13.45
CA LEU G 122 46.87 -12.90 12.34
C LEU G 122 46.31 -12.41 11.00
N SER G 123 44.98 -12.44 10.86
CA SER G 123 44.37 -12.01 9.60
C SER G 123 44.64 -10.54 9.31
N PHE G 124 44.81 -9.71 10.34
CA PHE G 124 45.15 -8.32 10.16
C PHE G 124 46.65 -8.11 9.95
N PHE G 125 47.48 -8.84 10.69
CA PHE G 125 48.92 -8.70 10.52
C PHE G 125 49.38 -9.26 9.18
N ARG G 126 48.56 -10.09 8.54
CA ARG G 126 48.85 -10.49 7.16
C ARG G 126 48.59 -9.32 6.20
N LYS G 127 47.58 -8.51 6.50
CA LYS G 127 47.41 -7.26 5.76
C LYS G 127 48.58 -6.33 6.00
N ARG G 128 49.12 -6.34 7.21
CA ARG G 128 50.36 -5.63 7.50
C ARG G 128 51.55 -6.56 7.22
N ASN G 129 52.74 -6.21 7.69
CA ASN G 129 53.95 -7.00 7.42
C ASN G 129 54.76 -7.24 8.68
N MET G 130 54.10 -7.34 9.83
CA MET G 130 54.79 -7.41 11.11
C MET G 130 55.41 -8.79 11.31
N PRO G 131 56.52 -8.87 12.06
CA PRO G 131 57.20 -10.17 12.30
C PRO G 131 56.58 -10.97 13.44
N VAL G 132 55.57 -11.78 13.11
CA VAL G 132 54.95 -12.65 14.12
C VAL G 132 55.89 -13.80 14.42
N ILE G 133 55.97 -14.18 15.70
CA ILE G 133 56.84 -15.27 16.11
C ILE G 133 56.06 -16.56 16.35
N LEU G 134 54.92 -16.48 17.04
CA LEU G 134 54.11 -17.64 17.33
C LEU G 134 52.69 -17.18 17.55
N ASP G 135 51.76 -18.13 17.65
CA ASP G 135 50.35 -17.79 17.77
C ASP G 135 49.56 -18.95 18.34
N ILE G 136 48.36 -18.63 18.84
CA ILE G 136 47.34 -19.61 19.18
C ILE G 136 46.10 -19.26 18.37
N THR G 137 45.70 -20.16 17.47
CA THR G 137 44.64 -19.82 16.53
C THR G 137 43.25 -19.81 17.17
N ARG G 138 42.95 -20.75 18.07
CA ARG G 138 41.63 -20.81 18.68
C ARG G 138 41.77 -21.20 20.15
N LEU G 139 40.77 -20.82 20.94
CA LEU G 139 40.71 -21.15 22.35
C LEU G 139 39.25 -21.42 22.69
N PRO G 140 38.95 -22.49 23.42
CA PRO G 140 37.57 -22.77 23.82
C PRO G 140 37.01 -21.63 24.66
N ASP G 141 35.70 -21.43 24.53
CA ASP G 141 35.01 -20.30 25.16
C ASP G 141 35.17 -20.28 26.68
N GLN G 142 35.68 -21.35 27.28
CA GLN G 142 35.98 -21.40 28.70
C GLN G 142 37.43 -21.86 28.86
N PRO G 143 38.39 -20.98 28.59
CA PRO G 143 39.80 -21.40 28.56
C PRO G 143 40.35 -21.61 29.97
N SER G 144 41.04 -22.72 30.16
CA SER G 144 41.74 -22.98 31.41
C SER G 144 43.18 -22.51 31.31
N PHE G 145 43.87 -22.51 32.46
CA PHE G 145 45.30 -22.20 32.45
C PHE G 145 46.06 -23.22 31.63
N ALA G 146 45.70 -24.50 31.76
CA ALA G 146 46.39 -25.54 30.99
C ALA G 146 46.20 -25.36 29.49
N ASP G 147 45.12 -24.72 29.07
CA ASP G 147 44.90 -24.51 27.64
C ASP G 147 45.96 -23.60 27.03
N ILE G 148 46.35 -22.54 27.74
CA ILE G 148 47.36 -21.61 27.25
C ILE G 148 48.72 -21.86 27.88
N LYS G 149 48.85 -22.89 28.72
CA LYS G 149 50.02 -23.05 29.57
C LYS G 149 51.29 -23.27 28.76
N GLU G 150 51.21 -24.10 27.72
CA GLU G 150 52.42 -24.40 26.95
C GLU G 150 52.94 -23.18 26.21
N ILE G 151 52.04 -22.37 25.62
CA ILE G 151 52.49 -21.17 24.94
C ILE G 151 52.97 -20.12 25.93
N ALA G 152 52.34 -20.03 27.10
CA ALA G 152 52.85 -19.14 28.13
C ALA G 152 54.25 -19.55 28.55
N ARG G 153 54.48 -20.85 28.70
CA ARG G 153 55.81 -21.36 29.04
C ARG G 153 56.82 -21.03 27.95
N LYS G 154 56.42 -21.20 26.68
CA LYS G 154 57.32 -20.87 25.58
C LYS G 154 57.70 -19.39 25.62
N THR G 155 56.71 -18.51 25.80
CA THR G 155 57.00 -17.09 25.80
C THR G 155 57.86 -16.69 26.99
N VAL G 156 57.59 -17.25 28.17
CA VAL G 156 58.40 -16.90 29.33
C VAL G 156 59.81 -17.44 29.18
N GLY G 157 59.97 -18.63 28.60
CA GLY G 157 61.30 -19.12 28.30
C GLY G 157 62.05 -18.26 27.30
N LEU G 158 61.36 -17.74 26.28
CA LEU G 158 61.99 -16.81 25.36
C LEU G 158 62.42 -15.53 26.07
N PHE G 159 61.60 -15.05 27.01
CA PHE G 159 62.07 -13.96 27.87
C PHE G 159 63.33 -14.36 28.62
N ALA G 160 63.38 -15.58 29.11
CA ALA G 160 64.57 -16.09 29.75
C ALA G 160 65.69 -16.30 28.73
N ASP G 161 66.89 -16.54 29.25
CA ASP G 161 68.08 -16.79 28.44
C ASP G 161 68.45 -15.58 27.58
N GLY G 162 67.93 -14.41 27.94
CA GLY G 162 68.31 -13.17 27.29
C GLY G 162 67.81 -12.97 25.88
N THR G 163 66.99 -13.88 25.36
CA THR G 163 66.47 -13.72 24.01
C THR G 163 65.46 -12.60 23.90
N PHE G 164 64.64 -12.38 24.93
CA PHE G 164 63.64 -11.33 24.92
C PHE G 164 63.88 -10.40 26.09
N ASP G 165 63.77 -9.10 25.83
CA ASP G 165 64.13 -8.11 26.84
C ASP G 165 63.08 -7.99 27.92
N GLU G 166 61.86 -7.63 27.53
CA GLU G 166 60.75 -7.45 28.46
C GLU G 166 59.46 -7.51 27.66
N LEU G 167 58.35 -7.70 28.37
CA LEU G 167 57.07 -7.99 27.74
C LEU G 167 56.00 -7.02 28.22
N TYR G 168 55.12 -6.65 27.30
CA TYR G 168 53.91 -5.89 27.57
C TYR G 168 52.73 -6.65 26.98
N MET G 169 51.62 -6.70 27.73
CA MET G 169 50.40 -7.31 27.22
C MET G 169 49.36 -6.24 26.96
N TYR G 170 48.71 -6.33 25.81
CA TYR G 170 47.70 -5.36 25.41
C TYR G 170 46.39 -6.11 25.20
N TYR G 171 45.39 -5.76 25.99
CA TYR G 171 44.13 -6.49 25.98
C TYR G 171 43.05 -5.58 26.53
N ASN G 172 41.80 -6.06 26.44
CA ASN G 172 40.67 -5.26 26.87
C ASN G 172 40.22 -5.63 28.27
N HIS G 173 40.04 -4.61 29.11
CA HIS G 173 39.33 -4.77 30.37
C HIS G 173 37.89 -4.31 30.17
N TYR G 174 37.07 -4.54 31.17
CA TYR G 174 35.70 -4.06 31.15
C TYR G 174 35.40 -3.32 32.46
N VAL G 175 34.99 -2.06 32.33
CA VAL G 175 34.49 -1.32 33.49
C VAL G 175 33.24 -1.99 34.03
N SER G 176 32.36 -2.45 33.14
CA SER G 176 31.16 -3.17 33.53
C SER G 176 30.84 -4.16 32.42
N ALA G 177 29.64 -4.75 32.51
CA ALA G 177 29.19 -5.64 31.46
C ALA G 177 28.86 -4.90 30.17
N ILE G 178 28.74 -3.57 30.23
CA ILE G 178 28.34 -2.77 29.08
C ILE G 178 29.49 -1.95 28.51
N GLN G 179 30.58 -1.78 29.26
CA GLN G 179 31.71 -0.97 28.80
C GLN G 179 32.99 -1.78 28.92
N GLN G 180 33.77 -1.81 27.83
CA GLN G 180 35.03 -2.54 27.76
C GLN G 180 36.09 -1.64 27.14
N GLU G 181 37.27 -1.58 27.76
CA GLU G 181 38.30 -0.66 27.33
C GLU G 181 39.68 -1.29 27.46
N VAL G 182 40.67 -0.63 26.87
CA VAL G 182 42.00 -1.21 26.70
C VAL G 182 42.89 -0.87 27.88
N THR G 183 43.76 -1.80 28.26
CA THR G 183 44.90 -1.54 29.13
C THR G 183 46.16 -2.17 28.57
N GLU G 184 47.30 -1.62 29.00
CA GLU G 184 48.60 -2.18 28.74
C GLU G 184 49.42 -2.09 30.02
N ARG G 185 50.32 -3.06 30.21
CA ARG G 185 51.14 -3.05 31.41
C ARG G 185 52.47 -3.71 31.12
N LYS G 186 53.51 -3.24 31.80
CA LYS G 186 54.86 -3.74 31.60
C LYS G 186 55.10 -4.90 32.55
N LEU G 187 55.29 -6.10 31.99
CA LEU G 187 55.07 -7.31 32.78
C LEU G 187 56.29 -7.90 33.45
N LEU G 188 57.28 -8.34 32.68
CA LEU G 188 58.33 -9.19 33.24
C LEU G 188 59.24 -8.52 34.27
N PRO G 189 59.78 -7.32 34.07
CA PRO G 189 60.70 -6.76 35.06
C PRO G 189 60.10 -6.53 36.44
N LEU G 190 58.77 -6.38 36.56
CA LEU G 190 58.10 -6.31 37.86
C LEU G 190 58.65 -5.15 38.71
N THR G 191 58.38 -3.93 38.25
CA THR G 191 58.90 -2.74 38.93
C THR G 191 58.18 -2.42 40.24
N ASP G 192 57.03 -3.02 40.51
CA ASP G 192 56.24 -2.68 41.68
C ASP G 192 55.88 -3.91 42.52
N LEU G 193 55.95 -3.75 43.83
CA LEU G 193 55.58 -4.77 44.81
C LEU G 193 55.34 -4.08 46.15
N ALA G 194 54.92 -4.87 47.14
CA ALA G 194 54.72 -4.40 48.50
C ALA G 194 55.49 -5.31 49.45
N GLU G 195 55.84 -4.77 50.63
CA GLU G 195 56.75 -5.43 51.55
C GLU G 195 56.05 -5.85 52.83
N ASN G 196 56.12 -7.15 53.13
CA ASN G 196 55.69 -7.71 54.40
C ASN G 196 56.49 -8.99 54.62
N LYS G 197 56.90 -9.23 55.87
CA LYS G 197 57.75 -10.37 56.21
C LYS G 197 57.11 -11.18 57.33
N GLN G 198 56.69 -12.41 57.01
CA GLN G 198 56.07 -13.30 57.98
C GLN G 198 56.97 -14.48 58.32
N ARG G 199 57.39 -15.24 57.31
CA ARG G 199 58.37 -16.31 57.45
C ARG G 199 59.57 -16.01 56.56
N THR G 200 60.03 -14.77 56.60
CA THR G 200 61.03 -14.32 55.63
C THR G 200 62.39 -14.97 55.88
N VAL G 201 62.64 -15.41 57.12
CA VAL G 201 63.95 -15.97 57.42
C VAL G 201 64.14 -17.32 56.75
N TYR G 202 63.15 -18.21 56.86
CA TYR G 202 63.26 -19.56 56.31
C TYR G 202 61.92 -19.98 55.70
N GLU G 203 61.73 -19.64 54.43
CA GLU G 203 60.78 -20.30 53.54
C GLU G 203 61.51 -21.02 52.43
N PHE G 204 62.84 -21.11 52.54
CA PHE G 204 63.74 -21.32 51.42
C PHE G 204 64.46 -22.65 51.65
N GLU G 205 63.79 -23.75 51.35
CA GLU G 205 64.30 -25.06 51.75
C GLU G 205 65.46 -25.52 50.87
N PRO G 206 65.38 -25.45 49.53
CA PRO G 206 66.61 -25.62 48.75
C PRO G 206 67.57 -24.45 48.92
N SER G 207 67.10 -23.22 48.69
CA SER G 207 67.86 -22.00 48.90
C SER G 207 67.00 -20.80 48.59
N GLN G 208 67.55 -19.60 48.77
CA GLN G 208 66.79 -18.39 48.45
C GLN G 208 66.67 -18.20 46.94
N GLU G 209 67.77 -18.39 46.21
CA GLU G 209 67.79 -18.08 44.79
C GLU G 209 67.05 -19.15 43.98
N GLU G 210 67.27 -20.43 44.30
CA GLU G 210 66.81 -21.51 43.42
C GLU G 210 65.30 -21.53 43.31
N ILE G 211 64.58 -21.40 44.42
CA ILE G 211 63.13 -21.44 44.35
C ILE G 211 62.59 -20.23 43.58
N LEU G 212 63.25 -19.08 43.72
CA LEU G 212 62.82 -17.89 42.99
C LEU G 212 63.01 -18.08 41.49
N ASP G 213 64.11 -18.70 41.08
CA ASP G 213 64.42 -18.85 39.66
C ASP G 213 63.31 -19.57 38.90
N VAL G 214 62.61 -20.50 39.56
CA VAL G 214 61.50 -21.20 38.93
C VAL G 214 60.15 -20.61 39.31
N LEU G 215 60.04 -19.94 40.46
CA LEU G 215 58.77 -19.33 40.85
C LEU G 215 58.41 -18.16 39.94
N LEU G 216 59.41 -17.37 39.52
CA LEU G 216 59.10 -16.21 38.70
C LEU G 216 58.44 -16.55 37.36
N PRO G 217 58.92 -17.51 36.57
CA PRO G 217 58.23 -17.81 35.30
C PRO G 217 56.78 -18.21 35.48
N GLN G 218 56.49 -19.00 36.51
CA GLN G 218 55.12 -19.41 36.76
C GLN G 218 54.25 -18.22 37.12
N TYR G 219 54.81 -17.27 37.86
CA TYR G 219 54.09 -16.04 38.19
C TYR G 219 53.75 -15.26 36.92
N ALA G 220 54.73 -15.12 36.02
CA ALA G 220 54.47 -14.41 34.77
C ALA G 220 53.40 -15.11 33.93
N GLU G 221 53.43 -16.44 33.90
CA GLU G 221 52.40 -17.19 33.19
C GLU G 221 51.02 -16.93 33.79
N SER G 222 50.95 -16.89 35.13
CA SER G 222 49.68 -16.57 35.79
C SER G 222 49.18 -15.18 35.40
N LEU G 223 50.08 -14.20 35.32
CA LEU G 223 49.68 -12.86 34.90
C LEU G 223 49.11 -12.88 33.49
N ILE G 224 49.78 -13.56 32.57
CA ILE G 224 49.28 -13.63 31.20
C ILE G 224 47.90 -14.30 31.17
N TYR G 225 47.72 -15.36 31.96
CA TYR G 225 46.44 -16.06 31.99
C TYR G 225 45.33 -15.16 32.52
N GLY G 226 45.62 -14.37 33.55
CA GLY G 226 44.62 -13.43 34.05
C GLY G 226 44.23 -12.41 33.00
N ALA G 227 45.22 -11.89 32.28
CA ALA G 227 44.91 -10.96 31.19
C ALA G 227 44.03 -11.63 30.14
N LEU G 228 44.30 -12.91 29.85
CA LEU G 228 43.48 -13.65 28.90
C LEU G 228 42.04 -13.75 29.36
N LEU G 229 41.84 -14.06 30.65
CA LEU G 229 40.48 -14.16 31.17
C LEU G 229 39.74 -12.84 31.07
N ASP G 230 40.43 -11.74 31.39
CA ASP G 230 39.78 -10.43 31.25
C ASP G 230 39.45 -10.14 29.78
N ALA G 231 40.33 -10.52 28.86
CA ALA G 231 40.05 -10.30 27.44
C ALA G 231 38.83 -11.09 26.99
N LYS G 232 38.71 -12.34 27.44
CA LYS G 232 37.56 -13.16 27.06
C LYS G 232 36.27 -12.57 27.59
N ALA G 233 36.27 -12.13 28.85
CA ALA G 233 35.08 -11.50 29.41
C ALA G 233 34.71 -10.25 28.64
N SER G 234 35.71 -9.42 28.30
CA SER G 234 35.44 -8.23 27.51
C SER G 234 34.85 -8.59 26.15
N GLU G 235 35.35 -9.66 25.52
CA GLU G 235 34.84 -10.07 24.21
C GLU G 235 33.37 -10.45 24.29
N HIS G 236 33.03 -11.28 25.28
CA HIS G 236 31.63 -11.70 25.38
C HIS G 236 30.71 -10.53 25.70
N ALA G 237 31.13 -9.62 26.58
CA ALA G 237 30.32 -8.43 26.85
C ALA G 237 30.16 -7.58 25.59
N ALA G 238 31.23 -7.44 24.81
CA ALA G 238 31.19 -6.63 23.60
C ALA G 238 30.22 -7.22 22.60
N ARG G 239 30.24 -8.55 22.42
CA ARG G 239 29.28 -9.15 21.50
C ARG G 239 27.86 -9.02 22.00
N MET G 240 27.65 -9.13 23.32
CA MET G 240 26.32 -8.86 23.88
C MET G 240 25.81 -7.49 23.45
N THR G 241 26.59 -6.44 23.74
CA THR G 241 26.09 -5.09 23.47
C THR G 241 25.97 -4.83 21.97
N ALA G 242 26.89 -5.39 21.18
CA ALA G 242 26.83 -5.21 19.73
C ALA G 242 25.57 -5.82 19.15
N MET G 243 25.25 -7.05 19.53
CA MET G 243 24.03 -7.68 19.04
C MET G 243 22.79 -6.96 19.54
N LYS G 244 22.82 -6.46 20.78
CA LYS G 244 21.67 -5.71 21.28
C LYS G 244 21.40 -4.47 20.42
N ASN G 245 22.45 -3.70 20.14
CA ASN G 245 22.25 -2.50 19.33
C ASN G 245 21.86 -2.85 17.91
N ALA G 246 22.42 -3.94 17.35
CA ALA G 246 22.05 -4.35 16.01
C ALA G 246 20.57 -4.72 15.93
N THR G 247 20.08 -5.47 16.91
CA THR G 247 18.68 -5.83 16.94
C THR G 247 17.80 -4.59 17.10
N ASP G 248 18.22 -3.64 17.93
CA ASP G 248 17.46 -2.41 18.08
C ASP G 248 17.36 -1.65 16.76
N ASN G 249 18.48 -1.50 16.05
CA ASN G 249 18.45 -0.79 14.77
C ASN G 249 17.60 -1.52 13.75
N ALA G 250 17.69 -2.86 13.72
CA ALA G 250 16.88 -3.63 12.79
C ALA G 250 15.39 -3.46 13.09
N ASN G 251 15.03 -3.41 14.38
CA ASN G 251 13.63 -3.17 14.73
C ASN G 251 13.18 -1.78 14.31
N GLU G 252 14.05 -0.78 14.43
CA GLU G 252 13.71 0.55 13.91
C GLU G 252 13.45 0.51 12.41
N LEU G 253 14.29 -0.21 11.67
CA LEU G 253 14.07 -0.35 10.23
C LEU G 253 12.75 -1.06 9.95
N ILE G 254 12.43 -2.09 10.73
CA ILE G 254 11.14 -2.75 10.61
C ILE G 254 10.01 -1.75 10.76
N ARG G 255 10.10 -0.89 11.78
CA ARG G 255 9.03 0.06 12.04
C ARG G 255 8.84 1.02 10.87
N THR G 256 9.95 1.55 10.34
CA THR G 256 9.85 2.48 9.22
C THR G 256 9.28 1.81 7.97
N LEU G 257 9.81 0.64 7.62
CA LEU G 257 9.34 -0.04 6.42
C LEU G 257 7.88 -0.44 6.54
N THR G 258 7.46 -0.86 7.74
CA THR G 258 6.08 -1.24 7.95
C THR G 258 5.15 -0.05 7.79
N LEU G 259 5.53 1.12 8.33
CA LEU G 259 4.65 2.28 8.14
C LEU G 259 4.54 2.62 6.65
N SER G 260 5.67 2.56 5.93
CA SER G 260 5.63 2.88 4.51
C SER G 260 4.73 1.92 3.73
N TYR G 261 4.87 0.62 4.01
CA TYR G 261 4.06 -0.38 3.33
C TYR G 261 2.56 -0.16 3.61
N ASN G 262 2.22 0.05 4.87
CA ASN G 262 0.82 0.23 5.23
C ASN G 262 0.24 1.47 4.59
N ARG G 263 1.05 2.54 4.49
CA ARG G 263 0.53 3.75 3.86
C ARG G 263 0.40 3.62 2.35
N ALA G 264 1.27 2.82 1.72
CA ALA G 264 1.18 2.68 0.26
C ALA G 264 -0.01 1.81 -0.14
N ARG G 265 -0.24 0.72 0.61
CA ARG G 265 -1.33 -0.17 0.25
C ARG G 265 -2.68 0.52 0.32
N GLN G 266 -2.86 1.44 1.28
CA GLN G 266 -4.12 2.16 1.37
C GLN G 266 -4.37 3.05 0.15
N ALA G 267 -3.31 3.70 -0.35
CA ALA G 267 -3.45 4.50 -1.56
C ALA G 267 -3.81 3.63 -2.76
N ALA G 268 -3.19 2.45 -2.85
CA ALA G 268 -3.57 1.53 -3.92
C ALA G 268 -5.04 1.14 -3.82
N ILE G 269 -5.51 0.85 -2.61
CA ILE G 269 -6.89 0.42 -2.44
C ILE G 269 -7.86 1.54 -2.80
N THR G 270 -7.57 2.76 -2.36
CA THR G 270 -8.49 3.85 -2.71
C THR G 270 -8.45 4.16 -4.20
N GLN G 271 -7.31 3.93 -4.86
CA GLN G 271 -7.27 4.06 -6.31
C GLN G 271 -8.20 3.05 -6.96
N GLU G 272 -8.18 1.81 -6.48
CA GLU G 272 -9.07 0.79 -7.02
C GLU G 272 -10.53 1.17 -6.81
N ILE G 273 -10.86 1.67 -5.63
CA ILE G 273 -12.24 2.07 -5.35
C ILE G 273 -12.67 3.21 -6.26
N THR G 274 -11.77 4.19 -6.47
CA THR G 274 -12.08 5.28 -7.39
C THR G 274 -12.34 4.78 -8.79
N GLU G 275 -11.52 3.83 -9.26
CA GLU G 275 -11.75 3.25 -10.58
C GLU G 275 -13.12 2.60 -10.67
N ILE G 276 -13.50 1.82 -9.65
CA ILE G 276 -14.80 1.15 -9.68
C ILE G 276 -15.92 2.17 -9.74
N VAL G 277 -15.84 3.20 -8.89
CA VAL G 277 -16.91 4.18 -8.81
C VAL G 277 -17.05 4.94 -10.13
N ALA G 278 -15.92 5.34 -10.72
CA ALA G 278 -15.95 6.05 -11.99
C ALA G 278 -16.51 5.17 -13.10
N GLY G 279 -16.11 3.89 -13.13
CA GLY G 279 -16.64 3.00 -14.15
C GLY G 279 -18.14 2.83 -14.03
N ALA G 280 -18.63 2.71 -12.80
CA ALA G 280 -20.08 2.64 -12.59
C ALA G 280 -20.76 3.93 -13.04
N ASN G 281 -20.17 5.08 -12.69
CA ASN G 281 -20.79 6.37 -13.02
C ASN G 281 -20.84 6.61 -14.52
N ALA G 282 -19.86 6.09 -15.27
CA ALA G 282 -19.84 6.32 -16.71
C ALA G 282 -21.06 5.75 -17.42
N LEU G 283 -21.71 4.73 -16.85
CA LEU G 283 -22.93 4.18 -17.41
C LEU G 283 -24.16 4.76 -16.73
PG ATP H . -14.38 -22.00 13.98
O1G ATP H . -15.80 -22.25 14.36
O2G ATP H . -14.09 -20.54 13.63
O3G ATP H . -13.86 -22.89 12.86
PB ATP H . -13.06 -21.70 16.63
O1B ATP H . -14.20 -21.01 17.23
O2B ATP H . -11.78 -20.88 16.46
O3B ATP H . -13.42 -22.29 15.22
PA ATP H . -13.32 -24.42 17.72
O1A ATP H . -13.33 -24.73 19.16
O2A ATP H . -14.70 -24.41 17.05
O3A ATP H . -12.67 -23.02 17.44
O5' ATP H . -12.41 -25.41 16.90
C5' ATP H . -10.99 -25.51 17.19
C4' ATP H . -10.68 -26.96 17.46
O4' ATP H . -10.04 -27.08 18.75
C3' ATP H . -11.90 -27.88 17.51
O3' ATP H . -11.60 -29.16 16.96
C2' ATP H . -12.19 -27.97 19.01
O2' ATP H . -12.84 -29.19 19.35
C1' ATP H . -10.78 -27.94 19.59
N9 ATP H . -10.71 -27.43 20.95
C8 ATP H . -11.28 -26.28 21.44
N7 ATP H . -11.06 -26.08 22.72
C5 ATP H . -10.28 -27.16 23.09
C6 ATP H . -9.71 -27.54 24.32
N6 ATP H . -9.83 -26.82 25.45
N1 ATP H . -8.99 -28.68 24.36
C2 ATP H . -8.86 -29.40 23.24
N3 ATP H . -9.36 -29.14 22.03
C4 ATP H . -10.06 -28.01 22.02
MG MG I . -17.74 -22.03 15.07
PG ATP J . -0.58 27.20 9.07
O1G ATP J . -0.47 25.84 8.48
O2G ATP J . -1.03 28.28 8.07
O3G ATP J . -1.46 27.27 10.31
PB ATP J . 2.04 28.64 9.08
O1B ATP J . 3.10 27.86 8.40
O2B ATP J . 1.42 29.76 8.28
O3B ATP J . 0.85 27.71 9.57
PA ATP J . 2.58 30.70 11.13
O1A ATP J . 3.17 31.71 10.23
O2A ATP J . 1.16 31.01 11.59
O3A ATP J . 2.55 29.27 10.45
O5' ATP J . 3.49 30.48 12.40
C5' ATP J . 3.24 29.39 13.31
C4' ATP J . 4.01 29.61 14.59
O4' ATP J . 5.43 29.47 14.32
C3' ATP J . 3.82 30.98 15.24
O3' ATP J . 3.74 30.85 16.66
C2' ATP J . 5.08 31.74 14.82
O2' ATP J . 5.46 32.74 15.76
C1' ATP J . 6.12 30.62 14.77
N9 ATP J . 7.21 30.89 13.85
C8 ATP J . 7.33 30.46 12.55
N7 ATP J . 8.43 30.85 11.95
C5 ATP J . 9.08 31.60 12.92
C6 ATP J . 10.29 32.30 12.93
N6 ATP J . 11.13 32.36 11.87
N1 ATP J . 10.66 32.95 14.06
C2 ATP J . 9.85 32.88 15.12
N3 ATP J . 8.67 32.26 15.23
C4 ATP J . 8.34 31.63 14.10
MG MG K . -1.81 30.32 7.65
MG MG L . 11.54 -6.92 -25.51
PG ATP M . 12.14 -4.26 -24.08
O1G ATP M . 11.42 -5.00 -25.16
O2G ATP M . 12.76 -2.94 -24.55
O3G ATP M . 11.27 -3.99 -22.86
PB ATP M . 13.77 -6.62 -23.30
O1B ATP M . 13.43 -7.08 -21.95
O2B ATP M . 13.17 -7.42 -24.45
O3B ATP M . 13.36 -5.12 -23.53
PA ATP M . 16.36 -7.15 -24.60
O1A ATP M . 16.10 -8.59 -24.86
O2A ATP M . 16.31 -6.24 -25.82
O3A ATP M . 15.34 -6.58 -23.55
O5' ATP M . 17.75 -6.95 -23.89
C5' ATP M . 18.05 -5.73 -23.18
C4' ATP M . 19.51 -5.40 -23.34
O4' ATP M . 20.31 -6.34 -22.59
C3' ATP M . 20.05 -5.45 -24.78
O3' ATP M . 20.97 -4.40 -25.02
C2' ATP M . 20.72 -6.81 -24.86
O2' ATP M . 21.79 -6.80 -25.79
C1' ATP M . 21.25 -6.97 -23.44
N9 ATP M . 21.38 -8.37 -23.01
C8 ATP M . 20.36 -9.23 -22.69
N7 ATP M . 20.78 -10.43 -22.34
C5 ATP M . 22.16 -10.34 -22.45
C6 ATP M . 23.18 -11.28 -22.23
N6 ATP M . 22.97 -12.54 -21.82
N1 ATP M . 24.46 -10.88 -22.42
C2 ATP M . 24.68 -9.63 -22.83
N3 ATP M . 23.79 -8.66 -23.08
C4 ATP M . 22.54 -9.08 -22.86
MG MG N . -2.25 -28.89 -10.57
P PO4 O . -1.83 -25.48 -10.24
O1 PO4 O . -0.34 -25.27 -10.45
O2 PO4 O . -2.15 -26.95 -10.31
O3 PO4 O . -2.58 -24.74 -11.31
O4 PO4 O . -2.21 -24.95 -8.90
PB ADP P . 0.66 -28.64 -9.26
O1B ADP P . 0.65 -28.02 -7.89
O2B ADP P . 1.06 -27.71 -10.37
O3B ADP P . -0.55 -29.49 -9.58
PA ADP P . 2.01 -30.79 -10.34
O1A ADP P . 1.58 -32.13 -9.79
O2A ADP P . 1.37 -30.25 -11.59
O3A ADP P . 1.87 -29.69 -9.19
O5' ADP P . 3.59 -30.84 -10.59
C5' ADP P . 4.06 -31.49 -11.76
C4' ADP P . 5.56 -31.67 -11.70
O4' ADP P . 5.99 -31.84 -10.35
C3' ADP P . 5.95 -32.92 -12.46
O3' ADP P . 6.76 -32.57 -13.60
C2' ADP P . 6.78 -33.75 -11.51
O2' ADP P . 8.08 -33.94 -12.06
C1' ADP P . 6.88 -32.94 -10.24
N9 ADP P . 6.43 -33.78 -9.09
C8 ADP P . 5.37 -33.50 -8.31
N7 ADP P . 5.21 -34.45 -7.36
C5 ADP P . 6.19 -35.36 -7.54
C6 ADP P . 6.59 -36.62 -6.87
N6 ADP P . 5.91 -37.10 -5.81
N1 ADP P . 7.66 -37.27 -7.37
C2 ADP P . 8.35 -36.80 -8.43
N3 ADP P . 8.04 -35.67 -9.08
C4 ADP P . 6.98 -34.91 -8.69
PG ATP Q . 10.14 21.50 -14.97
O1G ATP Q . 9.33 22.15 -13.91
O2G ATP Q . 10.32 22.35 -16.23
O3G ATP Q . 9.63 20.11 -15.38
PB ATP Q . 12.79 20.20 -14.64
O1B ATP Q . 12.45 18.90 -14.03
O2B ATP Q . 13.15 20.19 -16.12
O3B ATP Q . 11.63 21.24 -14.45
PA ATP Q . 15.11 21.97 -14.24
O1A ATP Q . 14.55 23.33 -14.37
O2A ATP Q . 15.82 21.45 -15.48
O3A ATP Q . 14.00 20.91 -13.88
O5' ATP Q . 16.10 21.87 -13.01
C5' ATP Q . 15.68 22.22 -11.68
C4' ATP Q . 16.84 22.84 -10.96
O4' ATP Q . 17.86 21.85 -10.73
C3' ATP Q . 17.56 23.94 -11.71
O3' ATP Q . 16.91 25.20 -11.52
C2' ATP Q . 18.94 23.93 -11.07
O2' ATP Q . 19.00 24.73 -9.91
C1' ATP Q . 19.14 22.45 -10.74
N9 ATP Q . 19.98 21.74 -11.68
C8 ATP Q . 19.58 20.89 -12.68
N7 ATP Q . 20.56 20.39 -13.39
C5 ATP Q . 21.70 20.95 -12.81
C6 ATP Q . 23.06 20.82 -13.10
N6 ATP Q . 23.55 20.05 -14.08
N1 ATP Q . 23.94 21.51 -12.33
C2 ATP Q . 23.46 22.26 -11.35
N3 ATP Q . 22.19 22.47 -10.99
C4 ATP Q . 21.35 21.78 -11.76
MG MG R . 11.20 22.01 -17.89
#